data_2MJF
#
_entry.id   2MJF
#
loop_
_entity.id
_entity.type
_entity.pdbx_description
1 polymer 'Ribosome assembly 1 protein'
2 polymer 'Protein HIT1'
#
loop_
_entity_poly.entity_id
_entity_poly.type
_entity_poly.pdbx_seq_one_letter_code
_entity_poly.pdbx_strand_id
1 'polypeptide(L)' GPHMFANENSQLLDFIRELGDVGLLEYELSQQEKDVLFGS A
2 'polypeptide(L)'
;MNKTLKTKAFDDIYQNSAELQELLKYNTVKFHLAKVYRILSSTVNDGSSGKMNSDLQKELAVNYLNTLRYGGIHYNEAIE
EFCQILLDKLNAVKK
;
B
#
# COMPACT_ATOMS: atom_id res chain seq x y z
N GLY A 1 12.37 -3.85 -10.41
CA GLY A 1 12.42 -4.42 -11.77
C GLY A 1 11.05 -4.86 -12.22
N PRO A 2 10.63 -4.47 -13.45
CA PRO A 2 9.28 -4.67 -13.97
C PRO A 2 8.58 -5.93 -13.47
N HIS A 3 7.66 -5.73 -12.51
CA HIS A 3 6.91 -6.81 -11.89
C HIS A 3 7.84 -7.72 -11.08
N MET A 4 8.03 -7.34 -9.82
CA MET A 4 8.95 -8.02 -8.93
C MET A 4 8.45 -9.41 -8.54
N PHE A 5 9.16 -10.03 -7.59
CA PHE A 5 8.88 -11.41 -7.19
C PHE A 5 7.43 -11.59 -6.75
N ALA A 6 6.82 -12.65 -7.26
CA ALA A 6 5.43 -13.00 -6.97
C ALA A 6 4.48 -11.89 -7.40
N ASN A 7 3.20 -12.09 -7.16
CA ASN A 7 2.21 -11.09 -7.55
C ASN A 7 1.61 -10.45 -6.31
N GLU A 8 2.23 -10.71 -5.17
CA GLU A 8 1.79 -10.14 -3.90
C GLU A 8 1.84 -8.62 -3.96
N ASN A 9 2.97 -8.07 -4.40
CA ASN A 9 3.14 -6.62 -4.48
C ASN A 9 2.05 -6.04 -5.36
N SER A 10 1.78 -6.71 -6.47
CA SER A 10 0.76 -6.27 -7.42
C SER A 10 -0.58 -6.10 -6.72
N GLN A 11 -0.97 -7.09 -5.93
CA GLN A 11 -2.24 -7.03 -5.22
C GLN A 11 -2.19 -5.99 -4.10
N LEU A 12 -1.04 -5.91 -3.43
CA LEU A 12 -0.81 -4.93 -2.37
C LEU A 12 -1.09 -3.52 -2.85
N LEU A 13 -0.62 -3.22 -4.07
CA LEU A 13 -0.74 -1.88 -4.64
C LEU A 13 -2.20 -1.49 -4.82
N ASP A 14 -2.98 -2.36 -5.46
CA ASP A 14 -4.38 -2.06 -5.71
C ASP A 14 -5.18 -2.10 -4.41
N PHE A 15 -4.71 -2.88 -3.46
CA PHE A 15 -5.30 -2.92 -2.13
C PHE A 15 -5.21 -1.54 -1.47
N ILE A 16 -3.99 -1.02 -1.36
CA ILE A 16 -3.75 0.31 -0.81
C ILE A 16 -4.48 1.36 -1.63
N ARG A 17 -4.53 1.12 -2.93
CA ARG A 17 -5.19 2.01 -3.88
C ARG A 17 -6.68 2.14 -3.56
N GLU A 18 -7.32 1.02 -3.23
CA GLU A 18 -8.73 1.03 -2.88
C GLU A 18 -8.96 1.78 -1.57
N LEU A 19 -8.02 1.67 -0.65
CA LEU A 19 -8.08 2.41 0.61
C LEU A 19 -8.26 3.91 0.34
N GLY A 20 -7.40 4.45 -0.51
CA GLY A 20 -7.44 5.87 -0.79
C GLY A 20 -8.62 6.26 -1.67
N ASP A 21 -9.22 5.27 -2.33
CA ASP A 21 -10.34 5.55 -3.22
C ASP A 21 -11.64 5.73 -2.43
N VAL A 22 -11.75 5.04 -1.30
CA VAL A 22 -12.96 5.09 -0.49
C VAL A 22 -12.79 6.01 0.71
N GLY A 23 -11.56 6.32 1.06
CA GLY A 23 -11.32 7.23 2.15
C GLY A 23 -10.81 6.52 3.40
N LEU A 24 -10.06 5.45 3.21
CA LEU A 24 -9.46 4.72 4.32
C LEU A 24 -8.00 5.10 4.45
N LEU A 25 -7.50 5.86 3.49
CA LEU A 25 -6.09 6.20 3.45
C LEU A 25 -5.86 7.65 3.88
N GLU A 26 -6.96 8.34 4.11
CA GLU A 26 -6.94 9.70 4.63
C GLU A 26 -6.20 9.74 5.97
N TYR A 27 -5.45 10.81 6.19
CA TYR A 27 -4.65 10.95 7.40
C TYR A 27 -4.41 12.41 7.77
N GLU A 28 -3.83 12.61 8.95
CA GLU A 28 -3.42 13.92 9.41
C GLU A 28 -2.15 13.79 10.23
N LEU A 29 -1.19 14.65 9.97
CA LEU A 29 0.10 14.58 10.64
C LEU A 29 0.36 15.83 11.46
N SER A 30 0.84 15.63 12.68
CA SER A 30 1.22 16.74 13.54
C SER A 30 2.63 17.19 13.21
N GLN A 31 3.06 18.32 13.75
CA GLN A 31 4.39 18.84 13.47
C GLN A 31 5.46 17.80 13.75
N GLN A 32 5.32 17.10 14.87
CA GLN A 32 6.26 16.07 15.26
C GLN A 32 6.25 14.92 14.26
N GLU A 33 5.06 14.56 13.80
CA GLU A 33 4.89 13.47 12.87
C GLU A 33 5.44 13.85 11.49
N LYS A 34 5.39 15.13 11.18
CA LYS A 34 5.85 15.61 9.88
C LYS A 34 7.37 15.65 9.84
N ASP A 35 7.96 15.85 11.01
CA ASP A 35 9.41 15.94 11.13
C ASP A 35 10.06 14.58 10.94
N VAL A 36 9.38 13.53 11.39
CA VAL A 36 9.95 12.20 11.33
C VAL A 36 9.71 11.57 9.96
N LEU A 37 8.66 12.01 9.28
CA LEU A 37 8.30 11.45 7.98
C LEU A 37 8.89 12.25 6.83
N PHE A 38 8.64 13.56 6.82
CA PHE A 38 9.16 14.41 5.77
C PHE A 38 10.58 14.84 6.08
N GLY A 39 10.89 14.91 7.36
CA GLY A 39 12.20 15.38 7.79
C GLY A 39 12.18 16.86 8.08
N SER A 40 11.06 17.50 7.80
CA SER A 40 10.91 18.93 8.00
C SER A 40 9.43 19.28 8.10
N MET B 1 -16.18 0.48 11.58
CA MET B 1 -17.02 1.72 11.56
C MET B 1 -16.66 2.59 10.36
N ASN B 2 -15.62 2.23 9.63
CA ASN B 2 -15.18 3.03 8.49
C ASN B 2 -15.66 2.42 7.18
N LYS B 3 -15.06 2.85 6.08
CA LYS B 3 -15.48 2.42 4.75
C LYS B 3 -15.09 0.98 4.49
N THR B 4 -15.54 0.47 3.35
CA THR B 4 -15.22 -0.88 2.93
C THR B 4 -14.54 -0.86 1.57
N LEU B 5 -13.83 -1.92 1.23
CA LEU B 5 -13.09 -1.97 -0.02
C LEU B 5 -14.02 -2.16 -1.21
N LYS B 6 -13.45 -2.05 -2.39
CA LYS B 6 -14.22 -2.05 -3.63
C LYS B 6 -14.24 -3.44 -4.22
N THR B 7 -13.12 -4.14 -4.09
CA THR B 7 -13.02 -5.51 -4.52
C THR B 7 -13.32 -6.44 -3.35
N LYS B 8 -14.29 -7.32 -3.54
CA LYS B 8 -14.73 -8.23 -2.50
C LYS B 8 -13.62 -9.21 -2.11
N ALA B 9 -12.82 -9.60 -3.09
CA ALA B 9 -11.69 -10.48 -2.83
C ALA B 9 -10.70 -9.81 -1.89
N PHE B 10 -10.56 -8.50 -2.01
CA PHE B 10 -9.66 -7.73 -1.17
C PHE B 10 -10.33 -7.37 0.15
N ASP B 11 -11.60 -6.99 0.05
CA ASP B 11 -12.41 -6.64 1.22
C ASP B 11 -12.40 -7.78 2.23
N ASP B 12 -12.35 -9.01 1.73
CA ASP B 12 -12.29 -10.20 2.56
C ASP B 12 -11.15 -10.11 3.57
N ILE B 13 -9.96 -9.79 3.08
CA ILE B 13 -8.78 -9.69 3.94
C ILE B 13 -8.93 -8.52 4.91
N TYR B 14 -9.33 -7.38 4.37
CA TYR B 14 -9.48 -6.16 5.16
C TYR B 14 -10.42 -6.36 6.36
N GLN B 15 -11.39 -7.23 6.21
CA GLN B 15 -12.33 -7.51 7.29
C GLN B 15 -11.83 -8.66 8.17
N ASN B 16 -10.96 -9.49 7.61
CA ASN B 16 -10.51 -10.70 8.29
C ASN B 16 -9.07 -10.60 8.78
N SER B 17 -8.61 -9.39 9.04
CA SER B 17 -7.27 -9.20 9.57
C SER B 17 -7.21 -8.00 10.51
N ALA B 18 -7.48 -8.25 11.79
CA ALA B 18 -7.44 -7.22 12.81
C ALA B 18 -6.02 -6.69 12.96
N GLU B 19 -5.05 -7.58 12.81
CA GLU B 19 -3.64 -7.21 12.94
C GLU B 19 -3.22 -6.30 11.79
N LEU B 20 -3.96 -6.37 10.69
CA LEU B 20 -3.70 -5.52 9.53
C LEU B 20 -4.34 -4.16 9.75
N GLN B 21 -5.52 -4.16 10.35
CA GLN B 21 -6.27 -2.95 10.60
C GLN B 21 -5.64 -2.12 11.72
N GLU B 22 -5.04 -2.77 12.70
CA GLU B 22 -4.39 -2.06 13.79
C GLU B 22 -3.18 -1.28 13.26
N LEU B 23 -2.47 -1.88 12.30
CA LEU B 23 -1.31 -1.25 11.71
C LEU B 23 -1.71 -0.04 10.89
N LEU B 24 -2.85 -0.16 10.21
CA LEU B 24 -3.30 0.86 9.31
C LEU B 24 -3.79 2.10 10.07
N LYS B 25 -3.89 1.99 11.39
CA LYS B 25 -4.31 3.12 12.21
C LYS B 25 -3.16 4.10 12.44
N TYR B 26 -1.94 3.60 12.34
CA TYR B 26 -0.77 4.42 12.57
C TYR B 26 -0.57 5.39 11.43
N ASN B 27 -0.41 6.67 11.77
CA ASN B 27 -0.28 7.73 10.78
C ASN B 27 1.01 7.56 9.98
N THR B 28 1.97 6.88 10.57
CA THR B 28 3.24 6.62 9.91
C THR B 28 3.03 5.60 8.79
N VAL B 29 2.17 4.64 9.06
CA VAL B 29 1.77 3.65 8.09
C VAL B 29 0.93 4.29 7.01
N LYS B 30 -0.15 4.90 7.47
CA LYS B 30 -1.11 5.59 6.61
C LYS B 30 -0.41 6.56 5.66
N PHE B 31 0.57 7.29 6.17
CA PHE B 31 1.33 8.25 5.38
C PHE B 31 2.09 7.58 4.23
N HIS B 32 2.84 6.54 4.55
CA HIS B 32 3.71 5.89 3.57
C HIS B 32 2.90 5.20 2.49
N LEU B 33 1.69 4.77 2.84
CA LEU B 33 0.82 4.11 1.90
C LEU B 33 0.20 5.13 0.95
N ALA B 34 0.05 6.36 1.41
CA ALA B 34 -0.47 7.45 0.58
C ALA B 34 0.55 7.82 -0.49
N LYS B 35 1.83 7.65 -0.16
CA LYS B 35 2.91 7.93 -1.09
C LYS B 35 2.78 7.08 -2.35
N VAL B 36 2.37 5.84 -2.18
CA VAL B 36 2.29 4.91 -3.30
C VAL B 36 0.96 5.07 -4.04
N TYR B 37 -0.07 5.49 -3.33
CA TYR B 37 -1.39 5.70 -3.93
C TYR B 37 -1.31 6.77 -5.00
N ARG B 38 -0.44 7.76 -4.80
CA ARG B 38 -0.21 8.79 -5.80
C ARG B 38 0.24 8.16 -7.11
N ILE B 39 1.07 7.13 -6.99
CA ILE B 39 1.70 6.48 -8.13
C ILE B 39 0.68 5.71 -8.97
N LEU B 40 -0.13 4.88 -8.31
CA LEU B 40 -1.11 4.07 -9.04
C LEU B 40 -2.16 4.95 -9.72
N SER B 41 -2.26 6.19 -9.27
CA SER B 41 -3.18 7.14 -9.86
C SER B 41 -2.53 7.89 -11.01
N SER B 42 -1.22 8.11 -10.90
CA SER B 42 -0.50 8.91 -11.90
C SER B 42 1.01 8.88 -11.63
N THR B 43 1.80 8.91 -12.69
CA THR B 43 3.26 8.97 -12.56
C THR B 43 3.71 10.42 -12.50
N VAL B 44 2.87 11.30 -13.03
CA VAL B 44 3.14 12.73 -13.03
C VAL B 44 1.86 13.50 -12.71
N ASN B 45 2.01 14.76 -12.36
CA ASN B 45 0.88 15.57 -11.96
C ASN B 45 0.29 16.30 -13.17
N ASP B 46 0.67 15.83 -14.34
CA ASP B 46 0.15 16.34 -15.59
C ASP B 46 -1.09 15.56 -16.00
N GLY B 47 -1.03 14.25 -15.77
CA GLY B 47 -2.15 13.39 -16.10
C GLY B 47 -1.80 11.92 -16.01
N SER B 48 -1.33 11.37 -17.14
CA SER B 48 -0.97 9.95 -17.28
C SER B 48 -2.14 9.00 -16.97
N SER B 49 -2.00 7.76 -17.44
CA SER B 49 -3.02 6.73 -17.28
C SER B 49 -4.26 7.05 -18.11
N GLY B 50 -4.29 6.55 -19.34
CA GLY B 50 -5.44 6.74 -20.19
C GLY B 50 -6.17 5.45 -20.43
N LYS B 51 -5.51 4.50 -21.08
CA LYS B 51 -6.07 3.17 -21.29
C LYS B 51 -5.03 2.11 -21.04
N MET B 52 -3.86 2.58 -20.62
CA MET B 52 -2.74 1.73 -20.24
C MET B 52 -1.92 2.49 -19.21
N ASN B 53 -0.60 2.23 -19.18
CA ASN B 53 0.33 2.97 -18.32
C ASN B 53 0.24 2.50 -16.87
N SER B 54 -0.93 2.00 -16.49
CA SER B 54 -1.18 1.53 -15.14
C SER B 54 -0.29 0.34 -14.77
N ASP B 55 0.05 -0.48 -15.76
CA ASP B 55 0.90 -1.64 -15.54
C ASP B 55 2.32 -1.18 -15.24
N LEU B 56 2.66 -0.04 -15.80
CA LEU B 56 3.93 0.60 -15.55
C LEU B 56 3.92 1.24 -14.16
N GLN B 57 2.79 1.83 -13.79
CA GLN B 57 2.63 2.43 -12.46
C GLN B 57 2.80 1.38 -11.37
N LYS B 58 2.43 0.15 -11.69
CA LYS B 58 2.66 -0.99 -10.79
C LYS B 58 4.12 -1.05 -10.35
N GLU B 59 5.03 -0.88 -11.30
CA GLU B 59 6.46 -0.96 -11.02
C GLU B 59 6.88 0.16 -10.08
N LEU B 60 6.54 1.39 -10.46
CA LEU B 60 6.93 2.56 -9.68
C LEU B 60 6.37 2.48 -8.27
N ALA B 61 5.20 1.85 -8.15
CA ALA B 61 4.59 1.65 -6.86
C ALA B 61 5.38 0.65 -6.02
N VAL B 62 5.72 -0.50 -6.62
CA VAL B 62 6.53 -1.50 -5.94
C VAL B 62 7.89 -0.90 -5.54
N ASN B 63 8.41 -0.03 -6.39
CA ASN B 63 9.67 0.67 -6.11
C ASN B 63 9.65 1.34 -4.75
N TYR B 64 8.49 1.84 -4.36
CA TYR B 64 8.34 2.45 -3.05
C TYR B 64 8.30 1.40 -1.96
N LEU B 65 7.44 0.40 -2.11
CA LEU B 65 7.28 -0.63 -1.07
C LEU B 65 8.57 -1.41 -0.87
N ASN B 66 9.41 -1.48 -1.89
CA ASN B 66 10.70 -2.15 -1.78
C ASN B 66 11.59 -1.47 -0.74
N THR B 67 11.32 -0.20 -0.46
CA THR B 67 12.12 0.53 0.51
C THR B 67 11.42 0.53 1.87
N LEU B 68 10.21 -0.04 1.87
CA LEU B 68 9.37 -0.08 3.06
C LEU B 68 9.36 -1.46 3.70
N ARG B 69 9.64 -2.49 2.90
CA ARG B 69 9.61 -3.86 3.39
C ARG B 69 10.89 -4.23 4.11
N TYR B 70 10.98 -5.47 4.55
CA TYR B 70 12.11 -5.96 5.31
C TYR B 70 13.43 -5.73 4.56
N GLY B 71 14.33 -5.02 5.21
CA GLY B 71 15.63 -4.76 4.62
C GLY B 71 15.65 -3.57 3.69
N GLY B 72 14.70 -2.66 3.86
CA GLY B 72 14.68 -1.45 3.07
C GLY B 72 15.55 -0.37 3.66
N ILE B 73 15.30 0.86 3.29
CA ILE B 73 16.09 1.98 3.76
C ILE B 73 15.33 2.79 4.80
N HIS B 74 14.05 3.03 4.54
CA HIS B 74 13.20 3.72 5.50
C HIS B 74 12.03 2.82 5.83
N TYR B 75 12.33 1.56 6.09
CA TYR B 75 11.30 0.57 6.32
C TYR B 75 10.70 0.76 7.70
N ASN B 76 9.45 0.37 7.84
CA ASN B 76 8.73 0.54 9.09
C ASN B 76 8.16 -0.80 9.53
N GLU B 77 8.19 -1.05 10.84
CA GLU B 77 7.76 -2.33 11.38
C GLU B 77 6.30 -2.60 11.07
N ALA B 78 5.49 -1.55 11.09
CA ALA B 78 4.07 -1.68 10.83
C ALA B 78 3.81 -1.84 9.34
N ILE B 79 4.74 -1.35 8.52
CA ILE B 79 4.63 -1.53 7.08
C ILE B 79 5.10 -2.92 6.69
N GLU B 80 6.19 -3.36 7.34
CA GLU B 80 6.68 -4.72 7.14
C GLU B 80 5.58 -5.72 7.45
N GLU B 81 4.98 -5.57 8.63
CA GLU B 81 3.89 -6.45 9.03
C GLU B 81 2.67 -6.23 8.13
N PHE B 82 2.41 -4.98 7.75
CA PHE B 82 1.28 -4.66 6.88
C PHE B 82 1.31 -5.50 5.62
N CYS B 83 2.44 -5.48 4.91
CA CYS B 83 2.56 -6.23 3.67
C CYS B 83 2.51 -7.73 3.94
N GLN B 84 3.15 -8.16 5.04
CA GLN B 84 3.21 -9.58 5.38
C GLN B 84 1.82 -10.14 5.64
N ILE B 85 1.09 -9.49 6.53
CA ILE B 85 -0.26 -9.93 6.92
C ILE B 85 -1.20 -9.88 5.71
N LEU B 86 -1.09 -8.82 4.94
CA LEU B 86 -1.92 -8.63 3.77
C LEU B 86 -1.72 -9.76 2.78
N LEU B 87 -0.49 -9.86 2.30
CA LEU B 87 -0.14 -10.83 1.27
C LEU B 87 -0.37 -12.25 1.77
N ASP B 88 -0.29 -12.40 3.09
CA ASP B 88 -0.51 -13.68 3.74
C ASP B 88 -1.87 -14.23 3.36
N LYS B 89 -2.88 -13.41 3.51
CA LYS B 89 -4.25 -13.83 3.23
C LYS B 89 -4.48 -13.85 1.72
N LEU B 90 -3.76 -12.99 0.99
CA LEU B 90 -3.83 -12.97 -0.48
C LEU B 90 -3.32 -14.26 -1.08
N ASN B 91 -2.36 -14.88 -0.41
CA ASN B 91 -1.83 -16.16 -0.87
C ASN B 91 -2.62 -17.31 -0.27
N ALA B 92 -3.34 -17.03 0.80
CA ALA B 92 -4.12 -18.05 1.50
C ALA B 92 -5.55 -18.09 0.96
N VAL B 93 -5.82 -17.33 -0.08
CA VAL B 93 -7.12 -17.37 -0.74
C VAL B 93 -6.98 -18.10 -2.08
N LYS B 94 -5.75 -18.31 -2.49
CA LYS B 94 -5.44 -18.96 -3.76
C LYS B 94 -5.65 -20.47 -3.67
N LYS B 95 -6.92 -20.86 -3.54
CA LYS B 95 -7.33 -22.25 -3.51
C LYS B 95 -6.57 -23.02 -2.43
N GLY A 1 12.05 -23.94 2.71
CA GLY A 1 11.99 -23.64 1.27
C GLY A 1 12.50 -22.25 0.95
N PRO A 2 13.15 -22.06 -0.21
CA PRO A 2 13.68 -20.75 -0.62
C PRO A 2 12.59 -19.69 -0.69
N HIS A 3 12.69 -18.69 0.18
CA HIS A 3 11.75 -17.59 0.19
C HIS A 3 12.03 -16.64 -0.95
N MET A 4 11.39 -16.89 -2.08
CA MET A 4 11.62 -16.12 -3.28
C MET A 4 10.61 -14.98 -3.40
N PHE A 5 10.78 -14.17 -4.43
CA PHE A 5 9.91 -13.03 -4.66
C PHE A 5 8.66 -13.48 -5.40
N ALA A 6 7.52 -13.03 -4.93
CA ALA A 6 6.24 -13.39 -5.51
C ALA A 6 5.61 -12.18 -6.20
N ASN A 7 4.32 -12.25 -6.46
CA ASN A 7 3.60 -11.16 -7.09
C ASN A 7 2.61 -10.58 -6.11
N GLU A 8 2.98 -10.62 -4.83
CA GLU A 8 2.13 -10.13 -3.76
C GLU A 8 1.94 -8.63 -3.89
N ASN A 9 3.01 -7.94 -4.29
CA ASN A 9 3.01 -6.48 -4.35
C ASN A 9 1.92 -5.99 -5.28
N SER A 10 1.75 -6.67 -6.40
CA SER A 10 0.73 -6.32 -7.38
C SER A 10 -0.65 -6.28 -6.74
N GLN A 11 -0.88 -7.18 -5.78
CA GLN A 11 -2.15 -7.23 -5.07
C GLN A 11 -2.20 -6.15 -4.00
N LEU A 12 -1.07 -5.98 -3.31
CA LEU A 12 -0.93 -4.95 -2.28
C LEU A 12 -1.22 -3.56 -2.84
N LEU A 13 -0.70 -3.29 -4.03
CA LEU A 13 -0.81 -1.99 -4.66
C LEU A 13 -2.26 -1.56 -4.83
N ASP A 14 -3.07 -2.43 -5.42
CA ASP A 14 -4.47 -2.10 -5.66
C ASP A 14 -5.25 -2.10 -4.36
N PHE A 15 -4.78 -2.86 -3.38
CA PHE A 15 -5.37 -2.86 -2.05
C PHE A 15 -5.21 -1.48 -1.42
N ILE A 16 -3.98 -0.99 -1.41
CA ILE A 16 -3.66 0.34 -0.92
C ILE A 16 -4.37 1.41 -1.76
N ARG A 17 -4.47 1.14 -3.05
CA ARG A 17 -5.15 2.02 -3.98
C ARG A 17 -6.63 2.15 -3.63
N GLU A 18 -7.29 1.02 -3.43
CA GLU A 18 -8.70 1.01 -3.04
C GLU A 18 -8.87 1.66 -1.67
N LEU A 19 -7.91 1.37 -0.80
CA LEU A 19 -7.86 1.94 0.53
C LEU A 19 -7.98 3.47 0.46
N GLY A 20 -7.14 4.07 -0.35
CA GLY A 20 -7.17 5.51 -0.52
C GLY A 20 -8.40 5.99 -1.27
N ASP A 21 -8.90 5.17 -2.19
CA ASP A 21 -10.01 5.56 -3.06
C ASP A 21 -11.31 5.71 -2.27
N VAL A 22 -11.46 4.93 -1.21
CA VAL A 22 -12.68 4.98 -0.40
C VAL A 22 -12.46 5.83 0.84
N GLY A 23 -11.21 6.21 1.06
CA GLY A 23 -10.89 7.06 2.19
C GLY A 23 -10.60 6.29 3.46
N LEU A 24 -9.96 5.15 3.32
CA LEU A 24 -9.52 4.38 4.48
C LEU A 24 -8.04 4.64 4.75
N LEU A 25 -7.38 5.16 3.73
CA LEU A 25 -5.95 5.42 3.82
C LEU A 25 -5.70 6.89 4.14
N GLU A 26 -6.76 7.67 4.10
CA GLU A 26 -6.68 9.09 4.39
C GLU A 26 -6.22 9.31 5.82
N TYR A 27 -5.43 10.35 6.02
CA TYR A 27 -4.86 10.63 7.32
C TYR A 27 -4.74 12.13 7.55
N GLU A 28 -4.32 12.50 8.75
CA GLU A 28 -4.11 13.90 9.10
C GLU A 28 -2.94 13.99 10.06
N LEU A 29 -1.97 14.81 9.71
CA LEU A 29 -0.73 14.87 10.46
C LEU A 29 -0.63 16.14 11.29
N SER A 30 -0.31 15.95 12.56
CA SER A 30 -0.05 17.06 13.45
C SER A 30 1.42 17.47 13.33
N GLN A 31 1.83 18.52 14.01
CA GLN A 31 3.22 18.98 13.94
C GLN A 31 4.18 17.86 14.34
N GLN A 32 3.80 17.11 15.36
CA GLN A 32 4.60 15.99 15.83
C GLN A 32 4.63 14.88 14.79
N GLU A 33 3.47 14.61 14.21
CA GLU A 33 3.35 13.56 13.19
C GLU A 33 4.15 13.94 11.96
N LYS A 34 4.26 15.23 11.69
CA LYS A 34 4.99 15.72 10.54
C LYS A 34 6.49 15.75 10.84
N ASP A 35 6.80 15.92 12.12
CA ASP A 35 8.19 16.03 12.55
C ASP A 35 8.91 14.69 12.43
N VAL A 36 8.18 13.61 12.68
CA VAL A 36 8.79 12.28 12.63
C VAL A 36 8.90 11.77 11.20
N LEU A 37 8.06 12.30 10.32
CA LEU A 37 8.06 11.88 8.92
C LEU A 37 8.93 12.79 8.07
N PHE A 38 8.61 14.07 8.11
CA PHE A 38 9.29 15.06 7.29
C PHE A 38 10.35 15.79 8.10
N GLY A 39 10.06 15.98 9.37
CA GLY A 39 10.85 16.87 10.19
C GLY A 39 10.23 18.25 10.24
N SER A 40 10.03 18.84 9.07
CA SER A 40 9.33 20.10 8.94
C SER A 40 8.33 20.03 7.78
N MET B 1 -17.57 0.04 10.99
CA MET B 1 -16.87 1.18 11.63
C MET B 1 -16.46 2.21 10.57
N ASN B 2 -15.79 1.75 9.53
CA ASN B 2 -15.37 2.65 8.46
C ASN B 2 -15.76 2.09 7.10
N LYS B 3 -15.19 2.64 6.05
CA LYS B 3 -15.52 2.27 4.69
C LYS B 3 -15.03 0.86 4.37
N THR B 4 -15.47 0.35 3.24
CA THR B 4 -15.05 -0.95 2.78
C THR B 4 -14.27 -0.83 1.49
N LEU B 5 -13.65 -1.91 1.06
CA LEU B 5 -12.88 -1.89 -0.16
C LEU B 5 -13.76 -2.02 -1.38
N LYS B 6 -13.16 -1.89 -2.55
CA LYS B 6 -13.91 -1.86 -3.79
C LYS B 6 -14.02 -3.26 -4.37
N THR B 7 -12.95 -4.02 -4.23
CA THR B 7 -12.98 -5.43 -4.59
C THR B 7 -13.37 -6.25 -3.38
N LYS B 8 -14.40 -7.06 -3.53
CA LYS B 8 -14.92 -7.87 -2.43
C LYS B 8 -13.90 -8.91 -1.99
N ALA B 9 -13.13 -9.41 -2.95
CA ALA B 9 -12.05 -10.34 -2.64
C ALA B 9 -11.02 -9.69 -1.74
N PHE B 10 -10.80 -8.38 -1.94
CA PHE B 10 -9.87 -7.61 -1.13
C PHE B 10 -10.52 -7.22 0.19
N ASP B 11 -11.77 -6.76 0.10
CA ASP B 11 -12.53 -6.30 1.26
C ASP B 11 -12.61 -7.38 2.33
N ASP B 12 -12.65 -8.63 1.89
CA ASP B 12 -12.74 -9.76 2.80
C ASP B 12 -11.59 -9.77 3.80
N ILE B 13 -10.36 -9.59 3.29
CA ILE B 13 -9.18 -9.56 4.15
C ILE B 13 -9.25 -8.37 5.11
N TYR B 14 -9.69 -7.24 4.59
CA TYR B 14 -9.76 -6.02 5.38
C TYR B 14 -10.69 -6.19 6.58
N GLN B 15 -11.66 -7.09 6.45
CA GLN B 15 -12.61 -7.34 7.53
C GLN B 15 -12.17 -8.50 8.42
N ASN B 16 -11.25 -9.31 7.92
CA ASN B 16 -10.79 -10.50 8.65
C ASN B 16 -9.45 -10.30 9.33
N SER B 17 -8.67 -9.35 8.84
CA SER B 17 -7.36 -9.10 9.40
C SER B 17 -7.34 -7.78 10.15
N ALA B 18 -7.70 -7.86 11.43
CA ALA B 18 -7.78 -6.68 12.27
C ALA B 18 -6.38 -6.22 12.66
N GLU B 19 -5.42 -7.15 12.63
CA GLU B 19 -4.03 -6.81 12.91
C GLU B 19 -3.44 -6.03 11.75
N LEU B 20 -4.08 -6.15 10.60
CA LEU B 20 -3.72 -5.37 9.42
C LEU B 20 -4.26 -3.95 9.58
N GLN B 21 -5.39 -3.85 10.28
CA GLN B 21 -6.03 -2.57 10.52
C GLN B 21 -5.29 -1.75 11.58
N GLU B 22 -4.77 -2.42 12.61
CA GLU B 22 -4.09 -1.71 13.69
C GLU B 22 -2.86 -0.96 13.17
N LEU B 23 -2.27 -1.50 12.11
CA LEU B 23 -1.14 -0.86 11.46
C LEU B 23 -1.60 0.38 10.72
N LEU B 24 -2.81 0.31 10.16
CA LEU B 24 -3.41 1.41 9.43
C LEU B 24 -3.98 2.47 10.36
N LYS B 25 -3.59 2.40 11.63
CA LYS B 25 -4.00 3.42 12.59
C LYS B 25 -2.81 4.32 12.91
N TYR B 26 -1.64 3.91 12.46
CA TYR B 26 -0.42 4.68 12.62
C TYR B 26 -0.24 5.64 11.45
N ASN B 27 0.03 6.90 11.76
CA ASN B 27 0.16 7.94 10.74
C ASN B 27 1.41 7.76 9.90
N THR B 28 2.41 7.07 10.44
CA THR B 28 3.65 6.82 9.72
C THR B 28 3.41 5.77 8.65
N VAL B 29 2.54 4.84 8.96
CA VAL B 29 2.19 3.75 8.06
C VAL B 29 1.39 4.29 6.88
N LYS B 30 0.26 4.90 7.20
CA LYS B 30 -0.65 5.44 6.19
C LYS B 30 0.08 6.42 5.27
N PHE B 31 0.98 7.22 5.84
CA PHE B 31 1.77 8.17 5.07
C PHE B 31 2.54 7.49 3.94
N HIS B 32 3.27 6.44 4.29
CA HIS B 32 4.11 5.74 3.33
C HIS B 32 3.29 5.05 2.26
N LEU B 33 2.12 4.57 2.65
CA LEU B 33 1.24 3.88 1.72
C LEU B 33 0.53 4.87 0.80
N ALA B 34 0.24 6.05 1.33
CA ALA B 34 -0.42 7.09 0.55
C ALA B 34 0.51 7.58 -0.57
N LYS B 35 1.82 7.54 -0.32
CA LYS B 35 2.79 7.92 -1.32
C LYS B 35 2.69 7.00 -2.53
N VAL B 36 2.52 5.70 -2.30
CA VAL B 36 2.45 4.74 -3.38
C VAL B 36 1.09 4.80 -4.07
N TYR B 37 0.06 5.14 -3.30
CA TYR B 37 -1.29 5.31 -3.83
C TYR B 37 -1.29 6.34 -4.95
N ARG B 38 -0.53 7.43 -4.74
CA ARG B 38 -0.40 8.47 -5.75
C ARG B 38 0.24 7.90 -7.00
N ILE B 39 1.15 6.97 -6.80
CA ILE B 39 1.87 6.34 -7.91
C ILE B 39 0.93 5.49 -8.76
N LEU B 40 0.08 4.70 -8.11
CA LEU B 40 -0.88 3.87 -8.84
C LEU B 40 -1.86 4.72 -9.64
N SER B 41 -2.06 5.95 -9.18
CA SER B 41 -2.89 6.89 -9.93
C SER B 41 -2.11 7.41 -11.13
N SER B 42 -0.88 7.88 -10.87
CA SER B 42 0.03 8.35 -11.91
C SER B 42 1.26 8.99 -11.28
N THR B 43 2.43 8.70 -11.84
CA THR B 43 3.68 9.26 -11.34
C THR B 43 3.97 10.60 -12.02
N VAL B 44 3.22 10.88 -13.08
CA VAL B 44 3.36 12.12 -13.83
C VAL B 44 1.99 12.75 -14.03
N ASN B 45 1.96 14.03 -14.34
CA ASN B 45 0.69 14.71 -14.59
C ASN B 45 0.25 14.52 -16.04
N ASP B 46 0.39 13.29 -16.53
CA ASP B 46 -0.05 12.94 -17.86
C ASP B 46 -1.29 12.07 -17.79
N GLY B 47 -1.13 10.83 -17.36
CA GLY B 47 -2.26 9.91 -17.28
C GLY B 47 -2.74 9.50 -18.65
N SER B 48 -1.99 8.61 -19.29
CA SER B 48 -2.32 8.14 -20.63
C SER B 48 -3.64 7.38 -20.63
N SER B 49 -4.48 7.63 -21.62
CA SER B 49 -5.81 7.06 -21.67
C SER B 49 -5.82 5.70 -22.38
N GLY B 50 -4.64 5.14 -22.58
CA GLY B 50 -4.54 3.86 -23.26
C GLY B 50 -4.76 2.69 -22.34
N LYS B 51 -5.04 3.00 -21.07
CA LYS B 51 -5.35 2.00 -20.06
C LYS B 51 -4.18 1.07 -19.78
N MET B 52 -2.98 1.53 -20.13
CA MET B 52 -1.77 0.76 -19.89
C MET B 52 -0.84 1.49 -18.94
N ASN B 53 -1.14 2.76 -18.70
CA ASN B 53 -0.33 3.60 -17.82
C ASN B 53 -0.36 3.04 -16.41
N SER B 54 -1.54 2.57 -16.00
CA SER B 54 -1.73 2.02 -14.67
C SER B 54 -0.89 0.77 -14.46
N ASP B 55 -0.70 0.01 -15.54
CA ASP B 55 0.07 -1.24 -15.49
C ASP B 55 1.54 -0.94 -15.27
N LEU B 56 2.00 0.21 -15.77
CA LEU B 56 3.39 0.60 -15.61
C LEU B 56 3.59 1.20 -14.22
N GLN B 57 2.54 1.84 -13.71
CA GLN B 57 2.59 2.44 -12.38
C GLN B 57 2.78 1.38 -11.31
N LYS B 58 2.39 0.14 -11.65
CA LYS B 58 2.65 -1.00 -10.78
C LYS B 58 4.11 -1.08 -10.39
N GLU B 59 4.99 -1.04 -11.39
CA GLU B 59 6.42 -1.18 -11.18
C GLU B 59 6.94 -0.11 -10.21
N LEU B 60 6.62 1.14 -10.50
CA LEU B 60 7.08 2.26 -9.69
C LEU B 60 6.52 2.17 -8.27
N ALA B 61 5.30 1.67 -8.15
CA ALA B 61 4.67 1.51 -6.86
C ALA B 61 5.40 0.44 -6.04
N VAL B 62 5.73 -0.68 -6.68
CA VAL B 62 6.46 -1.76 -6.01
C VAL B 62 7.83 -1.27 -5.53
N ASN B 63 8.43 -0.38 -6.31
CA ASN B 63 9.74 0.18 -5.97
C ASN B 63 9.74 0.84 -4.59
N TYR B 64 8.60 1.35 -4.19
CA TYR B 64 8.47 1.99 -2.89
C TYR B 64 8.28 0.96 -1.79
N LEU B 65 7.44 -0.05 -2.05
CA LEU B 65 7.21 -1.11 -1.07
C LEU B 65 8.50 -1.90 -0.83
N ASN B 66 9.32 -2.01 -1.87
CA ASN B 66 10.61 -2.69 -1.75
C ASN B 66 11.52 -1.98 -0.77
N THR B 67 11.38 -0.67 -0.68
CA THR B 67 12.21 0.12 0.22
C THR B 67 11.56 0.23 1.60
N LEU B 68 10.34 -0.28 1.72
CA LEU B 68 9.61 -0.22 2.98
C LEU B 68 9.53 -1.60 3.64
N ARG B 69 9.77 -2.64 2.86
CA ARG B 69 9.85 -3.99 3.42
C ARG B 69 11.23 -4.20 4.04
N TYR B 70 11.40 -5.32 4.73
CA TYR B 70 12.68 -5.61 5.37
C TYR B 70 13.81 -5.61 4.34
N GLY B 71 14.93 -5.01 4.71
CA GLY B 71 16.03 -4.88 3.79
C GLY B 71 15.83 -3.72 2.83
N GLY B 72 15.30 -2.62 3.34
CA GLY B 72 15.11 -1.44 2.53
C GLY B 72 16.06 -0.33 2.92
N ILE B 73 15.65 0.91 2.72
CA ILE B 73 16.48 2.06 3.06
C ILE B 73 15.82 2.90 4.14
N HIS B 74 14.51 3.06 4.05
CA HIS B 74 13.76 3.81 5.05
C HIS B 74 12.55 3.00 5.46
N TYR B 75 12.77 1.72 5.73
CA TYR B 75 11.69 0.79 5.95
C TYR B 75 11.17 0.89 7.37
N ASN B 76 9.89 0.60 7.53
CA ASN B 76 9.22 0.68 8.82
C ASN B 76 8.56 -0.63 9.14
N GLU B 77 8.63 -1.01 10.42
CA GLU B 77 8.22 -2.34 10.86
C GLU B 77 6.75 -2.59 10.62
N ALA B 78 5.94 -1.54 10.67
CA ALA B 78 4.51 -1.67 10.46
C ALA B 78 4.20 -1.89 8.99
N ILE B 79 5.06 -1.40 8.11
CA ILE B 79 4.90 -1.62 6.68
C ILE B 79 5.35 -3.04 6.33
N GLU B 80 6.41 -3.48 6.99
CA GLU B 80 6.91 -4.83 6.83
C GLU B 80 5.81 -5.83 7.24
N GLU B 81 5.26 -5.64 8.42
CA GLU B 81 4.16 -6.47 8.90
C GLU B 81 2.91 -6.28 8.05
N PHE B 82 2.67 -5.05 7.62
CA PHE B 82 1.56 -4.74 6.73
C PHE B 82 1.58 -5.67 5.53
N CYS B 83 2.72 -5.70 4.87
CA CYS B 83 2.91 -6.56 3.71
C CYS B 83 2.70 -8.01 4.09
N GLN B 84 3.29 -8.44 5.21
CA GLN B 84 3.22 -9.84 5.62
C GLN B 84 1.79 -10.28 5.88
N ILE B 85 1.11 -9.56 6.76
CA ILE B 85 -0.26 -9.88 7.15
C ILE B 85 -1.20 -9.80 5.96
N LEU B 86 -1.01 -8.77 5.15
CA LEU B 86 -1.88 -8.54 4.01
C LEU B 86 -1.66 -9.58 2.91
N LEU B 87 -0.41 -9.79 2.51
CA LEU B 87 -0.10 -10.68 1.40
C LEU B 87 -0.48 -12.10 1.78
N ASP B 88 -0.45 -12.39 3.07
CA ASP B 88 -0.79 -13.71 3.58
C ASP B 88 -2.17 -14.12 3.10
N LYS B 89 -3.16 -13.27 3.37
CA LYS B 89 -4.53 -13.59 3.04
C LYS B 89 -4.82 -13.32 1.56
N LEU B 90 -4.04 -12.42 0.96
CA LEU B 90 -4.16 -12.14 -0.47
C LEU B 90 -3.65 -13.30 -1.31
N ASN B 91 -2.74 -14.09 -0.74
CA ASN B 91 -2.25 -15.29 -1.42
C ASN B 91 -3.02 -16.51 -0.97
N ALA B 92 -3.64 -16.43 0.20
CA ALA B 92 -4.40 -17.54 0.75
C ALA B 92 -5.81 -17.58 0.20
N VAL B 93 -6.13 -16.63 -0.66
CA VAL B 93 -7.43 -16.59 -1.30
C VAL B 93 -7.35 -17.27 -2.66
N LYS B 94 -6.17 -17.26 -3.23
CA LYS B 94 -5.94 -17.84 -4.55
C LYS B 94 -5.60 -19.32 -4.42
N LYS B 95 -6.62 -20.15 -4.40
CA LYS B 95 -6.43 -21.59 -4.28
C LYS B 95 -7.51 -22.34 -5.05
N GLY A 1 6.87 -4.91 -16.26
CA GLY A 1 7.98 -5.81 -15.85
C GLY A 1 7.89 -7.16 -16.53
N PRO A 2 8.75 -7.42 -17.54
CA PRO A 2 8.73 -8.66 -18.29
C PRO A 2 9.15 -9.86 -17.44
N HIS A 3 8.22 -10.80 -17.27
CA HIS A 3 8.44 -12.01 -16.49
C HIS A 3 8.89 -11.68 -15.07
N MET A 4 7.92 -11.47 -14.21
CA MET A 4 8.18 -11.11 -12.83
C MET A 4 7.82 -12.27 -11.91
N PHE A 5 8.25 -12.17 -10.66
CA PHE A 5 7.95 -13.19 -9.68
C PHE A 5 7.28 -12.57 -8.46
N ALA A 6 6.36 -13.29 -7.86
CA ALA A 6 5.59 -12.83 -6.71
C ALA A 6 4.71 -11.64 -7.08
N ASN A 7 3.42 -11.88 -7.16
CA ASN A 7 2.49 -10.85 -7.58
C ASN A 7 1.75 -10.28 -6.38
N GLU A 8 2.20 -10.68 -5.19
CA GLU A 8 1.68 -10.15 -3.94
C GLU A 8 1.71 -8.63 -3.95
N ASN A 9 2.85 -8.09 -4.33
CA ASN A 9 3.07 -6.65 -4.36
C ASN A 9 2.05 -5.95 -5.26
N SER A 10 1.75 -6.56 -6.40
CA SER A 10 0.79 -5.97 -7.33
C SER A 10 -0.61 -5.95 -6.70
N GLN A 11 -0.92 -7.01 -5.95
CA GLN A 11 -2.20 -7.09 -5.25
C GLN A 11 -2.23 -6.12 -4.07
N LEU A 12 -1.08 -5.98 -3.41
CA LEU A 12 -0.90 -5.01 -2.34
C LEU A 12 -1.26 -3.61 -2.83
N LEU A 13 -0.79 -3.27 -4.02
CA LEU A 13 -1.03 -1.96 -4.62
C LEU A 13 -2.52 -1.68 -4.74
N ASP A 14 -3.25 -2.62 -5.33
CA ASP A 14 -4.69 -2.48 -5.51
C ASP A 14 -5.39 -2.32 -4.16
N PHE A 15 -4.90 -3.04 -3.17
CA PHE A 15 -5.43 -2.98 -1.81
C PHE A 15 -5.24 -1.58 -1.23
N ILE A 16 -3.99 -1.12 -1.23
CA ILE A 16 -3.65 0.21 -0.75
C ILE A 16 -4.41 1.28 -1.53
N ARG A 17 -4.53 1.05 -2.83
CA ARG A 17 -5.22 1.96 -3.74
C ARG A 17 -6.67 2.13 -3.34
N GLU A 18 -7.35 1.02 -3.05
CA GLU A 18 -8.75 1.06 -2.64
C GLU A 18 -8.91 1.74 -1.28
N LEU A 19 -7.88 1.62 -0.43
CA LEU A 19 -7.90 2.30 0.86
C LEU A 19 -8.06 3.80 0.66
N GLY A 20 -7.24 4.36 -0.23
CA GLY A 20 -7.29 5.78 -0.48
C GLY A 20 -8.56 6.21 -1.21
N ASP A 21 -9.18 5.28 -1.93
CA ASP A 21 -10.40 5.58 -2.66
C ASP A 21 -11.56 5.83 -1.72
N VAL A 22 -11.71 5.00 -0.70
CA VAL A 22 -12.84 5.10 0.20
C VAL A 22 -12.50 5.98 1.39
N GLY A 23 -11.22 6.15 1.64
CA GLY A 23 -10.79 7.01 2.71
C GLY A 23 -10.35 6.23 3.94
N LEU A 24 -9.69 5.12 3.70
CA LEU A 24 -9.10 4.33 4.79
C LEU A 24 -7.65 4.70 4.96
N LEU A 25 -7.05 5.10 3.85
CA LEU A 25 -5.65 5.46 3.83
C LEU A 25 -5.47 6.91 4.21
N GLU A 26 -6.57 7.65 4.22
CA GLU A 26 -6.56 9.07 4.53
C GLU A 26 -6.02 9.33 5.93
N TYR A 27 -5.16 10.32 6.05
CA TYR A 27 -4.52 10.64 7.31
C TYR A 27 -4.30 12.15 7.42
N GLU A 28 -3.77 12.58 8.55
CA GLU A 28 -3.48 13.99 8.78
C GLU A 28 -2.33 14.11 9.77
N LEU A 29 -1.18 14.55 9.29
CA LEU A 29 0.02 14.60 10.11
C LEU A 29 0.13 15.91 10.86
N SER A 30 0.45 15.81 12.13
CA SER A 30 0.72 16.98 12.96
C SER A 30 2.16 17.45 12.75
N GLN A 31 2.50 18.62 13.28
CA GLN A 31 3.84 19.17 13.10
C GLN A 31 4.92 18.17 13.53
N GLN A 32 4.69 17.51 14.66
CA GLN A 32 5.65 16.55 15.18
C GLN A 32 5.70 15.31 14.29
N GLU A 33 4.53 14.85 13.85
CA GLU A 33 4.44 13.69 12.97
C GLU A 33 5.12 13.98 11.64
N LYS A 34 5.15 15.25 11.25
CA LYS A 34 5.78 15.66 10.01
C LYS A 34 7.28 15.80 10.18
N ASP A 35 7.69 16.13 11.40
CA ASP A 35 9.10 16.36 11.70
C ASP A 35 9.89 15.06 11.66
N VAL A 36 9.24 13.96 11.99
CA VAL A 36 9.90 12.67 12.01
C VAL A 36 9.92 12.05 10.63
N LEU A 37 8.94 12.38 9.81
CA LEU A 37 8.82 11.80 8.47
C LEU A 37 9.55 12.65 7.44
N PHE A 38 9.22 13.94 7.39
CA PHE A 38 9.87 14.85 6.45
C PHE A 38 11.27 15.21 6.94
N GLY A 39 11.47 15.03 8.24
CA GLY A 39 12.78 15.26 8.82
C GLY A 39 13.75 14.16 8.45
N SER A 40 13.22 13.09 7.86
CA SER A 40 14.04 11.99 7.39
C SER A 40 14.33 12.15 5.90
N MET B 1 -14.94 1.42 13.18
CA MET B 1 -16.07 1.90 12.36
C MET B 1 -15.59 2.79 11.23
N ASN B 2 -14.88 2.19 10.29
CA ASN B 2 -14.29 2.93 9.20
C ASN B 2 -15.02 2.64 7.90
N LYS B 3 -14.32 2.81 6.80
CA LYS B 3 -14.87 2.57 5.48
C LYS B 3 -14.65 1.11 5.08
N THR B 4 -15.01 0.76 3.88
CA THR B 4 -14.92 -0.63 3.42
C THR B 4 -14.34 -0.66 2.01
N LEU B 5 -13.65 -1.76 1.68
CA LEU B 5 -13.03 -1.88 0.36
C LEU B 5 -14.09 -2.03 -0.72
N LYS B 6 -13.65 -1.92 -1.97
CA LYS B 6 -14.55 -1.91 -3.11
C LYS B 6 -14.61 -3.28 -3.75
N THR B 7 -13.49 -3.96 -3.79
CA THR B 7 -13.44 -5.32 -4.28
C THR B 7 -13.64 -6.29 -3.13
N LYS B 8 -14.66 -7.12 -3.25
CA LYS B 8 -15.04 -8.06 -2.20
C LYS B 8 -13.94 -9.10 -1.97
N ALA B 9 -13.25 -9.45 -3.03
CA ALA B 9 -12.12 -10.38 -2.94
C ALA B 9 -11.03 -9.83 -2.03
N PHE B 10 -10.90 -8.51 -1.99
CA PHE B 10 -9.91 -7.86 -1.14
C PHE B 10 -10.53 -7.46 0.20
N ASP B 11 -11.78 -7.05 0.16
CA ASP B 11 -12.52 -6.64 1.35
C ASP B 11 -12.51 -7.75 2.39
N ASP B 12 -12.56 -8.98 1.92
CA ASP B 12 -12.53 -10.15 2.79
C ASP B 12 -11.37 -10.07 3.77
N ILE B 13 -10.17 -9.84 3.25
CA ILE B 13 -8.99 -9.75 4.07
C ILE B 13 -9.08 -8.57 5.03
N TYR B 14 -9.54 -7.43 4.52
CA TYR B 14 -9.67 -6.22 5.32
C TYR B 14 -10.59 -6.44 6.53
N GLN B 15 -11.66 -7.21 6.33
CA GLN B 15 -12.61 -7.44 7.40
C GLN B 15 -12.17 -8.63 8.26
N ASN B 16 -11.48 -9.58 7.65
CA ASN B 16 -11.07 -10.80 8.33
C ASN B 16 -9.73 -10.65 9.02
N SER B 17 -9.22 -9.44 9.10
CA SER B 17 -7.93 -9.21 9.69
C SER B 17 -7.96 -7.96 10.56
N ALA B 18 -8.00 -8.18 11.86
CA ALA B 18 -7.91 -7.09 12.81
C ALA B 18 -6.47 -6.64 12.93
N GLU B 19 -5.56 -7.56 12.60
CA GLU B 19 -4.13 -7.29 12.61
C GLU B 19 -3.78 -6.29 11.51
N LEU B 20 -4.35 -6.52 10.34
CA LEU B 20 -4.14 -5.65 9.19
C LEU B 20 -4.78 -4.28 9.46
N GLN B 21 -5.92 -4.31 10.15
CA GLN B 21 -6.65 -3.10 10.48
C GLN B 21 -5.85 -2.20 11.42
N GLU B 22 -5.17 -2.79 12.40
CA GLU B 22 -4.48 -2.03 13.43
C GLU B 22 -3.23 -1.37 12.87
N LEU B 23 -2.69 -1.92 11.79
CA LEU B 23 -1.49 -1.38 11.18
C LEU B 23 -1.80 -0.06 10.47
N LEU B 24 -3.01 0.06 9.95
CA LEU B 24 -3.46 1.30 9.31
C LEU B 24 -3.83 2.36 10.33
N LYS B 25 -3.40 2.18 11.57
CA LYS B 25 -3.67 3.14 12.63
C LYS B 25 -2.43 3.96 12.94
N TYR B 26 -1.37 3.78 12.17
CA TYR B 26 -0.15 4.55 12.37
C TYR B 26 0.05 5.51 11.21
N ASN B 27 -0.01 6.81 11.50
CA ASN B 27 0.13 7.83 10.45
C ASN B 27 1.45 7.72 9.72
N THR B 28 2.46 7.24 10.43
CA THR B 28 3.78 7.01 9.84
C THR B 28 3.70 6.02 8.67
N VAL B 29 2.92 4.98 8.86
CA VAL B 29 2.84 3.91 7.89
C VAL B 29 1.89 4.29 6.76
N LYS B 30 0.80 4.97 7.14
CA LYS B 30 -0.18 5.45 6.16
C LYS B 30 0.45 6.52 5.27
N PHE B 31 1.36 7.29 5.84
CA PHE B 31 2.08 8.33 5.12
C PHE B 31 2.79 7.74 3.90
N HIS B 32 3.49 6.64 4.13
CA HIS B 32 4.26 6.00 3.07
C HIS B 32 3.35 5.28 2.08
N LEU B 33 2.30 4.66 2.59
CA LEU B 33 1.35 3.96 1.75
C LEU B 33 0.60 4.94 0.83
N ALA B 34 0.31 6.11 1.35
CA ALA B 34 -0.41 7.12 0.59
C ALA B 34 0.42 7.64 -0.57
N LYS B 35 1.73 7.53 -0.46
CA LYS B 35 2.62 7.99 -1.51
C LYS B 35 2.55 7.08 -2.73
N VAL B 36 2.30 5.80 -2.52
CA VAL B 36 2.21 4.88 -3.64
C VAL B 36 0.85 5.00 -4.33
N TYR B 37 -0.17 5.37 -3.56
CA TYR B 37 -1.50 5.61 -4.11
C TYR B 37 -1.45 6.73 -5.15
N ARG B 38 -0.55 7.69 -4.92
CA ARG B 38 -0.31 8.77 -5.87
C ARG B 38 0.23 8.20 -7.18
N ILE B 39 1.07 7.18 -7.04
CA ILE B 39 1.70 6.52 -8.19
C ILE B 39 0.66 5.77 -9.03
N LEU B 40 -0.16 4.95 -8.37
CA LEU B 40 -1.17 4.16 -9.10
C LEU B 40 -2.21 5.07 -9.76
N SER B 41 -2.32 6.30 -9.29
CA SER B 41 -3.19 7.26 -9.92
C SER B 41 -2.48 7.88 -11.11
N SER B 42 -1.24 8.34 -10.88
CA SER B 42 -0.40 8.92 -11.91
C SER B 42 0.88 9.48 -11.29
N THR B 43 2.01 8.87 -11.59
CA THR B 43 3.29 9.37 -11.10
C THR B 43 3.65 10.65 -11.84
N VAL B 44 3.10 10.79 -13.04
CA VAL B 44 3.32 11.98 -13.86
C VAL B 44 1.99 12.51 -14.36
N ASN B 45 2.00 13.75 -14.81
CA ASN B 45 0.80 14.44 -15.27
C ASN B 45 0.52 14.09 -16.73
N ASP B 46 0.92 12.90 -17.13
CA ASP B 46 0.84 12.50 -18.53
C ASP B 46 0.12 11.16 -18.67
N GLY B 47 0.83 10.09 -18.36
CA GLY B 47 0.27 8.76 -18.55
C GLY B 47 0.41 8.32 -19.99
N SER B 48 1.34 7.40 -20.24
CA SER B 48 1.61 6.94 -21.59
C SER B 48 0.51 5.99 -22.07
N SER B 49 -0.17 6.41 -23.13
CA SER B 49 -1.25 5.62 -23.74
C SER B 49 -2.45 5.51 -22.79
N GLY B 50 -3.48 4.81 -23.23
CA GLY B 50 -4.66 4.67 -22.42
C GLY B 50 -4.73 3.35 -21.68
N LYS B 51 -4.50 2.26 -22.40
CA LYS B 51 -4.61 0.93 -21.81
C LYS B 51 -3.29 0.48 -21.20
N MET B 52 -2.32 1.36 -21.24
CA MET B 52 -1.02 1.08 -20.66
C MET B 52 -0.65 2.16 -19.66
N ASN B 53 0.63 2.19 -19.26
CA ASN B 53 1.16 3.08 -18.23
C ASN B 53 0.80 2.57 -16.84
N SER B 54 -0.38 1.97 -16.73
CA SER B 54 -0.89 1.48 -15.46
C SER B 54 -0.05 0.31 -14.95
N ASP B 55 0.47 -0.48 -15.87
CA ASP B 55 1.30 -1.62 -15.51
C ASP B 55 2.69 -1.14 -15.17
N LEU B 56 3.03 0.02 -15.73
CA LEU B 56 4.26 0.70 -15.43
C LEU B 56 4.20 1.29 -14.04
N GLN B 57 3.03 1.82 -13.68
CA GLN B 57 2.81 2.39 -12.36
C GLN B 57 2.89 1.28 -11.31
N LYS B 58 2.54 0.06 -11.69
CA LYS B 58 2.68 -1.10 -10.83
C LYS B 58 4.11 -1.21 -10.32
N GLU B 59 5.05 -1.21 -11.25
CA GLU B 59 6.46 -1.31 -10.92
C GLU B 59 6.91 -0.18 -10.00
N LEU B 60 6.59 1.05 -10.37
CA LEU B 60 7.00 2.21 -9.60
C LEU B 60 6.41 2.18 -8.19
N ALA B 61 5.17 1.72 -8.09
CA ALA B 61 4.51 1.59 -6.80
C ALA B 61 5.24 0.57 -5.94
N VAL B 62 5.54 -0.59 -6.51
CA VAL B 62 6.26 -1.65 -5.80
C VAL B 62 7.65 -1.16 -5.37
N ASN B 63 8.28 -0.36 -6.23
CA ASN B 63 9.62 0.15 -5.96
C ASN B 63 9.66 1.00 -4.69
N TYR B 64 8.52 1.58 -4.33
CA TYR B 64 8.43 2.34 -3.10
C TYR B 64 8.35 1.41 -1.90
N LEU B 65 7.55 0.35 -2.01
CA LEU B 65 7.42 -0.63 -0.93
C LEU B 65 8.76 -1.30 -0.66
N ASN B 66 9.63 -1.30 -1.67
CA ASN B 66 10.97 -1.85 -1.52
C ASN B 66 11.76 -1.10 -0.44
N THR B 67 11.40 0.16 -0.20
CA THR B 67 12.10 0.95 0.80
C THR B 67 11.33 0.93 2.11
N LEU B 68 10.19 0.25 2.09
CA LEU B 68 9.30 0.15 3.25
C LEU B 68 9.40 -1.21 3.91
N ARG B 69 9.98 -2.16 3.20
CA ARG B 69 10.16 -3.49 3.73
C ARG B 69 11.51 -3.61 4.41
N TYR B 70 11.71 -4.72 5.14
CA TYR B 70 12.95 -4.94 5.88
C TYR B 70 14.16 -4.81 4.97
N GLY B 71 15.05 -3.89 5.33
CA GLY B 71 16.25 -3.66 4.55
C GLY B 71 16.14 -2.44 3.66
N GLY B 72 15.16 -1.58 3.94
CA GLY B 72 14.98 -0.37 3.16
C GLY B 72 15.79 0.78 3.72
N ILE B 73 15.17 1.94 3.85
CA ILE B 73 15.84 3.12 4.39
C ILE B 73 15.00 3.76 5.49
N HIS B 74 13.76 4.07 5.15
CA HIS B 74 12.82 4.60 6.14
C HIS B 74 11.66 3.63 6.27
N TYR B 75 12.00 2.34 6.38
CA TYR B 75 10.98 1.31 6.37
C TYR B 75 10.25 1.27 7.70
N ASN B 76 8.99 0.89 7.64
CA ASN B 76 8.16 0.81 8.82
C ASN B 76 7.88 -0.64 9.13
N GLU B 77 8.03 -1.00 10.39
CA GLU B 77 7.82 -2.37 10.83
C GLU B 77 6.37 -2.78 10.65
N ALA B 78 5.49 -1.78 10.65
CA ALA B 78 4.07 -2.04 10.43
C ALA B 78 3.80 -2.34 8.96
N ILE B 79 4.52 -1.66 8.07
CA ILE B 79 4.35 -1.85 6.63
C ILE B 79 4.83 -3.24 6.21
N GLU B 80 5.91 -3.70 6.83
CA GLU B 80 6.42 -5.04 6.60
C GLU B 80 5.33 -6.06 6.95
N GLU B 81 4.76 -5.94 8.15
CA GLU B 81 3.69 -6.83 8.58
C GLU B 81 2.43 -6.61 7.75
N PHE B 82 2.20 -5.35 7.38
CA PHE B 82 1.07 -5.00 6.51
C PHE B 82 1.09 -5.86 5.26
N CYS B 83 2.25 -5.90 4.61
CA CYS B 83 2.42 -6.73 3.44
C CYS B 83 2.14 -8.18 3.78
N GLN B 84 2.75 -8.65 4.87
CA GLN B 84 2.72 -10.06 5.24
C GLN B 84 1.30 -10.54 5.54
N ILE B 85 0.63 -9.86 6.44
CA ILE B 85 -0.72 -10.25 6.87
C ILE B 85 -1.70 -10.15 5.71
N LEU B 86 -1.52 -9.13 4.89
CA LEU B 86 -2.37 -8.91 3.72
C LEU B 86 -2.17 -10.03 2.72
N LEU B 87 -0.94 -10.11 2.22
CA LEU B 87 -0.59 -11.04 1.15
C LEU B 87 -0.82 -12.49 1.57
N ASP B 88 -0.72 -12.73 2.87
CA ASP B 88 -0.92 -14.06 3.43
C ASP B 88 -2.26 -14.61 3.00
N LYS B 89 -3.29 -13.79 3.18
CA LYS B 89 -4.65 -14.20 2.87
C LYS B 89 -4.90 -14.10 1.36
N LEU B 90 -4.17 -13.20 0.70
CA LEU B 90 -4.21 -13.09 -0.76
C LEU B 90 -3.70 -14.37 -1.40
N ASN B 91 -2.79 -15.06 -0.73
CA ASN B 91 -2.25 -16.31 -1.24
C ASN B 91 -3.00 -17.50 -0.66
N ALA B 92 -3.76 -17.26 0.41
CA ALA B 92 -4.49 -18.33 1.09
C ALA B 92 -5.82 -18.60 0.39
N VAL B 93 -6.12 -17.80 -0.62
CA VAL B 93 -7.33 -17.99 -1.39
C VAL B 93 -6.99 -18.70 -2.70
N LYS B 94 -5.73 -18.59 -3.09
CA LYS B 94 -5.25 -19.23 -4.30
C LYS B 94 -4.94 -20.69 -4.02
N LYS B 95 -5.80 -21.57 -4.49
CA LYS B 95 -5.60 -22.99 -4.31
C LYS B 95 -5.88 -23.74 -5.61
N GLY A 1 9.58 -7.98 3.23
CA GLY A 1 8.80 -7.93 1.97
C GLY A 1 8.42 -9.32 1.49
N PRO A 2 7.90 -9.44 0.26
CA PRO A 2 7.53 -10.75 -0.31
C PRO A 2 8.75 -11.61 -0.59
N HIS A 3 8.59 -12.92 -0.45
CA HIS A 3 9.66 -13.86 -0.73
C HIS A 3 9.70 -14.17 -2.21
N MET A 4 10.77 -13.72 -2.87
CA MET A 4 10.94 -13.87 -4.31
C MET A 4 9.98 -12.96 -5.07
N PHE A 5 10.27 -12.73 -6.35
CA PHE A 5 9.44 -11.86 -7.17
C PHE A 5 8.12 -12.55 -7.48
N ALA A 6 7.04 -11.76 -7.41
CA ALA A 6 5.69 -12.27 -7.57
C ALA A 6 4.73 -11.10 -7.62
N ASN A 7 3.44 -11.38 -7.75
CA ASN A 7 2.45 -10.34 -7.94
C ASN A 7 1.72 -10.00 -6.66
N GLU A 8 2.25 -10.47 -5.53
CA GLU A 8 1.72 -10.12 -4.22
C GLU A 8 1.68 -8.62 -4.08
N ASN A 9 2.84 -8.00 -4.32
CA ASN A 9 2.99 -6.56 -4.23
C ASN A 9 2.01 -5.85 -5.17
N SER A 10 1.77 -6.43 -6.33
CA SER A 10 0.81 -5.88 -7.28
C SER A 10 -0.58 -5.79 -6.64
N GLN A 11 -0.99 -6.89 -6.02
CA GLN A 11 -2.25 -6.93 -5.30
C GLN A 11 -2.24 -5.95 -4.13
N LEU A 12 -1.12 -5.94 -3.42
CA LEU A 12 -0.90 -5.01 -2.31
C LEU A 12 -1.12 -3.58 -2.74
N LEU A 13 -0.63 -3.25 -3.94
CA LEU A 13 -0.74 -1.90 -4.48
C LEU A 13 -2.18 -1.52 -4.72
N ASP A 14 -2.93 -2.41 -5.38
CA ASP A 14 -4.34 -2.15 -5.67
C ASP A 14 -5.15 -2.16 -4.38
N PHE A 15 -4.68 -2.91 -3.39
CA PHE A 15 -5.27 -2.93 -2.06
C PHE A 15 -5.19 -1.53 -1.46
N ILE A 16 -3.96 -1.04 -1.30
CA ILE A 16 -3.72 0.32 -0.80
C ILE A 16 -4.51 1.34 -1.61
N ARG A 17 -4.52 1.11 -2.92
CA ARG A 17 -5.22 1.94 -3.88
C ARG A 17 -6.72 2.01 -3.56
N GLU A 18 -7.31 0.87 -3.22
CA GLU A 18 -8.72 0.80 -2.91
C GLU A 18 -9.02 1.42 -1.54
N LEU A 19 -8.08 1.33 -0.61
CA LEU A 19 -8.25 1.97 0.69
C LEU A 19 -8.47 3.47 0.54
N GLY A 20 -7.62 4.11 -0.25
CA GLY A 20 -7.72 5.54 -0.43
C GLY A 20 -8.97 5.96 -1.18
N ASP A 21 -9.59 5.02 -1.89
CA ASP A 21 -10.80 5.31 -2.66
C ASP A 21 -11.98 5.49 -1.73
N VAL A 22 -11.96 4.79 -0.60
CA VAL A 22 -13.07 4.81 0.34
C VAL A 22 -12.70 5.52 1.64
N GLY A 23 -11.52 6.13 1.65
CA GLY A 23 -11.09 6.91 2.80
C GLY A 23 -10.57 6.05 3.94
N LEU A 24 -9.97 4.92 3.61
CA LEU A 24 -9.40 4.05 4.62
C LEU A 24 -7.89 4.21 4.68
N LEU A 25 -7.38 5.11 3.86
CA LEU A 25 -5.94 5.37 3.80
C LEU A 25 -5.62 6.79 4.22
N GLU A 26 -6.65 7.58 4.46
CA GLU A 26 -6.48 8.98 4.77
C GLU A 26 -5.83 9.17 6.14
N TYR A 27 -5.02 10.21 6.23
CA TYR A 27 -4.31 10.52 7.46
C TYR A 27 -4.12 12.03 7.56
N GLU A 28 -3.54 12.48 8.65
CA GLU A 28 -3.22 13.88 8.83
C GLU A 28 -2.12 14.03 9.86
N LEU A 29 -0.92 14.30 9.39
CA LEU A 29 0.26 14.33 10.24
C LEU A 29 0.37 15.66 10.97
N SER A 30 0.72 15.58 12.25
CA SER A 30 1.02 16.76 13.04
C SER A 30 2.46 17.19 12.78
N GLN A 31 2.87 18.31 13.35
CA GLN A 31 4.21 18.83 13.14
C GLN A 31 5.27 17.79 13.52
N GLN A 32 5.02 17.07 14.60
CA GLN A 32 5.95 16.04 15.07
C GLN A 32 5.92 14.84 14.15
N GLU A 33 4.72 14.42 13.73
CA GLU A 33 4.59 13.29 12.82
C GLU A 33 5.23 13.60 11.47
N LYS A 34 5.27 14.88 11.12
CA LYS A 34 5.87 15.31 9.87
C LYS A 34 7.38 15.37 10.01
N ASP A 35 7.83 15.69 11.22
CA ASP A 35 9.25 15.89 11.48
C ASP A 35 10.02 14.58 11.38
N VAL A 36 9.38 13.48 11.74
CA VAL A 36 10.03 12.18 11.73
C VAL A 36 10.01 11.56 10.35
N LEU A 37 9.04 11.96 9.53
CA LEU A 37 8.88 11.39 8.21
C LEU A 37 9.58 12.23 7.16
N PHE A 38 9.26 13.51 7.12
CA PHE A 38 9.83 14.42 6.14
C PHE A 38 11.23 14.85 6.56
N GLY A 39 11.53 14.66 7.83
CA GLY A 39 12.85 14.98 8.34
C GLY A 39 13.86 13.89 8.06
N SER A 40 13.43 12.85 7.36
CA SER A 40 14.30 11.74 7.03
C SER A 40 14.64 11.76 5.53
N MET B 1 -14.54 -0.80 12.85
CA MET B 1 -15.77 -0.63 12.05
C MET B 1 -15.67 0.60 11.17
N ASN B 2 -15.01 0.46 10.02
CA ASN B 2 -14.86 1.56 9.07
C ASN B 2 -15.50 1.18 7.75
N LYS B 3 -15.04 1.81 6.69
CA LYS B 3 -15.56 1.53 5.35
C LYS B 3 -15.01 0.22 4.83
N THR B 4 -15.57 -0.23 3.72
CA THR B 4 -15.15 -1.47 3.10
C THR B 4 -14.50 -1.23 1.74
N LEU B 5 -13.79 -2.24 1.26
CA LEU B 5 -13.04 -2.12 0.02
C LEU B 5 -13.93 -2.28 -1.20
N LYS B 6 -13.35 -2.04 -2.36
CA LYS B 6 -14.07 -2.07 -3.61
C LYS B 6 -14.25 -3.51 -4.05
N THR B 7 -13.14 -4.22 -4.14
CA THR B 7 -13.13 -5.63 -4.50
C THR B 7 -13.40 -6.47 -3.26
N LYS B 8 -14.35 -7.40 -3.37
CA LYS B 8 -14.76 -8.22 -2.24
C LYS B 8 -13.66 -9.21 -1.86
N ALA B 9 -12.92 -9.69 -2.85
CA ALA B 9 -11.80 -10.59 -2.63
C ALA B 9 -10.65 -9.88 -1.92
N PHE B 10 -10.77 -8.56 -1.81
CA PHE B 10 -9.82 -7.76 -1.06
C PHE B 10 -10.46 -7.32 0.25
N ASP B 11 -11.72 -6.90 0.15
CA ASP B 11 -12.49 -6.38 1.25
C ASP B 11 -12.57 -7.35 2.41
N ASP B 12 -12.78 -8.62 2.09
CA ASP B 12 -12.97 -9.63 3.12
C ASP B 12 -11.74 -9.72 4.01
N ILE B 13 -10.56 -9.54 3.43
CA ILE B 13 -9.32 -9.58 4.20
C ILE B 13 -9.21 -8.35 5.08
N TYR B 14 -9.52 -7.19 4.52
CA TYR B 14 -9.49 -5.95 5.29
C TYR B 14 -10.46 -6.01 6.46
N GLN B 15 -11.50 -6.82 6.34
CA GLN B 15 -12.47 -7.01 7.41
C GLN B 15 -12.00 -8.10 8.36
N ASN B 16 -11.22 -9.03 7.84
CA ASN B 16 -10.75 -10.17 8.61
C ASN B 16 -9.30 -9.99 9.04
N SER B 17 -8.90 -8.75 9.25
CA SER B 17 -7.54 -8.46 9.68
C SER B 17 -7.52 -7.43 10.80
N ALA B 18 -7.81 -7.87 12.02
CA ALA B 18 -7.71 -7.01 13.18
C ALA B 18 -6.25 -6.67 13.43
N GLU B 19 -5.37 -7.50 12.88
CA GLU B 19 -3.93 -7.32 13.01
C GLU B 19 -3.45 -6.27 12.02
N LEU B 20 -4.15 -6.20 10.91
CA LEU B 20 -3.82 -5.26 9.84
C LEU B 20 -4.41 -3.89 10.12
N GLN B 21 -5.68 -3.87 10.52
CA GLN B 21 -6.38 -2.62 10.79
C GLN B 21 -5.67 -1.82 11.88
N GLU B 22 -4.93 -2.52 12.74
CA GLU B 22 -4.23 -1.84 13.82
C GLU B 22 -3.01 -1.10 13.27
N LEU B 23 -2.58 -1.50 12.06
CA LEU B 23 -1.47 -0.84 11.41
C LEU B 23 -1.98 0.41 10.70
N LEU B 24 -3.18 0.30 10.15
CA LEU B 24 -3.84 1.43 9.48
C LEU B 24 -4.27 2.50 10.49
N LYS B 25 -4.07 2.22 11.78
CA LYS B 25 -4.33 3.20 12.81
C LYS B 25 -3.17 4.17 12.93
N TYR B 26 -2.00 3.77 12.42
CA TYR B 26 -0.81 4.59 12.46
C TYR B 26 -0.73 5.46 11.22
N ASN B 27 -0.43 6.73 11.44
CA ASN B 27 -0.31 7.70 10.34
C ASN B 27 1.00 7.49 9.60
N THR B 28 1.97 6.89 10.28
CA THR B 28 3.27 6.61 9.70
C THR B 28 3.11 5.57 8.61
N VAL B 29 2.23 4.61 8.88
CA VAL B 29 1.89 3.57 7.95
C VAL B 29 1.17 4.13 6.74
N LYS B 30 0.02 4.73 7.01
CA LYS B 30 -0.82 5.31 5.97
C LYS B 30 -0.07 6.34 5.12
N PHE B 31 0.87 7.05 5.73
CA PHE B 31 1.65 8.07 5.01
C PHE B 31 2.44 7.45 3.86
N HIS B 32 3.23 6.43 4.17
CA HIS B 32 4.08 5.81 3.16
C HIS B 32 3.24 5.04 2.15
N LEU B 33 2.10 4.54 2.60
CA LEU B 33 1.18 3.83 1.71
C LEU B 33 0.50 4.82 0.76
N ALA B 34 0.20 6.01 1.27
CA ALA B 34 -0.44 7.04 0.45
C ALA B 34 0.51 7.54 -0.64
N LYS B 35 1.80 7.53 -0.34
CA LYS B 35 2.80 7.96 -1.31
C LYS B 35 2.80 7.04 -2.53
N VAL B 36 2.50 5.76 -2.33
CA VAL B 36 2.45 4.84 -3.44
C VAL B 36 1.11 4.95 -4.16
N TYR B 37 0.08 5.33 -3.42
CA TYR B 37 -1.25 5.53 -3.98
C TYR B 37 -1.20 6.62 -5.06
N ARG B 38 -0.31 7.58 -4.87
CA ARG B 38 -0.10 8.65 -5.83
C ARG B 38 0.54 8.12 -7.11
N ILE B 39 1.18 6.96 -6.99
CA ILE B 39 1.85 6.33 -8.12
C ILE B 39 0.88 5.47 -8.93
N LEU B 40 0.03 4.70 -8.25
CA LEU B 40 -0.93 3.83 -8.93
C LEU B 40 -2.00 4.62 -9.65
N SER B 41 -2.11 5.90 -9.32
CA SER B 41 -3.07 6.78 -9.98
C SER B 41 -2.40 7.48 -11.16
N SER B 42 -1.37 6.81 -11.71
CA SER B 42 -0.61 7.30 -12.86
C SER B 42 0.31 8.46 -12.47
N THR B 43 1.32 8.68 -13.29
CA THR B 43 2.28 9.75 -13.08
C THR B 43 1.65 11.09 -13.42
N VAL B 44 0.50 11.04 -14.07
CA VAL B 44 -0.28 12.22 -14.40
C VAL B 44 -1.73 12.00 -14.03
N ASN B 45 -2.49 13.08 -13.95
CA ASN B 45 -3.87 13.01 -13.51
C ASN B 45 -4.82 12.68 -14.68
N ASP B 46 -4.27 12.06 -15.70
CA ASP B 46 -5.05 11.65 -16.86
C ASP B 46 -5.20 10.13 -16.89
N GLY B 47 -4.08 9.44 -16.71
CA GLY B 47 -4.09 7.99 -16.73
C GLY B 47 -3.40 7.43 -17.96
N SER B 48 -3.54 8.16 -19.07
CA SER B 48 -2.98 7.78 -20.38
C SER B 48 -3.33 6.33 -20.75
N SER B 49 -4.34 6.19 -21.58
CA SER B 49 -4.85 4.89 -21.95
C SER B 49 -4.63 4.64 -23.43
N GLY B 50 -3.62 3.83 -23.75
CA GLY B 50 -3.34 3.50 -25.14
C GLY B 50 -2.02 2.78 -25.31
N LYS B 51 -0.94 3.43 -24.92
CA LYS B 51 0.39 2.86 -25.07
C LYS B 51 0.95 2.41 -23.72
N MET B 52 0.06 1.78 -22.93
CA MET B 52 0.35 1.26 -21.58
C MET B 52 0.83 2.34 -20.61
N ASN B 53 0.63 2.08 -19.32
CA ASN B 53 1.06 2.98 -18.26
C ASN B 53 0.71 2.43 -16.89
N SER B 54 -0.55 2.06 -16.70
CA SER B 54 -1.07 1.72 -15.40
C SER B 54 -0.29 0.57 -14.75
N ASP B 55 0.14 -0.39 -15.56
CA ASP B 55 0.85 -1.55 -15.03
C ASP B 55 2.33 -1.21 -14.80
N LEU B 56 2.84 -0.22 -15.53
CA LEU B 56 4.22 0.21 -15.32
C LEU B 56 4.27 1.03 -14.04
N GLN B 57 3.17 1.70 -13.73
CA GLN B 57 3.04 2.45 -12.48
C GLN B 57 3.14 1.48 -11.30
N LYS B 58 2.67 0.25 -11.51
CA LYS B 58 2.82 -0.80 -10.51
C LYS B 58 4.28 -0.96 -10.11
N GLU B 59 5.15 -1.01 -11.10
CA GLU B 59 6.58 -1.19 -10.86
C GLU B 59 7.12 -0.07 -9.98
N LEU B 60 6.83 1.17 -10.37
CA LEU B 60 7.30 2.33 -9.61
C LEU B 60 6.76 2.31 -8.19
N ALA B 61 5.53 1.81 -8.04
CA ALA B 61 4.93 1.68 -6.73
C ALA B 61 5.64 0.61 -5.91
N VAL B 62 5.95 -0.53 -6.55
CA VAL B 62 6.69 -1.60 -5.89
C VAL B 62 8.05 -1.10 -5.43
N ASN B 63 8.66 -0.25 -6.25
CA ASN B 63 9.97 0.34 -5.93
C ASN B 63 9.92 1.07 -4.59
N TYR B 64 8.76 1.61 -4.25
CA TYR B 64 8.58 2.30 -2.98
C TYR B 64 8.49 1.29 -1.85
N LEU B 65 7.64 0.28 -2.00
CA LEU B 65 7.47 -0.72 -0.95
C LEU B 65 8.77 -1.49 -0.71
N ASN B 66 9.61 -1.54 -1.73
CA ASN B 66 10.91 -2.20 -1.61
C ASN B 66 11.85 -1.41 -0.69
N THR B 67 11.50 -0.16 -0.40
CA THR B 67 12.28 0.64 0.54
C THR B 67 11.55 0.71 1.88
N LEU B 68 10.36 0.12 1.92
CA LEU B 68 9.52 0.11 3.12
C LEU B 68 9.61 -1.22 3.84
N ARG B 69 10.09 -2.23 3.13
CA ARG B 69 10.25 -3.56 3.69
C ARG B 69 11.42 -3.58 4.68
N TYR B 70 11.43 -4.59 5.54
CA TYR B 70 12.47 -4.74 6.54
C TYR B 70 13.85 -4.72 5.88
N GLY B 71 14.62 -3.70 6.18
CA GLY B 71 15.92 -3.53 5.55
C GLY B 71 15.91 -2.42 4.51
N GLY B 72 14.98 -1.49 4.64
CA GLY B 72 14.91 -0.37 3.73
C GLY B 72 15.57 0.87 4.30
N ILE B 73 15.17 2.02 3.82
CA ILE B 73 15.76 3.29 4.23
C ILE B 73 14.80 4.08 5.12
N HIS B 74 13.55 4.13 4.71
CA HIS B 74 12.51 4.79 5.50
C HIS B 74 11.45 3.76 5.85
N TYR B 75 11.92 2.53 6.07
CA TYR B 75 11.03 1.41 6.25
C TYR B 75 10.37 1.46 7.62
N ASN B 76 9.16 0.89 7.68
CA ASN B 76 8.39 0.91 8.90
C ASN B 76 8.12 -0.51 9.37
N GLU B 77 8.25 -0.70 10.68
CA GLU B 77 8.00 -2.00 11.30
C GLU B 77 6.57 -2.45 11.05
N ALA B 78 5.68 -1.48 10.87
CA ALA B 78 4.27 -1.76 10.63
C ALA B 78 4.02 -2.09 9.17
N ILE B 79 4.79 -1.49 8.27
CA ILE B 79 4.60 -1.70 6.84
C ILE B 79 5.02 -3.11 6.44
N GLU B 80 6.09 -3.61 7.06
CA GLU B 80 6.52 -4.97 6.82
C GLU B 80 5.41 -5.93 7.25
N GLU B 81 4.84 -5.69 8.43
CA GLU B 81 3.72 -6.51 8.91
C GLU B 81 2.52 -6.36 7.98
N PHE B 82 2.29 -5.13 7.54
CA PHE B 82 1.19 -4.80 6.63
C PHE B 82 1.20 -5.72 5.41
N CYS B 83 2.32 -5.75 4.70
CA CYS B 83 2.40 -6.54 3.49
C CYS B 83 2.26 -8.03 3.79
N GLN B 84 2.83 -8.48 4.90
CA GLN B 84 2.81 -9.89 5.26
C GLN B 84 1.40 -10.37 5.55
N ILE B 85 0.71 -9.69 6.45
CA ILE B 85 -0.64 -10.05 6.85
C ILE B 85 -1.59 -9.98 5.65
N LEU B 86 -1.37 -8.97 4.82
CA LEU B 86 -2.20 -8.73 3.66
C LEU B 86 -2.04 -9.85 2.63
N LEU B 87 -0.82 -9.95 2.13
CA LEU B 87 -0.53 -10.86 1.02
C LEU B 87 -0.81 -12.31 1.41
N ASP B 88 -0.69 -12.57 2.71
CA ASP B 88 -0.94 -13.89 3.26
C ASP B 88 -2.30 -14.41 2.83
N LYS B 89 -3.29 -13.53 2.97
CA LYS B 89 -4.66 -13.90 2.69
C LYS B 89 -4.97 -13.77 1.20
N LEU B 90 -4.19 -12.95 0.51
CA LEU B 90 -4.33 -12.81 -0.95
C LEU B 90 -3.84 -14.06 -1.65
N ASN B 91 -2.87 -14.73 -1.05
CA ASN B 91 -2.40 -16.01 -1.57
C ASN B 91 -3.37 -17.11 -1.21
N ALA B 92 -4.11 -16.88 -0.15
CA ALA B 92 -5.03 -17.88 0.38
C ALA B 92 -6.43 -17.74 -0.22
N VAL B 93 -6.58 -16.97 -1.28
CA VAL B 93 -7.88 -16.82 -1.93
C VAL B 93 -7.86 -17.42 -3.33
N LYS B 94 -6.72 -17.38 -3.99
CA LYS B 94 -6.61 -17.91 -5.34
C LYS B 94 -6.61 -19.43 -5.32
N LYS B 95 -7.55 -20.01 -6.06
CA LYS B 95 -7.65 -21.47 -6.14
C LYS B 95 -6.55 -22.03 -7.03
N GLY A 1 12.71 -17.41 -17.67
CA GLY A 1 13.68 -17.75 -16.61
C GLY A 1 13.12 -17.50 -15.23
N PRO A 2 14.00 -17.30 -14.23
CA PRO A 2 13.59 -17.07 -12.84
C PRO A 2 13.04 -15.67 -12.63
N HIS A 3 11.76 -15.59 -12.27
CA HIS A 3 11.13 -14.31 -12.00
C HIS A 3 11.51 -13.86 -10.61
N MET A 4 12.49 -12.97 -10.53
CA MET A 4 13.06 -12.58 -9.24
C MET A 4 12.28 -11.44 -8.60
N PHE A 5 11.00 -11.41 -8.87
CA PHE A 5 10.12 -10.42 -8.27
C PHE A 5 8.82 -11.08 -7.85
N ALA A 6 8.27 -10.62 -6.74
CA ALA A 6 7.09 -11.23 -6.17
C ALA A 6 5.83 -10.49 -6.60
N ASN A 7 4.79 -11.26 -6.91
CA ASN A 7 3.58 -10.69 -7.47
C ASN A 7 2.59 -10.36 -6.36
N GLU A 8 2.99 -10.66 -5.13
CA GLU A 8 2.23 -10.24 -3.96
C GLU A 8 2.02 -8.73 -4.01
N ASN A 9 3.09 -8.02 -4.37
CA ASN A 9 3.06 -6.57 -4.43
C ASN A 9 1.99 -6.10 -5.40
N SER A 10 1.84 -6.81 -6.51
CA SER A 10 0.85 -6.48 -7.51
C SER A 10 -0.54 -6.38 -6.89
N GLN A 11 -0.86 -7.33 -6.01
CA GLN A 11 -2.14 -7.36 -5.33
C GLN A 11 -2.19 -6.28 -4.25
N LEU A 12 -1.06 -6.13 -3.54
CA LEU A 12 -0.92 -5.10 -2.51
C LEU A 12 -1.21 -3.71 -3.08
N LEU A 13 -0.70 -3.45 -4.27
CA LEU A 13 -0.84 -2.16 -4.93
C LEU A 13 -2.30 -1.79 -5.09
N ASP A 14 -3.08 -2.68 -5.70
CA ASP A 14 -4.49 -2.43 -5.92
C ASP A 14 -5.25 -2.36 -4.59
N PHE A 15 -4.81 -3.17 -3.64
CA PHE A 15 -5.38 -3.17 -2.30
C PHE A 15 -5.24 -1.79 -1.66
N ILE A 16 -4.00 -1.33 -1.56
CA ILE A 16 -3.70 -0.02 -0.98
C ILE A 16 -4.41 1.08 -1.76
N ARG A 17 -4.49 0.90 -3.08
CA ARG A 17 -5.17 1.84 -3.95
C ARG A 17 -6.66 1.95 -3.59
N GLU A 18 -7.27 0.81 -3.31
CA GLU A 18 -8.67 0.76 -2.93
C GLU A 18 -8.92 1.52 -1.64
N LEU A 19 -7.97 1.42 -0.71
CA LEU A 19 -8.05 2.19 0.53
C LEU A 19 -8.22 3.67 0.23
N GLY A 20 -7.35 4.20 -0.61
CA GLY A 20 -7.37 5.62 -0.92
C GLY A 20 -8.61 6.04 -1.68
N ASP A 21 -9.23 5.11 -2.41
CA ASP A 21 -10.43 5.44 -3.18
C ASP A 21 -11.62 5.68 -2.27
N VAL A 22 -11.70 4.93 -1.18
CA VAL A 22 -12.80 5.06 -0.24
C VAL A 22 -12.41 5.98 0.91
N GLY A 23 -11.13 6.17 1.09
CA GLY A 23 -10.64 7.08 2.09
C GLY A 23 -10.18 6.39 3.36
N LEU A 24 -9.65 5.18 3.21
CA LEU A 24 -9.10 4.46 4.35
C LEU A 24 -7.64 4.81 4.54
N LEU A 25 -7.08 5.48 3.53
CA LEU A 25 -5.68 5.90 3.57
C LEU A 25 -5.57 7.35 3.98
N GLU A 26 -6.71 8.02 4.00
CA GLU A 26 -6.78 9.42 4.41
C GLU A 26 -6.11 9.62 5.76
N TYR A 27 -5.11 10.47 5.78
CA TYR A 27 -4.31 10.69 6.98
C TYR A 27 -4.17 12.17 7.28
N GLU A 28 -3.63 12.46 8.45
CA GLU A 28 -3.44 13.82 8.91
C GLU A 28 -2.22 13.86 9.83
N LEU A 29 -1.19 14.60 9.43
CA LEU A 29 0.06 14.60 10.15
C LEU A 29 0.17 15.82 11.06
N SER A 30 0.58 15.57 12.29
CA SER A 30 0.84 16.64 13.24
C SER A 30 2.32 17.00 13.19
N GLN A 31 2.71 18.07 13.87
CA GLN A 31 4.11 18.52 13.83
C GLN A 31 5.07 17.41 14.22
N GLN A 32 4.69 16.64 15.23
CA GLN A 32 5.52 15.53 15.69
C GLN A 32 5.52 14.40 14.66
N GLU A 33 4.37 14.18 14.05
CA GLU A 33 4.23 13.12 13.05
C GLU A 33 4.95 13.51 11.77
N LYS A 34 5.13 14.81 11.56
CA LYS A 34 5.84 15.29 10.39
C LYS A 34 7.33 15.24 10.63
N ASP A 35 7.72 15.41 11.88
CA ASP A 35 9.13 15.44 12.26
C ASP A 35 9.76 14.06 12.10
N VAL A 36 8.97 13.02 12.33
CA VAL A 36 9.48 11.66 12.25
C VAL A 36 9.56 11.20 10.80
N LEU A 37 8.80 11.84 9.92
CA LEU A 37 8.78 11.48 8.50
C LEU A 37 9.75 12.34 7.71
N PHE A 38 9.58 13.65 7.83
CA PHE A 38 10.36 14.60 7.06
C PHE A 38 11.74 14.80 7.68
N GLY A 39 11.84 14.44 8.95
CA GLY A 39 13.11 14.52 9.63
C GLY A 39 13.97 13.30 9.37
N SER A 40 13.44 12.35 8.60
CA SER A 40 14.16 11.14 8.28
C SER A 40 14.54 11.12 6.80
N MET B 1 -17.51 2.27 11.45
CA MET B 1 -16.63 3.41 11.79
C MET B 1 -15.87 3.91 10.56
N ASN B 2 -15.62 3.04 9.59
CA ASN B 2 -14.87 3.43 8.39
C ASN B 2 -15.52 2.85 7.13
N LYS B 3 -14.77 2.89 6.04
CA LYS B 3 -15.27 2.47 4.75
C LYS B 3 -14.83 1.04 4.44
N THR B 4 -15.38 0.48 3.37
CA THR B 4 -15.01 -0.85 2.92
C THR B 4 -14.23 -0.78 1.64
N LEU B 5 -13.66 -1.91 1.22
CA LEU B 5 -12.84 -1.94 0.02
C LEU B 5 -13.69 -2.06 -1.23
N LYS B 6 -13.04 -2.04 -2.38
CA LYS B 6 -13.73 -2.06 -3.64
C LYS B 6 -13.97 -3.51 -4.05
N THR B 7 -12.90 -4.29 -4.04
CA THR B 7 -12.98 -5.70 -4.36
C THR B 7 -13.45 -6.46 -3.12
N LYS B 8 -14.46 -7.30 -3.30
CA LYS B 8 -15.07 -8.02 -2.18
C LYS B 8 -14.08 -9.02 -1.58
N ALA B 9 -13.26 -9.63 -2.42
CA ALA B 9 -12.24 -10.56 -1.97
C ALA B 9 -11.20 -9.83 -1.12
N PHE B 10 -10.90 -8.59 -1.50
CA PHE B 10 -9.96 -7.76 -0.77
C PHE B 10 -10.57 -7.28 0.53
N ASP B 11 -11.80 -6.78 0.43
CA ASP B 11 -12.53 -6.29 1.60
C ASP B 11 -12.63 -7.37 2.65
N ASP B 12 -12.79 -8.60 2.20
CA ASP B 12 -12.92 -9.75 3.10
C ASP B 12 -11.72 -9.83 4.04
N ILE B 13 -10.52 -9.73 3.50
CA ILE B 13 -9.30 -9.77 4.32
C ILE B 13 -9.24 -8.56 5.23
N TYR B 14 -9.61 -7.40 4.70
CA TYR B 14 -9.60 -6.17 5.47
C TYR B 14 -10.54 -6.27 6.67
N GLN B 15 -11.62 -7.03 6.52
CA GLN B 15 -12.58 -7.20 7.60
C GLN B 15 -12.15 -8.35 8.52
N ASN B 16 -11.35 -9.26 7.98
CA ASN B 16 -10.95 -10.47 8.70
C ASN B 16 -9.53 -10.38 9.23
N SER B 17 -9.03 -9.17 9.40
CA SER B 17 -7.69 -8.98 9.93
C SER B 17 -7.61 -7.70 10.75
N ALA B 18 -7.64 -7.84 12.07
CA ALA B 18 -7.54 -6.70 12.96
C ALA B 18 -6.10 -6.23 13.05
N GLU B 19 -5.16 -7.13 12.79
CA GLU B 19 -3.74 -6.82 12.85
C GLU B 19 -3.30 -6.07 11.60
N LEU B 20 -4.09 -6.22 10.54
CA LEU B 20 -3.88 -5.47 9.31
C LEU B 20 -4.50 -4.08 9.46
N GLN B 21 -5.60 -4.02 10.20
CA GLN B 21 -6.32 -2.79 10.43
C GLN B 21 -5.54 -1.83 11.32
N GLU B 22 -4.91 -2.36 12.36
CA GLU B 22 -4.24 -1.53 13.37
C GLU B 22 -3.05 -0.78 12.77
N LEU B 23 -2.48 -1.32 11.71
CA LEU B 23 -1.31 -0.73 11.08
C LEU B 23 -1.66 0.61 10.43
N LEU B 24 -2.91 0.75 10.01
CA LEU B 24 -3.38 1.97 9.36
C LEU B 24 -3.69 3.06 10.39
N LYS B 25 -3.58 2.71 11.66
CA LYS B 25 -3.84 3.67 12.72
C LYS B 25 -2.60 4.50 13.00
N TYR B 26 -1.47 4.05 12.46
CA TYR B 26 -0.22 4.77 12.59
C TYR B 26 -0.07 5.76 11.45
N ASN B 27 0.19 7.01 11.80
CA ASN B 27 0.28 8.09 10.82
C ASN B 27 1.48 7.92 9.91
N THR B 28 2.50 7.24 10.42
CA THR B 28 3.73 7.02 9.68
C THR B 28 3.53 5.93 8.62
N VAL B 29 2.72 4.96 9.00
CA VAL B 29 2.45 3.81 8.16
C VAL B 29 1.47 4.18 7.06
N LYS B 30 0.33 4.72 7.47
CA LYS B 30 -0.71 5.13 6.54
C LYS B 30 -0.17 6.19 5.57
N PHE B 31 0.75 7.02 6.03
CA PHE B 31 1.41 8.01 5.18
C PHE B 31 2.14 7.32 4.04
N HIS B 32 3.02 6.38 4.38
CA HIS B 32 3.87 5.73 3.38
C HIS B 32 3.07 4.87 2.41
N LEU B 33 1.95 4.35 2.89
CA LEU B 33 1.07 3.56 2.03
C LEU B 33 0.36 4.45 1.02
N ALA B 34 -0.17 5.58 1.49
CA ALA B 34 -0.83 6.52 0.60
C ALA B 34 0.15 7.14 -0.40
N LYS B 35 1.44 7.07 -0.07
CA LYS B 35 2.48 7.52 -1.00
C LYS B 35 2.47 6.69 -2.27
N VAL B 36 2.21 5.40 -2.14
CA VAL B 36 2.21 4.51 -3.28
C VAL B 36 0.89 4.63 -4.04
N TYR B 37 -0.17 5.00 -3.33
CA TYR B 37 -1.48 5.18 -3.92
C TYR B 37 -1.44 6.18 -5.06
N ARG B 38 -0.69 7.26 -4.86
CA ARG B 38 -0.55 8.30 -5.88
C ARG B 38 0.08 7.73 -7.14
N ILE B 39 0.88 6.69 -6.97
CA ILE B 39 1.59 6.06 -8.07
C ILE B 39 0.64 5.20 -8.91
N LEU B 40 -0.24 4.46 -8.25
CA LEU B 40 -1.19 3.61 -8.97
C LEU B 40 -2.26 4.46 -9.65
N SER B 41 -2.34 5.73 -9.26
CA SER B 41 -3.27 6.66 -9.87
C SER B 41 -2.56 7.44 -10.99
N SER B 42 -1.47 6.84 -11.49
CA SER B 42 -0.64 7.43 -12.53
C SER B 42 0.19 8.59 -11.97
N THR B 43 1.47 8.60 -12.30
CA THR B 43 2.42 9.58 -11.77
C THR B 43 2.06 11.00 -12.22
N VAL B 44 1.26 11.10 -13.26
CA VAL B 44 0.81 12.37 -13.78
C VAL B 44 -0.69 12.36 -14.00
N ASN B 45 -1.32 13.52 -13.83
CA ASN B 45 -2.78 13.63 -13.96
C ASN B 45 -3.22 13.53 -15.41
N ASP B 46 -2.29 13.18 -16.27
CA ASP B 46 -2.56 12.99 -17.68
C ASP B 46 -3.34 11.70 -17.89
N GLY B 47 -2.95 10.66 -17.16
CA GLY B 47 -3.58 9.37 -17.32
C GLY B 47 -3.47 8.88 -18.75
N SER B 48 -2.24 8.64 -19.18
CA SER B 48 -1.97 8.26 -20.55
C SER B 48 -2.72 6.99 -20.92
N SER B 49 -3.74 7.16 -21.74
CA SER B 49 -4.64 6.08 -22.09
C SER B 49 -4.35 5.57 -23.49
N GLY B 50 -4.27 4.26 -23.63
CA GLY B 50 -4.02 3.67 -24.93
C GLY B 50 -2.55 3.38 -25.15
N LYS B 51 -1.74 3.67 -24.15
CA LYS B 51 -0.31 3.46 -24.23
C LYS B 51 0.25 3.00 -22.90
N MET B 52 -0.36 1.93 -22.39
CA MET B 52 0.08 1.30 -21.17
C MET B 52 0.05 2.28 -19.99
N ASN B 53 1.23 2.79 -19.61
CA ASN B 53 1.38 3.72 -18.48
C ASN B 53 1.05 3.05 -17.14
N SER B 54 -0.18 2.60 -16.97
CA SER B 54 -0.62 2.02 -15.71
C SER B 54 0.24 0.83 -15.32
N ASP B 55 0.69 0.06 -16.31
CA ASP B 55 1.54 -1.10 -16.06
C ASP B 55 2.87 -0.67 -15.46
N LEU B 56 3.39 0.45 -15.94
CA LEU B 56 4.68 0.95 -15.47
C LEU B 56 4.51 1.50 -14.06
N GLN B 57 3.32 2.04 -13.78
CA GLN B 57 3.00 2.59 -12.48
C GLN B 57 3.07 1.50 -11.41
N LYS B 58 2.71 0.28 -11.77
CA LYS B 58 2.81 -0.85 -10.86
C LYS B 58 4.25 -1.04 -10.39
N GLU B 59 5.19 -0.94 -11.33
CA GLU B 59 6.59 -1.13 -11.02
C GLU B 59 7.06 -0.06 -10.03
N LEU B 60 6.75 1.19 -10.35
CA LEU B 60 7.13 2.31 -9.50
C LEU B 60 6.50 2.18 -8.12
N ALA B 61 5.28 1.66 -8.08
CA ALA B 61 4.60 1.45 -6.82
C ALA B 61 5.31 0.39 -5.99
N VAL B 62 5.69 -0.72 -6.63
CA VAL B 62 6.44 -1.78 -5.95
C VAL B 62 7.77 -1.24 -5.43
N ASN B 63 8.39 -0.35 -6.20
CA ASN B 63 9.65 0.27 -5.81
C ASN B 63 9.55 0.91 -4.43
N TYR B 64 8.42 1.53 -4.15
CA TYR B 64 8.21 2.17 -2.85
C TYR B 64 8.12 1.12 -1.76
N LEU B 65 7.32 0.08 -1.98
CA LEU B 65 7.17 -0.98 -0.99
C LEU B 65 8.50 -1.69 -0.75
N ASN B 66 9.29 -1.81 -1.80
CA ASN B 66 10.61 -2.46 -1.69
C ASN B 66 11.53 -1.69 -0.77
N THR B 67 11.38 -0.36 -0.75
CA THR B 67 12.19 0.46 0.13
C THR B 67 11.60 0.50 1.53
N LEU B 68 10.38 -0.04 1.67
CA LEU B 68 9.70 -0.05 2.95
C LEU B 68 9.72 -1.45 3.56
N ARG B 69 10.37 -2.38 2.86
CA ARG B 69 10.52 -3.74 3.34
C ARG B 69 11.61 -3.80 4.41
N TYR B 70 11.76 -4.96 5.02
CA TYR B 70 12.84 -5.17 5.98
C TYR B 70 14.18 -4.93 5.29
N GLY B 71 14.97 -4.03 5.85
CA GLY B 71 16.24 -3.68 5.26
C GLY B 71 16.12 -2.59 4.22
N GLY B 72 15.13 -1.71 4.38
CA GLY B 72 14.97 -0.61 3.46
C GLY B 72 15.72 0.63 3.89
N ILE B 73 15.24 1.78 3.49
CA ILE B 73 15.91 3.04 3.81
C ILE B 73 15.05 3.92 4.71
N HIS B 74 13.79 4.09 4.35
CA HIS B 74 12.84 4.81 5.19
C HIS B 74 11.71 3.86 5.54
N TYR B 75 12.08 2.62 5.81
CA TYR B 75 11.11 1.56 5.98
C TYR B 75 10.47 1.62 7.36
N ASN B 76 9.25 1.16 7.43
CA ASN B 76 8.53 1.09 8.69
C ASN B 76 8.22 -0.36 8.99
N GLU B 77 8.42 -0.75 10.25
CA GLU B 77 8.20 -2.12 10.69
C GLU B 77 6.76 -2.55 10.41
N ALA B 78 5.85 -1.59 10.39
CA ALA B 78 4.44 -1.89 10.20
C ALA B 78 4.11 -2.06 8.72
N ILE B 79 4.92 -1.49 7.85
CA ILE B 79 4.70 -1.63 6.41
C ILE B 79 5.02 -3.05 5.97
N GLU B 80 6.11 -3.60 6.51
CA GLU B 80 6.46 -4.98 6.25
C GLU B 80 5.38 -5.90 6.81
N GLU B 81 4.93 -5.59 8.03
CA GLU B 81 3.84 -6.35 8.65
C GLU B 81 2.59 -6.27 7.79
N PHE B 82 2.30 -5.07 7.30
CA PHE B 82 1.16 -4.84 6.41
C PHE B 82 1.22 -5.80 5.23
N CYS B 83 2.34 -5.80 4.55
CA CYS B 83 2.55 -6.67 3.40
C CYS B 83 2.41 -8.13 3.81
N GLN B 84 3.07 -8.51 4.90
CA GLN B 84 3.11 -9.90 5.34
C GLN B 84 1.72 -10.42 5.72
N ILE B 85 1.03 -9.66 6.57
CA ILE B 85 -0.30 -10.03 7.04
C ILE B 85 -1.27 -10.08 5.87
N LEU B 86 -1.17 -9.10 4.99
CA LEU B 86 -2.06 -8.99 3.85
C LEU B 86 -1.82 -10.11 2.84
N LEU B 87 -0.56 -10.27 2.42
CA LEU B 87 -0.24 -11.22 1.35
C LEU B 87 -0.54 -12.64 1.79
N ASP B 88 -0.49 -12.85 3.10
CA ASP B 88 -0.75 -14.16 3.68
C ASP B 88 -2.17 -14.58 3.37
N LYS B 89 -3.09 -13.65 3.52
CA LYS B 89 -4.50 -13.91 3.29
C LYS B 89 -4.83 -13.81 1.82
N LEU B 90 -4.08 -12.98 1.09
CA LEU B 90 -4.25 -12.85 -0.35
C LEU B 90 -3.88 -14.15 -1.06
N ASN B 91 -2.83 -14.80 -0.58
CA ASN B 91 -2.42 -16.08 -1.14
C ASN B 91 -3.24 -17.22 -0.57
N ALA B 92 -3.96 -16.93 0.52
CA ALA B 92 -4.76 -17.95 1.18
C ALA B 92 -6.15 -18.06 0.56
N VAL B 93 -6.41 -17.25 -0.44
CA VAL B 93 -7.70 -17.30 -1.12
C VAL B 93 -7.54 -17.70 -2.58
N LYS B 94 -6.39 -17.36 -3.16
CA LYS B 94 -6.12 -17.68 -4.56
C LYS B 94 -5.53 -19.09 -4.70
N LYS B 95 -6.39 -20.08 -4.78
CA LYS B 95 -5.96 -21.45 -4.98
C LYS B 95 -5.98 -21.78 -6.46
N GLY A 1 5.89 -5.94 -20.09
CA GLY A 1 6.15 -5.16 -18.87
C GLY A 1 7.36 -5.66 -18.11
N PRO A 2 7.84 -4.91 -17.11
CA PRO A 2 9.01 -5.29 -16.33
C PRO A 2 8.73 -6.51 -15.45
N HIS A 3 9.70 -7.40 -15.36
CA HIS A 3 9.57 -8.60 -14.54
C HIS A 3 9.66 -8.26 -13.07
N MET A 4 8.51 -8.20 -12.43
CA MET A 4 8.44 -7.88 -11.01
C MET A 4 8.53 -9.15 -10.18
N PHE A 5 9.34 -9.11 -9.14
CA PHE A 5 9.58 -10.28 -8.30
C PHE A 5 8.41 -10.50 -7.36
N ALA A 6 7.88 -11.72 -7.40
CA ALA A 6 6.69 -12.11 -6.64
C ALA A 6 5.45 -11.33 -7.08
N ASN A 7 4.29 -11.79 -6.68
CA ASN A 7 3.04 -11.17 -7.10
C ASN A 7 2.30 -10.60 -5.89
N GLU A 8 2.89 -10.77 -4.72
CA GLU A 8 2.31 -10.22 -3.50
C GLU A 8 2.16 -8.71 -3.62
N ASN A 9 3.22 -8.05 -4.04
CA ASN A 9 3.21 -6.61 -4.29
C ASN A 9 2.09 -6.23 -5.26
N SER A 10 1.91 -7.04 -6.29
CA SER A 10 0.89 -6.79 -7.29
C SER A 10 -0.49 -6.70 -6.66
N GLN A 11 -0.75 -7.58 -5.69
CA GLN A 11 -2.01 -7.58 -4.99
C GLN A 11 -2.02 -6.51 -3.90
N LEU A 12 -0.87 -6.29 -3.28
CA LEU A 12 -0.70 -5.28 -2.22
C LEU A 12 -1.07 -3.89 -2.75
N LEU A 13 -0.58 -3.57 -3.95
CA LEU A 13 -0.71 -2.25 -4.53
C LEU A 13 -2.18 -1.85 -4.72
N ASP A 14 -2.95 -2.70 -5.38
CA ASP A 14 -4.35 -2.37 -5.67
C ASP A 14 -5.19 -2.38 -4.40
N PHE A 15 -4.72 -3.10 -3.39
CA PHE A 15 -5.35 -3.08 -2.08
C PHE A 15 -5.20 -1.71 -1.45
N ILE A 16 -3.96 -1.21 -1.45
CA ILE A 16 -3.66 0.14 -0.97
C ILE A 16 -4.39 1.16 -1.82
N ARG A 17 -4.52 0.84 -3.10
CA ARG A 17 -5.19 1.69 -4.06
C ARG A 17 -6.66 1.84 -3.71
N GLU A 18 -7.32 0.72 -3.43
CA GLU A 18 -8.72 0.75 -2.99
C GLU A 18 -8.84 1.38 -1.61
N LEU A 19 -7.87 1.09 -0.77
CA LEU A 19 -7.80 1.63 0.57
C LEU A 19 -7.92 3.16 0.54
N GLY A 20 -7.03 3.80 -0.21
CA GLY A 20 -7.04 5.25 -0.30
C GLY A 20 -8.19 5.79 -1.12
N ASP A 21 -8.82 4.93 -1.91
CA ASP A 21 -9.90 5.37 -2.78
C ASP A 21 -11.17 5.67 -1.99
N VAL A 22 -11.43 4.87 -0.97
CA VAL A 22 -12.62 5.05 -0.14
C VAL A 22 -12.29 5.81 1.14
N GLY A 23 -11.01 5.87 1.47
CA GLY A 23 -10.59 6.58 2.65
C GLY A 23 -10.32 5.67 3.83
N LEU A 24 -9.76 4.50 3.54
CA LEU A 24 -9.33 3.59 4.58
C LEU A 24 -7.83 3.73 4.80
N LEU A 25 -7.23 4.55 3.96
CA LEU A 25 -5.82 4.85 4.03
C LEU A 25 -5.61 6.31 4.37
N GLU A 26 -6.72 7.04 4.48
CA GLU A 26 -6.68 8.45 4.75
C GLU A 26 -5.97 8.75 6.07
N TYR A 27 -5.16 9.78 6.06
CA TYR A 27 -4.37 10.14 7.23
C TYR A 27 -4.23 11.65 7.30
N GLU A 28 -3.65 12.13 8.39
CA GLU A 28 -3.38 13.53 8.56
C GLU A 28 -2.18 13.69 9.49
N LEU A 29 -1.19 14.45 9.06
CA LEU A 29 0.03 14.58 9.82
C LEU A 29 0.15 15.94 10.46
N SER A 30 0.40 15.94 11.76
CA SER A 30 0.70 17.15 12.48
C SER A 30 2.18 17.49 12.31
N GLN A 31 2.62 18.65 12.75
CA GLN A 31 4.02 19.03 12.59
C GLN A 31 4.94 18.00 13.23
N GLN A 32 4.53 17.48 14.38
CA GLN A 32 5.32 16.46 15.08
C GLN A 32 5.30 15.15 14.30
N GLU A 33 4.14 14.79 13.77
CA GLU A 33 4.00 13.57 12.98
C GLU A 33 4.80 13.68 11.68
N LYS A 34 4.97 14.91 11.21
CA LYS A 34 5.77 15.16 10.03
C LYS A 34 7.25 15.18 10.39
N ASP A 35 7.54 15.65 11.60
CA ASP A 35 8.91 15.82 12.08
C ASP A 35 9.63 14.48 12.18
N VAL A 36 8.89 13.43 12.49
CA VAL A 36 9.47 12.11 12.63
C VAL A 36 9.67 11.44 11.28
N LEU A 37 8.94 11.89 10.27
CA LEU A 37 8.99 11.30 8.95
C LEU A 37 9.98 12.04 8.05
N PHE A 38 9.78 13.34 7.94
CA PHE A 38 10.60 14.16 7.07
C PHE A 38 11.88 14.56 7.78
N GLY A 39 11.80 14.61 9.10
CA GLY A 39 12.95 14.95 9.93
C GLY A 39 13.45 16.36 9.72
N SER A 40 12.63 17.20 9.11
CA SER A 40 13.02 18.56 8.80
C SER A 40 11.90 19.52 9.20
N MET B 1 -17.96 2.58 12.66
CA MET B 1 -17.79 1.83 11.40
C MET B 1 -17.03 2.68 10.40
N ASN B 2 -16.05 2.08 9.73
CA ASN B 2 -15.28 2.78 8.72
C ASN B 2 -15.78 2.43 7.32
N LYS B 3 -14.95 2.67 6.33
CA LYS B 3 -15.31 2.41 4.94
C LYS B 3 -15.04 0.95 4.59
N THR B 4 -15.31 0.57 3.36
CA THR B 4 -15.03 -0.77 2.89
C THR B 4 -14.40 -0.74 1.51
N LEU B 5 -13.79 -1.84 1.11
CA LEU B 5 -13.13 -1.91 -0.18
C LEU B 5 -14.13 -2.14 -1.29
N LYS B 6 -13.66 -2.05 -2.52
CA LYS B 6 -14.53 -2.11 -3.68
C LYS B 6 -14.56 -3.51 -4.25
N THR B 7 -13.47 -4.23 -4.07
CA THR B 7 -13.40 -5.63 -4.42
C THR B 7 -13.70 -6.48 -3.19
N LYS B 8 -14.68 -7.37 -3.33
CA LYS B 8 -15.11 -8.22 -2.21
C LYS B 8 -14.00 -9.17 -1.79
N ALA B 9 -13.23 -9.63 -2.77
CA ALA B 9 -12.11 -10.54 -2.52
C ALA B 9 -10.96 -9.82 -1.82
N PHE B 10 -11.08 -8.51 -1.69
CA PHE B 10 -10.10 -7.70 -0.99
C PHE B 10 -10.68 -7.20 0.33
N ASP B 11 -11.94 -6.79 0.27
CA ASP B 11 -12.62 -6.20 1.43
C ASP B 11 -12.66 -7.17 2.59
N ASP B 12 -12.87 -8.45 2.29
CA ASP B 12 -13.02 -9.46 3.31
C ASP B 12 -11.78 -9.54 4.19
N ILE B 13 -10.60 -9.39 3.58
CA ILE B 13 -9.36 -9.40 4.33
C ILE B 13 -9.26 -8.19 5.25
N TYR B 14 -9.70 -7.05 4.73
CA TYR B 14 -9.67 -5.81 5.49
C TYR B 14 -10.55 -5.91 6.74
N GLN B 15 -11.57 -6.76 6.67
CA GLN B 15 -12.49 -6.93 7.79
C GLN B 15 -12.04 -8.10 8.66
N ASN B 16 -11.47 -9.12 8.04
CA ASN B 16 -11.07 -10.34 8.75
C ASN B 16 -9.74 -10.16 9.49
N SER B 17 -8.86 -9.35 8.93
CA SER B 17 -7.53 -9.19 9.49
C SER B 17 -7.45 -7.88 10.25
N ALA B 18 -7.77 -7.95 11.53
CA ALA B 18 -7.74 -6.79 12.39
C ALA B 18 -6.31 -6.44 12.76
N GLU B 19 -5.40 -7.38 12.57
CA GLU B 19 -3.98 -7.14 12.80
C GLU B 19 -3.41 -6.35 11.62
N LEU B 20 -4.12 -6.39 10.51
CA LEU B 20 -3.79 -5.59 9.33
C LEU B 20 -4.32 -4.17 9.55
N GLN B 21 -5.44 -4.08 10.25
CA GLN B 21 -6.09 -2.80 10.52
C GLN B 21 -5.33 -1.98 11.56
N GLU B 22 -4.78 -2.63 12.57
CA GLU B 22 -4.07 -1.93 13.64
C GLU B 22 -2.90 -1.12 13.08
N LEU B 23 -2.33 -1.61 11.99
CA LEU B 23 -1.21 -0.95 11.33
C LEU B 23 -1.70 0.31 10.62
N LEU B 24 -2.89 0.21 10.04
CA LEU B 24 -3.49 1.32 9.32
C LEU B 24 -4.10 2.34 10.26
N LYS B 25 -3.78 2.24 11.54
CA LYS B 25 -4.18 3.25 12.50
C LYS B 25 -3.02 4.20 12.76
N TYR B 26 -1.87 3.87 12.20
CA TYR B 26 -0.68 4.71 12.31
C TYR B 26 -0.57 5.59 11.07
N ASN B 27 -0.46 6.89 11.29
CA ASN B 27 -0.37 7.85 10.20
C ASN B 27 0.96 7.74 9.47
N THR B 28 1.96 7.17 10.13
CA THR B 28 3.26 6.93 9.51
C THR B 28 3.10 5.85 8.45
N VAL B 29 2.42 4.79 8.82
CA VAL B 29 2.15 3.68 7.94
C VAL B 29 1.36 4.13 6.73
N LYS B 30 0.18 4.69 7.00
CA LYS B 30 -0.72 5.16 5.95
C LYS B 30 -0.04 6.19 5.04
N PHE B 31 0.85 7.00 5.61
CA PHE B 31 1.53 8.04 4.84
C PHE B 31 2.39 7.45 3.73
N HIS B 32 3.23 6.49 4.09
CA HIS B 32 4.13 5.86 3.13
C HIS B 32 3.34 5.08 2.08
N LEU B 33 2.26 4.46 2.52
CA LEU B 33 1.41 3.68 1.62
C LEU B 33 0.64 4.60 0.66
N ALA B 34 0.21 5.74 1.16
CA ALA B 34 -0.51 6.71 0.34
C ALA B 34 0.39 7.28 -0.75
N LYS B 35 1.68 7.35 -0.45
CA LYS B 35 2.67 7.82 -1.42
C LYS B 35 2.73 6.88 -2.63
N VAL B 36 2.51 5.59 -2.39
CA VAL B 36 2.49 4.63 -3.48
C VAL B 36 1.16 4.67 -4.20
N TYR B 37 0.10 4.94 -3.44
CA TYR B 37 -1.25 5.04 -3.99
C TYR B 37 -1.30 6.13 -5.07
N ARG B 38 -0.63 7.23 -4.82
CA ARG B 38 -0.56 8.31 -5.78
C ARG B 38 0.10 7.84 -7.07
N ILE B 39 1.02 6.90 -6.93
CA ILE B 39 1.73 6.34 -8.07
C ILE B 39 0.82 5.49 -8.92
N LEU B 40 0.08 4.57 -8.28
CA LEU B 40 -0.82 3.66 -9.01
C LEU B 40 -1.84 4.43 -9.84
N SER B 41 -2.15 5.65 -9.41
CA SER B 41 -3.10 6.47 -10.12
C SER B 41 -2.39 7.33 -11.17
N SER B 42 -1.33 8.03 -10.77
CA SER B 42 -0.58 8.88 -11.69
C SER B 42 0.80 9.22 -11.15
N THR B 43 1.84 8.88 -11.89
CA THR B 43 3.19 9.32 -11.55
C THR B 43 3.41 10.73 -12.10
N VAL B 44 2.72 11.05 -13.18
CA VAL B 44 2.79 12.37 -13.77
C VAL B 44 1.41 13.02 -13.75
N ASN B 45 1.30 14.20 -14.35
CA ASN B 45 0.06 14.98 -14.33
C ASN B 45 -0.97 14.43 -15.31
N ASP B 46 -0.70 13.25 -15.84
CA ASP B 46 -1.58 12.61 -16.81
C ASP B 46 -1.09 11.19 -17.10
N GLY B 47 -0.22 11.03 -18.09
CA GLY B 47 0.29 9.72 -18.42
C GLY B 47 -0.62 8.96 -19.37
N SER B 48 -1.36 9.67 -20.19
CA SER B 48 -2.22 9.05 -21.19
C SER B 48 -1.46 8.90 -22.50
N SER B 49 -1.29 7.66 -22.95
CA SER B 49 -0.61 7.38 -24.21
C SER B 49 -1.09 6.06 -24.81
N GLY B 50 -2.24 5.60 -24.34
CA GLY B 50 -2.80 4.35 -24.83
C GLY B 50 -1.96 3.13 -24.47
N LYS B 51 -1.30 3.20 -23.33
CA LYS B 51 -0.45 2.10 -22.88
C LYS B 51 -0.84 1.68 -21.47
N MET B 52 -2.13 1.79 -21.20
CA MET B 52 -2.72 1.37 -19.93
C MET B 52 -2.32 2.27 -18.76
N ASN B 53 -1.03 2.64 -18.72
CA ASN B 53 -0.49 3.58 -17.73
C ASN B 53 -0.39 2.94 -16.35
N SER B 54 -1.53 2.56 -15.78
CA SER B 54 -1.60 2.04 -14.42
C SER B 54 -0.72 0.80 -14.26
N ASP B 55 -0.57 0.04 -15.35
CA ASP B 55 0.26 -1.16 -15.34
C ASP B 55 1.72 -0.80 -15.06
N LEU B 56 2.17 0.29 -15.66
CA LEU B 56 3.54 0.76 -15.49
C LEU B 56 3.70 1.35 -14.10
N GLN B 57 2.60 1.82 -13.53
CA GLN B 57 2.61 2.42 -12.21
C GLN B 57 2.86 1.38 -11.14
N LYS B 58 2.54 0.12 -11.45
CA LYS B 58 2.81 -0.99 -10.53
C LYS B 58 4.29 -1.05 -10.20
N GLU B 59 5.13 -0.96 -11.22
CA GLU B 59 6.58 -0.96 -11.05
C GLU B 59 7.00 0.09 -10.03
N LEU B 60 6.68 1.33 -10.33
CA LEU B 60 7.11 2.46 -9.51
C LEU B 60 6.55 2.34 -8.10
N ALA B 61 5.35 1.78 -7.98
CA ALA B 61 4.73 1.57 -6.68
C ALA B 61 5.54 0.56 -5.86
N VAL B 62 5.91 -0.55 -6.49
CA VAL B 62 6.72 -1.57 -5.82
C VAL B 62 8.07 -0.99 -5.40
N ASN B 63 8.59 -0.08 -6.21
CA ASN B 63 9.85 0.60 -5.92
C ASN B 63 9.79 1.32 -4.57
N TYR B 64 8.58 1.70 -4.16
CA TYR B 64 8.40 2.38 -2.88
C TYR B 64 8.30 1.36 -1.76
N LEU B 65 7.60 0.26 -2.01
CA LEU B 65 7.48 -0.81 -1.02
C LEU B 65 8.85 -1.44 -0.77
N ASN B 66 9.68 -1.47 -1.81
CA ASN B 66 11.04 -2.01 -1.69
C ASN B 66 11.84 -1.26 -0.63
N THR B 67 11.56 0.03 -0.48
CA THR B 67 12.27 0.83 0.50
C THR B 67 11.61 0.73 1.87
N LEU B 68 10.52 -0.02 1.94
CA LEU B 68 9.76 -0.16 3.18
C LEU B 68 9.84 -1.59 3.72
N ARG B 69 10.55 -2.44 3.01
CA ARG B 69 10.76 -3.82 3.47
C ARG B 69 12.03 -3.89 4.29
N TYR B 70 12.19 -4.96 5.08
CA TYR B 70 13.39 -5.14 5.90
C TYR B 70 14.65 -4.92 5.08
N GLY B 71 15.48 -3.99 5.54
CA GLY B 71 16.68 -3.66 4.81
C GLY B 71 16.44 -2.54 3.82
N GLY B 72 15.97 -1.41 4.32
CA GLY B 72 15.69 -0.28 3.47
C GLY B 72 16.12 1.02 4.10
N ILE B 73 15.70 2.13 3.51
CA ILE B 73 16.12 3.44 3.98
C ILE B 73 15.16 4.01 5.02
N HIS B 74 13.86 3.89 4.77
CA HIS B 74 12.86 4.41 5.69
C HIS B 74 11.82 3.34 5.98
N TYR B 75 12.28 2.10 6.13
CA TYR B 75 11.37 0.99 6.27
C TYR B 75 10.79 0.93 7.67
N ASN B 76 9.49 0.66 7.73
CA ASN B 76 8.78 0.54 8.99
C ASN B 76 8.30 -0.87 9.16
N GLU B 77 8.34 -1.37 10.39
CA GLU B 77 7.92 -2.73 10.68
C GLU B 77 6.43 -2.89 10.44
N ALA B 78 5.68 -1.81 10.57
CA ALA B 78 4.25 -1.85 10.34
C ALA B 78 3.94 -2.00 8.86
N ILE B 79 4.85 -1.52 8.02
CA ILE B 79 4.67 -1.66 6.57
C ILE B 79 4.99 -3.09 6.15
N GLU B 80 6.02 -3.66 6.77
CA GLU B 80 6.39 -5.04 6.48
C GLU B 80 5.30 -5.98 7.01
N GLU B 81 4.83 -5.70 8.22
CA GLU B 81 3.69 -6.42 8.78
C GLU B 81 2.50 -6.30 7.84
N PHE B 82 2.27 -5.08 7.35
CA PHE B 82 1.21 -4.82 6.39
C PHE B 82 1.32 -5.76 5.21
N CYS B 83 2.48 -5.74 4.56
CA CYS B 83 2.73 -6.59 3.40
C CYS B 83 2.49 -8.06 3.75
N GLN B 84 3.09 -8.51 4.85
CA GLN B 84 3.04 -9.93 5.22
C GLN B 84 1.62 -10.38 5.56
N ILE B 85 1.00 -9.70 6.50
CA ILE B 85 -0.35 -10.04 6.95
C ILE B 85 -1.34 -9.97 5.79
N LEU B 86 -1.19 -8.95 4.97
CA LEU B 86 -2.09 -8.72 3.86
C LEU B 86 -1.89 -9.77 2.77
N LEU B 87 -0.65 -9.96 2.33
CA LEU B 87 -0.37 -10.86 1.23
C LEU B 87 -0.71 -12.29 1.60
N ASP B 88 -0.63 -12.57 2.90
CA ASP B 88 -0.94 -13.89 3.44
C ASP B 88 -2.35 -14.29 3.06
N LYS B 89 -3.27 -13.36 3.29
CA LYS B 89 -4.68 -13.59 3.02
C LYS B 89 -4.96 -13.41 1.54
N LEU B 90 -4.23 -12.50 0.90
CA LEU B 90 -4.40 -12.26 -0.53
C LEU B 90 -3.99 -13.47 -1.35
N ASN B 91 -3.01 -14.23 -0.86
CA ASN B 91 -2.59 -15.45 -1.54
C ASN B 91 -3.36 -16.65 -1.04
N ALA B 92 -4.16 -16.44 0.00
CA ALA B 92 -4.96 -17.52 0.58
C ALA B 92 -6.25 -17.72 -0.18
N VAL B 93 -6.53 -16.81 -1.08
CA VAL B 93 -7.73 -16.88 -1.90
C VAL B 93 -7.38 -17.29 -3.33
N LYS B 94 -6.14 -17.01 -3.72
CA LYS B 94 -5.67 -17.29 -5.06
C LYS B 94 -5.74 -18.78 -5.35
N LYS B 95 -6.34 -19.12 -6.49
CA LYS B 95 -6.44 -20.51 -6.90
C LYS B 95 -5.13 -20.97 -7.52
N GLY A 1 18.87 -16.27 -6.93
CA GLY A 1 19.47 -15.70 -5.70
C GLY A 1 18.57 -15.89 -4.49
N PRO A 2 18.86 -15.21 -3.37
CA PRO A 2 18.07 -15.32 -2.16
C PRO A 2 16.87 -14.38 -2.13
N HIS A 3 15.70 -14.94 -1.83
CA HIS A 3 14.46 -14.17 -1.70
C HIS A 3 14.11 -13.43 -2.97
N MET A 4 13.30 -14.07 -3.80
CA MET A 4 12.83 -13.46 -5.02
C MET A 4 11.53 -12.70 -4.76
N PHE A 5 11.33 -11.61 -5.50
CA PHE A 5 10.14 -10.81 -5.33
C PHE A 5 8.98 -11.44 -6.08
N ALA A 6 7.82 -11.46 -5.44
CA ALA A 6 6.66 -12.11 -5.99
C ALA A 6 5.54 -11.11 -6.25
N ASN A 7 4.41 -11.61 -6.74
CA ASN A 7 3.32 -10.74 -7.15
C ASN A 7 2.45 -10.36 -5.96
N GLU A 8 2.97 -10.56 -4.76
CA GLU A 8 2.31 -10.12 -3.55
C GLU A 8 2.11 -8.61 -3.58
N ASN A 9 3.14 -7.90 -4.02
CA ASN A 9 3.12 -6.44 -4.06
C ASN A 9 2.00 -5.96 -4.97
N SER A 10 1.81 -6.66 -6.09
CA SER A 10 0.77 -6.32 -7.05
C SER A 10 -0.61 -6.28 -6.39
N GLN A 11 -0.89 -7.27 -5.54
CA GLN A 11 -2.17 -7.32 -4.84
C GLN A 11 -2.22 -6.24 -3.78
N LEU A 12 -1.10 -6.03 -3.11
CA LEU A 12 -0.97 -5.00 -2.08
C LEU A 12 -1.27 -3.62 -2.66
N LEU A 13 -0.73 -3.36 -3.85
CA LEU A 13 -0.88 -2.06 -4.50
C LEU A 13 -2.34 -1.69 -4.72
N ASP A 14 -3.10 -2.58 -5.33
CA ASP A 14 -4.49 -2.30 -5.65
C ASP A 14 -5.33 -2.23 -4.38
N PHE A 15 -4.89 -2.96 -3.36
CA PHE A 15 -5.52 -2.94 -2.05
C PHE A 15 -5.40 -1.55 -1.44
N ILE A 16 -4.18 -1.03 -1.40
CA ILE A 16 -3.91 0.32 -0.90
C ILE A 16 -4.59 1.35 -1.80
N ARG A 17 -4.66 1.02 -3.07
CA ARG A 17 -5.32 1.86 -4.07
C ARG A 17 -6.79 2.05 -3.73
N GLU A 18 -7.50 0.97 -3.46
CA GLU A 18 -8.90 1.05 -3.07
C GLU A 18 -9.03 1.64 -1.67
N LEU A 19 -8.09 1.29 -0.81
CA LEU A 19 -8.01 1.80 0.54
C LEU A 19 -8.07 3.33 0.56
N GLY A 20 -7.19 3.95 -0.23
CA GLY A 20 -7.17 5.40 -0.30
C GLY A 20 -8.29 5.96 -1.15
N ASP A 21 -8.88 5.13 -2.00
CA ASP A 21 -9.95 5.58 -2.88
C ASP A 21 -11.24 5.78 -2.10
N VAL A 22 -11.46 4.95 -1.08
CA VAL A 22 -12.65 5.06 -0.26
C VAL A 22 -12.36 5.92 0.96
N GLY A 23 -11.09 6.10 1.27
CA GLY A 23 -10.70 7.00 2.32
C GLY A 23 -10.33 6.31 3.63
N LEU A 24 -9.88 5.08 3.54
CA LEU A 24 -9.45 4.32 4.72
C LEU A 24 -7.95 4.38 4.88
N LEU A 25 -7.28 4.82 3.83
CA LEU A 25 -5.83 4.94 3.82
C LEU A 25 -5.44 6.39 4.13
N GLU A 26 -6.38 7.29 3.86
CA GLU A 26 -6.20 8.70 4.17
C GLU A 26 -5.82 8.91 5.63
N TYR A 27 -5.08 9.97 5.90
CA TYR A 27 -4.43 10.13 7.19
C TYR A 27 -4.32 11.61 7.57
N GLU A 28 -3.79 11.85 8.77
CA GLU A 28 -3.55 13.19 9.26
C GLU A 28 -2.26 13.19 10.08
N LEU A 29 -1.38 14.13 9.82
CA LEU A 29 -0.09 14.18 10.49
C LEU A 29 0.07 15.43 11.32
N SER A 30 0.52 15.25 12.55
CA SER A 30 0.83 16.37 13.43
C SER A 30 2.21 16.90 13.10
N GLN A 31 2.57 18.05 13.64
CA GLN A 31 3.88 18.64 13.40
C GLN A 31 5.00 17.65 13.70
N GLN A 32 4.86 16.96 14.83
CA GLN A 32 5.84 15.98 15.27
C GLN A 32 5.91 14.83 14.28
N GLU A 33 4.75 14.36 13.85
CA GLU A 33 4.65 13.25 12.92
C GLU A 33 5.21 13.64 11.55
N LYS A 34 5.09 14.90 11.21
CA LYS A 34 5.59 15.40 9.93
C LYS A 34 7.10 15.55 9.98
N ASP A 35 7.61 15.80 11.17
CA ASP A 35 9.04 16.04 11.36
C ASP A 35 9.82 14.73 11.22
N VAL A 36 9.20 13.63 11.60
CA VAL A 36 9.86 12.33 11.52
C VAL A 36 9.72 11.72 10.12
N LEU A 37 8.67 12.10 9.41
CA LEU A 37 8.40 11.53 8.09
C LEU A 37 8.99 12.38 6.97
N PHE A 38 8.70 13.66 6.99
CA PHE A 38 9.25 14.57 6.00
C PHE A 38 10.67 14.96 6.38
N GLY A 39 10.89 15.05 7.69
CA GLY A 39 12.16 15.51 8.20
C GLY A 39 12.16 17.01 8.43
N SER A 40 11.15 17.67 7.89
CA SER A 40 11.00 19.10 8.05
C SER A 40 9.53 19.47 7.88
N MET B 1 -18.73 0.95 10.57
CA MET B 1 -18.81 2.42 10.83
C MET B 1 -17.92 3.19 9.83
N ASN B 2 -16.88 2.54 9.34
CA ASN B 2 -15.99 3.18 8.37
C ASN B 2 -16.30 2.67 6.97
N LYS B 3 -15.39 2.93 6.05
CA LYS B 3 -15.61 2.54 4.65
C LYS B 3 -15.38 1.05 4.45
N THR B 4 -15.46 0.63 3.21
CA THR B 4 -15.17 -0.73 2.81
C THR B 4 -14.50 -0.71 1.45
N LEU B 5 -13.86 -1.81 1.08
CA LEU B 5 -13.15 -1.87 -0.18
C LEU B 5 -14.12 -2.06 -1.34
N LYS B 6 -13.61 -1.92 -2.55
CA LYS B 6 -14.45 -1.93 -3.73
C LYS B 6 -14.44 -3.30 -4.37
N THR B 7 -13.32 -4.00 -4.24
CA THR B 7 -13.22 -5.37 -4.68
C THR B 7 -13.48 -6.32 -3.52
N LYS B 8 -14.44 -7.21 -3.69
CA LYS B 8 -14.83 -8.13 -2.62
C LYS B 8 -13.73 -9.13 -2.32
N ALA B 9 -12.96 -9.49 -3.34
CA ALA B 9 -11.82 -10.38 -3.17
C ALA B 9 -10.78 -9.76 -2.25
N PHE B 10 -10.85 -8.44 -2.09
CA PHE B 10 -9.94 -7.71 -1.23
C PHE B 10 -10.64 -7.30 0.07
N ASP B 11 -11.89 -6.88 -0.07
CA ASP B 11 -12.68 -6.38 1.05
C ASP B 11 -12.80 -7.42 2.16
N ASP B 12 -12.87 -8.69 1.76
CA ASP B 12 -12.97 -9.79 2.72
C ASP B 12 -11.81 -9.74 3.71
N ILE B 13 -10.61 -9.56 3.20
CA ILE B 13 -9.42 -9.54 4.03
C ILE B 13 -9.41 -8.33 4.95
N TYR B 14 -9.83 -7.17 4.42
CA TYR B 14 -9.79 -5.94 5.18
C TYR B 14 -10.61 -6.05 6.48
N GLN B 15 -11.75 -6.72 6.41
CA GLN B 15 -12.57 -6.93 7.59
C GLN B 15 -12.03 -8.07 8.42
N ASN B 16 -11.44 -9.03 7.76
CA ASN B 16 -10.98 -10.25 8.40
C ASN B 16 -9.48 -10.22 8.73
N SER B 17 -8.97 -9.03 8.98
CA SER B 17 -7.59 -8.89 9.42
C SER B 17 -7.44 -7.70 10.37
N ALA B 18 -7.75 -7.93 11.64
CA ALA B 18 -7.61 -6.91 12.66
C ALA B 18 -6.13 -6.62 12.92
N GLU B 19 -5.30 -7.63 12.68
CA GLU B 19 -3.86 -7.49 12.83
C GLU B 19 -3.30 -6.59 11.72
N LEU B 20 -4.03 -6.51 10.62
CA LEU B 20 -3.67 -5.61 9.54
C LEU B 20 -4.21 -4.21 9.80
N GLN B 21 -5.47 -4.15 10.22
CA GLN B 21 -6.16 -2.88 10.44
C GLN B 21 -5.43 -2.05 11.48
N GLU B 22 -4.74 -2.71 12.39
CA GLU B 22 -4.04 -2.02 13.46
C GLU B 22 -2.80 -1.33 12.91
N LEU B 23 -2.30 -1.82 11.79
CA LEU B 23 -1.13 -1.22 11.15
C LEU B 23 -1.53 0.05 10.43
N LEU B 24 -2.79 0.10 10.01
CA LEU B 24 -3.33 1.28 9.36
C LEU B 24 -3.76 2.31 10.40
N LYS B 25 -3.47 2.03 11.67
CA LYS B 25 -3.72 2.99 12.73
C LYS B 25 -2.49 3.86 12.94
N TYR B 26 -1.38 3.44 12.35
CA TYR B 26 -0.14 4.21 12.40
C TYR B 26 -0.13 5.22 11.26
N ASN B 27 0.06 6.48 11.60
CA ASN B 27 0.07 7.55 10.62
C ASN B 27 1.34 7.53 9.79
N THR B 28 2.38 6.91 10.33
CA THR B 28 3.63 6.73 9.62
C THR B 28 3.43 5.76 8.48
N VAL B 29 2.76 4.66 8.81
CA VAL B 29 2.47 3.60 7.86
C VAL B 29 1.60 4.12 6.72
N LYS B 30 0.42 4.61 7.08
CA LYS B 30 -0.52 5.16 6.10
C LYS B 30 0.12 6.25 5.23
N PHE B 31 1.01 7.04 5.83
CA PHE B 31 1.68 8.11 5.12
C PHE B 31 2.49 7.56 3.94
N HIS B 32 3.31 6.56 4.22
CA HIS B 32 4.17 5.96 3.22
C HIS B 32 3.34 5.20 2.18
N LEU B 33 2.29 4.53 2.66
CA LEU B 33 1.41 3.76 1.78
C LEU B 33 0.63 4.69 0.85
N ALA B 34 0.29 5.87 1.35
CA ALA B 34 -0.41 6.85 0.53
C ALA B 34 0.46 7.34 -0.61
N LYS B 35 1.76 7.37 -0.37
CA LYS B 35 2.71 7.80 -1.39
C LYS B 35 2.73 6.82 -2.55
N VAL B 36 2.40 5.55 -2.29
CA VAL B 36 2.36 4.56 -3.35
C VAL B 36 1.02 4.63 -4.06
N TYR B 37 -0.04 4.94 -3.30
CA TYR B 37 -1.37 5.12 -3.88
C TYR B 37 -1.35 6.24 -4.91
N ARG B 38 -0.63 7.31 -4.57
CA ARG B 38 -0.46 8.43 -5.48
C ARG B 38 0.17 7.97 -6.78
N ILE B 39 1.08 7.02 -6.66
CA ILE B 39 1.74 6.44 -7.82
C ILE B 39 0.75 5.71 -8.71
N LEU B 40 0.01 4.76 -8.14
CA LEU B 40 -0.95 3.99 -8.91
C LEU B 40 -1.96 4.91 -9.61
N SER B 41 -2.23 6.05 -8.99
CA SER B 41 -3.12 7.02 -9.60
C SER B 41 -2.39 7.77 -10.71
N SER B 42 -1.20 8.31 -10.40
CA SER B 42 -0.38 9.03 -11.37
C SER B 42 0.96 9.42 -10.75
N THR B 43 2.05 8.88 -11.28
CA THR B 43 3.38 9.32 -10.86
C THR B 43 3.85 10.43 -11.80
N VAL B 44 3.32 10.42 -13.02
CA VAL B 44 3.62 11.45 -14.01
C VAL B 44 2.36 11.83 -14.78
N ASN B 45 2.38 13.01 -15.36
CA ASN B 45 1.25 13.52 -16.12
C ASN B 45 1.43 13.23 -17.61
N ASP B 46 2.12 12.13 -17.89
CA ASP B 46 2.45 11.77 -19.26
C ASP B 46 1.30 10.99 -19.89
N GLY B 47 0.97 9.84 -19.32
CA GLY B 47 -0.07 9.01 -19.89
C GLY B 47 0.41 8.31 -21.14
N SER B 48 1.41 7.45 -20.97
CA SER B 48 1.98 6.71 -22.08
C SER B 48 0.92 5.84 -22.75
N SER B 49 0.65 6.14 -24.01
CA SER B 49 -0.43 5.47 -24.73
C SER B 49 0.10 4.41 -25.67
N GLY B 50 1.41 4.38 -25.82
CA GLY B 50 2.05 3.36 -26.64
C GLY B 50 2.51 2.20 -25.80
N LYS B 51 2.79 2.50 -24.55
CA LYS B 51 3.13 1.50 -23.56
C LYS B 51 2.30 1.75 -22.32
N MET B 52 1.24 0.96 -22.19
CA MET B 52 0.24 1.11 -21.13
C MET B 52 0.84 1.60 -19.83
N ASN B 53 0.38 2.76 -19.41
CA ASN B 53 0.95 3.48 -18.29
C ASN B 53 0.55 2.83 -16.98
N SER B 54 -0.60 2.17 -17.00
CA SER B 54 -1.12 1.51 -15.81
C SER B 54 -0.14 0.43 -15.33
N ASP B 55 0.36 -0.36 -16.27
CA ASP B 55 1.26 -1.46 -15.93
C ASP B 55 2.58 -0.94 -15.36
N LEU B 56 3.02 0.21 -15.90
CA LEU B 56 4.29 0.76 -15.49
C LEU B 56 4.17 1.44 -14.13
N GLN B 57 2.98 1.93 -13.82
CA GLN B 57 2.73 2.54 -12.51
C GLN B 57 2.94 1.53 -11.39
N LYS B 58 2.62 0.28 -11.65
CA LYS B 58 2.83 -0.79 -10.67
C LYS B 58 4.31 -0.93 -10.34
N GLU B 59 5.16 -0.75 -11.34
CA GLU B 59 6.60 -0.83 -11.14
C GLU B 59 7.04 0.23 -10.13
N LEU B 60 6.73 1.48 -10.44
CA LEU B 60 7.09 2.59 -9.57
C LEU B 60 6.49 2.43 -8.19
N ALA B 61 5.28 1.87 -8.14
CA ALA B 61 4.61 1.61 -6.87
C ALA B 61 5.41 0.63 -6.03
N VAL B 62 5.76 -0.52 -6.61
CA VAL B 62 6.54 -1.54 -5.90
C VAL B 62 7.91 -0.98 -5.49
N ASN B 63 8.44 -0.08 -6.30
CA ASN B 63 9.73 0.56 -6.00
C ASN B 63 9.70 1.27 -4.66
N TYR B 64 8.52 1.77 -4.27
CA TYR B 64 8.37 2.46 -3.00
C TYR B 64 8.27 1.46 -1.86
N LEU B 65 7.52 0.39 -2.05
CA LEU B 65 7.36 -0.63 -1.02
C LEU B 65 8.70 -1.26 -0.69
N ASN B 66 9.56 -1.40 -1.70
CA ASN B 66 10.89 -1.97 -1.48
C ASN B 66 11.71 -1.13 -0.52
N THR B 67 11.50 0.18 -0.53
CA THR B 67 12.22 1.07 0.37
C THR B 67 11.57 1.09 1.74
N LEU B 68 10.43 0.41 1.87
CA LEU B 68 9.68 0.40 3.11
C LEU B 68 9.72 -0.96 3.78
N ARG B 69 10.36 -1.92 3.14
CA ARG B 69 10.46 -3.26 3.67
C ARG B 69 11.89 -3.56 4.10
N TYR B 70 12.17 -4.79 4.51
CA TYR B 70 13.50 -5.15 5.01
C TYR B 70 14.61 -4.74 4.05
N GLY B 71 15.47 -3.84 4.50
CA GLY B 71 16.56 -3.37 3.68
C GLY B 71 16.21 -2.11 2.92
N GLY B 72 15.38 -1.27 3.51
CA GLY B 72 15.04 -0.01 2.88
C GLY B 72 15.76 1.15 3.52
N ILE B 73 15.23 2.35 3.32
CA ILE B 73 15.85 3.56 3.82
C ILE B 73 14.98 4.25 4.85
N HIS B 74 13.67 4.23 4.62
CA HIS B 74 12.71 4.74 5.59
C HIS B 74 11.70 3.64 5.90
N TYR B 75 12.21 2.43 6.03
CA TYR B 75 11.37 1.27 6.13
C TYR B 75 10.86 1.08 7.55
N ASN B 76 9.61 0.68 7.66
CA ASN B 76 8.97 0.52 8.95
C ASN B 76 8.60 -0.93 9.15
N GLU B 77 8.63 -1.38 10.39
CA GLU B 77 8.28 -2.74 10.73
C GLU B 77 6.81 -3.02 10.40
N ALA B 78 5.99 -1.97 10.46
CA ALA B 78 4.57 -2.12 10.20
C ALA B 78 4.29 -2.25 8.71
N ILE B 79 5.15 -1.69 7.86
CA ILE B 79 4.98 -1.82 6.43
C ILE B 79 5.25 -3.25 6.00
N GLU B 80 6.29 -3.84 6.57
CA GLU B 80 6.62 -5.22 6.29
C GLU B 80 5.50 -6.13 6.79
N GLU B 81 5.05 -5.89 8.01
CA GLU B 81 3.94 -6.65 8.58
C GLU B 81 2.68 -6.45 7.75
N PHE B 82 2.47 -5.22 7.28
CA PHE B 82 1.35 -4.91 6.41
C PHE B 82 1.36 -5.83 5.20
N CYS B 83 2.51 -5.87 4.54
CA CYS B 83 2.69 -6.74 3.39
C CYS B 83 2.47 -8.19 3.78
N GLN B 84 3.12 -8.62 4.87
CA GLN B 84 3.07 -10.03 5.30
C GLN B 84 1.65 -10.46 5.64
N ILE B 85 1.00 -9.70 6.51
CA ILE B 85 -0.34 -10.03 6.96
C ILE B 85 -1.36 -9.95 5.83
N LEU B 86 -1.22 -8.94 4.99
CA LEU B 86 -2.14 -8.75 3.88
C LEU B 86 -1.98 -9.87 2.86
N LEU B 87 -0.75 -10.12 2.42
CA LEU B 87 -0.51 -11.14 1.41
C LEU B 87 -0.83 -12.52 1.98
N ASP B 88 -0.71 -12.63 3.30
CA ASP B 88 -1.01 -13.86 4.03
C ASP B 88 -2.42 -14.32 3.70
N LYS B 89 -3.37 -13.40 3.83
CA LYS B 89 -4.77 -13.71 3.59
C LYS B 89 -5.05 -13.74 2.10
N LEU B 90 -4.37 -12.86 1.35
CA LEU B 90 -4.53 -12.78 -0.10
C LEU B 90 -4.07 -14.05 -0.79
N ASN B 91 -3.16 -14.79 -0.16
CA ASN B 91 -2.72 -16.06 -0.69
C ASN B 91 -3.42 -17.23 0.01
N ALA B 92 -4.10 -16.93 1.11
CA ALA B 92 -4.81 -17.95 1.87
C ALA B 92 -6.15 -18.27 1.22
N VAL B 93 -6.49 -17.53 0.20
CA VAL B 93 -7.72 -17.76 -0.55
C VAL B 93 -7.43 -18.67 -1.74
N LYS B 94 -6.17 -18.72 -2.13
CA LYS B 94 -5.73 -19.47 -3.30
C LYS B 94 -5.58 -20.95 -2.97
N LYS B 95 -6.70 -21.62 -2.78
CA LYS B 95 -6.69 -23.05 -2.53
C LYS B 95 -7.00 -23.81 -3.81
N GLY A 1 20.71 -16.71 -9.40
CA GLY A 1 20.50 -15.27 -9.14
C GLY A 1 19.77 -15.04 -7.83
N PRO A 2 19.82 -13.82 -7.29
CA PRO A 2 19.19 -13.50 -6.00
C PRO A 2 17.68 -13.32 -6.09
N HIS A 3 17.10 -13.79 -7.21
CA HIS A 3 15.66 -13.69 -7.44
C HIS A 3 15.21 -12.24 -7.50
N MET A 4 13.91 -12.02 -7.57
CA MET A 4 13.36 -10.68 -7.68
C MET A 4 12.10 -10.55 -6.84
N PHE A 5 11.43 -9.42 -6.95
CA PHE A 5 10.16 -9.22 -6.27
C PHE A 5 9.04 -9.82 -7.09
N ALA A 6 8.09 -10.46 -6.40
CA ALA A 6 7.03 -11.20 -7.04
C ALA A 6 5.78 -10.36 -7.18
N ASN A 7 4.81 -10.87 -7.93
CA ASN A 7 3.63 -10.10 -8.30
C ASN A 7 2.65 -10.00 -7.14
N GLU A 8 3.03 -10.57 -6.00
CA GLU A 8 2.31 -10.37 -4.76
C GLU A 8 2.18 -8.88 -4.46
N ASN A 9 3.24 -8.14 -4.77
CA ASN A 9 3.29 -6.71 -4.55
C ASN A 9 2.20 -6.00 -5.33
N SER A 10 1.82 -6.56 -6.47
CA SER A 10 0.78 -5.97 -7.29
C SER A 10 -0.55 -6.01 -6.57
N GLN A 11 -0.72 -7.00 -5.68
CA GLN A 11 -1.93 -7.13 -4.89
C GLN A 11 -1.91 -6.10 -3.77
N LEU A 12 -0.71 -5.86 -3.25
CA LEU A 12 -0.48 -4.81 -2.27
C LEU A 12 -0.93 -3.47 -2.82
N LEU A 13 -0.49 -3.18 -4.04
CA LEU A 13 -0.74 -1.91 -4.68
C LEU A 13 -2.23 -1.62 -4.80
N ASP A 14 -2.95 -2.55 -5.42
CA ASP A 14 -4.38 -2.35 -5.65
C ASP A 14 -5.14 -2.34 -4.33
N PHE A 15 -4.64 -3.07 -3.34
CA PHE A 15 -5.23 -3.08 -2.02
C PHE A 15 -5.14 -1.68 -1.39
N ILE A 16 -3.92 -1.17 -1.28
CA ILE A 16 -3.67 0.16 -0.75
C ILE A 16 -4.41 1.21 -1.59
N ARG A 17 -4.45 0.95 -2.88
CA ARG A 17 -5.15 1.80 -3.84
C ARG A 17 -6.63 1.92 -3.48
N GLU A 18 -7.24 0.80 -3.13
CA GLU A 18 -8.66 0.79 -2.75
C GLU A 18 -8.86 1.44 -1.39
N LEU A 19 -7.90 1.26 -0.49
CA LEU A 19 -7.94 1.92 0.82
C LEU A 19 -8.10 3.42 0.65
N GLY A 20 -7.21 4.03 -0.14
CA GLY A 20 -7.28 5.46 -0.37
C GLY A 20 -8.50 5.88 -1.15
N ASP A 21 -8.94 5.03 -2.07
CA ASP A 21 -10.06 5.36 -2.96
C ASP A 21 -11.36 5.55 -2.18
N VAL A 22 -11.54 4.76 -1.12
CA VAL A 22 -12.76 4.84 -0.31
C VAL A 22 -12.53 5.72 0.90
N GLY A 23 -11.29 6.14 1.09
CA GLY A 23 -10.97 7.07 2.15
C GLY A 23 -10.64 6.39 3.46
N LEU A 24 -10.06 5.20 3.39
CA LEU A 24 -9.62 4.50 4.58
C LEU A 24 -8.12 4.65 4.77
N LEU A 25 -7.51 5.40 3.86
CA LEU A 25 -6.09 5.68 3.93
C LEU A 25 -5.85 7.16 4.19
N GLU A 26 -6.91 7.94 4.08
CA GLU A 26 -6.84 9.38 4.26
C GLU A 26 -6.36 9.73 5.66
N TYR A 27 -5.38 10.61 5.73
CA TYR A 27 -4.73 10.97 6.99
C TYR A 27 -4.46 12.47 7.03
N GLU A 28 -4.03 12.94 8.19
CA GLU A 28 -3.73 14.35 8.39
C GLU A 28 -2.67 14.47 9.48
N LEU A 29 -1.44 14.71 9.07
CA LEU A 29 -0.32 14.69 10.00
C LEU A 29 -0.14 16.02 10.70
N SER A 30 0.29 15.95 11.96
CA SER A 30 0.67 17.12 12.71
C SER A 30 2.13 17.46 12.40
N GLN A 31 2.61 18.62 12.81
CA GLN A 31 3.98 19.02 12.53
C GLN A 31 4.97 18.01 13.10
N GLN A 32 4.67 17.50 14.28
CA GLN A 32 5.53 16.50 14.91
C GLN A 32 5.51 15.19 14.11
N GLU A 33 4.33 14.82 13.63
CA GLU A 33 4.19 13.61 12.83
C GLU A 33 4.90 13.76 11.50
N LYS A 34 5.01 15.00 11.03
CA LYS A 34 5.72 15.29 9.80
C LYS A 34 7.22 15.32 10.03
N ASP A 35 7.59 15.77 11.23
CA ASP A 35 8.99 15.93 11.59
C ASP A 35 9.70 14.59 11.66
N VAL A 36 8.99 13.57 12.10
CA VAL A 36 9.56 12.25 12.26
C VAL A 36 9.66 11.53 10.92
N LEU A 37 8.83 11.93 9.96
CA LEU A 37 8.80 11.28 8.66
C LEU A 37 9.69 12.00 7.66
N PHE A 38 9.45 13.30 7.50
CA PHE A 38 10.22 14.11 6.57
C PHE A 38 11.60 14.39 7.13
N GLY A 39 11.68 14.44 8.45
CA GLY A 39 12.95 14.64 9.11
C GLY A 39 13.65 13.32 9.36
N SER A 40 12.86 12.26 9.43
CA SER A 40 13.36 10.91 9.66
C SER A 40 14.21 10.86 10.94
N MET B 1 -16.97 2.80 12.70
CA MET B 1 -17.68 3.05 11.42
C MET B 1 -16.70 3.48 10.34
N ASN B 2 -16.29 2.53 9.52
CA ASN B 2 -15.37 2.79 8.43
C ASN B 2 -15.91 2.19 7.14
N LYS B 3 -15.41 2.70 6.03
CA LYS B 3 -15.82 2.24 4.72
C LYS B 3 -15.34 0.83 4.45
N THR B 4 -15.81 0.27 3.35
CA THR B 4 -15.36 -1.03 2.89
C THR B 4 -14.52 -0.85 1.65
N LEU B 5 -13.94 -1.93 1.17
CA LEU B 5 -13.15 -1.86 -0.06
C LEU B 5 -14.04 -1.98 -1.27
N LYS B 6 -13.44 -1.83 -2.43
CA LYS B 6 -14.19 -1.86 -3.68
C LYS B 6 -14.35 -3.30 -4.13
N THR B 7 -13.25 -4.02 -4.13
CA THR B 7 -13.26 -5.43 -4.43
C THR B 7 -13.58 -6.22 -3.18
N LYS B 8 -14.60 -7.07 -3.26
CA LYS B 8 -15.01 -7.88 -2.13
C LYS B 8 -13.94 -8.92 -1.79
N ALA B 9 -13.24 -9.38 -2.82
CA ALA B 9 -12.14 -10.32 -2.64
C ALA B 9 -11.01 -9.68 -1.84
N PHE B 10 -10.98 -8.35 -1.85
CA PHE B 10 -10.00 -7.58 -1.07
C PHE B 10 -10.61 -7.21 0.28
N ASP B 11 -11.84 -6.72 0.23
CA ASP B 11 -12.54 -6.23 1.41
C ASP B 11 -12.58 -7.29 2.51
N ASP B 12 -12.76 -8.54 2.10
CA ASP B 12 -12.82 -9.66 3.03
C ASP B 12 -11.68 -9.62 4.03
N ILE B 13 -10.46 -9.54 3.51
CA ILE B 13 -9.28 -9.57 4.35
C ILE B 13 -9.18 -8.31 5.22
N TYR B 14 -9.51 -7.17 4.62
CA TYR B 14 -9.44 -5.90 5.34
C TYR B 14 -10.38 -5.90 6.54
N GLN B 15 -11.53 -6.54 6.40
CA GLN B 15 -12.49 -6.61 7.50
C GLN B 15 -12.13 -7.75 8.44
N ASN B 16 -11.34 -8.70 7.96
CA ASN B 16 -11.01 -9.89 8.72
C ASN B 16 -9.53 -9.96 9.08
N SER B 17 -8.91 -8.81 9.28
CA SER B 17 -7.52 -8.76 9.71
C SER B 17 -7.31 -7.67 10.75
N ALA B 18 -7.57 -8.00 12.00
CA ALA B 18 -7.39 -7.08 13.10
C ALA B 18 -5.91 -6.80 13.33
N GLU B 19 -5.05 -7.72 12.88
CA GLU B 19 -3.61 -7.55 13.04
C GLU B 19 -3.08 -6.65 11.95
N LEU B 20 -3.81 -6.56 10.86
CA LEU B 20 -3.46 -5.65 9.78
C LEU B 20 -4.01 -4.26 10.06
N GLN B 21 -5.29 -4.21 10.44
CA GLN B 21 -5.98 -2.98 10.71
C GLN B 21 -5.25 -2.15 11.77
N GLU B 22 -4.55 -2.83 12.66
CA GLU B 22 -3.88 -2.16 13.76
C GLU B 22 -2.64 -1.43 13.27
N LEU B 23 -2.14 -1.83 12.10
CA LEU B 23 -0.96 -1.21 11.53
C LEU B 23 -1.34 0.13 10.91
N LEU B 24 -2.52 0.17 10.30
CA LEU B 24 -3.04 1.40 9.72
C LEU B 24 -3.38 2.43 10.80
N LYS B 25 -3.45 1.97 12.05
CA LYS B 25 -3.75 2.86 13.17
C LYS B 25 -2.61 3.84 13.40
N TYR B 26 -1.46 3.55 12.81
CA TYR B 26 -0.34 4.46 12.85
C TYR B 26 -0.36 5.35 11.61
N ASN B 27 -0.22 6.66 11.79
CA ASN B 27 -0.25 7.59 10.68
C ASN B 27 1.05 7.52 9.89
N THR B 28 2.07 6.93 10.50
CA THR B 28 3.35 6.71 9.86
C THR B 28 3.19 5.70 8.74
N VAL B 29 2.28 4.77 8.98
CA VAL B 29 1.96 3.72 8.03
C VAL B 29 1.13 4.30 6.90
N LYS B 30 0.02 4.94 7.26
CA LYS B 30 -0.85 5.61 6.30
C LYS B 30 -0.03 6.48 5.35
N PHE B 31 0.88 7.27 5.93
CA PHE B 31 1.70 8.21 5.17
C PHE B 31 2.47 7.50 4.05
N HIS B 32 3.16 6.44 4.41
CA HIS B 32 4.02 5.74 3.45
C HIS B 32 3.19 4.99 2.42
N LEU B 33 2.03 4.50 2.84
CA LEU B 33 1.14 3.79 1.94
C LEU B 33 0.46 4.76 0.97
N ALA B 34 0.14 5.94 1.46
CA ALA B 34 -0.48 6.96 0.62
C ALA B 34 0.46 7.43 -0.47
N LYS B 35 1.75 7.44 -0.16
CA LYS B 35 2.76 7.84 -1.13
C LYS B 35 2.78 6.90 -2.32
N VAL B 36 2.48 5.62 -2.08
CA VAL B 36 2.44 4.65 -3.16
C VAL B 36 1.11 4.75 -3.90
N TYR B 37 0.05 5.09 -3.16
CA TYR B 37 -1.28 5.26 -3.73
C TYR B 37 -1.28 6.38 -4.77
N ARG B 38 -0.57 7.47 -4.45
CA ARG B 38 -0.47 8.61 -5.35
C ARG B 38 0.14 8.20 -6.69
N ILE B 39 0.94 7.13 -6.64
CA ILE B 39 1.57 6.60 -7.82
C ILE B 39 0.55 5.91 -8.73
N LEU B 40 -0.22 4.98 -8.17
CA LEU B 40 -1.15 4.17 -8.98
C LEU B 40 -2.20 5.06 -9.66
N SER B 41 -2.48 6.21 -9.07
CA SER B 41 -3.43 7.14 -9.65
C SER B 41 -2.75 8.08 -10.66
N SER B 42 -1.43 8.23 -10.55
CA SER B 42 -0.67 9.12 -11.41
C SER B 42 0.83 9.03 -11.15
N THR B 43 1.57 8.49 -12.11
CA THR B 43 3.02 8.42 -11.99
C THR B 43 3.65 9.77 -12.36
N VAL B 44 3.21 10.32 -13.49
CA VAL B 44 3.74 11.58 -13.98
C VAL B 44 2.60 12.45 -14.50
N ASN B 45 2.83 13.76 -14.49
CA ASN B 45 1.82 14.71 -14.97
C ASN B 45 1.85 14.83 -16.49
N ASP B 46 2.13 13.72 -17.15
CA ASP B 46 2.20 13.67 -18.59
C ASP B 46 1.14 12.72 -19.15
N GLY B 47 0.77 11.73 -18.36
CA GLY B 47 -0.24 10.78 -18.79
C GLY B 47 0.36 9.49 -19.31
N SER B 48 1.68 9.37 -19.18
CA SER B 48 2.42 8.19 -19.62
C SER B 48 2.39 8.00 -21.14
N SER B 49 3.56 7.90 -21.73
CA SER B 49 3.70 7.74 -23.16
C SER B 49 3.75 6.26 -23.54
N GLY B 50 3.42 5.95 -24.78
CA GLY B 50 3.51 4.58 -25.26
C GLY B 50 2.21 3.82 -25.13
N LYS B 51 1.15 4.55 -24.83
CA LYS B 51 -0.20 3.99 -24.69
C LYS B 51 -0.31 3.04 -23.51
N MET B 52 0.75 2.98 -22.72
CA MET B 52 0.82 2.12 -21.56
C MET B 52 0.81 2.97 -20.30
N ASN B 53 0.36 2.40 -19.20
CA ASN B 53 0.33 3.15 -17.94
C ASN B 53 0.27 2.23 -16.73
N SER B 54 -0.84 1.52 -16.56
CA SER B 54 -1.10 0.78 -15.34
C SER B 54 -0.02 -0.27 -15.05
N ASP B 55 0.57 -0.83 -16.10
CA ASP B 55 1.60 -1.86 -15.92
C ASP B 55 2.89 -1.22 -15.42
N LEU B 56 3.11 0.02 -15.82
CA LEU B 56 4.30 0.76 -15.42
C LEU B 56 4.09 1.30 -14.00
N GLN B 57 2.84 1.59 -13.67
CA GLN B 57 2.49 2.07 -12.34
C GLN B 57 2.83 1.03 -11.28
N LYS B 58 2.59 -0.24 -11.62
CA LYS B 58 2.93 -1.35 -10.74
C LYS B 58 4.40 -1.29 -10.33
N GLU B 59 5.27 -1.05 -11.30
CA GLU B 59 6.71 -1.01 -11.05
C GLU B 59 7.05 0.06 -10.03
N LEU B 60 6.68 1.30 -10.33
CA LEU B 60 7.01 2.44 -9.48
C LEU B 60 6.43 2.27 -8.09
N ALA B 61 5.21 1.76 -8.03
CA ALA B 61 4.53 1.56 -6.76
C ALA B 61 5.28 0.54 -5.89
N VAL B 62 5.68 -0.57 -6.50
CA VAL B 62 6.44 -1.60 -5.79
C VAL B 62 7.77 -1.06 -5.30
N ASN B 63 8.37 -0.16 -6.08
CA ASN B 63 9.67 0.42 -5.75
C ASN B 63 9.63 1.09 -4.38
N TYR B 64 8.47 1.62 -4.00
CA TYR B 64 8.31 2.25 -2.70
C TYR B 64 8.27 1.21 -1.59
N LEU B 65 7.46 0.17 -1.78
CA LEU B 65 7.34 -0.89 -0.79
C LEU B 65 8.67 -1.58 -0.55
N ASN B 66 9.52 -1.60 -1.57
CA ASN B 66 10.83 -2.23 -1.47
C ASN B 66 11.74 -1.46 -0.52
N THR B 67 11.56 -0.15 -0.46
CA THR B 67 12.34 0.68 0.44
C THR B 67 11.74 0.67 1.84
N LEU B 68 10.53 0.11 1.96
CA LEU B 68 9.83 0.07 3.23
C LEU B 68 9.93 -1.33 3.84
N ARG B 69 10.61 -2.22 3.14
CA ARG B 69 10.82 -3.57 3.65
C ARG B 69 12.04 -3.63 4.56
N TYR B 70 12.16 -4.73 5.29
CA TYR B 70 13.31 -4.96 6.16
C TYR B 70 14.61 -4.86 5.37
N GLY B 71 15.38 -3.83 5.68
CA GLY B 71 16.62 -3.59 4.96
C GLY B 71 16.49 -2.44 3.98
N GLY B 72 15.55 -1.54 4.25
CA GLY B 72 15.37 -0.38 3.41
C GLY B 72 15.98 0.87 4.02
N ILE B 73 15.44 2.02 3.67
CA ILE B 73 15.97 3.29 4.13
C ILE B 73 15.05 3.93 5.17
N HIS B 74 13.76 4.01 4.85
CA HIS B 74 12.78 4.58 5.74
C HIS B 74 11.72 3.54 6.04
N TYR B 75 12.18 2.33 6.33
CA TYR B 75 11.27 1.21 6.44
C TYR B 75 10.62 1.17 7.80
N ASN B 76 9.36 0.78 7.81
CA ASN B 76 8.58 0.66 9.03
C ASN B 76 8.17 -0.78 9.20
N GLU B 77 8.32 -1.28 10.41
CA GLU B 77 7.95 -2.63 10.75
C GLU B 77 6.47 -2.86 10.45
N ALA B 78 5.68 -1.80 10.56
CA ALA B 78 4.25 -1.89 10.31
C ALA B 78 3.96 -2.08 8.83
N ILE B 79 4.87 -1.61 7.98
CA ILE B 79 4.73 -1.78 6.54
C ILE B 79 5.15 -3.17 6.13
N GLU B 80 6.25 -3.64 6.71
CA GLU B 80 6.75 -4.99 6.47
C GLU B 80 5.69 -6.01 6.86
N GLU B 81 5.18 -5.89 8.08
CA GLU B 81 4.14 -6.80 8.55
C GLU B 81 2.86 -6.62 7.74
N PHE B 82 2.58 -5.37 7.35
CA PHE B 82 1.41 -5.06 6.52
C PHE B 82 1.41 -5.91 5.27
N CYS B 83 2.53 -5.88 4.56
CA CYS B 83 2.67 -6.63 3.32
C CYS B 83 2.42 -8.11 3.55
N GLN B 84 3.01 -8.64 4.61
CA GLN B 84 2.95 -10.08 4.87
C GLN B 84 1.54 -10.53 5.23
N ILE B 85 0.95 -9.89 6.22
CA ILE B 85 -0.40 -10.22 6.68
C ILE B 85 -1.41 -10.12 5.54
N LEU B 86 -1.23 -9.10 4.72
CA LEU B 86 -2.15 -8.80 3.64
C LEU B 86 -1.97 -9.76 2.47
N LEU B 87 -0.78 -9.76 1.89
CA LEU B 87 -0.51 -10.57 0.69
C LEU B 87 -0.78 -12.04 0.96
N ASP B 88 -0.57 -12.45 2.20
CA ASP B 88 -0.76 -13.83 2.62
C ASP B 88 -2.17 -14.28 2.29
N LYS B 89 -3.12 -13.47 2.66
CA LYS B 89 -4.52 -13.81 2.52
C LYS B 89 -4.99 -13.54 1.09
N LEU B 90 -4.40 -12.54 0.44
CA LEU B 90 -4.73 -12.23 -0.94
C LEU B 90 -4.21 -13.30 -1.89
N ASN B 91 -3.19 -14.02 -1.48
CA ASN B 91 -2.70 -15.16 -2.26
C ASN B 91 -3.35 -16.46 -1.79
N ALA B 92 -4.04 -16.39 -0.65
CA ALA B 92 -4.71 -17.56 -0.10
C ALA B 92 -6.10 -17.72 -0.68
N VAL B 93 -6.57 -16.67 -1.34
CA VAL B 93 -7.88 -16.70 -1.95
C VAL B 93 -7.75 -17.19 -3.39
N LYS B 94 -6.55 -17.04 -3.93
CA LYS B 94 -6.25 -17.46 -5.28
C LYS B 94 -6.15 -18.98 -5.36
N LYS B 95 -7.03 -19.59 -6.13
CA LYS B 95 -6.93 -21.02 -6.39
C LYS B 95 -6.91 -21.27 -7.90
N GLY A 1 6.79 -16.78 -14.22
CA GLY A 1 8.05 -17.13 -14.89
C GLY A 1 8.98 -17.88 -13.96
N PRO A 2 9.97 -18.62 -14.51
CA PRO A 2 10.93 -19.38 -13.71
C PRO A 2 11.84 -18.48 -12.89
N HIS A 3 11.59 -18.44 -11.58
CA HIS A 3 12.37 -17.63 -10.65
C HIS A 3 12.24 -16.15 -10.95
N MET A 4 11.26 -15.53 -10.34
CA MET A 4 10.99 -14.12 -10.54
C MET A 4 10.33 -13.53 -9.30
N PHE A 5 10.06 -12.23 -9.31
CA PHE A 5 9.38 -11.61 -8.19
C PHE A 5 7.92 -12.05 -8.16
N ALA A 6 7.37 -12.11 -6.96
CA ALA A 6 5.99 -12.51 -6.78
C ALA A 6 5.09 -11.30 -6.92
N ASN A 7 3.83 -11.55 -7.21
CA ASN A 7 2.86 -10.50 -7.50
C ASN A 7 2.17 -10.05 -6.23
N GLU A 8 2.68 -10.52 -5.10
CA GLU A 8 2.15 -10.18 -3.79
C GLU A 8 2.09 -8.67 -3.60
N ASN A 9 3.15 -7.99 -4.01
CA ASN A 9 3.23 -6.53 -3.89
C ASN A 9 2.19 -5.87 -4.79
N SER A 10 1.97 -6.44 -5.97
CA SER A 10 0.97 -5.92 -6.88
C SER A 10 -0.41 -6.01 -6.24
N GLN A 11 -0.65 -7.08 -5.50
CA GLN A 11 -1.89 -7.25 -4.75
C GLN A 11 -2.00 -6.17 -3.66
N LEU A 12 -0.89 -5.96 -2.97
CA LEU A 12 -0.81 -4.95 -1.91
C LEU A 12 -1.21 -3.58 -2.44
N LEU A 13 -0.70 -3.26 -3.63
CA LEU A 13 -0.86 -1.94 -4.22
C LEU A 13 -2.33 -1.61 -4.48
N ASP A 14 -3.05 -2.51 -5.14
CA ASP A 14 -4.45 -2.25 -5.46
C ASP A 14 -5.31 -2.24 -4.21
N PHE A 15 -4.82 -2.91 -3.17
CA PHE A 15 -5.48 -2.91 -1.87
C PHE A 15 -5.39 -1.52 -1.24
N ILE A 16 -4.17 -1.02 -1.12
CA ILE A 16 -3.91 0.36 -0.68
C ILE A 16 -4.67 1.35 -1.56
N ARG A 17 -4.67 1.05 -2.84
CA ARG A 17 -5.34 1.84 -3.84
C ARG A 17 -6.84 1.97 -3.53
N GLU A 18 -7.46 0.83 -3.24
CA GLU A 18 -8.88 0.81 -2.88
C GLU A 18 -9.12 1.49 -1.54
N LEU A 19 -8.17 1.36 -0.62
CA LEU A 19 -8.27 2.03 0.68
C LEU A 19 -8.38 3.53 0.49
N GLY A 20 -7.46 4.09 -0.28
CA GLY A 20 -7.46 5.51 -0.53
C GLY A 20 -8.66 5.96 -1.35
N ASP A 21 -9.18 5.05 -2.16
CA ASP A 21 -10.32 5.37 -3.03
C ASP A 21 -11.59 5.60 -2.22
N VAL A 22 -11.69 4.95 -1.06
CA VAL A 22 -12.85 5.11 -0.19
C VAL A 22 -12.52 6.03 0.98
N GLY A 23 -11.25 6.34 1.16
CA GLY A 23 -10.85 7.28 2.18
C GLY A 23 -10.43 6.61 3.48
N LEU A 24 -10.02 5.36 3.39
CA LEU A 24 -9.57 4.63 4.56
C LEU A 24 -8.05 4.70 4.69
N LEU A 25 -7.39 4.91 3.56
CA LEU A 25 -5.94 5.07 3.55
C LEU A 25 -5.59 6.53 3.81
N GLU A 26 -6.53 7.40 3.51
CA GLU A 26 -6.38 8.84 3.72
C GLU A 26 -5.94 9.14 5.15
N TYR A 27 -5.03 10.09 5.28
CA TYR A 27 -4.42 10.39 6.57
C TYR A 27 -4.20 11.90 6.71
N GLU A 28 -3.72 12.31 7.87
CA GLU A 28 -3.40 13.70 8.11
C GLU A 28 -2.31 13.80 9.18
N LEU A 29 -1.19 14.41 8.82
CA LEU A 29 -0.06 14.54 9.73
C LEU A 29 0.06 15.96 10.23
N SER A 30 0.76 16.13 11.34
CA SER A 30 1.00 17.44 11.90
C SER A 30 2.50 17.73 11.82
N GLN A 31 2.91 18.93 12.20
CA GLN A 31 4.31 19.33 12.04
C GLN A 31 5.27 18.35 12.73
N GLN A 32 4.83 17.78 13.84
CA GLN A 32 5.67 16.85 14.59
C GLN A 32 5.87 15.54 13.84
N GLU A 33 4.77 14.91 13.44
CA GLU A 33 4.85 13.64 12.70
C GLU A 33 5.38 13.83 11.29
N LYS A 34 5.33 15.05 10.78
CA LYS A 34 5.89 15.35 9.48
C LYS A 34 7.40 15.53 9.58
N ASP A 35 7.86 15.98 10.74
CA ASP A 35 9.27 16.29 10.95
C ASP A 35 10.12 15.03 10.94
N VAL A 36 9.55 13.95 11.44
CA VAL A 36 10.28 12.69 11.56
C VAL A 36 10.26 11.91 10.24
N LEU A 37 9.28 12.21 9.39
CA LEU A 37 9.15 11.51 8.12
C LEU A 37 9.82 12.28 7.00
N PHE A 38 9.48 13.56 6.87
CA PHE A 38 10.07 14.41 5.85
C PHE A 38 11.47 14.84 6.26
N GLY A 39 11.71 14.90 7.56
CA GLY A 39 12.99 15.31 8.07
C GLY A 39 13.99 14.17 8.08
N SER A 40 13.92 13.32 7.07
CA SER A 40 14.82 12.18 6.96
C SER A 40 15.13 11.94 5.48
N MET B 1 -18.06 2.98 12.70
CA MET B 1 -18.01 2.27 11.40
C MET B 1 -17.33 3.14 10.36
N ASN B 2 -16.59 2.50 9.46
CA ASN B 2 -15.90 3.22 8.41
C ASN B 2 -16.22 2.60 7.06
N LYS B 3 -15.44 2.94 6.05
CA LYS B 3 -15.72 2.53 4.68
C LYS B 3 -15.45 1.05 4.47
N THR B 4 -15.60 0.62 3.23
CA THR B 4 -15.34 -0.76 2.84
C THR B 4 -14.59 -0.77 1.52
N LEU B 5 -13.95 -1.88 1.19
CA LEU B 5 -13.17 -1.97 -0.04
C LEU B 5 -14.07 -2.06 -1.26
N LYS B 6 -13.45 -2.02 -2.43
CA LYS B 6 -14.18 -2.00 -3.67
C LYS B 6 -14.38 -3.41 -4.16
N THR B 7 -13.30 -4.17 -4.18
CA THR B 7 -13.33 -5.55 -4.59
C THR B 7 -13.57 -6.46 -3.39
N LYS B 8 -14.53 -7.36 -3.51
CA LYS B 8 -14.88 -8.27 -2.43
C LYS B 8 -13.75 -9.26 -2.18
N ALA B 9 -13.03 -9.62 -3.23
CA ALA B 9 -11.87 -10.50 -3.12
C ALA B 9 -10.74 -9.82 -2.35
N PHE B 10 -10.91 -8.54 -2.09
CA PHE B 10 -9.97 -7.78 -1.28
C PHE B 10 -10.61 -7.42 0.06
N ASP B 11 -11.87 -7.01 -0.01
CA ASP B 11 -12.64 -6.61 1.17
C ASP B 11 -12.68 -7.73 2.20
N ASP B 12 -12.77 -8.95 1.70
CA ASP B 12 -12.84 -10.14 2.55
C ASP B 12 -11.68 -10.15 3.56
N ILE B 13 -10.48 -9.89 3.07
CA ILE B 13 -9.31 -9.87 3.92
C ILE B 13 -9.32 -8.66 4.84
N TYR B 14 -9.72 -7.51 4.31
CA TYR B 14 -9.75 -6.28 5.09
C TYR B 14 -10.66 -6.43 6.31
N GLN B 15 -11.70 -7.24 6.18
CA GLN B 15 -12.63 -7.47 7.28
C GLN B 15 -12.17 -8.63 8.15
N ASN B 16 -11.29 -9.46 7.62
CA ASN B 16 -10.82 -10.66 8.32
C ASN B 16 -9.35 -10.55 8.72
N SER B 17 -8.90 -9.34 9.00
CA SER B 17 -7.52 -9.13 9.44
C SER B 17 -7.43 -7.97 10.42
N ALA B 18 -7.66 -8.28 11.70
CA ALA B 18 -7.61 -7.28 12.76
C ALA B 18 -6.17 -6.83 13.02
N GLU B 19 -5.23 -7.75 12.81
CA GLU B 19 -3.82 -7.45 13.02
C GLU B 19 -3.29 -6.57 11.90
N LEU B 20 -4.01 -6.55 10.78
CA LEU B 20 -3.72 -5.65 9.69
C LEU B 20 -4.36 -4.29 9.94
N GLN B 21 -5.61 -4.33 10.39
CA GLN B 21 -6.41 -3.13 10.62
C GLN B 21 -5.71 -2.20 11.60
N GLU B 22 -4.93 -2.78 12.49
CA GLU B 22 -4.28 -2.02 13.54
C GLU B 22 -3.08 -1.26 12.99
N LEU B 23 -2.57 -1.72 11.85
CA LEU B 23 -1.43 -1.08 11.22
C LEU B 23 -1.86 0.21 10.53
N LEU B 24 -3.12 0.23 10.09
CA LEU B 24 -3.69 1.41 9.47
C LEU B 24 -4.11 2.43 10.52
N LYS B 25 -3.86 2.11 11.79
CA LYS B 25 -4.12 3.05 12.87
C LYS B 25 -2.93 3.99 13.05
N TYR B 26 -1.79 3.59 12.50
CA TYR B 26 -0.58 4.38 12.60
C TYR B 26 -0.45 5.31 11.40
N ASN B 27 -0.20 6.58 11.68
CA ASN B 27 -0.09 7.60 10.66
C ASN B 27 1.20 7.48 9.87
N THR B 28 2.20 6.85 10.48
CA THR B 28 3.50 6.66 9.83
C THR B 28 3.37 5.62 8.72
N VAL B 29 2.46 4.69 8.96
CA VAL B 29 2.19 3.63 8.01
C VAL B 29 1.41 4.16 6.82
N LYS B 30 0.23 4.70 7.11
CA LYS B 30 -0.64 5.28 6.08
C LYS B 30 0.10 6.31 5.23
N PHE B 31 0.98 7.08 5.86
CA PHE B 31 1.77 8.09 5.15
C PHE B 31 2.54 7.46 3.99
N HIS B 32 3.27 6.40 4.30
CA HIS B 32 4.13 5.76 3.32
C HIS B 32 3.31 4.98 2.30
N LEU B 33 2.16 4.48 2.72
CA LEU B 33 1.27 3.75 1.83
C LEU B 33 0.60 4.71 0.84
N ALA B 34 0.26 5.90 1.30
CA ALA B 34 -0.38 6.89 0.45
C ALA B 34 0.58 7.38 -0.62
N LYS B 35 1.86 7.40 -0.29
CA LYS B 35 2.89 7.78 -1.25
C LYS B 35 2.83 6.88 -2.48
N VAL B 36 2.46 5.62 -2.29
CA VAL B 36 2.40 4.69 -3.40
C VAL B 36 1.05 4.81 -4.11
N TYR B 37 0.00 5.12 -3.34
CA TYR B 37 -1.34 5.27 -3.90
C TYR B 37 -1.36 6.40 -4.93
N ARG B 38 -0.65 7.48 -4.61
CA ARG B 38 -0.53 8.61 -5.52
C ARG B 38 0.13 8.18 -6.82
N ILE B 39 0.98 7.18 -6.71
CA ILE B 39 1.64 6.59 -7.87
C ILE B 39 0.66 5.76 -8.68
N LEU B 40 -0.09 4.88 -8.00
CA LEU B 40 -1.06 4.01 -8.67
C LEU B 40 -2.15 4.82 -9.36
N SER B 41 -2.27 6.09 -9.00
CA SER B 41 -3.28 6.94 -9.61
C SER B 41 -2.84 7.35 -11.02
N SER B 42 -1.60 7.86 -11.13
CA SER B 42 -1.03 8.26 -12.42
C SER B 42 0.28 9.02 -12.20
N THR B 43 1.19 8.90 -13.15
CA THR B 43 2.42 9.68 -13.14
C THR B 43 2.46 10.65 -14.32
N VAL B 44 1.86 10.22 -15.44
CA VAL B 44 1.78 11.03 -16.64
C VAL B 44 0.48 10.76 -17.37
N ASN B 45 0.21 11.58 -18.38
CA ASN B 45 -1.01 11.47 -19.15
C ASN B 45 -0.69 11.51 -20.64
N ASP B 46 0.54 11.12 -20.98
CA ASP B 46 0.99 11.15 -22.37
C ASP B 46 0.34 10.05 -23.18
N GLY B 47 -0.10 9.00 -22.49
CA GLY B 47 -0.80 7.92 -23.14
C GLY B 47 0.12 6.97 -23.88
N SER B 48 1.39 6.96 -23.48
CA SER B 48 2.36 6.08 -24.13
C SER B 48 2.05 4.63 -23.82
N SER B 49 1.54 4.39 -22.63
CA SER B 49 1.10 3.08 -22.23
C SER B 49 -0.43 3.04 -22.22
N GLY B 50 -1.01 2.49 -23.28
CA GLY B 50 -2.44 2.51 -23.43
C GLY B 50 -3.13 1.37 -22.70
N LYS B 51 -2.67 0.16 -22.93
CA LYS B 51 -3.34 -1.02 -22.38
C LYS B 51 -2.77 -1.42 -21.04
N MET B 52 -1.91 -0.56 -20.51
CA MET B 52 -1.35 -0.79 -19.19
C MET B 52 -1.44 0.48 -18.35
N ASN B 53 -0.44 1.35 -18.48
CA ASN B 53 -0.35 2.60 -17.71
C ASN B 53 -0.31 2.34 -16.21
N SER B 54 -1.45 1.99 -15.64
CA SER B 54 -1.54 1.71 -14.21
C SER B 54 -0.61 0.57 -13.82
N ASP B 55 -0.37 -0.34 -14.76
CA ASP B 55 0.53 -1.46 -14.53
C ASP B 55 1.97 -0.98 -14.36
N LEU B 56 2.32 0.08 -15.10
CA LEU B 56 3.66 0.66 -14.98
C LEU B 56 3.76 1.39 -13.66
N GLN B 57 2.62 1.93 -13.21
CA GLN B 57 2.53 2.59 -11.92
C GLN B 57 2.84 1.58 -10.81
N LYS B 58 2.46 0.33 -11.04
CA LYS B 58 2.75 -0.75 -10.09
C LYS B 58 4.25 -0.83 -9.80
N GLU B 59 5.06 -0.73 -10.85
CA GLU B 59 6.52 -0.80 -10.70
C GLU B 59 6.99 0.31 -9.77
N LEU B 60 6.61 1.54 -10.08
CA LEU B 60 6.99 2.70 -9.29
C LEU B 60 6.48 2.58 -7.86
N ALA B 61 5.28 2.04 -7.71
CA ALA B 61 4.69 1.85 -6.40
C ALA B 61 5.51 0.85 -5.59
N VAL B 62 5.87 -0.28 -6.21
CA VAL B 62 6.68 -1.30 -5.56
C VAL B 62 8.03 -0.74 -5.14
N ASN B 63 8.55 0.20 -5.93
CA ASN B 63 9.82 0.85 -5.63
C ASN B 63 9.81 1.47 -4.24
N TYR B 64 8.64 1.89 -3.79
CA TYR B 64 8.49 2.47 -2.47
C TYR B 64 8.40 1.38 -1.41
N LEU B 65 7.62 0.34 -1.69
CA LEU B 65 7.48 -0.78 -0.76
C LEU B 65 8.82 -1.45 -0.52
N ASN B 66 9.66 -1.45 -1.55
CA ASN B 66 11.00 -2.04 -1.44
C ASN B 66 11.81 -1.35 -0.35
N THR B 67 11.53 -0.07 -0.13
CA THR B 67 12.27 0.68 0.86
C THR B 67 11.55 0.70 2.20
N LEU B 68 10.36 0.10 2.23
CA LEU B 68 9.53 0.12 3.43
C LEU B 68 9.57 -1.22 4.15
N ARG B 69 9.98 -2.25 3.44
CA ARG B 69 10.11 -3.57 4.03
C ARG B 69 11.44 -3.69 4.77
N TYR B 70 11.63 -4.78 5.49
CA TYR B 70 12.83 -4.97 6.29
C TYR B 70 14.09 -4.88 5.42
N GLY B 71 15.08 -4.15 5.91
CA GLY B 71 16.29 -3.98 5.15
C GLY B 71 16.18 -2.90 4.10
N GLY B 72 15.41 -1.86 4.41
CA GLY B 72 15.28 -0.74 3.52
C GLY B 72 15.98 0.49 4.06
N ILE B 73 15.60 1.66 3.57
CA ILE B 73 16.25 2.90 3.96
C ILE B 73 15.43 3.64 5.01
N HIS B 74 14.14 3.78 4.77
CA HIS B 74 13.24 4.45 5.70
C HIS B 74 12.07 3.52 6.01
N TYR B 75 12.41 2.28 6.31
CA TYR B 75 11.40 1.24 6.40
C TYR B 75 10.67 1.30 7.72
N ASN B 76 9.43 0.84 7.70
CA ASN B 76 8.60 0.74 8.89
C ASN B 76 8.22 -0.71 9.09
N GLU B 77 8.41 -1.22 10.30
CA GLU B 77 8.11 -2.61 10.59
C GLU B 77 6.62 -2.88 10.41
N ALA B 78 5.81 -1.84 10.51
CA ALA B 78 4.37 -1.97 10.32
C ALA B 78 4.04 -2.21 8.85
N ILE B 79 4.87 -1.65 7.96
CA ILE B 79 4.69 -1.86 6.53
C ILE B 79 5.04 -3.29 6.17
N GLU B 80 6.12 -3.78 6.77
CA GLU B 80 6.53 -5.16 6.62
C GLU B 80 5.40 -6.10 7.06
N GLU B 81 4.89 -5.85 8.26
CA GLU B 81 3.76 -6.63 8.79
C GLU B 81 2.56 -6.50 7.88
N PHE B 82 2.31 -5.26 7.43
CA PHE B 82 1.19 -4.97 6.54
C PHE B 82 1.24 -5.87 5.31
N CYS B 83 2.38 -5.85 4.63
CA CYS B 83 2.57 -6.66 3.45
C CYS B 83 2.35 -8.13 3.75
N GLN B 84 2.98 -8.63 4.81
CA GLN B 84 2.97 -10.05 5.12
C GLN B 84 1.57 -10.53 5.47
N ILE B 85 0.93 -9.87 6.43
CA ILE B 85 -0.41 -10.25 6.88
C ILE B 85 -1.40 -10.18 5.72
N LEU B 86 -1.28 -9.14 4.93
CA LEU B 86 -2.20 -8.89 3.83
C LEU B 86 -1.98 -9.89 2.69
N LEU B 87 -0.75 -9.99 2.19
CA LEU B 87 -0.46 -10.80 1.02
C LEU B 87 -0.73 -12.27 1.32
N ASP B 88 -0.59 -12.64 2.58
CA ASP B 88 -0.80 -14.01 3.01
C ASP B 88 -2.21 -14.45 2.70
N LYS B 89 -3.16 -13.59 3.00
CA LYS B 89 -4.57 -13.90 2.77
C LYS B 89 -4.91 -13.65 1.30
N LEU B 90 -4.24 -12.68 0.69
CA LEU B 90 -4.44 -12.38 -0.73
C LEU B 90 -3.94 -13.52 -1.61
N ASN B 91 -2.98 -14.29 -1.12
CA ASN B 91 -2.52 -15.47 -1.84
C ASN B 91 -3.31 -16.70 -1.45
N ALA B 92 -4.00 -16.60 -0.33
CA ALA B 92 -4.79 -17.71 0.19
C ALA B 92 -6.15 -17.77 -0.48
N VAL B 93 -6.50 -16.70 -1.16
CA VAL B 93 -7.76 -16.62 -1.88
C VAL B 93 -7.53 -17.00 -3.34
N LYS B 94 -6.27 -16.96 -3.74
CA LYS B 94 -5.89 -17.31 -5.09
C LYS B 94 -5.60 -18.81 -5.19
N LYS B 95 -6.64 -19.58 -5.46
CA LYS B 95 -6.50 -21.01 -5.67
C LYS B 95 -7.30 -21.42 -6.90
N GLY A 1 18.13 -18.55 -3.52
CA GLY A 1 18.62 -18.74 -4.90
C GLY A 1 17.99 -17.75 -5.86
N PRO A 2 17.48 -18.23 -7.01
CA PRO A 2 16.79 -17.36 -7.97
C PRO A 2 15.45 -16.88 -7.42
N HIS A 3 15.43 -15.65 -6.93
CA HIS A 3 14.22 -15.06 -6.38
C HIS A 3 13.14 -14.96 -7.44
N MET A 4 12.10 -15.74 -7.27
CA MET A 4 10.97 -15.73 -8.18
C MET A 4 10.11 -14.52 -7.91
N PHE A 5 9.71 -13.82 -8.96
CA PHE A 5 8.85 -12.67 -8.82
C PHE A 5 7.43 -13.12 -8.52
N ALA A 6 6.80 -12.46 -7.58
CA ALA A 6 5.47 -12.81 -7.14
C ALA A 6 4.52 -11.66 -7.45
N ASN A 7 3.29 -11.81 -7.03
CA ASN A 7 2.26 -10.82 -7.30
C ASN A 7 1.71 -10.25 -6.02
N GLU A 8 2.38 -10.57 -4.91
CA GLU A 8 1.99 -10.06 -3.61
C GLU A 8 1.95 -8.54 -3.62
N ASN A 9 3.06 -7.93 -4.04
CA ASN A 9 3.15 -6.48 -4.05
C ASN A 9 2.09 -5.90 -4.97
N SER A 10 1.82 -6.61 -6.07
CA SER A 10 0.78 -6.18 -7.02
C SER A 10 -0.58 -6.11 -6.33
N GLN A 11 -0.95 -7.19 -5.64
CA GLN A 11 -2.20 -7.22 -4.88
C GLN A 11 -2.21 -6.12 -3.83
N LEU A 12 -1.08 -5.97 -3.14
CA LEU A 12 -0.90 -4.94 -2.12
C LEU A 12 -1.21 -3.55 -2.68
N LEU A 13 -0.70 -3.29 -3.88
CA LEU A 13 -0.85 -1.99 -4.52
C LEU A 13 -2.32 -1.62 -4.72
N ASP A 14 -3.06 -2.52 -5.36
CA ASP A 14 -4.47 -2.26 -5.63
C ASP A 14 -5.27 -2.22 -4.33
N PHE A 15 -4.80 -2.95 -3.34
CA PHE A 15 -5.41 -2.94 -2.01
C PHE A 15 -5.27 -1.55 -1.38
N ILE A 16 -4.02 -1.07 -1.32
CA ILE A 16 -3.74 0.27 -0.81
C ILE A 16 -4.46 1.32 -1.64
N ARG A 17 -4.54 1.05 -2.93
CA ARG A 17 -5.20 1.94 -3.88
C ARG A 17 -6.69 2.07 -3.54
N GLU A 18 -7.33 0.94 -3.28
CA GLU A 18 -8.74 0.94 -2.90
C GLU A 18 -8.95 1.62 -1.55
N LEU A 19 -7.97 1.46 -0.65
CA LEU A 19 -8.05 2.10 0.67
C LEU A 19 -8.28 3.60 0.52
N GLY A 20 -7.48 4.25 -0.29
CA GLY A 20 -7.59 5.69 -0.48
C GLY A 20 -8.86 6.09 -1.20
N ASP A 21 -9.40 5.19 -2.02
CA ASP A 21 -10.58 5.51 -2.83
C ASP A 21 -11.85 5.56 -1.98
N VAL A 22 -11.90 4.78 -0.91
CA VAL A 22 -13.08 4.76 -0.05
C VAL A 22 -12.87 5.57 1.23
N GLY A 23 -11.61 5.76 1.61
CA GLY A 23 -11.32 6.61 2.75
C GLY A 23 -10.77 5.82 3.91
N LEU A 24 -9.95 4.86 3.58
CA LEU A 24 -9.33 3.98 4.56
C LEU A 24 -7.86 4.33 4.73
N LEU A 25 -7.27 4.81 3.65
CA LEU A 25 -5.86 5.20 3.64
C LEU A 25 -5.73 6.68 3.92
N GLU A 26 -6.87 7.34 4.07
CA GLU A 26 -6.90 8.76 4.35
C GLU A 26 -6.20 9.06 5.67
N TYR A 27 -5.39 10.10 5.67
CA TYR A 27 -4.65 10.48 6.86
C TYR A 27 -4.56 11.99 6.97
N GLU A 28 -3.97 12.47 8.06
CA GLU A 28 -3.79 13.89 8.27
C GLU A 28 -2.71 14.09 9.33
N LEU A 29 -1.56 14.55 8.89
CA LEU A 29 -0.39 14.63 9.75
C LEU A 29 -0.40 15.88 10.61
N SER A 30 -0.09 15.69 11.88
CA SER A 30 0.05 16.79 12.81
C SER A 30 1.50 17.26 12.84
N GLN A 31 1.78 18.35 13.53
CA GLN A 31 3.14 18.88 13.59
C GLN A 31 4.14 17.83 14.07
N GLN A 32 3.73 17.04 15.05
CA GLN A 32 4.59 15.99 15.58
C GLN A 32 4.77 14.88 14.56
N GLU A 33 3.69 14.53 13.89
CA GLU A 33 3.71 13.48 12.89
C GLU A 33 4.55 13.91 11.69
N LYS A 34 4.61 15.20 11.44
CA LYS A 34 5.36 15.72 10.32
C LYS A 34 6.85 15.79 10.65
N ASP A 35 7.15 15.95 11.93
CA ASP A 35 8.52 16.09 12.39
C ASP A 35 9.27 14.76 12.28
N VAL A 36 8.56 13.66 12.46
CA VAL A 36 9.19 12.35 12.39
C VAL A 36 9.31 11.85 10.95
N LEU A 37 8.46 12.35 10.08
CA LEU A 37 8.42 11.89 8.69
C LEU A 37 9.29 12.78 7.81
N PHE A 38 9.04 14.07 7.85
CA PHE A 38 9.78 15.01 7.02
C PHE A 38 11.05 15.45 7.72
N GLY A 39 11.03 15.36 9.04
CA GLY A 39 12.18 15.79 9.82
C GLY A 39 12.14 17.27 10.09
N SER A 40 12.33 18.07 9.04
CA SER A 40 12.29 19.52 9.10
C SER A 40 13.09 20.07 10.29
N MET B 1 -14.11 0.98 13.01
CA MET B 1 -14.84 0.49 11.82
C MET B 1 -14.85 1.55 10.72
N ASN B 2 -14.11 1.30 9.66
CA ASN B 2 -14.05 2.23 8.54
C ASN B 2 -14.98 1.77 7.42
N LYS B 3 -14.72 2.27 6.23
CA LYS B 3 -15.51 1.88 5.06
C LYS B 3 -15.02 0.54 4.54
N THR B 4 -15.67 0.03 3.52
CA THR B 4 -15.30 -1.26 2.95
C THR B 4 -14.62 -1.11 1.60
N LEU B 5 -13.93 -2.15 1.19
CA LEU B 5 -13.23 -2.14 -0.08
C LEU B 5 -14.18 -2.38 -1.24
N LYS B 6 -13.65 -2.24 -2.43
CA LYS B 6 -14.45 -2.29 -3.65
C LYS B 6 -14.42 -3.69 -4.23
N THR B 7 -13.29 -4.36 -4.06
CA THR B 7 -13.18 -5.74 -4.43
C THR B 7 -13.53 -6.63 -3.24
N LYS B 8 -14.48 -7.53 -3.47
CA LYS B 8 -15.00 -8.40 -2.42
C LYS B 8 -13.91 -9.29 -1.83
N ALA B 9 -13.04 -9.80 -2.70
CA ALA B 9 -11.93 -10.64 -2.26
C ALA B 9 -10.97 -9.86 -1.38
N PHE B 10 -10.85 -8.57 -1.67
CA PHE B 10 -9.96 -7.70 -0.90
C PHE B 10 -10.62 -7.27 0.39
N ASP B 11 -11.90 -6.88 0.31
CA ASP B 11 -12.63 -6.41 1.48
C ASP B 11 -12.66 -7.47 2.55
N ASP B 12 -12.81 -8.72 2.11
CA ASP B 12 -12.85 -9.87 3.01
C ASP B 12 -11.68 -9.83 3.98
N ILE B 13 -10.47 -9.71 3.45
CA ILE B 13 -9.27 -9.70 4.26
C ILE B 13 -9.21 -8.47 5.15
N TYR B 14 -9.59 -7.32 4.58
CA TYR B 14 -9.57 -6.07 5.34
C TYR B 14 -10.47 -6.17 6.57
N GLN B 15 -11.55 -6.92 6.47
CA GLN B 15 -12.47 -7.08 7.58
C GLN B 15 -12.05 -8.26 8.46
N ASN B 16 -11.47 -9.29 7.84
CA ASN B 16 -11.13 -10.52 8.55
C ASN B 16 -9.79 -10.42 9.28
N SER B 17 -8.98 -9.45 8.89
CA SER B 17 -7.67 -9.28 9.48
C SER B 17 -7.60 -7.98 10.27
N ALA B 18 -7.86 -8.08 11.55
CA ALA B 18 -7.87 -6.92 12.42
C ALA B 18 -6.46 -6.44 12.72
N GLU B 19 -5.49 -7.34 12.56
CA GLU B 19 -4.09 -6.98 12.79
C GLU B 19 -3.57 -6.19 11.59
N LEU B 20 -4.26 -6.34 10.46
CA LEU B 20 -3.96 -5.57 9.27
C LEU B 20 -4.57 -4.18 9.43
N GLN B 21 -5.73 -4.14 10.06
CA GLN B 21 -6.46 -2.91 10.30
C GLN B 21 -5.71 -1.98 11.25
N GLU B 22 -5.11 -2.55 12.29
CA GLU B 22 -4.46 -1.77 13.34
C GLU B 22 -3.22 -1.06 12.82
N LEU B 23 -2.64 -1.58 11.75
CA LEU B 23 -1.46 -0.99 11.18
C LEU B 23 -1.78 0.33 10.49
N LEU B 24 -2.99 0.45 9.96
CA LEU B 24 -3.40 1.66 9.26
C LEU B 24 -3.74 2.78 10.24
N LYS B 25 -3.43 2.57 11.51
CA LYS B 25 -3.67 3.58 12.54
C LYS B 25 -2.47 4.49 12.68
N TYR B 26 -1.31 4.06 12.19
CA TYR B 26 -0.10 4.83 12.36
C TYR B 26 0.07 5.79 11.18
N ASN B 27 0.08 7.09 11.50
CA ASN B 27 0.20 8.12 10.47
C ASN B 27 1.49 7.97 9.68
N THR B 28 2.53 7.54 10.37
CA THR B 28 3.83 7.31 9.76
C THR B 28 3.76 6.26 8.66
N VAL B 29 3.02 5.20 8.92
CA VAL B 29 2.96 4.08 8.01
C VAL B 29 1.96 4.37 6.89
N LYS B 30 0.85 5.00 7.25
CA LYS B 30 -0.19 5.35 6.30
C LYS B 30 0.29 6.45 5.36
N PHE B 31 1.17 7.30 5.87
CA PHE B 31 1.83 8.31 5.07
C PHE B 31 2.60 7.68 3.91
N HIS B 32 3.38 6.65 4.23
CA HIS B 32 4.22 5.99 3.24
C HIS B 32 3.37 5.20 2.24
N LEU B 33 2.28 4.63 2.72
CA LEU B 33 1.38 3.87 1.88
C LEU B 33 0.66 4.79 0.90
N ALA B 34 0.35 6.00 1.33
CA ALA B 34 -0.31 6.97 0.48
C ALA B 34 0.62 7.43 -0.63
N LYS B 35 1.92 7.41 -0.36
CA LYS B 35 2.91 7.79 -1.35
C LYS B 35 2.90 6.82 -2.52
N VAL B 36 2.62 5.54 -2.25
CA VAL B 36 2.55 4.56 -3.31
C VAL B 36 1.20 4.67 -4.01
N TYR B 37 0.18 5.04 -3.25
CA TYR B 37 -1.15 5.27 -3.80
C TYR B 37 -1.10 6.39 -4.84
N ARG B 38 -0.27 7.38 -4.57
CA ARG B 38 -0.04 8.44 -5.53
C ARG B 38 0.49 7.88 -6.84
N ILE B 39 1.40 6.92 -6.73
CA ILE B 39 2.02 6.29 -7.88
C ILE B 39 0.98 5.56 -8.71
N LEU B 40 0.15 4.73 -8.09
CA LEU B 40 -0.89 3.99 -8.81
C LEU B 40 -1.93 4.93 -9.41
N SER B 41 -1.90 6.18 -8.99
CA SER B 41 -2.80 7.17 -9.54
C SER B 41 -2.16 7.86 -10.74
N SER B 42 -0.91 8.29 -10.58
CA SER B 42 -0.17 8.96 -11.65
C SER B 42 1.26 9.27 -11.22
N THR B 43 2.19 9.07 -12.14
CA THR B 43 3.59 9.43 -11.89
C THR B 43 3.95 10.71 -12.63
N VAL B 44 3.22 10.99 -13.70
CA VAL B 44 3.45 12.19 -14.49
C VAL B 44 2.14 12.91 -14.74
N ASN B 45 2.23 14.21 -15.02
CA ASN B 45 1.04 15.01 -15.28
C ASN B 45 0.56 14.83 -16.72
N ASP B 46 0.31 13.59 -17.09
CA ASP B 46 -0.15 13.26 -18.42
C ASP B 46 -1.04 12.02 -18.39
N GLY B 47 -0.42 10.84 -18.52
CA GLY B 47 -1.18 9.60 -18.53
C GLY B 47 -2.13 9.52 -19.70
N SER B 48 -1.66 9.95 -20.87
CA SER B 48 -2.47 9.93 -22.08
C SER B 48 -2.89 8.50 -22.44
N SER B 49 -4.20 8.28 -22.48
CA SER B 49 -4.76 6.98 -22.80
C SER B 49 -4.32 6.53 -24.18
N GLY B 50 -4.08 5.23 -24.33
CA GLY B 50 -3.51 4.69 -25.55
C GLY B 50 -2.16 4.09 -25.24
N LYS B 51 -1.66 4.43 -24.07
CA LYS B 51 -0.44 3.87 -23.54
C LYS B 51 -0.68 3.49 -22.09
N MET B 52 -0.95 2.20 -21.86
CA MET B 52 -1.28 1.70 -20.53
C MET B 52 -0.36 2.27 -19.47
N ASN B 53 -0.94 3.06 -18.59
CA ASN B 53 -0.19 3.76 -17.57
C ASN B 53 -0.34 3.04 -16.24
N SER B 54 -1.56 2.61 -15.93
CA SER B 54 -1.86 1.98 -14.66
C SER B 54 -0.98 0.75 -14.42
N ASP B 55 -0.76 -0.03 -15.47
CA ASP B 55 0.06 -1.24 -15.36
C ASP B 55 1.51 -0.91 -15.11
N LEU B 56 1.98 0.20 -15.67
CA LEU B 56 3.39 0.58 -15.51
C LEU B 56 3.61 1.12 -14.10
N GLN B 57 2.56 1.70 -13.52
CA GLN B 57 2.62 2.24 -12.18
C GLN B 57 2.86 1.12 -11.16
N LYS B 58 2.40 -0.08 -11.50
CA LYS B 58 2.59 -1.24 -10.65
C LYS B 58 4.06 -1.50 -10.38
N GLU B 59 4.91 -1.18 -11.35
CA GLU B 59 6.34 -1.39 -11.19
C GLU B 59 6.92 -0.39 -10.19
N LEU B 60 6.76 0.88 -10.50
CA LEU B 60 7.29 1.97 -9.66
C LEU B 60 6.73 1.89 -8.25
N ALA B 61 5.47 1.50 -8.13
CA ALA B 61 4.81 1.39 -6.85
C ALA B 61 5.51 0.36 -5.96
N VAL B 62 5.83 -0.80 -6.54
CA VAL B 62 6.51 -1.87 -5.79
C VAL B 62 7.88 -1.39 -5.32
N ASN B 63 8.51 -0.54 -6.11
CA ASN B 63 9.83 -0.01 -5.80
C ASN B 63 9.80 0.80 -4.51
N TYR B 64 8.63 1.32 -4.14
CA TYR B 64 8.47 2.03 -2.89
C TYR B 64 8.27 1.05 -1.75
N LEU B 65 7.49 0.01 -1.99
CA LEU B 65 7.28 -1.03 -0.99
C LEU B 65 8.60 -1.74 -0.68
N ASN B 66 9.47 -1.82 -1.67
CA ASN B 66 10.79 -2.39 -1.48
C ASN B 66 11.58 -1.61 -0.44
N THR B 67 11.46 -0.29 -0.50
CA THR B 67 12.17 0.57 0.44
C THR B 67 11.49 0.60 1.80
N LEU B 68 10.28 0.03 1.86
CA LEU B 68 9.50 0.00 3.09
C LEU B 68 9.56 -1.37 3.76
N ARG B 69 10.00 -2.38 3.02
CA ARG B 69 10.15 -3.72 3.55
C ARG B 69 11.52 -3.89 4.18
N TYR B 70 11.74 -5.03 4.84
CA TYR B 70 12.98 -5.27 5.56
C TYR B 70 14.20 -5.11 4.65
N GLY B 71 15.20 -4.40 5.15
CA GLY B 71 16.42 -4.20 4.40
C GLY B 71 16.35 -3.00 3.49
N GLY B 72 15.32 -2.18 3.66
CA GLY B 72 15.16 -1.00 2.87
C GLY B 72 15.85 0.18 3.51
N ILE B 73 15.67 1.34 2.91
CA ILE B 73 16.37 2.54 3.34
C ILE B 73 15.60 3.28 4.43
N HIS B 74 14.30 3.45 4.24
CA HIS B 74 13.45 4.14 5.21
C HIS B 74 12.28 3.25 5.56
N TYR B 75 12.58 1.98 5.82
CA TYR B 75 11.54 0.99 6.00
C TYR B 75 10.88 1.11 7.36
N ASN B 76 9.62 0.73 7.40
CA ASN B 76 8.82 0.82 8.61
C ASN B 76 8.25 -0.54 8.94
N GLU B 77 8.39 -0.93 10.20
CA GLU B 77 8.06 -2.28 10.64
C GLU B 77 6.57 -2.57 10.49
N ALA B 78 5.74 -1.55 10.60
CA ALA B 78 4.31 -1.72 10.44
C ALA B 78 3.98 -1.98 8.97
N ILE B 79 4.73 -1.35 8.07
CA ILE B 79 4.58 -1.60 6.65
C ILE B 79 5.05 -3.02 6.32
N GLU B 80 6.13 -3.42 6.98
CA GLU B 80 6.65 -4.78 6.84
C GLU B 80 5.58 -5.79 7.23
N GLU B 81 5.02 -5.61 8.42
CA GLU B 81 3.95 -6.47 8.91
C GLU B 81 2.72 -6.34 8.02
N PHE B 82 2.43 -5.11 7.57
CA PHE B 82 1.32 -4.84 6.68
C PHE B 82 1.42 -5.74 5.46
N CYS B 83 2.57 -5.70 4.81
CA CYS B 83 2.84 -6.53 3.66
C CYS B 83 2.66 -8.01 3.99
N GLN B 84 3.22 -8.43 5.12
CA GLN B 84 3.21 -9.84 5.50
C GLN B 84 1.81 -10.35 5.79
N ILE B 85 1.09 -9.64 6.67
CA ILE B 85 -0.25 -10.03 7.06
C ILE B 85 -1.21 -9.98 5.85
N LEU B 86 -1.07 -8.94 5.06
CA LEU B 86 -1.96 -8.72 3.93
C LEU B 86 -1.74 -9.76 2.83
N LEU B 87 -0.50 -9.89 2.37
CA LEU B 87 -0.20 -10.79 1.25
C LEU B 87 -0.52 -12.22 1.64
N ASP B 88 -0.42 -12.49 2.94
CA ASP B 88 -0.69 -13.81 3.49
C ASP B 88 -2.08 -14.28 3.11
N LYS B 89 -3.03 -13.37 3.21
CA LYS B 89 -4.42 -13.68 2.94
C LYS B 89 -4.75 -13.45 1.47
N LEU B 90 -4.07 -12.49 0.86
CA LEU B 90 -4.28 -12.19 -0.56
C LEU B 90 -3.86 -13.36 -1.44
N ASN B 91 -2.88 -14.12 -0.98
CA ASN B 91 -2.46 -15.32 -1.71
C ASN B 91 -3.24 -16.53 -1.24
N ALA B 92 -3.94 -16.39 -0.13
CA ALA B 92 -4.69 -17.50 0.46
C ALA B 92 -6.11 -17.55 -0.06
N VAL B 93 -6.48 -16.55 -0.84
CA VAL B 93 -7.81 -16.51 -1.44
C VAL B 93 -7.75 -17.13 -2.83
N LYS B 94 -6.55 -17.16 -3.37
CA LYS B 94 -6.31 -17.72 -4.69
C LYS B 94 -6.24 -19.23 -4.61
N LYS B 95 -7.38 -19.87 -4.81
CA LYS B 95 -7.46 -21.32 -4.75
C LYS B 95 -7.10 -21.91 -6.11
N GLY A 1 19.95 -8.21 -0.36
CA GLY A 1 20.19 -9.65 -0.58
C GLY A 1 19.22 -10.23 -1.60
N PRO A 2 18.84 -11.51 -1.45
CA PRO A 2 17.90 -12.16 -2.36
C PRO A 2 16.51 -11.56 -2.27
N HIS A 3 16.16 -10.75 -3.26
CA HIS A 3 14.82 -10.18 -3.35
C HIS A 3 13.84 -11.24 -3.81
N MET A 4 12.94 -11.64 -2.93
CA MET A 4 11.94 -12.63 -3.27
C MET A 4 11.03 -12.12 -4.38
N PHE A 5 11.00 -12.84 -5.48
CA PHE A 5 10.17 -12.47 -6.59
C PHE A 5 8.79 -13.08 -6.42
N ALA A 6 7.77 -12.25 -6.53
CA ALA A 6 6.40 -12.68 -6.29
C ALA A 6 5.43 -11.61 -6.74
N ASN A 7 4.15 -11.96 -6.76
CA ASN A 7 3.10 -11.06 -7.22
C ASN A 7 2.38 -10.45 -6.04
N GLU A 8 2.96 -10.65 -4.85
CA GLU A 8 2.40 -10.10 -3.63
C GLU A 8 2.32 -8.58 -3.70
N ASN A 9 3.41 -7.94 -4.10
CA ASN A 9 3.45 -6.50 -4.25
C ASN A 9 2.40 -6.01 -5.23
N SER A 10 2.17 -6.80 -6.28
CA SER A 10 1.14 -6.49 -7.27
C SER A 10 -0.24 -6.43 -6.61
N GLN A 11 -0.43 -7.28 -5.60
CA GLN A 11 -1.67 -7.30 -4.83
C GLN A 11 -1.66 -6.15 -3.81
N LEU A 12 -0.50 -5.92 -3.20
CA LEU A 12 -0.31 -4.83 -2.25
C LEU A 12 -0.73 -3.50 -2.83
N LEU A 13 -0.22 -3.19 -4.02
CA LEU A 13 -0.47 -1.91 -4.68
C LEU A 13 -1.95 -1.65 -4.84
N ASP A 14 -2.64 -2.61 -5.45
CA ASP A 14 -4.05 -2.43 -5.79
C ASP A 14 -4.91 -2.47 -4.53
N PHE A 15 -4.43 -3.17 -3.50
CA PHE A 15 -5.09 -3.19 -2.21
C PHE A 15 -5.08 -1.80 -1.59
N ILE A 16 -3.88 -1.27 -1.40
CA ILE A 16 -3.70 0.08 -0.84
C ILE A 16 -4.47 1.09 -1.68
N ARG A 17 -4.48 0.86 -2.99
CA ARG A 17 -5.19 1.69 -3.94
C ARG A 17 -6.68 1.75 -3.62
N GLU A 18 -7.27 0.61 -3.27
CA GLU A 18 -8.69 0.54 -2.94
C GLU A 18 -8.99 1.27 -1.63
N LEU A 19 -8.07 1.17 -0.67
CA LEU A 19 -8.23 1.87 0.61
C LEU A 19 -8.32 3.37 0.38
N GLY A 20 -7.36 3.91 -0.35
CA GLY A 20 -7.35 5.33 -0.63
C GLY A 20 -8.49 5.76 -1.55
N ASP A 21 -9.04 4.81 -2.31
CA ASP A 21 -10.11 5.10 -3.25
C ASP A 21 -11.41 5.47 -2.52
N VAL A 22 -11.71 4.76 -1.43
CA VAL A 22 -12.94 5.00 -0.69
C VAL A 22 -12.69 5.93 0.50
N GLY A 23 -11.43 6.08 0.85
CA GLY A 23 -11.07 6.98 1.93
C GLY A 23 -10.84 6.26 3.24
N LEU A 24 -10.24 5.08 3.16
CA LEU A 24 -9.86 4.32 4.34
C LEU A 24 -8.40 4.54 4.67
N LEU A 25 -7.68 5.13 3.72
CA LEU A 25 -6.25 5.34 3.86
C LEU A 25 -5.97 6.78 4.22
N GLU A 26 -7.00 7.61 4.15
CA GLU A 26 -6.88 9.02 4.44
C GLU A 26 -6.39 9.25 5.86
N TYR A 27 -5.46 10.17 6.01
CA TYR A 27 -4.82 10.41 7.28
C TYR A 27 -4.60 11.90 7.51
N GLU A 28 -4.07 12.24 8.68
CA GLU A 28 -3.76 13.61 9.02
C GLU A 28 -2.59 13.62 10.01
N LEU A 29 -1.56 14.38 9.69
CA LEU A 29 -0.32 14.36 10.46
C LEU A 29 -0.14 15.65 11.25
N SER A 30 0.47 15.52 12.42
CA SER A 30 0.86 16.68 13.21
C SER A 30 2.26 17.14 12.78
N GLN A 31 2.69 18.30 13.25
CA GLN A 31 4.00 18.83 12.88
C GLN A 31 5.11 17.82 13.15
N GLN A 32 5.05 17.19 14.31
CA GLN A 32 6.06 16.21 14.70
C GLN A 32 6.01 15.00 13.77
N GLU A 33 4.80 14.54 13.48
CA GLU A 33 4.59 13.40 12.61
C GLU A 33 5.07 13.72 11.19
N LYS A 34 4.92 14.97 10.78
CA LYS A 34 5.35 15.38 9.46
C LYS A 34 6.88 15.50 9.42
N ASP A 35 7.45 15.86 10.56
CA ASP A 35 8.88 16.11 10.65
C ASP A 35 9.66 14.79 10.59
N VAL A 36 9.05 13.72 11.08
CA VAL A 36 9.72 12.42 11.07
C VAL A 36 9.52 11.70 9.73
N LEU A 37 8.44 12.02 9.04
CA LEU A 37 8.10 11.35 7.80
C LEU A 37 8.63 12.10 6.58
N PHE A 38 8.37 13.40 6.52
CA PHE A 38 8.92 14.23 5.46
C PHE A 38 10.39 14.50 5.73
N GLY A 39 10.74 14.52 7.01
CA GLY A 39 12.11 14.68 7.40
C GLY A 39 12.86 13.37 7.38
N SER A 40 12.55 12.55 6.38
CA SER A 40 13.16 11.25 6.24
C SER A 40 14.44 11.35 5.43
N MET B 1 -17.84 4.29 12.40
CA MET B 1 -17.99 3.45 11.19
C MET B 1 -16.98 3.85 10.14
N ASN B 2 -16.69 2.94 9.22
CA ASN B 2 -15.80 3.22 8.11
C ASN B 2 -16.41 2.70 6.82
N LYS B 3 -15.63 2.70 5.76
CA LYS B 3 -16.11 2.25 4.45
C LYS B 3 -15.54 0.88 4.14
N THR B 4 -16.04 0.27 3.08
CA THR B 4 -15.53 -1.01 2.63
C THR B 4 -14.72 -0.85 1.36
N LEU B 5 -14.01 -1.90 0.98
CA LEU B 5 -13.16 -1.84 -0.20
C LEU B 5 -13.97 -1.95 -1.48
N LYS B 6 -13.28 -1.95 -2.59
CA LYS B 6 -13.93 -1.98 -3.89
C LYS B 6 -14.21 -3.42 -4.27
N THR B 7 -13.21 -4.25 -4.07
CA THR B 7 -13.32 -5.68 -4.33
C THR B 7 -13.64 -6.41 -3.03
N LYS B 8 -14.63 -7.29 -3.07
CA LYS B 8 -15.02 -8.06 -1.90
C LYS B 8 -13.94 -9.06 -1.53
N ALA B 9 -13.25 -9.57 -2.55
CA ALA B 9 -12.12 -10.47 -2.33
C ALA B 9 -11.02 -9.77 -1.56
N PHE B 10 -10.98 -8.45 -1.65
CA PHE B 10 -10.02 -7.64 -0.91
C PHE B 10 -10.62 -7.18 0.41
N ASP B 11 -11.87 -6.72 0.34
CA ASP B 11 -12.59 -6.22 1.51
C ASP B 11 -12.62 -7.27 2.61
N ASP B 12 -12.71 -8.53 2.21
CA ASP B 12 -12.74 -9.65 3.14
C ASP B 12 -11.60 -9.56 4.13
N ILE B 13 -10.39 -9.38 3.62
CA ILE B 13 -9.20 -9.32 4.47
C ILE B 13 -9.22 -8.08 5.33
N TYR B 14 -9.65 -6.97 4.75
CA TYR B 14 -9.67 -5.70 5.48
C TYR B 14 -10.62 -5.77 6.67
N GLN B 15 -11.65 -6.60 6.56
CA GLN B 15 -12.60 -6.77 7.66
C GLN B 15 -12.19 -7.92 8.58
N ASN B 16 -11.51 -8.91 8.01
CA ASN B 16 -11.22 -10.15 8.73
C ASN B 16 -9.82 -10.15 9.36
N SER B 17 -9.02 -9.15 9.02
CA SER B 17 -7.67 -9.05 9.56
C SER B 17 -7.53 -7.75 10.33
N ALA B 18 -7.91 -7.78 11.60
CA ALA B 18 -7.76 -6.63 12.47
C ALA B 18 -6.27 -6.39 12.76
N GLU B 19 -5.49 -7.44 12.55
CA GLU B 19 -4.05 -7.36 12.69
C GLU B 19 -3.45 -6.50 11.58
N LEU B 20 -4.19 -6.43 10.47
CA LEU B 20 -3.81 -5.60 9.34
C LEU B 20 -4.32 -4.18 9.58
N GLN B 21 -5.50 -4.09 10.21
CA GLN B 21 -6.13 -2.80 10.48
C GLN B 21 -5.41 -2.02 11.57
N GLU B 22 -4.88 -2.72 12.57
CA GLU B 22 -4.21 -2.05 13.68
C GLU B 22 -2.95 -1.35 13.19
N LEU B 23 -2.37 -1.88 12.12
CA LEU B 23 -1.18 -1.29 11.52
C LEU B 23 -1.54 0.01 10.81
N LEU B 24 -2.77 0.05 10.30
CA LEU B 24 -3.27 1.25 9.62
C LEU B 24 -3.59 2.36 10.61
N LYS B 25 -3.61 2.01 11.90
CA LYS B 25 -3.82 3.03 12.94
C LYS B 25 -2.62 3.96 13.00
N TYR B 26 -1.45 3.41 12.74
CA TYR B 26 -0.22 4.20 12.73
C TYR B 26 -0.21 5.14 11.54
N ASN B 27 0.06 6.41 11.79
CA ASN B 27 0.04 7.43 10.75
C ASN B 27 1.29 7.33 9.87
N THR B 28 2.33 6.68 10.39
CA THR B 28 3.55 6.47 9.64
C THR B 28 3.29 5.48 8.52
N VAL B 29 2.42 4.53 8.82
CA VAL B 29 2.04 3.50 7.88
C VAL B 29 1.20 4.09 6.76
N LYS B 30 0.05 4.65 7.14
CA LYS B 30 -0.86 5.27 6.18
C LYS B 30 -0.14 6.27 5.29
N PHE B 31 0.79 7.03 5.88
CA PHE B 31 1.57 8.01 5.14
C PHE B 31 2.32 7.36 3.97
N HIS B 32 3.06 6.30 4.26
CA HIS B 32 3.87 5.64 3.26
C HIS B 32 3.00 4.97 2.21
N LEU B 33 1.89 4.41 2.64
CA LEU B 33 0.98 3.72 1.74
C LEU B 33 0.27 4.71 0.82
N ALA B 34 -0.06 5.88 1.36
CA ALA B 34 -0.72 6.90 0.56
C ALA B 34 0.21 7.42 -0.53
N LYS B 35 1.50 7.44 -0.23
CA LYS B 35 2.49 7.89 -1.20
C LYS B 35 2.54 6.93 -2.39
N VAL B 36 2.37 5.64 -2.15
CA VAL B 36 2.38 4.68 -3.25
C VAL B 36 1.06 4.75 -3.99
N TYR B 37 -0.01 5.07 -3.27
CA TYR B 37 -1.32 5.26 -3.87
C TYR B 37 -1.29 6.39 -4.90
N ARG B 38 -0.53 7.43 -4.58
CA ARG B 38 -0.35 8.56 -5.50
C ARG B 38 0.34 8.10 -6.79
N ILE B 39 1.08 7.00 -6.68
CA ILE B 39 1.78 6.45 -7.82
C ILE B 39 0.83 5.67 -8.72
N LEU B 40 -0.04 4.86 -8.12
CA LEU B 40 -1.03 4.11 -8.90
C LEU B 40 -2.09 5.05 -9.46
N SER B 41 -2.19 6.23 -8.86
CA SER B 41 -3.08 7.27 -9.36
C SER B 41 -2.32 8.13 -10.37
N SER B 42 -1.21 7.57 -10.86
CA SER B 42 -0.33 8.24 -11.81
C SER B 42 0.45 9.36 -11.13
N THR B 43 1.77 9.24 -11.16
CA THR B 43 2.66 10.22 -10.52
C THR B 43 2.46 11.60 -11.14
N VAL B 44 2.03 11.62 -12.39
CA VAL B 44 1.74 12.85 -13.09
C VAL B 44 0.30 12.87 -13.56
N ASN B 45 -0.13 14.00 -14.08
CA ASN B 45 -1.50 14.14 -14.54
C ASN B 45 -1.53 14.26 -16.06
N ASP B 46 -0.54 13.63 -16.69
CA ASP B 46 -0.42 13.65 -18.15
C ASP B 46 -0.75 12.28 -18.72
N GLY B 47 0.07 11.28 -18.39
CA GLY B 47 -0.20 9.91 -18.82
C GLY B 47 -0.13 9.75 -20.33
N SER B 48 1.00 10.09 -20.91
CA SER B 48 1.17 10.00 -22.36
C SER B 48 1.58 8.59 -22.78
N SER B 49 1.77 7.73 -21.80
CA SER B 49 2.18 6.35 -22.04
C SER B 49 1.20 5.64 -22.98
N GLY B 50 1.74 5.08 -24.06
CA GLY B 50 0.91 4.40 -25.04
C GLY B 50 0.48 3.02 -24.58
N LYS B 51 1.34 2.37 -23.81
CA LYS B 51 1.05 1.04 -23.27
C LYS B 51 0.55 1.16 -21.85
N MET B 52 -0.44 2.03 -21.67
CA MET B 52 -1.03 2.31 -20.38
C MET B 52 -0.04 3.00 -19.45
N ASN B 53 -0.56 3.84 -18.60
CA ASN B 53 0.26 4.64 -17.69
C ASN B 53 0.36 3.97 -16.34
N SER B 54 -0.78 3.55 -15.82
CA SER B 54 -0.85 2.92 -14.51
C SER B 54 -0.10 1.58 -14.52
N ASP B 55 -0.02 0.98 -15.70
CA ASP B 55 0.73 -0.27 -15.88
C ASP B 55 2.21 -0.06 -15.58
N LEU B 56 2.72 1.10 -15.99
CA LEU B 56 4.11 1.44 -15.74
C LEU B 56 4.27 1.93 -14.30
N GLN B 57 3.20 2.56 -13.79
CA GLN B 57 3.19 3.08 -12.43
C GLN B 57 3.34 1.95 -11.42
N LYS B 58 2.97 0.73 -11.82
CA LYS B 58 3.16 -0.46 -11.00
C LYS B 58 4.62 -0.55 -10.55
N GLU B 59 5.52 -0.35 -11.50
CA GLU B 59 6.95 -0.47 -11.24
C GLU B 59 7.38 0.54 -10.18
N LEU B 60 7.00 1.79 -10.38
CA LEU B 60 7.35 2.87 -9.45
C LEU B 60 6.69 2.64 -8.10
N ALA B 61 5.49 2.07 -8.11
CA ALA B 61 4.76 1.78 -6.89
C ALA B 61 5.50 0.72 -6.08
N VAL B 62 5.89 -0.37 -6.74
CA VAL B 62 6.64 -1.44 -6.06
C VAL B 62 7.98 -0.92 -5.55
N ASN B 63 8.58 0.00 -6.31
CA ASN B 63 9.87 0.60 -5.94
C ASN B 63 9.81 1.21 -4.55
N TYR B 64 8.65 1.73 -4.19
CA TYR B 64 8.46 2.30 -2.87
C TYR B 64 8.38 1.20 -1.82
N LEU B 65 7.53 0.22 -2.05
CA LEU B 65 7.36 -0.88 -1.10
C LEU B 65 8.67 -1.66 -0.94
N ASN B 66 9.52 -1.60 -1.95
CA ASN B 66 10.83 -2.25 -1.88
C ASN B 66 11.77 -1.49 -0.94
N THR B 67 11.44 -0.25 -0.62
CA THR B 67 12.24 0.50 0.34
C THR B 67 11.58 0.41 1.70
N LEU B 68 10.36 -0.10 1.69
CA LEU B 68 9.60 -0.39 2.91
C LEU B 68 9.79 -1.85 3.28
N ARG B 69 10.47 -2.57 2.41
CA ARG B 69 10.76 -3.98 2.61
C ARG B 69 11.84 -4.13 3.67
N TYR B 70 11.82 -5.24 4.39
CA TYR B 70 12.87 -5.56 5.36
C TYR B 70 14.23 -5.52 4.65
N GLY B 71 15.13 -4.73 5.19
CA GLY B 71 16.41 -4.53 4.53
C GLY B 71 16.34 -3.41 3.51
N GLY B 72 15.54 -2.40 3.82
CA GLY B 72 15.43 -1.25 2.96
C GLY B 72 16.10 -0.03 3.55
N ILE B 73 15.61 1.14 3.19
CA ILE B 73 16.18 2.39 3.70
C ILE B 73 15.27 3.06 4.72
N HIS B 74 13.99 3.15 4.41
CA HIS B 74 13.03 3.82 5.29
C HIS B 74 11.86 2.90 5.58
N TYR B 75 12.16 1.66 5.91
CA TYR B 75 11.12 0.68 6.13
C TYR B 75 10.61 0.76 7.57
N ASN B 76 9.31 0.58 7.73
CA ASN B 76 8.68 0.69 9.03
C ASN B 76 8.35 -0.68 9.57
N GLU B 77 8.37 -0.81 10.90
CA GLU B 77 8.08 -2.08 11.55
C GLU B 77 6.65 -2.52 11.26
N ALA B 78 5.74 -1.56 11.15
CA ALA B 78 4.34 -1.84 10.91
C ALA B 78 4.11 -2.20 9.44
N ILE B 79 4.98 -1.70 8.57
CA ILE B 79 4.87 -1.99 7.15
C ILE B 79 5.40 -3.40 6.85
N GLU B 80 6.44 -3.79 7.57
CA GLU B 80 6.97 -5.14 7.50
C GLU B 80 5.85 -6.14 7.82
N GLU B 81 5.17 -5.90 8.93
CA GLU B 81 4.03 -6.72 9.33
C GLU B 81 2.88 -6.58 8.34
N PHE B 82 2.63 -5.34 7.91
CA PHE B 82 1.55 -5.02 6.99
C PHE B 82 1.62 -5.91 5.76
N CYS B 83 2.75 -5.85 5.07
CA CYS B 83 2.96 -6.63 3.85
C CYS B 83 2.70 -8.11 4.11
N GLN B 84 3.27 -8.62 5.19
CA GLN B 84 3.18 -10.04 5.50
C GLN B 84 1.75 -10.47 5.78
N ILE B 85 1.09 -9.79 6.70
CA ILE B 85 -0.29 -10.10 7.08
C ILE B 85 -1.24 -9.94 5.89
N LEU B 86 -1.04 -8.87 5.14
CA LEU B 86 -1.91 -8.52 4.03
C LEU B 86 -1.78 -9.53 2.89
N LEU B 87 -0.58 -9.66 2.35
CA LEU B 87 -0.35 -10.58 1.23
C LEU B 87 -0.71 -12.00 1.63
N ASP B 88 -0.57 -12.30 2.92
CA ASP B 88 -0.85 -13.62 3.46
C ASP B 88 -2.27 -14.05 3.17
N LYS B 89 -3.20 -13.16 3.48
CA LYS B 89 -4.61 -13.47 3.32
C LYS B 89 -5.05 -13.33 1.87
N LEU B 90 -4.33 -12.49 1.12
CA LEU B 90 -4.61 -12.33 -0.30
C LEU B 90 -4.20 -13.58 -1.07
N ASN B 91 -3.07 -14.17 -0.70
CA ASN B 91 -2.63 -15.42 -1.33
C ASN B 91 -3.38 -16.60 -0.74
N ALA B 92 -4.22 -16.32 0.24
CA ALA B 92 -5.02 -17.35 0.87
C ALA B 92 -6.37 -17.51 0.20
N VAL B 93 -6.67 -16.61 -0.72
CA VAL B 93 -7.94 -16.64 -1.44
C VAL B 93 -7.70 -16.96 -2.92
N LYS B 94 -6.52 -16.61 -3.40
CA LYS B 94 -6.14 -16.88 -4.79
C LYS B 94 -6.17 -18.38 -5.07
N LYS B 95 -7.09 -18.79 -5.94
CA LYS B 95 -7.24 -20.18 -6.29
C LYS B 95 -6.10 -20.65 -7.19
N GLY A 1 6.52 -14.78 -3.61
CA GLY A 1 5.60 -15.82 -4.08
C GLY A 1 6.34 -17.03 -4.60
N PRO A 2 5.68 -17.88 -5.40
CA PRO A 2 6.29 -19.08 -5.97
C PRO A 2 7.23 -18.74 -7.14
N HIS A 3 8.41 -18.20 -6.81
CA HIS A 3 9.42 -17.84 -7.80
C HIS A 3 8.94 -16.75 -8.74
N MET A 4 9.83 -16.33 -9.64
CA MET A 4 9.54 -15.28 -10.60
C MET A 4 9.24 -13.97 -9.88
N PHE A 5 8.55 -13.06 -10.55
CA PHE A 5 8.12 -11.82 -9.92
C PHE A 5 7.23 -12.13 -8.72
N ALA A 6 7.33 -11.30 -7.70
CA ALA A 6 6.53 -11.49 -6.50
C ALA A 6 5.21 -10.75 -6.63
N ASN A 7 4.14 -11.51 -6.78
CA ASN A 7 2.85 -10.92 -7.13
C ASN A 7 2.04 -10.60 -5.88
N GLU A 8 2.61 -10.86 -4.72
CA GLU A 8 2.05 -10.35 -3.48
C GLU A 8 1.99 -8.84 -3.54
N ASN A 9 3.01 -8.24 -4.16
CA ASN A 9 3.06 -6.79 -4.36
C ASN A 9 1.88 -6.35 -5.21
N SER A 10 1.64 -7.08 -6.28
CA SER A 10 0.51 -6.80 -7.18
C SER A 10 -0.80 -6.71 -6.39
N GLN A 11 -0.97 -7.62 -5.43
CA GLN A 11 -2.18 -7.65 -4.62
C GLN A 11 -2.16 -6.51 -3.61
N LEU A 12 -0.98 -6.24 -3.05
CA LEU A 12 -0.80 -5.13 -2.11
C LEU A 12 -1.17 -3.80 -2.75
N LEU A 13 -0.67 -3.58 -3.97
CA LEU A 13 -0.84 -2.31 -4.68
C LEU A 13 -2.31 -1.94 -4.80
N ASP A 14 -3.09 -2.82 -5.41
CA ASP A 14 -4.50 -2.54 -5.64
C ASP A 14 -5.28 -2.48 -4.34
N PHE A 15 -4.82 -3.22 -3.34
CA PHE A 15 -5.44 -3.22 -2.03
C PHE A 15 -5.30 -1.85 -1.39
N ILE A 16 -4.06 -1.41 -1.23
CA ILE A 16 -3.76 -0.09 -0.66
C ILE A 16 -4.47 1.00 -1.47
N ARG A 17 -4.52 0.78 -2.78
CA ARG A 17 -5.18 1.70 -3.70
C ARG A 17 -6.66 1.82 -3.39
N GLU A 18 -7.31 0.69 -3.13
CA GLU A 18 -8.74 0.69 -2.81
C GLU A 18 -9.00 1.37 -1.47
N LEU A 19 -8.09 1.20 -0.51
CA LEU A 19 -8.19 1.87 0.78
C LEU A 19 -8.25 3.39 0.59
N GLY A 20 -7.32 3.91 -0.20
CA GLY A 20 -7.28 5.34 -0.46
C GLY A 20 -8.46 5.81 -1.28
N ASP A 21 -8.95 4.95 -2.16
CA ASP A 21 -10.04 5.30 -3.08
C ASP A 21 -11.36 5.51 -2.34
N VAL A 22 -11.54 4.82 -1.23
CA VAL A 22 -12.77 4.95 -0.45
C VAL A 22 -12.55 5.78 0.81
N GLY A 23 -11.31 6.22 0.99
CA GLY A 23 -11.00 7.11 2.10
C GLY A 23 -10.76 6.38 3.40
N LEU A 24 -10.14 5.21 3.33
CA LEU A 24 -9.77 4.45 4.52
C LEU A 24 -8.26 4.51 4.75
N LEU A 25 -7.55 5.11 3.82
CA LEU A 25 -6.10 5.23 3.94
C LEU A 25 -5.72 6.65 4.29
N GLU A 26 -6.67 7.56 4.15
CA GLU A 26 -6.41 8.97 4.35
C GLU A 26 -6.13 9.28 5.82
N TYR A 27 -5.16 10.13 6.03
CA TYR A 27 -4.63 10.38 7.36
C TYR A 27 -4.46 11.88 7.57
N GLU A 28 -4.03 12.26 8.77
CA GLU A 28 -3.84 13.66 9.13
C GLU A 28 -2.61 13.80 9.99
N LEU A 29 -1.60 14.49 9.48
CA LEU A 29 -0.31 14.58 10.15
C LEU A 29 -0.18 15.88 10.94
N SER A 30 0.30 15.76 12.16
CA SER A 30 0.62 16.92 12.98
C SER A 30 2.05 17.37 12.68
N GLN A 31 2.46 18.50 13.23
CA GLN A 31 3.78 19.03 12.96
C GLN A 31 4.86 18.02 13.32
N GLN A 32 4.71 17.37 14.46
CA GLN A 32 5.67 16.38 14.92
C GLN A 32 5.71 15.18 13.98
N GLU A 33 4.52 14.75 13.56
CA GLU A 33 4.39 13.61 12.66
C GLU A 33 4.96 13.96 11.29
N LYS A 34 4.92 15.23 10.94
CA LYS A 34 5.46 15.69 9.67
C LYS A 34 6.97 15.73 9.73
N ASP A 35 7.50 16.06 10.89
CA ASP A 35 8.93 16.24 11.07
C ASP A 35 9.67 14.91 10.96
N VAL A 36 9.02 13.83 11.39
CA VAL A 36 9.66 12.52 11.38
C VAL A 36 9.51 11.84 10.02
N LEU A 37 8.52 12.24 9.25
CA LEU A 37 8.26 11.62 7.95
C LEU A 37 8.93 12.41 6.83
N PHE A 38 8.66 13.70 6.78
CA PHE A 38 9.24 14.55 5.74
C PHE A 38 10.67 14.90 6.08
N GLY A 39 11.00 14.83 7.36
CA GLY A 39 12.34 15.13 7.80
C GLY A 39 13.25 13.93 7.72
N SER A 40 12.75 12.85 7.14
CA SER A 40 13.53 11.63 6.99
C SER A 40 13.52 11.17 5.54
N MET B 1 -21.63 3.20 10.10
CA MET B 1 -21.34 3.97 8.87
C MET B 1 -19.86 3.96 8.56
N ASN B 2 -19.41 2.89 7.91
CA ASN B 2 -18.01 2.75 7.56
C ASN B 2 -17.91 2.25 6.12
N LYS B 3 -16.93 2.74 5.39
CA LYS B 3 -16.73 2.33 4.02
C LYS B 3 -16.01 1.00 3.95
N THR B 4 -16.22 0.32 2.85
CA THR B 4 -15.58 -0.94 2.58
C THR B 4 -14.76 -0.83 1.32
N LEU B 5 -14.06 -1.90 0.95
CA LEU B 5 -13.24 -1.87 -0.25
C LEU B 5 -14.11 -1.93 -1.51
N LYS B 6 -13.46 -1.96 -2.65
CA LYS B 6 -14.15 -1.95 -3.92
C LYS B 6 -14.32 -3.38 -4.42
N THR B 7 -13.26 -4.16 -4.26
CA THR B 7 -13.32 -5.57 -4.56
C THR B 7 -13.69 -6.34 -3.30
N LYS B 8 -14.74 -7.13 -3.37
CA LYS B 8 -15.22 -7.88 -2.22
C LYS B 8 -14.21 -8.94 -1.81
N ALA B 9 -13.52 -9.49 -2.80
CA ALA B 9 -12.46 -10.46 -2.55
C ALA B 9 -11.35 -9.83 -1.71
N PHE B 10 -11.19 -8.52 -1.86
CA PHE B 10 -10.22 -7.75 -1.10
C PHE B 10 -10.80 -7.32 0.24
N ASP B 11 -12.04 -6.84 0.20
CA ASP B 11 -12.74 -6.34 1.38
C ASP B 11 -12.75 -7.39 2.49
N ASP B 12 -12.87 -8.65 2.09
CA ASP B 12 -12.87 -9.78 3.02
C ASP B 12 -11.68 -9.72 3.96
N ILE B 13 -10.48 -9.62 3.39
CA ILE B 13 -9.26 -9.60 4.20
C ILE B 13 -9.22 -8.35 5.08
N TYR B 14 -9.64 -7.22 4.52
CA TYR B 14 -9.60 -5.96 5.23
C TYR B 14 -10.45 -6.03 6.49
N GLN B 15 -11.54 -6.79 6.44
CA GLN B 15 -12.42 -6.93 7.58
C GLN B 15 -11.97 -8.07 8.49
N ASN B 16 -11.12 -8.95 7.96
CA ASN B 16 -10.69 -10.14 8.69
C ASN B 16 -9.21 -10.08 9.05
N SER B 17 -8.71 -8.89 9.31
CA SER B 17 -7.32 -8.72 9.72
C SER B 17 -7.18 -7.55 10.69
N ALA B 18 -7.47 -7.81 11.95
CA ALA B 18 -7.37 -6.80 12.98
C ALA B 18 -5.92 -6.36 13.18
N GLU B 19 -5.00 -7.29 12.97
CA GLU B 19 -3.58 -7.01 13.12
C GLU B 19 -3.09 -6.14 11.97
N LEU B 20 -3.85 -6.12 10.89
CA LEU B 20 -3.58 -5.23 9.78
C LEU B 20 -4.19 -3.86 10.05
N GLN B 21 -5.45 -3.87 10.48
CA GLN B 21 -6.21 -2.66 10.73
C GLN B 21 -5.54 -1.80 11.79
N GLU B 22 -4.79 -2.45 12.68
CA GLU B 22 -4.14 -1.74 13.78
C GLU B 22 -2.92 -0.97 13.27
N LEU B 23 -2.35 -1.45 12.17
CA LEU B 23 -1.19 -0.80 11.57
C LEU B 23 -1.66 0.44 10.81
N LEU B 24 -2.90 0.37 10.33
CA LEU B 24 -3.51 1.49 9.62
C LEU B 24 -4.04 2.54 10.60
N LYS B 25 -3.60 2.45 11.85
CA LYS B 25 -3.89 3.48 12.84
C LYS B 25 -2.70 4.41 12.98
N TYR B 26 -1.55 3.96 12.51
CA TYR B 26 -0.33 4.75 12.59
C TYR B 26 -0.20 5.60 11.34
N ASN B 27 -0.09 6.91 11.54
CA ASN B 27 -0.02 7.86 10.43
C ASN B 27 1.29 7.72 9.66
N THR B 28 2.29 7.12 10.29
CA THR B 28 3.56 6.83 9.62
C THR B 28 3.34 5.78 8.55
N VAL B 29 2.61 4.74 8.95
CA VAL B 29 2.26 3.65 8.08
C VAL B 29 1.40 4.13 6.92
N LYS B 30 0.29 4.75 7.28
CA LYS B 30 -0.67 5.27 6.30
C LYS B 30 -0.01 6.25 5.34
N PHE B 31 0.98 7.01 5.83
CA PHE B 31 1.68 7.99 5.01
C PHE B 31 2.43 7.31 3.88
N HIS B 32 3.24 6.31 4.23
CA HIS B 32 4.06 5.62 3.25
C HIS B 32 3.20 4.81 2.29
N LEU B 33 2.06 4.34 2.79
CA LEU B 33 1.13 3.59 1.97
C LEU B 33 0.39 4.51 1.01
N ALA B 34 0.05 5.71 1.48
CA ALA B 34 -0.59 6.69 0.62
C ALA B 34 0.37 7.16 -0.46
N LYS B 35 1.66 7.14 -0.12
CA LYS B 35 2.70 7.48 -1.07
C LYS B 35 2.65 6.58 -2.29
N VAL B 36 2.41 5.28 -2.07
CA VAL B 36 2.35 4.34 -3.18
C VAL B 36 1.01 4.47 -3.90
N TYR B 37 -0.04 4.79 -3.14
CA TYR B 37 -1.37 4.99 -3.71
C TYR B 37 -1.33 6.11 -4.77
N ARG B 38 -0.63 7.19 -4.44
CA ARG B 38 -0.47 8.31 -5.37
C ARG B 38 0.20 7.85 -6.65
N ILE B 39 1.04 6.84 -6.52
CA ILE B 39 1.75 6.26 -7.64
C ILE B 39 0.78 5.47 -8.55
N LEU B 40 -0.06 4.64 -7.94
CA LEU B 40 -1.02 3.85 -8.73
C LEU B 40 -2.09 4.73 -9.36
N SER B 41 -2.29 5.91 -8.79
CA SER B 41 -3.21 6.88 -9.37
C SER B 41 -2.46 7.81 -10.32
N SER B 42 -1.36 7.29 -10.87
CA SER B 42 -0.50 8.02 -11.80
C SER B 42 0.29 9.10 -11.08
N THR B 43 1.61 8.97 -11.11
CA THR B 43 2.50 9.96 -10.52
C THR B 43 2.65 11.16 -11.46
N VAL B 44 2.33 10.93 -12.73
CA VAL B 44 2.39 11.96 -13.74
C VAL B 44 1.04 12.11 -14.43
N ASN B 45 0.91 13.17 -15.21
CA ASN B 45 -0.34 13.46 -15.91
C ASN B 45 -0.20 13.13 -17.38
N ASP B 46 0.71 12.23 -17.69
CA ASP B 46 1.01 11.85 -19.06
C ASP B 46 -0.09 10.98 -19.64
N GLY B 47 -0.37 9.86 -18.98
CA GLY B 47 -1.37 8.93 -19.46
C GLY B 47 -0.94 8.25 -20.74
N SER B 48 0.22 7.60 -20.67
CA SER B 48 0.75 6.86 -21.81
C SER B 48 -0.23 5.79 -22.27
N SER B 49 -0.62 5.89 -23.54
CA SER B 49 -1.62 5.00 -24.09
C SER B 49 -0.97 3.83 -24.82
N GLY B 50 -1.58 2.65 -24.72
CA GLY B 50 -1.06 1.47 -25.37
C GLY B 50 0.01 0.80 -24.53
N LYS B 51 1.04 1.56 -24.19
CA LYS B 51 2.11 1.08 -23.33
C LYS B 51 1.79 1.36 -21.87
N MET B 52 0.52 1.66 -21.63
CA MET B 52 -0.10 1.85 -20.32
C MET B 52 0.79 2.47 -19.25
N ASN B 53 0.40 3.66 -18.86
CA ASN B 53 1.10 4.41 -17.82
C ASN B 53 0.81 3.77 -16.47
N SER B 54 -0.41 3.29 -16.32
CA SER B 54 -0.83 2.65 -15.09
C SER B 54 -0.07 1.34 -14.87
N ASP B 55 0.30 0.70 -15.98
CA ASP B 55 1.06 -0.55 -15.91
C ASP B 55 2.47 -0.27 -15.42
N LEU B 56 3.02 0.88 -15.83
CA LEU B 56 4.38 1.25 -15.45
C LEU B 56 4.40 1.78 -14.03
N GLN B 57 3.29 2.41 -13.61
CA GLN B 57 3.17 2.96 -12.26
C GLN B 57 3.31 1.85 -11.22
N LYS B 58 2.84 0.66 -11.57
CA LYS B 58 2.92 -0.48 -10.66
C LYS B 58 4.37 -0.84 -10.31
N GLU B 59 5.29 -0.60 -11.24
CA GLU B 59 6.69 -0.83 -10.96
C GLU B 59 7.17 0.13 -9.88
N LEU B 60 6.91 1.40 -10.10
CA LEU B 60 7.33 2.44 -9.16
C LEU B 60 6.65 2.23 -7.81
N ALA B 61 5.44 1.70 -7.85
CA ALA B 61 4.72 1.37 -6.63
C ALA B 61 5.45 0.29 -5.84
N VAL B 62 5.79 -0.80 -6.50
CA VAL B 62 6.54 -1.89 -5.87
C VAL B 62 7.88 -1.40 -5.36
N ASN B 63 8.51 -0.48 -6.11
CA ASN B 63 9.78 0.12 -5.72
C ASN B 63 9.70 0.69 -4.31
N TYR B 64 8.59 1.32 -3.99
CA TYR B 64 8.39 1.90 -2.67
C TYR B 64 8.28 0.81 -1.62
N LEU B 65 7.47 -0.21 -1.87
CA LEU B 65 7.31 -1.31 -0.93
C LEU B 65 8.64 -2.02 -0.70
N ASN B 66 9.47 -2.06 -1.74
CA ASN B 66 10.80 -2.64 -1.62
C ASN B 66 11.61 -1.88 -0.56
N THR B 67 11.54 -0.57 -0.61
CA THR B 67 12.28 0.27 0.31
C THR B 67 11.62 0.31 1.68
N LEU B 68 10.40 -0.22 1.78
CA LEU B 68 9.65 -0.20 3.03
C LEU B 68 9.71 -1.54 3.75
N ARG B 69 10.35 -2.52 3.13
CA ARG B 69 10.50 -3.83 3.75
C ARG B 69 11.92 -4.02 4.25
N TYR B 70 12.21 -5.20 4.81
CA TYR B 70 13.51 -5.49 5.40
C TYR B 70 14.66 -5.08 4.48
N GLY B 71 15.63 -4.39 5.05
CA GLY B 71 16.79 -3.97 4.30
C GLY B 71 16.48 -2.83 3.34
N GLY B 72 15.57 -1.96 3.75
CA GLY B 72 15.23 -0.81 2.93
C GLY B 72 15.96 0.44 3.39
N ILE B 73 15.33 1.58 3.19
CA ILE B 73 15.92 2.85 3.60
C ILE B 73 14.99 3.58 4.57
N HIS B 74 13.71 3.62 4.24
CA HIS B 74 12.72 4.24 5.11
C HIS B 74 11.69 3.21 5.53
N TYR B 75 12.16 2.00 5.77
CA TYR B 75 11.28 0.88 6.02
C TYR B 75 10.78 0.90 7.46
N ASN B 76 9.56 0.46 7.66
CA ASN B 76 8.97 0.41 8.99
C ASN B 76 8.53 -1.00 9.30
N GLU B 77 8.61 -1.38 10.57
CA GLU B 77 8.19 -2.69 11.01
C GLU B 77 6.69 -2.88 10.80
N ALA B 78 5.95 -1.79 10.83
CA ALA B 78 4.50 -1.85 10.60
C ALA B 78 4.21 -2.11 9.13
N ILE B 79 5.03 -1.56 8.24
CA ILE B 79 4.87 -1.81 6.81
C ILE B 79 5.27 -3.24 6.51
N GLU B 80 6.33 -3.70 7.18
CA GLU B 80 6.78 -5.07 7.05
C GLU B 80 5.67 -6.03 7.46
N GLU B 81 5.08 -5.80 8.62
CA GLU B 81 3.95 -6.61 9.07
C GLU B 81 2.77 -6.46 8.12
N PHE B 82 2.50 -5.23 7.70
CA PHE B 82 1.38 -4.93 6.82
C PHE B 82 1.38 -5.82 5.58
N CYS B 83 2.48 -5.78 4.83
CA CYS B 83 2.57 -6.56 3.60
C CYS B 83 2.43 -8.05 3.88
N GLN B 84 3.06 -8.53 4.95
CA GLN B 84 3.07 -9.95 5.27
C GLN B 84 1.67 -10.44 5.64
N ILE B 85 1.05 -9.74 6.59
CA ILE B 85 -0.30 -10.08 7.06
C ILE B 85 -1.28 -10.03 5.90
N LEU B 86 -1.18 -8.99 5.10
CA LEU B 86 -2.09 -8.76 3.99
C LEU B 86 -1.89 -9.78 2.87
N LEU B 87 -0.64 -9.95 2.43
CA LEU B 87 -0.37 -10.82 1.29
C LEU B 87 -0.69 -12.27 1.65
N ASP B 88 -0.60 -12.59 2.93
CA ASP B 88 -0.88 -13.94 3.41
C ASP B 88 -2.27 -14.37 2.98
N LYS B 89 -3.21 -13.47 3.17
CA LYS B 89 -4.61 -13.77 2.89
C LYS B 89 -4.92 -13.52 1.42
N LEU B 90 -4.21 -12.57 0.82
CA LEU B 90 -4.38 -12.27 -0.60
C LEU B 90 -3.83 -13.39 -1.48
N ASN B 91 -2.89 -14.15 -0.95
CA ASN B 91 -2.36 -15.31 -1.68
C ASN B 91 -3.04 -16.59 -1.20
N ALA B 92 -3.91 -16.46 -0.21
CA ALA B 92 -4.63 -17.61 0.33
C ALA B 92 -5.90 -17.86 -0.47
N VAL B 93 -6.20 -16.94 -1.36
CA VAL B 93 -7.34 -17.09 -2.25
C VAL B 93 -6.86 -17.64 -3.59
N LYS B 94 -5.57 -17.46 -3.83
CA LYS B 94 -4.94 -17.95 -5.03
C LYS B 94 -4.70 -19.45 -4.94
N LYS B 95 -5.42 -20.21 -5.76
CA LYS B 95 -5.32 -21.66 -5.79
C LYS B 95 -5.57 -22.25 -4.39
N GLY A 1 20.47 -4.31 -0.31
CA GLY A 1 20.31 -5.63 -0.97
C GLY A 1 19.56 -5.51 -2.28
N PRO A 2 19.62 -6.55 -3.13
CA PRO A 2 18.91 -6.55 -4.42
C PRO A 2 17.41 -6.55 -4.26
N HIS A 3 16.79 -5.42 -4.54
CA HIS A 3 15.34 -5.29 -4.45
C HIS A 3 14.67 -6.04 -5.60
N MET A 4 13.77 -6.95 -5.24
CA MET A 4 13.09 -7.77 -6.22
C MET A 4 11.63 -7.38 -6.33
N PHE A 5 11.01 -7.75 -7.43
CA PHE A 5 9.59 -7.51 -7.62
C PHE A 5 8.85 -8.84 -7.72
N ALA A 6 7.59 -8.82 -7.30
CA ALA A 6 6.79 -10.02 -7.22
C ALA A 6 5.33 -9.63 -7.04
N ASN A 7 4.44 -10.50 -7.48
CA ASN A 7 3.03 -10.16 -7.60
C ASN A 7 2.33 -10.13 -6.25
N GLU A 8 3.07 -10.48 -5.20
CA GLU A 8 2.61 -10.27 -3.84
C GLU A 8 2.40 -8.78 -3.62
N ASN A 9 3.27 -7.98 -4.24
CA ASN A 9 3.20 -6.54 -4.15
C ASN A 9 2.03 -6.02 -4.98
N SER A 10 1.75 -6.71 -6.08
CA SER A 10 0.63 -6.35 -6.93
C SER A 10 -0.67 -6.38 -6.13
N GLN A 11 -0.80 -7.40 -5.27
CA GLN A 11 -1.94 -7.51 -4.38
C GLN A 11 -1.96 -6.33 -3.41
N LEU A 12 -0.77 -6.00 -2.88
CA LEU A 12 -0.61 -4.87 -1.97
C LEU A 12 -1.07 -3.57 -2.62
N LEU A 13 -0.54 -3.33 -3.81
CA LEU A 13 -0.73 -2.06 -4.51
C LEU A 13 -2.20 -1.71 -4.71
N ASP A 14 -2.95 -2.63 -5.30
CA ASP A 14 -4.37 -2.36 -5.58
C ASP A 14 -5.19 -2.34 -4.30
N PHE A 15 -4.70 -3.02 -3.27
CA PHE A 15 -5.33 -2.99 -1.95
C PHE A 15 -5.20 -1.61 -1.34
N ILE A 16 -3.97 -1.10 -1.32
CA ILE A 16 -3.67 0.24 -0.83
C ILE A 16 -4.39 1.28 -1.70
N ARG A 17 -4.48 0.99 -2.97
CA ARG A 17 -5.11 1.86 -3.94
C ARG A 17 -6.60 2.02 -3.64
N GLU A 18 -7.28 0.92 -3.38
CA GLU A 18 -8.71 0.98 -3.05
C GLU A 18 -8.90 1.59 -1.67
N LEU A 19 -7.93 1.34 -0.79
CA LEU A 19 -7.92 1.90 0.54
C LEU A 19 -8.04 3.42 0.49
N GLY A 20 -7.14 4.05 -0.27
CA GLY A 20 -7.17 5.48 -0.40
C GLY A 20 -8.34 5.98 -1.22
N ASP A 21 -8.86 5.12 -2.08
CA ASP A 21 -9.96 5.50 -2.96
C ASP A 21 -11.24 5.73 -2.16
N VAL A 22 -11.44 4.94 -1.11
CA VAL A 22 -12.61 5.09 -0.25
C VAL A 22 -12.29 5.97 0.94
N GLY A 23 -11.00 6.24 1.14
CA GLY A 23 -10.60 7.15 2.18
C GLY A 23 -10.20 6.44 3.46
N LEU A 24 -9.84 5.17 3.36
CA LEU A 24 -9.38 4.42 4.51
C LEU A 24 -7.90 4.69 4.75
N LEU A 25 -7.28 5.33 3.77
CA LEU A 25 -5.87 5.59 3.81
C LEU A 25 -5.60 7.06 4.14
N GLU A 26 -6.61 7.90 3.96
CA GLU A 26 -6.44 9.33 4.17
C GLU A 26 -6.20 9.62 5.65
N TYR A 27 -5.26 10.49 5.93
CA TYR A 27 -4.81 10.74 7.29
C TYR A 27 -4.57 12.23 7.51
N GLU A 28 -4.22 12.59 8.74
CA GLU A 28 -4.00 13.97 9.11
C GLU A 28 -2.84 14.06 10.09
N LEU A 29 -1.71 14.53 9.61
CA LEU A 29 -0.48 14.53 10.38
C LEU A 29 -0.34 15.78 11.24
N SER A 30 0.16 15.59 12.44
CA SER A 30 0.48 16.71 13.32
C SER A 30 1.91 17.18 13.04
N GLN A 31 2.28 18.34 13.55
CA GLN A 31 3.62 18.90 13.32
C GLN A 31 4.71 17.88 13.60
N GLN A 32 4.59 17.17 14.71
CA GLN A 32 5.59 16.19 15.11
C GLN A 32 5.59 15.01 14.15
N GLU A 33 4.41 14.60 13.73
CA GLU A 33 4.27 13.50 12.80
C GLU A 33 4.83 13.88 11.44
N LYS A 34 4.80 15.17 11.13
CA LYS A 34 5.30 15.66 9.86
C LYS A 34 6.81 15.76 9.92
N ASP A 35 7.34 15.96 11.11
CA ASP A 35 8.77 16.10 11.31
C ASP A 35 9.49 14.77 11.10
N VAL A 36 8.85 13.68 11.50
CA VAL A 36 9.47 12.37 11.41
C VAL A 36 9.37 11.80 9.99
N LEU A 37 8.37 12.25 9.25
CA LEU A 37 8.13 11.72 7.90
C LEU A 37 8.80 12.57 6.84
N PHE A 38 8.52 13.88 6.87
CA PHE A 38 9.09 14.78 5.89
C PHE A 38 10.52 15.15 6.27
N GLY A 39 10.77 15.16 7.59
CA GLY A 39 12.09 15.45 8.11
C GLY A 39 12.60 16.83 7.76
N SER A 40 11.69 17.78 7.53
CA SER A 40 12.07 19.13 7.18
C SER A 40 11.01 20.13 7.66
N MET B 1 -15.40 -1.59 10.99
CA MET B 1 -15.22 -0.16 11.30
C MET B 1 -14.78 0.59 10.05
N ASN B 2 -15.12 1.88 9.99
CA ASN B 2 -14.75 2.75 8.87
C ASN B 2 -15.42 2.27 7.58
N LYS B 3 -14.85 2.65 6.46
CA LYS B 3 -15.40 2.30 5.16
C LYS B 3 -14.96 0.89 4.77
N THR B 4 -15.49 0.41 3.65
CA THR B 4 -15.13 -0.89 3.14
C THR B 4 -14.34 -0.76 1.85
N LEU B 5 -13.80 -1.87 1.37
CA LEU B 5 -13.06 -1.86 0.13
C LEU B 5 -14.00 -1.98 -1.06
N LYS B 6 -13.44 -1.86 -2.24
CA LYS B 6 -14.23 -1.88 -3.46
C LYS B 6 -14.33 -3.28 -4.00
N THR B 7 -13.19 -3.95 -4.09
CA THR B 7 -13.16 -5.35 -4.47
C THR B 7 -13.56 -6.20 -3.27
N LYS B 8 -14.58 -7.02 -3.46
CA LYS B 8 -15.13 -7.85 -2.40
C LYS B 8 -14.08 -8.84 -1.90
N ALA B 9 -13.30 -9.40 -2.82
CA ALA B 9 -12.25 -10.34 -2.49
C ALA B 9 -11.14 -9.68 -1.69
N PHE B 10 -11.12 -8.36 -1.68
CA PHE B 10 -10.13 -7.61 -0.91
C PHE B 10 -10.73 -7.15 0.41
N ASP B 11 -11.99 -6.72 0.36
CA ASP B 11 -12.67 -6.23 1.54
C ASP B 11 -12.73 -7.30 2.63
N ASP B 12 -12.94 -8.54 2.19
CA ASP B 12 -13.00 -9.67 3.10
C ASP B 12 -11.81 -9.70 4.05
N ILE B 13 -10.61 -9.62 3.51
CA ILE B 13 -9.40 -9.66 4.32
C ILE B 13 -9.29 -8.41 5.21
N TYR B 14 -9.64 -7.26 4.65
CA TYR B 14 -9.55 -6.01 5.40
C TYR B 14 -10.44 -6.05 6.64
N GLN B 15 -11.54 -6.80 6.56
CA GLN B 15 -12.46 -6.91 7.68
C GLN B 15 -12.10 -8.08 8.59
N ASN B 16 -11.34 -9.03 8.06
CA ASN B 16 -11.02 -10.26 8.80
C ASN B 16 -9.60 -10.26 9.34
N SER B 17 -8.83 -9.25 8.98
CA SER B 17 -7.46 -9.15 9.45
C SER B 17 -7.31 -7.97 10.40
N ALA B 18 -7.67 -8.22 11.65
CA ALA B 18 -7.58 -7.20 12.68
C ALA B 18 -6.12 -6.91 13.03
N GLU B 19 -5.24 -7.86 12.72
CA GLU B 19 -3.82 -7.68 12.96
C GLU B 19 -3.25 -6.75 11.91
N LEU B 20 -3.97 -6.62 10.81
CA LEU B 20 -3.61 -5.70 9.76
C LEU B 20 -4.12 -4.30 10.08
N GLN B 21 -5.39 -4.23 10.44
CA GLN B 21 -6.05 -2.95 10.71
C GLN B 21 -5.38 -2.22 11.87
N GLU B 22 -4.72 -2.97 12.74
CA GLU B 22 -4.03 -2.37 13.88
C GLU B 22 -2.79 -1.62 13.41
N LEU B 23 -2.32 -1.98 12.21
CA LEU B 23 -1.15 -1.34 11.63
C LEU B 23 -1.57 -0.05 10.94
N LEU B 24 -2.77 -0.06 10.37
CA LEU B 24 -3.32 1.11 9.68
C LEU B 24 -3.71 2.21 10.66
N LYS B 25 -3.37 2.02 11.92
CA LYS B 25 -3.62 3.03 12.94
C LYS B 25 -2.44 3.98 13.04
N TYR B 26 -1.33 3.62 12.41
CA TYR B 26 -0.13 4.43 12.47
C TYR B 26 -0.06 5.35 11.26
N ASN B 27 -0.12 6.65 11.50
CA ASN B 27 -0.10 7.64 10.43
C ASN B 27 1.20 7.56 9.64
N THR B 28 2.27 7.10 10.30
CA THR B 28 3.55 6.91 9.65
C THR B 28 3.46 5.87 8.53
N VAL B 29 2.65 4.85 8.76
CA VAL B 29 2.51 3.75 7.80
C VAL B 29 1.54 4.15 6.70
N LYS B 30 0.47 4.83 7.08
CA LYS B 30 -0.52 5.32 6.13
C LYS B 30 0.12 6.33 5.18
N PHE B 31 1.05 7.12 5.73
CA PHE B 31 1.81 8.09 4.95
C PHE B 31 2.54 7.41 3.80
N HIS B 32 3.30 6.37 4.14
CA HIS B 32 4.12 5.68 3.15
C HIS B 32 3.25 4.90 2.17
N LEU B 33 2.09 4.45 2.63
CA LEU B 33 1.15 3.77 1.77
C LEU B 33 0.48 4.76 0.81
N ALA B 34 0.20 5.96 1.29
CA ALA B 34 -0.38 7.00 0.45
C ALA B 34 0.61 7.44 -0.62
N LYS B 35 1.89 7.36 -0.27
CA LYS B 35 2.96 7.66 -1.23
C LYS B 35 2.87 6.76 -2.45
N VAL B 36 2.60 5.48 -2.22
CA VAL B 36 2.51 4.54 -3.33
C VAL B 36 1.16 4.65 -4.02
N TYR B 37 0.12 4.98 -3.25
CA TYR B 37 -1.21 5.20 -3.81
C TYR B 37 -1.18 6.26 -4.90
N ARG B 38 -0.40 7.31 -4.65
CA ARG B 38 -0.23 8.37 -5.63
C ARG B 38 0.43 7.84 -6.88
N ILE B 39 1.35 6.89 -6.69
CA ILE B 39 2.08 6.29 -7.79
C ILE B 39 1.15 5.51 -8.70
N LEU B 40 0.31 4.65 -8.12
CA LEU B 40 -0.61 3.82 -8.90
C LEU B 40 -1.58 4.67 -9.71
N SER B 41 -1.75 5.92 -9.30
CA SER B 41 -2.64 6.83 -10.00
C SER B 41 -1.85 7.61 -11.05
N SER B 42 -0.75 8.20 -10.60
CA SER B 42 0.10 9.02 -11.46
C SER B 42 1.36 9.45 -10.69
N THR B 43 2.45 8.74 -10.89
CA THR B 43 3.68 9.02 -10.17
C THR B 43 4.32 10.32 -10.66
N VAL B 44 3.97 10.72 -11.88
CA VAL B 44 4.46 11.96 -12.47
C VAL B 44 3.34 12.68 -13.19
N ASN B 45 3.65 13.84 -13.73
CA ASN B 45 2.67 14.66 -14.44
C ASN B 45 2.66 14.35 -15.93
N ASP B 46 2.82 13.07 -16.25
CA ASP B 46 2.79 12.63 -17.65
C ASP B 46 1.77 11.52 -17.83
N GLY B 47 2.09 10.33 -17.32
CA GLY B 47 1.16 9.22 -17.42
C GLY B 47 1.23 8.57 -18.78
N SER B 48 2.27 7.76 -18.97
CA SER B 48 2.49 7.07 -20.23
C SER B 48 1.37 6.10 -20.53
N SER B 49 0.64 6.36 -21.60
CA SER B 49 -0.48 5.52 -21.98
C SER B 49 -0.16 4.77 -23.27
N GLY B 50 -1.07 3.90 -23.70
CA GLY B 50 -0.85 3.12 -24.89
C GLY B 50 -0.01 1.89 -24.62
N LYS B 51 1.13 2.10 -24.00
CA LYS B 51 2.01 1.01 -23.61
C LYS B 51 1.78 0.63 -22.16
N MET B 52 0.51 0.66 -21.76
CA MET B 52 0.09 0.40 -20.39
C MET B 52 0.57 1.47 -19.42
N ASN B 53 -0.36 2.02 -18.67
CA ASN B 53 -0.07 3.08 -17.73
C ASN B 53 -0.04 2.54 -16.31
N SER B 54 -1.15 1.97 -15.88
CA SER B 54 -1.28 1.45 -14.54
C SER B 54 -0.19 0.41 -14.26
N ASP B 55 0.08 -0.43 -15.24
CA ASP B 55 1.06 -1.50 -15.08
C ASP B 55 2.46 -0.95 -14.89
N LEU B 56 2.74 0.19 -15.50
CA LEU B 56 4.04 0.82 -15.33
C LEU B 56 4.10 1.45 -13.95
N GLN B 57 2.95 1.92 -13.47
CA GLN B 57 2.87 2.51 -12.15
C GLN B 57 3.00 1.44 -11.08
N LYS B 58 2.54 0.22 -11.40
CA LYS B 58 2.73 -0.92 -10.51
C LYS B 58 4.21 -1.12 -10.21
N GLU B 59 5.05 -0.97 -11.25
CA GLU B 59 6.48 -1.15 -11.09
C GLU B 59 7.03 -0.13 -10.08
N LEU B 60 6.79 1.15 -10.35
CA LEU B 60 7.28 2.23 -9.49
C LEU B 60 6.72 2.11 -8.09
N ALA B 61 5.50 1.58 -7.97
CA ALA B 61 4.87 1.38 -6.68
C ALA B 61 5.62 0.30 -5.89
N VAL B 62 5.93 -0.82 -6.55
CA VAL B 62 6.67 -1.91 -5.91
C VAL B 62 8.05 -1.44 -5.45
N ASN B 63 8.59 -0.46 -6.17
CA ASN B 63 9.88 0.12 -5.83
C ASN B 63 9.84 0.79 -4.46
N TYR B 64 8.67 1.32 -4.09
CA TYR B 64 8.50 1.98 -2.81
C TYR B 64 8.30 0.95 -1.70
N LEU B 65 7.50 -0.07 -1.98
CA LEU B 65 7.29 -1.14 -1.01
C LEU B 65 8.60 -1.85 -0.70
N ASN B 66 9.49 -1.88 -1.68
CA ASN B 66 10.81 -2.46 -1.50
C ASN B 66 11.67 -1.66 -0.55
N THR B 67 11.40 -0.36 -0.45
CA THR B 67 12.12 0.49 0.49
C THR B 67 11.42 0.51 1.84
N LEU B 68 10.25 -0.11 1.90
CA LEU B 68 9.47 -0.19 3.13
C LEU B 68 9.58 -1.57 3.74
N ARG B 69 10.28 -2.46 3.06
CA ARG B 69 10.56 -3.79 3.59
C ARG B 69 11.94 -3.79 4.24
N TYR B 70 12.19 -4.76 5.12
CA TYR B 70 13.46 -4.85 5.84
C TYR B 70 14.64 -4.73 4.90
N GLY B 71 15.58 -3.86 5.26
CA GLY B 71 16.74 -3.62 4.43
C GLY B 71 16.54 -2.43 3.51
N GLY B 72 15.47 -1.68 3.75
CA GLY B 72 15.20 -0.52 2.95
C GLY B 72 15.91 0.71 3.46
N ILE B 73 15.32 1.87 3.21
CA ILE B 73 15.93 3.13 3.61
C ILE B 73 15.10 3.85 4.66
N HIS B 74 13.78 3.82 4.50
CA HIS B 74 12.88 4.44 5.46
C HIS B 74 11.75 3.48 5.78
N TYR B 75 12.09 2.21 5.97
CA TYR B 75 11.09 1.17 6.10
C TYR B 75 10.42 1.22 7.46
N ASN B 76 9.18 0.77 7.51
CA ASN B 76 8.39 0.79 8.73
C ASN B 76 8.12 -0.63 9.19
N GLU B 77 8.27 -0.82 10.49
CA GLU B 77 8.03 -2.11 11.12
C GLU B 77 6.58 -2.56 10.91
N ALA B 78 5.68 -1.58 10.80
CA ALA B 78 4.28 -1.87 10.57
C ALA B 78 4.03 -2.24 9.12
N ILE B 79 4.64 -1.49 8.19
CA ILE B 79 4.54 -1.81 6.77
C ILE B 79 5.11 -3.19 6.48
N GLU B 80 6.18 -3.53 7.19
CA GLU B 80 6.81 -4.84 7.08
C GLU B 80 5.82 -5.95 7.41
N GLU B 81 4.99 -5.72 8.42
CA GLU B 81 3.95 -6.68 8.79
C GLU B 81 2.74 -6.54 7.87
N PHE B 82 2.43 -5.29 7.51
CA PHE B 82 1.30 -4.99 6.62
C PHE B 82 1.33 -5.84 5.38
N CYS B 83 2.41 -5.70 4.61
CA CYS B 83 2.55 -6.43 3.36
C CYS B 83 2.41 -7.92 3.58
N GLN B 84 3.06 -8.43 4.63
CA GLN B 84 3.05 -9.86 4.90
C GLN B 84 1.66 -10.38 5.24
N ILE B 85 1.01 -9.74 6.22
CA ILE B 85 -0.33 -10.16 6.65
C ILE B 85 -1.34 -10.04 5.52
N LEU B 86 -1.25 -8.96 4.77
CA LEU B 86 -2.18 -8.67 3.70
C LEU B 86 -2.01 -9.64 2.53
N LEU B 87 -0.81 -9.66 1.96
CA LEU B 87 -0.53 -10.52 0.80
C LEU B 87 -0.78 -11.99 1.16
N ASP B 88 -0.57 -12.32 2.43
CA ASP B 88 -0.73 -13.67 2.93
C ASP B 88 -2.13 -14.20 2.61
N LYS B 89 -3.13 -13.44 3.04
CA LYS B 89 -4.52 -13.83 2.84
C LYS B 89 -4.90 -13.71 1.36
N LEU B 90 -4.34 -12.72 0.69
CA LEU B 90 -4.64 -12.49 -0.73
C LEU B 90 -4.03 -13.57 -1.61
N ASN B 91 -3.08 -14.32 -1.08
CA ASN B 91 -2.55 -15.48 -1.80
C ASN B 91 -3.12 -16.78 -1.25
N ALA B 92 -3.72 -16.71 -0.07
CA ALA B 92 -4.33 -17.89 0.55
C ALA B 92 -5.72 -18.14 -0.01
N VAL B 93 -6.15 -17.25 -0.88
CA VAL B 93 -7.43 -17.38 -1.53
C VAL B 93 -7.23 -18.01 -2.91
N LYS B 94 -5.98 -18.01 -3.34
CA LYS B 94 -5.60 -18.55 -4.62
C LYS B 94 -5.22 -20.02 -4.50
N LYS B 95 -6.13 -20.89 -4.88
CA LYS B 95 -5.88 -22.32 -4.86
C LYS B 95 -6.02 -22.89 -6.27
N GLY A 1 19.53 -14.65 1.90
CA GLY A 1 19.51 -15.26 0.55
C GLY A 1 18.95 -14.31 -0.49
N PRO A 2 18.57 -14.81 -1.66
CA PRO A 2 17.99 -14.01 -2.74
C PRO A 2 16.60 -13.50 -2.37
N HIS A 3 16.34 -12.24 -2.69
CA HIS A 3 15.05 -11.63 -2.37
C HIS A 3 13.95 -12.20 -3.25
N MET A 4 13.06 -12.97 -2.66
CA MET A 4 11.96 -13.59 -3.38
C MET A 4 10.79 -12.63 -3.51
N PHE A 5 10.22 -12.56 -4.70
CA PHE A 5 9.07 -11.71 -4.94
C PHE A 5 8.03 -12.46 -5.76
N ALA A 6 6.80 -12.02 -5.68
CA ALA A 6 5.70 -12.64 -6.42
C ALA A 6 4.74 -11.56 -6.91
N ASN A 7 3.50 -11.92 -7.16
CA ASN A 7 2.52 -10.94 -7.62
C ASN A 7 1.74 -10.37 -6.43
N GLU A 8 2.17 -10.73 -5.23
CA GLU A 8 1.54 -10.25 -4.02
C GLU A 8 1.60 -8.72 -3.93
N ASN A 9 2.79 -8.17 -4.17
CA ASN A 9 2.97 -6.71 -4.17
C ASN A 9 2.05 -6.04 -5.18
N SER A 10 1.79 -6.71 -6.28
CA SER A 10 0.91 -6.19 -7.31
C SER A 10 -0.51 -6.01 -6.76
N GLN A 11 -0.95 -6.99 -5.97
CA GLN A 11 -2.27 -6.95 -5.34
C GLN A 11 -2.26 -5.99 -4.17
N LEU A 12 -1.13 -5.94 -3.46
CA LEU A 12 -0.93 -5.02 -2.35
C LEU A 12 -1.18 -3.57 -2.78
N LEU A 13 -0.64 -3.21 -3.94
CA LEU A 13 -0.76 -1.85 -4.47
C LEU A 13 -2.22 -1.48 -4.71
N ASP A 14 -2.94 -2.36 -5.38
CA ASP A 14 -4.34 -2.11 -5.72
C ASP A 14 -5.19 -2.06 -4.46
N PHE A 15 -4.77 -2.82 -3.45
CA PHE A 15 -5.38 -2.82 -2.14
C PHE A 15 -5.21 -1.44 -1.48
N ILE A 16 -3.96 -1.00 -1.42
CA ILE A 16 -3.63 0.32 -0.88
C ILE A 16 -4.37 1.42 -1.63
N ARG A 17 -4.44 1.26 -2.95
CA ARG A 17 -5.09 2.22 -3.82
C ARG A 17 -6.57 2.37 -3.49
N GLU A 18 -7.23 1.24 -3.23
CA GLU A 18 -8.64 1.27 -2.84
C GLU A 18 -8.82 1.89 -1.47
N LEU A 19 -7.86 1.69 -0.58
CA LEU A 19 -7.94 2.25 0.77
C LEU A 19 -8.11 3.76 0.73
N GLY A 20 -7.24 4.42 -0.02
CA GLY A 20 -7.30 5.86 -0.11
C GLY A 20 -8.50 6.36 -0.87
N ASP A 21 -9.12 5.46 -1.62
CA ASP A 21 -10.27 5.83 -2.44
C ASP A 21 -11.54 5.91 -1.60
N VAL A 22 -11.61 5.11 -0.54
CA VAL A 22 -12.78 5.13 0.34
C VAL A 22 -12.50 5.89 1.63
N GLY A 23 -11.23 6.03 1.97
CA GLY A 23 -10.86 6.89 3.09
C GLY A 23 -10.19 6.12 4.19
N LEU A 24 -9.69 4.95 3.84
CA LEU A 24 -9.09 4.03 4.79
C LEU A 24 -7.61 4.28 4.93
N LEU A 25 -7.00 4.80 3.89
CA LEU A 25 -5.58 5.13 3.91
C LEU A 25 -5.38 6.58 4.31
N GLU A 26 -6.46 7.35 4.26
CA GLU A 26 -6.41 8.76 4.58
C GLU A 26 -5.94 8.99 6.01
N TYR A 27 -5.12 10.01 6.18
CA TYR A 27 -4.48 10.29 7.46
C TYR A 27 -4.37 11.79 7.69
N GLU A 28 -3.90 12.17 8.86
CA GLU A 28 -3.73 13.56 9.22
C GLU A 28 -2.49 13.73 10.10
N LEU A 29 -1.47 14.36 9.55
CA LEU A 29 -0.21 14.53 10.26
C LEU A 29 -0.11 15.90 10.88
N SER A 30 0.24 15.94 12.15
CA SER A 30 0.55 17.19 12.82
C SER A 30 1.99 17.56 12.55
N GLN A 31 2.43 18.72 13.00
CA GLN A 31 3.79 19.14 12.73
C GLN A 31 4.78 18.15 13.36
N GLN A 32 4.43 17.66 14.54
CA GLN A 32 5.24 16.68 15.24
C GLN A 32 5.35 15.40 14.41
N GLU A 33 4.24 14.99 13.82
CA GLU A 33 4.19 13.78 13.02
C GLU A 33 4.88 13.99 11.68
N LYS A 34 4.80 15.22 11.17
CA LYS A 34 5.44 15.56 9.91
C LYS A 34 6.94 15.67 10.09
N ASP A 35 7.34 16.00 11.31
CA ASP A 35 8.72 16.19 11.65
C ASP A 35 9.48 14.88 11.61
N VAL A 36 8.84 13.81 12.06
CA VAL A 36 9.49 12.51 12.13
C VAL A 36 9.42 11.79 10.78
N LEU A 37 8.44 12.14 9.96
CA LEU A 37 8.24 11.47 8.68
C LEU A 37 8.95 12.19 7.55
N PHE A 38 8.72 13.48 7.44
CA PHE A 38 9.36 14.27 6.40
C PHE A 38 10.78 14.61 6.80
N GLY A 39 11.02 14.58 8.10
CA GLY A 39 12.33 14.90 8.62
C GLY A 39 13.25 13.69 8.60
N SER A 40 12.77 12.59 8.04
CA SER A 40 13.54 11.36 7.95
C SER A 40 13.72 10.95 6.50
N MET B 1 -13.62 -2.83 10.15
CA MET B 1 -13.70 -1.46 10.72
C MET B 1 -13.68 -0.44 9.59
N ASN B 2 -14.09 0.80 9.90
CA ASN B 2 -14.10 1.89 8.91
C ASN B 2 -14.98 1.50 7.71
N LYS B 3 -14.71 2.12 6.58
CA LYS B 3 -15.45 1.83 5.36
C LYS B 3 -14.96 0.51 4.77
N THR B 4 -15.55 0.12 3.66
CA THR B 4 -15.20 -1.14 3.04
C THR B 4 -14.51 -0.93 1.71
N LEU B 5 -13.81 -1.95 1.25
CA LEU B 5 -13.09 -1.88 0.00
C LEU B 5 -14.03 -2.04 -1.17
N LYS B 6 -13.48 -1.90 -2.36
CA LYS B 6 -14.27 -1.89 -3.58
C LYS B 6 -14.26 -3.26 -4.22
N THR B 7 -13.11 -3.93 -4.16
CA THR B 7 -13.04 -5.31 -4.59
C THR B 7 -13.44 -6.21 -3.43
N LYS B 8 -14.46 -7.04 -3.67
CA LYS B 8 -15.03 -7.89 -2.62
C LYS B 8 -14.02 -8.90 -2.11
N ALA B 9 -13.17 -9.38 -3.01
CA ALA B 9 -12.10 -10.30 -2.63
C ALA B 9 -11.13 -9.63 -1.67
N PHE B 10 -10.91 -8.33 -1.87
CA PHE B 10 -10.00 -7.56 -1.05
C PHE B 10 -10.63 -7.17 0.28
N ASP B 11 -11.88 -6.71 0.20
CA ASP B 11 -12.60 -6.22 1.40
C ASP B 11 -12.67 -7.32 2.45
N ASP B 12 -12.79 -8.55 1.99
CA ASP B 12 -12.85 -9.71 2.86
C ASP B 12 -11.71 -9.71 3.87
N ILE B 13 -10.48 -9.60 3.37
CA ILE B 13 -9.31 -9.63 4.23
C ILE B 13 -9.27 -8.42 5.16
N TYR B 14 -9.64 -7.26 4.62
CA TYR B 14 -9.59 -6.02 5.38
C TYR B 14 -10.48 -6.10 6.61
N GLN B 15 -11.66 -6.71 6.46
CA GLN B 15 -12.61 -6.81 7.56
C GLN B 15 -12.27 -8.01 8.44
N ASN B 16 -11.50 -8.95 7.88
CA ASN B 16 -11.18 -10.19 8.59
C ASN B 16 -9.73 -10.22 9.06
N SER B 17 -9.14 -9.05 9.25
CA SER B 17 -7.77 -8.98 9.75
C SER B 17 -7.58 -7.75 10.61
N ALA B 18 -7.65 -7.95 11.92
CA ALA B 18 -7.43 -6.87 12.88
C ALA B 18 -5.95 -6.51 12.93
N GLU B 19 -5.10 -7.47 12.56
CA GLU B 19 -3.66 -7.24 12.53
C GLU B 19 -3.30 -6.31 11.38
N LEU B 20 -3.97 -6.49 10.26
CA LEU B 20 -3.78 -5.65 9.10
C LEU B 20 -4.44 -4.29 9.34
N GLN B 21 -5.55 -4.31 10.07
CA GLN B 21 -6.31 -3.11 10.37
C GLN B 21 -5.52 -2.16 11.25
N GLU B 22 -4.85 -2.71 12.27
CA GLU B 22 -4.17 -1.88 13.27
C GLU B 22 -3.06 -1.06 12.64
N LEU B 23 -2.40 -1.63 11.63
CA LEU B 23 -1.31 -0.94 10.94
C LEU B 23 -1.83 0.29 10.21
N LEU B 24 -3.03 0.17 9.67
CA LEU B 24 -3.65 1.27 8.95
C LEU B 24 -4.36 2.22 9.90
N LYS B 25 -4.12 2.05 11.20
CA LYS B 25 -4.64 2.98 12.18
C LYS B 25 -3.54 3.95 12.61
N TYR B 26 -2.34 3.73 12.07
CA TYR B 26 -1.19 4.58 12.36
C TYR B 26 -0.89 5.47 11.17
N ASN B 27 -0.62 6.74 11.45
CA ASN B 27 -0.38 7.72 10.40
C ASN B 27 0.98 7.54 9.77
N THR B 28 1.89 6.87 10.48
CA THR B 28 3.24 6.63 9.97
C THR B 28 3.18 5.62 8.84
N VAL B 29 2.41 4.58 9.07
CA VAL B 29 2.22 3.52 8.11
C VAL B 29 1.48 4.03 6.90
N LYS B 30 0.30 4.61 7.16
CA LYS B 30 -0.54 5.16 6.10
C LYS B 30 0.20 6.21 5.27
N PHE B 31 1.03 7.02 5.92
CA PHE B 31 1.80 8.05 5.22
C PHE B 31 2.66 7.44 4.13
N HIS B 32 3.45 6.44 4.50
CA HIS B 32 4.39 5.84 3.57
C HIS B 32 3.66 5.02 2.50
N LEU B 33 2.49 4.52 2.85
CA LEU B 33 1.68 3.78 1.89
C LEU B 33 0.97 4.72 0.92
N ALA B 34 0.59 5.89 1.41
CA ALA B 34 -0.05 6.90 0.58
C ALA B 34 0.91 7.41 -0.49
N LYS B 35 2.19 7.35 -0.18
CA LYS B 35 3.24 7.73 -1.12
C LYS B 35 3.15 6.89 -2.39
N VAL B 36 2.78 5.62 -2.25
CA VAL B 36 2.67 4.72 -3.39
C VAL B 36 1.31 4.88 -4.05
N TYR B 37 0.30 5.20 -3.25
CA TYR B 37 -1.05 5.42 -3.75
C TYR B 37 -1.05 6.56 -4.78
N ARG B 38 -0.29 7.60 -4.49
CA ARG B 38 -0.16 8.74 -5.40
C ARG B 38 0.45 8.30 -6.72
N ILE B 39 1.27 7.26 -6.66
CA ILE B 39 1.90 6.70 -7.84
C ILE B 39 0.88 5.98 -8.72
N LEU B 40 0.18 4.99 -8.14
CA LEU B 40 -0.81 4.22 -8.89
C LEU B 40 -1.89 5.14 -9.47
N SER B 41 -2.14 6.23 -8.78
CA SER B 41 -3.17 7.17 -9.20
C SER B 41 -2.68 8.00 -10.37
N SER B 42 -1.41 8.41 -10.33
CA SER B 42 -0.85 9.25 -11.37
C SER B 42 0.67 9.13 -11.42
N THR B 43 1.21 8.62 -12.52
CA THR B 43 2.65 8.63 -12.75
C THR B 43 3.07 10.02 -13.22
N VAL B 44 2.12 10.70 -13.86
CA VAL B 44 2.29 12.10 -14.25
C VAL B 44 1.20 12.92 -13.59
N ASN B 45 1.43 14.21 -13.48
CA ASN B 45 0.51 15.11 -12.78
C ASN B 45 -0.72 15.43 -13.63
N ASP B 46 -1.42 14.37 -14.04
CA ASP B 46 -2.63 14.51 -14.83
C ASP B 46 -3.64 13.45 -14.44
N GLY B 47 -3.20 12.19 -14.44
CA GLY B 47 -4.09 11.10 -14.09
C GLY B 47 -4.27 10.12 -15.23
N SER B 48 -3.74 10.47 -16.40
CA SER B 48 -3.82 9.62 -17.57
C SER B 48 -3.24 8.23 -17.29
N SER B 49 -4.12 7.24 -17.30
CA SER B 49 -3.72 5.86 -17.05
C SER B 49 -4.84 4.93 -17.49
N GLY B 50 -5.52 5.30 -18.57
CA GLY B 50 -6.62 4.50 -19.07
C GLY B 50 -6.13 3.40 -19.98
N LYS B 51 -5.09 3.69 -20.74
CA LYS B 51 -4.49 2.70 -21.63
C LYS B 51 -3.56 1.82 -20.83
N MET B 52 -4.13 0.93 -20.05
CA MET B 52 -3.38 0.13 -19.11
C MET B 52 -2.51 1.02 -18.23
N ASN B 53 -1.20 1.05 -18.51
CA ASN B 53 -0.26 1.94 -17.82
C ASN B 53 -0.02 1.50 -16.37
N SER B 54 -0.93 0.71 -15.84
CA SER B 54 -0.91 0.30 -14.45
C SER B 54 0.20 -0.71 -14.16
N ASP B 55 0.58 -1.48 -15.18
CA ASP B 55 1.66 -2.46 -15.01
C ASP B 55 2.98 -1.73 -14.82
N LEU B 56 3.08 -0.55 -15.44
CA LEU B 56 4.19 0.34 -15.26
C LEU B 56 4.13 0.98 -13.87
N GLN B 57 2.93 1.40 -13.49
CA GLN B 57 2.70 2.00 -12.19
C GLN B 57 3.05 1.02 -11.08
N LYS B 58 2.79 -0.25 -11.34
CA LYS B 58 3.16 -1.33 -10.43
C LYS B 58 4.61 -1.20 -9.99
N GLU B 59 5.51 -1.18 -10.97
CA GLU B 59 6.93 -1.12 -10.68
C GLU B 59 7.27 0.08 -9.80
N LEU B 60 6.91 1.27 -10.24
CA LEU B 60 7.23 2.49 -9.52
C LEU B 60 6.67 2.45 -8.10
N ALA B 61 5.48 1.90 -7.95
CA ALA B 61 4.86 1.75 -6.64
C ALA B 61 5.66 0.79 -5.78
N VAL B 62 5.97 -0.39 -6.32
CA VAL B 62 6.72 -1.40 -5.58
C VAL B 62 8.12 -0.90 -5.24
N ASN B 63 8.68 -0.06 -6.12
CA ASN B 63 9.99 0.52 -5.90
C ASN B 63 10.00 1.39 -4.64
N TYR B 64 8.82 1.86 -4.24
CA TYR B 64 8.68 2.58 -2.98
C TYR B 64 8.61 1.60 -1.82
N LEU B 65 7.89 0.49 -2.02
CA LEU B 65 7.81 -0.56 -1.00
C LEU B 65 9.20 -1.15 -0.76
N ASN B 66 10.05 -1.09 -1.77
CA ASN B 66 11.43 -1.58 -1.62
C ASN B 66 12.17 -0.77 -0.56
N THR B 67 11.71 0.45 -0.32
CA THR B 67 12.35 1.31 0.67
C THR B 67 11.58 1.28 1.99
N LEU B 68 10.47 0.55 2.01
CA LEU B 68 9.60 0.51 3.19
C LEU B 68 9.54 -0.87 3.81
N ARG B 69 9.64 -1.89 2.98
CA ARG B 69 9.39 -3.25 3.43
C ARG B 69 10.65 -3.90 4.01
N TYR B 70 11.58 -4.26 3.14
CA TYR B 70 12.76 -4.99 3.58
C TYR B 70 14.03 -4.27 3.15
N GLY B 71 14.84 -3.89 4.13
CA GLY B 71 16.10 -3.23 3.86
C GLY B 71 15.93 -1.92 3.12
N GLY B 72 15.14 -1.02 3.69
CA GLY B 72 14.91 0.25 3.06
C GLY B 72 15.65 1.37 3.74
N ILE B 73 15.31 2.57 3.37
CA ILE B 73 15.95 3.77 3.89
C ILE B 73 15.08 4.46 4.92
N HIS B 74 13.78 4.37 4.72
CA HIS B 74 12.81 4.91 5.66
C HIS B 74 11.79 3.82 5.97
N TYR B 75 12.29 2.60 6.13
CA TYR B 75 11.43 1.44 6.19
C TYR B 75 10.84 1.29 7.59
N ASN B 76 9.56 0.93 7.61
CA ASN B 76 8.86 0.72 8.86
C ASN B 76 8.50 -0.75 8.96
N GLU B 77 8.68 -1.32 10.15
CA GLU B 77 8.36 -2.72 10.38
C GLU B 77 6.88 -2.98 10.12
N ALA B 78 6.07 -1.92 10.27
CA ALA B 78 4.64 -2.02 10.04
C ALA B 78 4.33 -2.24 8.57
N ILE B 79 5.21 -1.74 7.70
CA ILE B 79 5.02 -1.92 6.26
C ILE B 79 5.29 -3.37 5.89
N GLU B 80 6.29 -3.96 6.53
CA GLU B 80 6.58 -5.38 6.37
C GLU B 80 5.40 -6.20 6.90
N GLU B 81 4.93 -5.85 8.10
CA GLU B 81 3.77 -6.51 8.69
C GLU B 81 2.58 -6.40 7.75
N PHE B 82 2.39 -5.21 7.21
CA PHE B 82 1.30 -4.93 6.28
C PHE B 82 1.34 -5.92 5.12
N CYS B 83 2.47 -5.95 4.44
CA CYS B 83 2.64 -6.82 3.28
C CYS B 83 2.46 -8.28 3.67
N GLN B 84 3.09 -8.70 4.76
CA GLN B 84 3.07 -10.10 5.18
C GLN B 84 1.66 -10.58 5.50
N ILE B 85 0.99 -9.86 6.39
CA ILE B 85 -0.35 -10.23 6.83
C ILE B 85 -1.33 -10.18 5.68
N LEU B 86 -1.21 -9.15 4.85
CA LEU B 86 -2.11 -8.95 3.74
C LEU B 86 -1.93 -10.01 2.66
N LEU B 87 -0.68 -10.24 2.27
CA LEU B 87 -0.40 -11.15 1.17
C LEU B 87 -0.79 -12.57 1.54
N ASP B 88 -0.70 -12.87 2.83
CA ASP B 88 -1.00 -14.20 3.34
C ASP B 88 -2.40 -14.63 2.92
N LYS B 89 -3.35 -13.72 3.09
CA LYS B 89 -4.73 -14.01 2.78
C LYS B 89 -5.01 -13.76 1.29
N LEU B 90 -4.22 -12.89 0.67
CA LEU B 90 -4.32 -12.67 -0.78
C LEU B 90 -3.78 -13.86 -1.55
N ASN B 91 -2.87 -14.60 -0.93
CA ASN B 91 -2.35 -15.83 -1.51
C ASN B 91 -3.31 -16.98 -1.24
N ALA B 92 -4.23 -16.76 -0.31
CA ALA B 92 -5.18 -17.78 0.09
C ALA B 92 -6.55 -17.56 -0.53
N VAL B 93 -6.68 -16.53 -1.35
CA VAL B 93 -7.93 -16.27 -2.04
C VAL B 93 -7.88 -16.80 -3.46
N LYS B 94 -6.66 -16.91 -3.97
CA LYS B 94 -6.45 -17.45 -5.30
C LYS B 94 -6.44 -18.96 -5.26
N LYS B 95 -7.48 -19.57 -5.81
CA LYS B 95 -7.59 -21.02 -5.84
C LYS B 95 -6.73 -21.59 -6.95
N GLY A 1 5.68 -3.81 -18.35
CA GLY A 1 5.58 -5.14 -18.98
C GLY A 1 5.73 -6.26 -17.98
N PRO A 2 6.61 -7.23 -18.23
CA PRO A 2 6.83 -8.36 -17.32
C PRO A 2 7.41 -7.92 -15.98
N HIS A 3 6.56 -7.91 -14.95
CA HIS A 3 6.99 -7.54 -13.61
C HIS A 3 7.93 -8.59 -13.03
N MET A 4 8.87 -8.14 -12.22
CA MET A 4 9.83 -9.03 -11.58
C MET A 4 9.40 -9.36 -10.17
N PHE A 5 10.22 -10.13 -9.47
CA PHE A 5 9.90 -10.61 -8.13
C PHE A 5 8.57 -11.36 -8.12
N ALA A 6 8.01 -11.56 -6.94
CA ALA A 6 6.72 -12.21 -6.81
C ALA A 6 5.61 -11.23 -7.15
N ASN A 7 4.39 -11.74 -7.21
CA ASN A 7 3.24 -10.92 -7.59
C ASN A 7 2.42 -10.55 -6.37
N GLU A 8 3.00 -10.78 -5.20
CA GLU A 8 2.39 -10.40 -3.94
C GLU A 8 2.23 -8.88 -3.87
N ASN A 9 3.22 -8.16 -4.40
CA ASN A 9 3.20 -6.71 -4.42
C ASN A 9 2.14 -6.17 -5.36
N SER A 10 1.94 -6.86 -6.47
CA SER A 10 0.91 -6.50 -7.43
C SER A 10 -0.47 -6.49 -6.74
N GLN A 11 -0.64 -7.40 -5.79
CA GLN A 11 -1.86 -7.48 -4.99
C GLN A 11 -1.87 -6.40 -3.93
N LEU A 12 -0.70 -6.17 -3.32
CA LEU A 12 -0.54 -5.13 -2.30
C LEU A 12 -0.96 -3.76 -2.83
N LEU A 13 -0.49 -3.44 -4.04
CA LEU A 13 -0.73 -2.14 -4.65
C LEU A 13 -2.22 -1.86 -4.81
N ASP A 14 -2.93 -2.84 -5.36
CA ASP A 14 -4.34 -2.68 -5.69
C ASP A 14 -5.16 -2.56 -4.41
N PHE A 15 -4.67 -3.18 -3.35
CA PHE A 15 -5.29 -3.12 -2.04
C PHE A 15 -5.13 -1.72 -1.44
N ILE A 16 -3.90 -1.24 -1.41
CA ILE A 16 -3.58 0.11 -0.95
C ILE A 16 -4.38 1.14 -1.74
N ARG A 17 -4.49 0.89 -3.03
CA ARG A 17 -5.20 1.76 -3.95
C ARG A 17 -6.68 1.87 -3.55
N GLU A 18 -7.29 0.73 -3.23
CA GLU A 18 -8.68 0.71 -2.80
C GLU A 18 -8.85 1.44 -1.47
N LEU A 19 -7.86 1.34 -0.60
CA LEU A 19 -7.91 2.02 0.69
C LEU A 19 -8.09 3.51 0.49
N GLY A 20 -7.21 4.09 -0.31
CA GLY A 20 -7.24 5.51 -0.53
C GLY A 20 -8.42 5.96 -1.36
N ASP A 21 -8.96 5.06 -2.15
CA ASP A 21 -10.06 5.40 -3.04
C ASP A 21 -11.37 5.56 -2.27
N VAL A 22 -11.51 4.82 -1.18
CA VAL A 22 -12.72 4.91 -0.36
C VAL A 22 -12.50 5.81 0.84
N GLY A 23 -11.24 6.03 1.20
CA GLY A 23 -10.92 6.94 2.27
C GLY A 23 -10.46 6.25 3.54
N LEU A 24 -9.88 5.07 3.41
CA LEU A 24 -9.36 4.32 4.54
C LEU A 24 -7.88 4.58 4.73
N LEU A 25 -7.20 4.89 3.63
CA LEU A 25 -5.78 5.20 3.69
C LEU A 25 -5.56 6.67 4.00
N GLU A 26 -6.58 7.47 3.73
CA GLU A 26 -6.54 8.91 3.96
C GLU A 26 -6.17 9.25 5.41
N TYR A 27 -5.32 10.25 5.57
CA TYR A 27 -4.77 10.58 6.87
C TYR A 27 -4.53 12.09 6.98
N GLU A 28 -4.05 12.51 8.15
CA GLU A 28 -3.70 13.90 8.39
C GLU A 28 -2.51 13.94 9.33
N LEU A 29 -1.57 14.83 9.05
CA LEU A 29 -0.36 14.90 9.84
C LEU A 29 -0.21 16.27 10.50
N SER A 30 0.13 16.25 11.76
CA SER A 30 0.49 17.48 12.47
C SER A 30 1.96 17.75 12.26
N GLN A 31 2.44 18.91 12.68
CA GLN A 31 3.83 19.25 12.51
C GLN A 31 4.74 18.22 13.17
N GLN A 32 4.33 17.77 14.35
CA GLN A 32 5.06 16.75 15.08
C GLN A 32 5.11 15.45 14.30
N GLU A 33 3.99 15.10 13.68
CA GLU A 33 3.90 13.90 12.85
C GLU A 33 4.76 14.04 11.61
N LYS A 34 4.86 15.25 11.10
CA LYS A 34 5.63 15.52 9.89
C LYS A 34 7.11 15.46 10.19
N ASP A 35 7.45 15.77 11.43
CA ASP A 35 8.83 15.84 11.87
C ASP A 35 9.50 14.48 11.83
N VAL A 36 8.73 13.44 12.14
CA VAL A 36 9.27 12.08 12.17
C VAL A 36 9.25 11.46 10.77
N LEU A 37 8.40 11.99 9.89
CA LEU A 37 8.24 11.43 8.56
C LEU A 37 9.12 12.13 7.53
N PHE A 38 8.99 13.44 7.47
CA PHE A 38 9.76 14.23 6.53
C PHE A 38 11.12 14.55 7.12
N GLY A 39 11.15 14.71 8.44
CA GLY A 39 12.37 15.12 9.11
C GLY A 39 12.66 16.59 8.92
N SER A 40 13.00 16.95 7.69
CA SER A 40 13.28 18.33 7.34
C SER A 40 13.05 18.50 5.84
N MET B 1 -18.47 0.98 11.40
CA MET B 1 -19.19 2.18 10.94
C MET B 1 -18.36 2.98 9.94
N ASN B 2 -17.47 2.30 9.24
CA ASN B 2 -16.60 2.95 8.27
C ASN B 2 -16.77 2.33 6.89
N LYS B 3 -16.18 2.97 5.88
CA LYS B 3 -16.19 2.43 4.53
C LYS B 3 -15.51 1.09 4.47
N THR B 4 -15.79 0.37 3.42
CA THR B 4 -15.17 -0.91 3.16
C THR B 4 -14.39 -0.84 1.85
N LEU B 5 -13.74 -1.94 1.50
CA LEU B 5 -13.01 -2.00 0.25
C LEU B 5 -13.96 -2.13 -0.92
N LYS B 6 -13.41 -2.05 -2.11
CA LYS B 6 -14.20 -2.05 -3.32
C LYS B 6 -14.38 -3.46 -3.84
N THR B 7 -13.34 -4.25 -3.68
CA THR B 7 -13.40 -5.65 -4.02
C THR B 7 -13.67 -6.46 -2.75
N LYS B 8 -14.69 -7.30 -2.81
CA LYS B 8 -15.10 -8.09 -1.66
C LYS B 8 -14.02 -9.09 -1.27
N ALA B 9 -13.34 -9.66 -2.26
CA ALA B 9 -12.25 -10.59 -2.01
C ALA B 9 -11.16 -9.91 -1.18
N PHE B 10 -10.97 -8.62 -1.42
CA PHE B 10 -10.01 -7.82 -0.68
C PHE B 10 -10.61 -7.37 0.66
N ASP B 11 -11.85 -6.93 0.60
CA ASP B 11 -12.57 -6.44 1.79
C ASP B 11 -12.57 -7.49 2.89
N ASP B 12 -12.77 -8.75 2.50
CA ASP B 12 -12.79 -9.85 3.46
C ASP B 12 -11.55 -9.83 4.34
N ILE B 13 -10.38 -9.73 3.73
CA ILE B 13 -9.12 -9.71 4.46
C ILE B 13 -9.04 -8.50 5.38
N TYR B 14 -9.48 -7.36 4.89
CA TYR B 14 -9.44 -6.11 5.65
C TYR B 14 -10.30 -6.23 6.92
N GLN B 15 -11.29 -7.11 6.88
CA GLN B 15 -12.15 -7.33 8.03
C GLN B 15 -11.66 -8.51 8.86
N ASN B 16 -11.19 -9.55 8.17
CA ASN B 16 -10.78 -10.80 8.81
C ASN B 16 -9.45 -10.65 9.54
N SER B 17 -8.63 -9.72 9.07
CA SER B 17 -7.30 -9.54 9.62
C SER B 17 -7.22 -8.22 10.37
N ALA B 18 -7.64 -8.26 11.62
CA ALA B 18 -7.60 -7.09 12.48
C ALA B 18 -6.16 -6.65 12.72
N GLU B 19 -5.24 -7.60 12.60
CA GLU B 19 -3.81 -7.31 12.70
C GLU B 19 -3.40 -6.36 11.57
N LEU B 20 -4.01 -6.56 10.42
CA LEU B 20 -3.76 -5.74 9.25
C LEU B 20 -4.39 -4.37 9.45
N GLN B 21 -5.59 -4.36 10.03
CA GLN B 21 -6.34 -3.15 10.28
C GLN B 21 -5.60 -2.22 11.24
N GLU B 22 -5.03 -2.80 12.29
CA GLU B 22 -4.42 -2.00 13.36
C GLU B 22 -3.15 -1.30 12.85
N LEU B 23 -2.56 -1.85 11.80
CA LEU B 23 -1.37 -1.26 11.21
C LEU B 23 -1.73 0.05 10.50
N LEU B 24 -2.89 0.05 9.84
CA LEU B 24 -3.37 1.23 9.12
C LEU B 24 -3.83 2.32 10.07
N LYS B 25 -3.60 2.14 11.36
CA LYS B 25 -3.95 3.15 12.34
C LYS B 25 -2.72 3.96 12.74
N TYR B 26 -1.61 3.71 12.05
CA TYR B 26 -0.39 4.47 12.28
C TYR B 26 -0.18 5.44 11.13
N ASN B 27 -0.16 6.73 11.47
CA ASN B 27 -0.04 7.80 10.48
C ASN B 27 1.23 7.65 9.65
N THR B 28 2.27 7.14 10.30
CA THR B 28 3.55 6.92 9.65
C THR B 28 3.44 5.91 8.51
N VAL B 29 2.59 4.91 8.69
CA VAL B 29 2.44 3.87 7.69
C VAL B 29 1.49 4.32 6.59
N LYS B 30 0.43 5.01 7.00
CA LYS B 30 -0.54 5.56 6.05
C LYS B 30 0.15 6.55 5.13
N PHE B 31 1.03 7.36 5.72
CA PHE B 31 1.82 8.33 4.96
C PHE B 31 2.60 7.67 3.84
N HIS B 32 3.34 6.62 4.19
CA HIS B 32 4.21 5.94 3.25
C HIS B 32 3.41 5.20 2.18
N LEU B 33 2.27 4.64 2.58
CA LEU B 33 1.43 3.90 1.65
C LEU B 33 0.70 4.85 0.70
N ALA B 34 0.32 6.02 1.20
CA ALA B 34 -0.38 7.01 0.38
C ALA B 34 0.52 7.52 -0.73
N LYS B 35 1.82 7.56 -0.47
CA LYS B 35 2.78 8.00 -1.47
C LYS B 35 2.79 7.06 -2.68
N VAL B 36 2.47 5.79 -2.45
CA VAL B 36 2.42 4.83 -3.53
C VAL B 36 1.07 4.92 -4.24
N TYR B 37 0.03 5.23 -3.46
CA TYR B 37 -1.32 5.43 -4.01
C TYR B 37 -1.31 6.57 -5.01
N ARG B 38 -0.50 7.58 -4.73
CA ARG B 38 -0.33 8.73 -5.61
C ARG B 38 0.21 8.28 -6.97
N ILE B 39 0.93 7.18 -6.96
CA ILE B 39 1.51 6.62 -8.17
C ILE B 39 0.46 5.86 -8.98
N LEU B 40 -0.34 5.05 -8.29
CA LEU B 40 -1.39 4.27 -8.96
C LEU B 40 -2.51 5.17 -9.48
N SER B 41 -2.61 6.37 -8.90
CA SER B 41 -3.62 7.32 -9.34
C SER B 41 -3.04 8.21 -10.43
N SER B 42 -2.10 7.64 -11.20
CA SER B 42 -1.48 8.28 -12.34
C SER B 42 -0.53 9.39 -11.92
N THR B 43 0.76 9.14 -12.07
CA THR B 43 1.76 10.15 -11.80
C THR B 43 1.92 11.03 -13.03
N VAL B 44 1.62 10.46 -14.20
CA VAL B 44 1.65 11.17 -15.47
C VAL B 44 0.49 10.71 -16.34
N ASN B 45 0.41 11.27 -17.54
CA ASN B 45 -0.62 10.91 -18.51
C ASN B 45 0.01 10.65 -19.87
N ASP B 46 1.12 9.93 -19.85
CA ASP B 46 1.92 9.77 -21.06
C ASP B 46 2.20 8.29 -21.33
N GLY B 47 3.23 7.76 -20.70
CA GLY B 47 3.62 6.39 -20.95
C GLY B 47 4.40 6.28 -22.25
N SER B 48 5.35 7.18 -22.45
CA SER B 48 6.14 7.20 -23.67
C SER B 48 7.13 6.06 -23.70
N SER B 49 7.39 5.50 -22.53
CA SER B 49 8.28 4.35 -22.41
C SER B 49 7.51 3.18 -21.81
N GLY B 50 7.55 2.05 -22.50
CA GLY B 50 6.85 0.87 -22.03
C GLY B 50 5.44 0.79 -22.56
N LYS B 51 5.02 1.85 -23.24
CA LYS B 51 3.69 1.98 -23.82
C LYS B 51 2.62 2.14 -22.74
N MET B 52 2.38 1.08 -22.04
CA MET B 52 1.39 1.07 -20.97
C MET B 52 1.82 1.94 -19.81
N ASN B 53 1.01 2.93 -19.51
CA ASN B 53 1.32 3.91 -18.47
C ASN B 53 0.87 3.35 -17.13
N SER B 54 -0.30 2.73 -17.11
CA SER B 54 -0.87 2.19 -15.89
C SER B 54 0.05 1.11 -15.31
N ASP B 55 0.59 0.28 -16.18
CA ASP B 55 1.45 -0.84 -15.76
C ASP B 55 2.77 -0.31 -15.22
N LEU B 56 3.19 0.81 -15.78
CA LEU B 56 4.40 1.48 -15.37
C LEU B 56 4.25 2.04 -13.96
N GLN B 57 3.05 2.53 -13.66
CA GLN B 57 2.74 3.06 -12.33
C GLN B 57 2.86 1.96 -11.29
N LYS B 58 2.50 0.74 -11.66
CA LYS B 58 2.63 -0.41 -10.77
C LYS B 58 4.08 -0.61 -10.36
N GLU B 59 4.99 -0.49 -11.33
CA GLU B 59 6.42 -0.69 -11.07
C GLU B 59 6.91 0.29 -10.00
N LEU B 60 6.64 1.56 -10.23
CA LEU B 60 7.06 2.61 -9.30
C LEU B 60 6.45 2.39 -7.92
N ALA B 61 5.22 1.92 -7.90
CA ALA B 61 4.54 1.61 -6.65
C ALA B 61 5.27 0.49 -5.91
N VAL B 62 5.63 -0.56 -6.64
CA VAL B 62 6.36 -1.69 -6.06
C VAL B 62 7.71 -1.23 -5.49
N ASN B 63 8.33 -0.29 -6.19
CA ASN B 63 9.62 0.23 -5.77
C ASN B 63 9.55 0.90 -4.41
N TYR B 64 8.41 1.52 -4.11
CA TYR B 64 8.22 2.19 -2.84
C TYR B 64 8.06 1.17 -1.72
N LEU B 65 7.27 0.14 -1.97
CA LEU B 65 7.09 -0.94 -0.99
C LEU B 65 8.40 -1.67 -0.75
N ASN B 66 9.25 -1.70 -1.77
CA ASN B 66 10.56 -2.33 -1.66
C ASN B 66 11.47 -1.55 -0.71
N THR B 67 11.31 -0.23 -0.69
CA THR B 67 12.10 0.60 0.19
C THR B 67 11.52 0.61 1.60
N LEU B 68 10.29 0.09 1.74
CA LEU B 68 9.63 0.01 3.03
C LEU B 68 9.62 -1.43 3.54
N ARG B 69 10.08 -2.33 2.69
CA ARG B 69 10.19 -3.74 3.02
C ARG B 69 11.29 -3.94 4.05
N TYR B 70 11.24 -5.05 4.78
CA TYR B 70 12.32 -5.42 5.69
C TYR B 70 13.66 -5.36 4.95
N GLY B 71 14.61 -4.67 5.54
CA GLY B 71 15.88 -4.46 4.89
C GLY B 71 15.81 -3.39 3.82
N GLY B 72 14.97 -2.38 4.07
CA GLY B 72 14.86 -1.27 3.16
C GLY B 72 15.70 -0.10 3.62
N ILE B 73 15.25 1.11 3.32
CA ILE B 73 15.98 2.30 3.73
C ILE B 73 15.20 3.10 4.77
N HIS B 74 13.93 3.34 4.49
CA HIS B 74 13.07 4.05 5.41
C HIS B 74 11.90 3.16 5.75
N TYR B 75 12.20 1.91 6.04
CA TYR B 75 11.20 0.88 6.23
C TYR B 75 10.57 0.97 7.60
N ASN B 76 9.32 0.55 7.69
CA ASN B 76 8.57 0.62 8.92
C ASN B 76 8.11 -0.76 9.34
N GLU B 77 8.12 -0.99 10.64
CA GLU B 77 7.78 -2.29 11.21
C GLU B 77 6.31 -2.62 10.97
N ALA B 78 5.47 -1.60 10.83
CA ALA B 78 4.07 -1.81 10.52
C ALA B 78 3.90 -2.12 9.04
N ILE B 79 4.59 -1.37 8.18
CA ILE B 79 4.60 -1.63 6.74
C ILE B 79 5.09 -3.05 6.45
N GLU B 80 6.11 -3.48 7.17
CA GLU B 80 6.63 -4.83 7.05
C GLU B 80 5.52 -5.84 7.30
N GLU B 81 4.88 -5.75 8.47
CA GLU B 81 3.83 -6.67 8.82
C GLU B 81 2.61 -6.47 7.92
N PHE B 82 2.43 -5.24 7.44
CA PHE B 82 1.35 -4.92 6.51
C PHE B 82 1.41 -5.83 5.31
N CYS B 83 2.53 -5.81 4.59
CA CYS B 83 2.67 -6.63 3.38
C CYS B 83 2.57 -8.11 3.73
N GLN B 84 3.06 -8.49 4.90
CA GLN B 84 3.07 -9.90 5.30
C GLN B 84 1.66 -10.41 5.60
N ILE B 85 1.02 -9.82 6.61
CA ILE B 85 -0.31 -10.25 7.05
C ILE B 85 -1.31 -10.17 5.90
N LEU B 86 -1.12 -9.16 5.05
CA LEU B 86 -2.00 -8.93 3.92
C LEU B 86 -1.79 -9.99 2.84
N LEU B 87 -0.56 -10.17 2.38
CA LEU B 87 -0.29 -11.10 1.29
C LEU B 87 -0.60 -12.52 1.73
N ASP B 88 -0.44 -12.75 3.03
CA ASP B 88 -0.73 -14.04 3.64
C ASP B 88 -2.15 -14.46 3.31
N LYS B 89 -3.08 -13.54 3.57
CA LYS B 89 -4.48 -13.81 3.36
C LYS B 89 -4.83 -13.69 1.87
N LEU B 90 -4.11 -12.83 1.15
CA LEU B 90 -4.32 -12.67 -0.29
C LEU B 90 -3.97 -13.95 -1.03
N ASN B 91 -3.04 -14.72 -0.49
CA ASN B 91 -2.70 -16.01 -1.08
C ASN B 91 -3.53 -17.12 -0.48
N ALA B 92 -4.19 -16.82 0.64
CA ALA B 92 -4.99 -17.81 1.34
C ALA B 92 -6.42 -17.85 0.81
N VAL B 93 -6.73 -16.96 -0.11
CA VAL B 93 -8.02 -16.94 -0.76
C VAL B 93 -7.91 -17.58 -2.14
N LYS B 94 -6.68 -17.65 -2.63
CA LYS B 94 -6.39 -18.24 -3.92
C LYS B 94 -6.07 -19.72 -3.77
N LYS B 95 -7.09 -20.56 -3.89
CA LYS B 95 -6.92 -22.00 -3.80
C LYS B 95 -7.76 -22.70 -4.85
N GLY A 1 13.47 -8.55 -17.60
CA GLY A 1 13.23 -8.61 -16.14
C GLY A 1 12.89 -10.01 -15.69
N PRO A 2 13.79 -10.67 -14.92
CA PRO A 2 13.58 -12.02 -14.45
C PRO A 2 12.61 -12.08 -13.27
N HIS A 3 11.88 -13.18 -13.15
CA HIS A 3 10.95 -13.34 -12.04
C HIS A 3 11.68 -13.83 -10.81
N MET A 4 12.45 -12.92 -10.25
CA MET A 4 13.27 -13.21 -9.08
C MET A 4 12.63 -12.61 -7.85
N PHE A 5 11.33 -12.41 -7.93
CA PHE A 5 10.57 -11.77 -6.89
C PHE A 5 9.20 -12.43 -6.80
N ALA A 6 8.40 -11.99 -5.84
CA ALA A 6 7.06 -12.52 -5.68
C ALA A 6 6.03 -11.46 -6.04
N ASN A 7 4.86 -11.93 -6.43
CA ASN A 7 3.81 -11.06 -6.93
C ASN A 7 2.92 -10.58 -5.80
N GLU A 8 3.49 -10.61 -4.60
CA GLU A 8 2.82 -10.10 -3.42
C GLU A 8 2.58 -8.60 -3.56
N ASN A 9 3.54 -7.93 -4.20
CA ASN A 9 3.45 -6.49 -4.43
C ASN A 9 2.23 -6.18 -5.28
N SER A 10 1.99 -7.01 -6.29
CA SER A 10 0.88 -6.81 -7.21
C SER A 10 -0.45 -6.74 -6.46
N GLN A 11 -0.59 -7.59 -5.44
CA GLN A 11 -1.79 -7.59 -4.63
C GLN A 11 -1.81 -6.38 -3.70
N LEU A 12 -0.64 -6.05 -3.15
CA LEU A 12 -0.49 -4.88 -2.28
C LEU A 12 -0.96 -3.61 -2.99
N LEU A 13 -0.48 -3.42 -4.21
CA LEU A 13 -0.70 -2.18 -4.96
C LEU A 13 -2.18 -1.83 -5.06
N ASP A 14 -2.99 -2.79 -5.48
CA ASP A 14 -4.41 -2.55 -5.68
C ASP A 14 -5.16 -2.50 -4.36
N PHE A 15 -4.65 -3.22 -3.36
CA PHE A 15 -5.24 -3.17 -2.03
C PHE A 15 -5.10 -1.77 -1.46
N ILE A 16 -3.87 -1.27 -1.43
CA ILE A 16 -3.57 0.06 -0.93
C ILE A 16 -4.30 1.12 -1.77
N ARG A 17 -4.40 0.84 -3.06
CA ARG A 17 -5.10 1.73 -3.99
C ARG A 17 -6.57 1.87 -3.61
N GLU A 18 -7.22 0.75 -3.33
CA GLU A 18 -8.63 0.75 -2.94
C GLU A 18 -8.82 1.44 -1.60
N LEU A 19 -7.85 1.29 -0.71
CA LEU A 19 -7.88 1.96 0.57
C LEU A 19 -8.05 3.46 0.40
N GLY A 20 -7.11 4.07 -0.33
CA GLY A 20 -7.16 5.49 -0.55
C GLY A 20 -8.35 5.93 -1.37
N ASP A 21 -8.94 5.01 -2.12
CA ASP A 21 -10.06 5.34 -2.99
C ASP A 21 -11.36 5.51 -2.19
N VAL A 22 -11.50 4.73 -1.11
CA VAL A 22 -12.69 4.84 -0.26
C VAL A 22 -12.42 5.73 0.94
N GLY A 23 -11.14 5.92 1.25
CA GLY A 23 -10.77 6.81 2.33
C GLY A 23 -10.26 6.07 3.56
N LEU A 24 -9.65 4.92 3.34
CA LEU A 24 -9.08 4.14 4.43
C LEU A 24 -7.60 4.43 4.59
N LEU A 25 -7.10 5.33 3.75
CA LEU A 25 -5.70 5.73 3.79
C LEU A 25 -5.56 7.18 4.20
N GLU A 26 -6.63 7.92 4.04
CA GLU A 26 -6.63 9.36 4.30
C GLU A 26 -6.14 9.67 5.70
N TYR A 27 -5.29 10.67 5.79
CA TYR A 27 -4.64 11.02 7.05
C TYR A 27 -4.43 12.53 7.13
N GLU A 28 -3.94 12.98 8.28
CA GLU A 28 -3.64 14.38 8.49
C GLU A 28 -2.58 14.48 9.58
N LEU A 29 -1.39 14.85 9.18
CA LEU A 29 -0.25 14.84 10.08
C LEU A 29 -0.19 16.11 10.91
N SER A 30 0.08 15.92 12.19
CA SER A 30 0.27 17.04 13.11
C SER A 30 1.75 17.38 13.17
N GLN A 31 2.10 18.44 13.89
CA GLN A 31 3.49 18.86 13.98
C GLN A 31 4.39 17.72 14.46
N GLN A 32 3.90 16.96 15.43
CA GLN A 32 4.66 15.85 15.98
C GLN A 32 4.81 14.73 14.97
N GLU A 33 3.80 14.56 14.13
CA GLU A 33 3.80 13.52 13.11
C GLU A 33 4.65 13.95 11.93
N LYS A 34 4.76 15.26 11.73
CA LYS A 34 5.51 15.80 10.61
C LYS A 34 6.99 15.83 10.95
N ASP A 35 7.27 15.96 12.23
CA ASP A 35 8.63 16.07 12.73
C ASP A 35 9.40 14.78 12.52
N VAL A 36 8.70 13.66 12.62
CA VAL A 36 9.34 12.36 12.48
C VAL A 36 9.46 11.95 11.02
N LEU A 37 8.58 12.49 10.17
CA LEU A 37 8.56 12.13 8.76
C LEU A 37 9.35 13.13 7.91
N PHE A 38 8.99 14.39 8.04
CA PHE A 38 9.60 15.44 7.24
C PHE A 38 10.78 16.05 7.98
N GLY A 39 10.69 16.04 9.30
CA GLY A 39 11.71 16.67 10.11
C GLY A 39 11.56 18.18 10.16
N SER A 40 11.66 18.82 9.01
CA SER A 40 11.55 20.26 8.91
C SER A 40 10.08 20.66 8.82
N MET B 1 -15.30 1.77 13.41
CA MET B 1 -15.87 1.39 12.09
C MET B 1 -15.43 2.37 11.02
N ASN B 2 -14.88 1.85 9.92
CA ASN B 2 -14.49 2.68 8.80
C ASN B 2 -15.18 2.20 7.53
N LYS B 3 -14.63 2.56 6.39
CA LYS B 3 -15.18 2.16 5.10
C LYS B 3 -14.76 0.74 4.77
N THR B 4 -15.39 0.18 3.75
CA THR B 4 -15.03 -1.14 3.27
C THR B 4 -14.30 -1.03 1.94
N LEU B 5 -13.80 -2.14 1.45
CA LEU B 5 -13.08 -2.14 0.20
C LEU B 5 -14.02 -2.28 -0.98
N LYS B 6 -13.47 -2.21 -2.18
CA LYS B 6 -14.26 -2.24 -3.38
C LYS B 6 -14.34 -3.66 -3.93
N THR B 7 -13.19 -4.32 -3.95
CA THR B 7 -13.14 -5.71 -4.33
C THR B 7 -13.49 -6.59 -3.13
N LYS B 8 -14.51 -7.42 -3.30
CA LYS B 8 -15.00 -8.26 -2.21
C LYS B 8 -13.96 -9.29 -1.79
N ALA B 9 -13.16 -9.73 -2.75
CA ALA B 9 -12.07 -10.65 -2.47
C ALA B 9 -11.06 -10.01 -1.52
N PHE B 10 -10.89 -8.70 -1.65
CA PHE B 10 -9.97 -7.95 -0.79
C PHE B 10 -10.65 -7.54 0.50
N ASP B 11 -11.91 -7.10 0.36
CA ASP B 11 -12.70 -6.57 1.46
C ASP B 11 -12.76 -7.55 2.63
N ASP B 12 -12.85 -8.84 2.33
CA ASP B 12 -12.92 -9.87 3.35
C ASP B 12 -11.79 -9.73 4.36
N ILE B 13 -10.57 -9.60 3.85
CA ILE B 13 -9.39 -9.56 4.69
C ILE B 13 -9.38 -8.31 5.57
N TYR B 14 -9.87 -7.21 5.04
CA TYR B 14 -9.83 -5.94 5.76
C TYR B 14 -10.62 -6.03 7.07
N GLN B 15 -11.75 -6.72 7.04
CA GLN B 15 -12.54 -6.91 8.24
C GLN B 15 -12.00 -8.06 9.07
N ASN B 16 -11.66 -9.14 8.38
CA ASN B 16 -11.27 -10.38 9.03
C ASN B 16 -9.84 -10.36 9.55
N SER B 17 -9.15 -9.24 9.36
CA SER B 17 -7.81 -9.08 9.86
C SER B 17 -7.68 -7.78 10.64
N ALA B 18 -8.06 -7.84 11.91
CA ALA B 18 -7.97 -6.68 12.79
C ALA B 18 -6.51 -6.30 13.03
N GLU B 19 -5.61 -7.25 12.75
CA GLU B 19 -4.19 -7.02 12.89
C GLU B 19 -3.68 -6.21 11.71
N LEU B 20 -4.42 -6.25 10.62
CA LEU B 20 -4.12 -5.45 9.45
C LEU B 20 -4.71 -4.06 9.63
N GLN B 21 -5.87 -4.02 10.29
CA GLN B 21 -6.59 -2.78 10.55
C GLN B 21 -5.79 -1.88 11.52
N GLU B 22 -5.13 -2.50 12.49
CA GLU B 22 -4.42 -1.76 13.52
C GLU B 22 -3.15 -1.12 12.97
N LEU B 23 -2.66 -1.66 11.86
CA LEU B 23 -1.45 -1.14 11.24
C LEU B 23 -1.71 0.19 10.56
N LEU B 24 -2.96 0.44 10.20
CA LEU B 24 -3.35 1.72 9.61
C LEU B 24 -3.59 2.76 10.70
N LYS B 25 -3.10 2.48 11.91
CA LYS B 25 -3.18 3.42 13.00
C LYS B 25 -1.83 4.11 13.20
N TYR B 26 -0.91 3.91 12.25
CA TYR B 26 0.37 4.58 12.28
C TYR B 26 0.44 5.61 11.16
N ASN B 27 0.50 6.88 11.54
CA ASN B 27 0.54 7.96 10.56
C ASN B 27 1.78 7.87 9.68
N THR B 28 2.85 7.32 10.22
CA THR B 28 4.08 7.10 9.46
C THR B 28 3.85 6.11 8.32
N VAL B 29 3.03 5.10 8.58
CA VAL B 29 2.82 4.04 7.60
C VAL B 29 1.76 4.46 6.59
N LYS B 30 0.71 5.13 7.06
CA LYS B 30 -0.33 5.67 6.18
C LYS B 30 0.28 6.65 5.21
N PHE B 31 1.23 7.45 5.73
CA PHE B 31 1.96 8.41 4.92
C PHE B 31 2.63 7.72 3.74
N HIS B 32 3.39 6.67 4.04
CA HIS B 32 4.15 5.97 3.02
C HIS B 32 3.25 5.16 2.08
N LEU B 33 2.20 4.55 2.63
CA LEU B 33 1.28 3.76 1.84
C LEU B 33 0.52 4.63 0.84
N ALA B 34 -0.01 5.74 1.31
CA ALA B 34 -0.77 6.64 0.44
C ALA B 34 0.13 7.27 -0.63
N LYS B 35 1.43 7.35 -0.36
CA LYS B 35 2.37 7.83 -1.36
C LYS B 35 2.40 6.90 -2.57
N VAL B 36 2.28 5.59 -2.33
CA VAL B 36 2.28 4.63 -3.42
C VAL B 36 0.94 4.68 -4.15
N TYR B 37 -0.13 4.93 -3.41
CA TYR B 37 -1.46 5.10 -3.99
C TYR B 37 -1.45 6.23 -5.00
N ARG B 38 -0.76 7.31 -4.65
CA ARG B 38 -0.63 8.46 -5.54
C ARG B 38 0.01 8.05 -6.86
N ILE B 39 0.94 7.11 -6.78
CA ILE B 39 1.67 6.61 -7.93
C ILE B 39 0.75 5.93 -8.94
N LEU B 40 -0.21 5.15 -8.44
CA LEU B 40 -1.12 4.43 -9.33
C LEU B 40 -2.10 5.39 -10.00
N SER B 41 -2.20 6.59 -9.47
CA SER B 41 -2.97 7.64 -10.12
C SER B 41 -2.07 8.43 -11.06
N SER B 42 -0.94 8.87 -10.54
CA SER B 42 0.06 9.60 -11.31
C SER B 42 1.37 9.66 -10.52
N THR B 43 2.43 9.11 -11.07
CA THR B 43 3.74 9.21 -10.45
C THR B 43 4.42 10.50 -10.93
N VAL B 44 3.96 10.96 -12.09
CA VAL B 44 4.43 12.20 -12.69
C VAL B 44 3.27 12.87 -13.41
N ASN B 45 3.54 14.00 -14.04
CA ASN B 45 2.49 14.75 -14.73
C ASN B 45 2.24 14.22 -16.14
N ASP B 46 2.57 12.95 -16.35
CA ASP B 46 2.35 12.30 -17.63
C ASP B 46 2.36 10.78 -17.49
N GLY B 47 3.54 10.18 -17.59
CA GLY B 47 3.65 8.73 -17.51
C GLY B 47 2.98 8.02 -18.68
N SER B 48 2.98 8.67 -19.83
CA SER B 48 2.35 8.10 -21.01
C SER B 48 3.27 7.10 -21.70
N SER B 49 2.74 5.92 -21.98
CA SER B 49 3.51 4.87 -22.63
C SER B 49 2.86 4.47 -23.96
N GLY B 50 3.32 3.37 -24.53
CA GLY B 50 2.71 2.86 -25.73
C GLY B 50 1.37 2.19 -25.45
N LYS B 51 1.41 1.15 -24.63
CA LYS B 51 0.19 0.44 -24.26
C LYS B 51 0.26 -0.04 -22.81
N MET B 52 1.14 0.59 -22.04
CA MET B 52 1.33 0.20 -20.65
C MET B 52 0.67 1.20 -19.71
N ASN B 53 1.40 2.27 -19.39
CA ASN B 53 0.96 3.29 -18.43
C ASN B 53 0.72 2.71 -17.05
N SER B 54 -0.42 2.05 -16.87
CA SER B 54 -0.79 1.47 -15.58
C SER B 54 0.23 0.42 -15.16
N ASP B 55 0.80 -0.26 -16.15
CA ASP B 55 1.79 -1.29 -15.88
C ASP B 55 3.09 -0.65 -15.39
N LEU B 56 3.37 0.54 -15.88
CA LEU B 56 4.56 1.28 -15.47
C LEU B 56 4.34 1.84 -14.07
N GLN B 57 3.10 2.29 -13.81
CA GLN B 57 2.75 2.81 -12.49
C GLN B 57 2.82 1.69 -11.47
N LYS B 58 2.46 0.48 -11.89
CA LYS B 58 2.60 -0.71 -11.07
C LYS B 58 4.04 -0.86 -10.60
N GLU B 59 4.98 -0.74 -11.53
CA GLU B 59 6.40 -0.89 -11.23
C GLU B 59 6.84 0.14 -10.20
N LEU B 60 6.52 1.41 -10.46
CA LEU B 60 6.91 2.49 -9.58
C LEU B 60 6.30 2.30 -8.19
N ALA B 61 5.08 1.79 -8.15
CA ALA B 61 4.43 1.49 -6.89
C ALA B 61 5.18 0.41 -6.13
N VAL B 62 5.55 -0.66 -6.86
CA VAL B 62 6.32 -1.76 -6.29
C VAL B 62 7.65 -1.26 -5.73
N ASN B 63 8.26 -0.30 -6.44
CA ASN B 63 9.53 0.27 -6.05
C ASN B 63 9.49 0.87 -4.64
N TYR B 64 8.36 1.47 -4.28
CA TYR B 64 8.21 2.10 -2.98
C TYR B 64 8.10 1.04 -1.89
N LEU B 65 7.31 0.00 -2.14
CA LEU B 65 7.16 -1.08 -1.17
C LEU B 65 8.49 -1.81 -0.97
N ASN B 66 9.34 -1.78 -1.99
CA ASN B 66 10.66 -2.39 -1.91
C ASN B 66 11.57 -1.60 -0.98
N THR B 67 11.41 -0.28 -0.96
CA THR B 67 12.20 0.56 -0.07
C THR B 67 11.63 0.50 1.35
N LEU B 68 10.39 0.02 1.46
CA LEU B 68 9.74 -0.14 2.75
C LEU B 68 9.85 -1.59 3.20
N ARG B 69 10.53 -2.39 2.42
CA ARG B 69 10.71 -3.79 2.71
C ARG B 69 11.75 -3.96 3.81
N TYR B 70 11.74 -5.12 4.47
CA TYR B 70 12.67 -5.38 5.54
C TYR B 70 14.08 -5.41 4.98
N GLY B 71 14.88 -4.42 5.35
CA GLY B 71 16.22 -4.30 4.81
C GLY B 71 16.31 -3.23 3.74
N GLY B 72 15.24 -2.45 3.60
CA GLY B 72 15.23 -1.35 2.66
C GLY B 72 16.02 -0.16 3.18
N ILE B 73 15.52 1.04 2.94
CA ILE B 73 16.21 2.24 3.36
C ILE B 73 15.45 2.98 4.44
N HIS B 74 14.14 3.11 4.25
CA HIS B 74 13.31 3.83 5.21
C HIS B 74 12.09 3.00 5.55
N TYR B 75 12.32 1.72 5.81
CA TYR B 75 11.23 0.79 6.03
C TYR B 75 10.56 1.03 7.37
N ASN B 76 9.26 0.80 7.42
CA ASN B 76 8.49 0.89 8.65
C ASN B 76 8.03 -0.50 9.04
N GLU B 77 8.09 -0.78 10.34
CA GLU B 77 7.80 -2.12 10.84
C GLU B 77 6.35 -2.49 10.60
N ALA B 78 5.46 -1.51 10.61
CA ALA B 78 4.05 -1.76 10.40
C ALA B 78 3.77 -1.98 8.92
N ILE B 79 4.59 -1.37 8.06
CA ILE B 79 4.48 -1.60 6.62
C ILE B 79 4.86 -3.05 6.30
N GLU B 80 5.89 -3.53 6.96
CA GLU B 80 6.34 -4.91 6.80
C GLU B 80 5.21 -5.85 7.19
N GLU B 81 4.69 -5.68 8.40
CA GLU B 81 3.60 -6.52 8.88
C GLU B 81 2.34 -6.31 8.04
N PHE B 82 2.17 -5.09 7.52
CA PHE B 82 1.03 -4.77 6.67
C PHE B 82 0.99 -5.69 5.46
N CYS B 83 2.07 -5.67 4.67
CA CYS B 83 2.14 -6.50 3.48
C CYS B 83 2.05 -7.98 3.84
N GLN B 84 2.73 -8.39 4.91
CA GLN B 84 2.76 -9.80 5.31
C GLN B 84 1.36 -10.32 5.59
N ILE B 85 0.70 -9.73 6.59
CA ILE B 85 -0.64 -10.13 7.01
C ILE B 85 -1.63 -10.10 5.83
N LEU B 86 -1.51 -9.05 5.03
CA LEU B 86 -2.43 -8.82 3.93
C LEU B 86 -2.19 -9.83 2.80
N LEU B 87 -0.98 -9.84 2.26
CA LEU B 87 -0.64 -10.72 1.13
C LEU B 87 -0.89 -12.17 1.51
N ASP B 88 -0.69 -12.48 2.79
CA ASP B 88 -0.86 -13.84 3.30
C ASP B 88 -2.24 -14.38 2.98
N LYS B 89 -3.24 -13.58 3.28
CA LYS B 89 -4.62 -14.01 3.10
C LYS B 89 -5.02 -13.91 1.62
N LEU B 90 -4.40 -13.00 0.90
CA LEU B 90 -4.62 -12.87 -0.54
C LEU B 90 -4.02 -14.05 -1.30
N ASN B 91 -3.03 -14.69 -0.72
CA ASN B 91 -2.45 -15.89 -1.30
C ASN B 91 -3.06 -17.15 -0.71
N ALA B 92 -3.86 -16.97 0.33
CA ALA B 92 -4.50 -18.09 1.01
C ALA B 92 -5.72 -18.58 0.25
N VAL B 93 -6.07 -17.85 -0.78
CA VAL B 93 -7.22 -18.18 -1.60
C VAL B 93 -6.76 -18.75 -2.95
N LYS B 94 -5.51 -18.51 -3.27
CA LYS B 94 -4.94 -18.93 -4.54
C LYS B 94 -4.67 -20.43 -4.57
N LYS B 95 -5.30 -21.12 -5.49
CA LYS B 95 -5.05 -22.53 -5.69
C LYS B 95 -3.74 -22.73 -6.43
N GLY A 1 10.66 -7.74 -16.63
CA GLY A 1 10.55 -8.73 -15.54
C GLY A 1 9.12 -9.03 -15.18
N PRO A 2 8.89 -9.90 -14.19
CA PRO A 2 7.54 -10.28 -13.77
C PRO A 2 6.94 -9.27 -12.80
N HIS A 3 6.98 -8.01 -13.19
CA HIS A 3 6.57 -6.90 -12.34
C HIS A 3 7.45 -6.83 -11.09
N MET A 4 8.75 -6.71 -11.35
CA MET A 4 9.76 -6.66 -10.31
C MET A 4 9.85 -7.98 -9.56
N PHE A 5 10.46 -7.96 -8.38
CA PHE A 5 10.68 -9.17 -7.62
C PHE A 5 9.43 -9.57 -6.87
N ALA A 6 9.06 -10.84 -7.02
CA ALA A 6 7.86 -11.43 -6.43
C ALA A 6 6.59 -10.81 -7.02
N ASN A 7 5.47 -11.51 -6.85
CA ASN A 7 4.21 -11.04 -7.38
C ASN A 7 3.22 -10.78 -6.26
N GLU A 8 3.72 -10.78 -5.03
CA GLU A 8 2.91 -10.43 -3.87
C GLU A 8 2.48 -8.97 -3.96
N ASN A 9 3.44 -8.11 -4.29
CA ASN A 9 3.22 -6.68 -4.43
C ASN A 9 2.09 -6.38 -5.40
N SER A 10 1.93 -7.24 -6.40
CA SER A 10 0.88 -7.09 -7.39
C SER A 10 -0.50 -7.05 -6.73
N GLN A 11 -0.63 -7.74 -5.61
CA GLN A 11 -1.86 -7.73 -4.84
C GLN A 11 -1.88 -6.53 -3.91
N LEU A 12 -0.73 -6.22 -3.35
CA LEU A 12 -0.56 -5.07 -2.44
C LEU A 12 -1.01 -3.78 -3.10
N LEU A 13 -0.52 -3.54 -4.31
CA LEU A 13 -0.76 -2.29 -5.03
C LEU A 13 -2.25 -1.97 -5.13
N ASP A 14 -3.00 -2.93 -5.65
CA ASP A 14 -4.44 -2.75 -5.83
C ASP A 14 -5.15 -2.63 -4.50
N PHE A 15 -4.69 -3.39 -3.51
CA PHE A 15 -5.25 -3.33 -2.16
C PHE A 15 -5.09 -1.93 -1.58
N ILE A 16 -3.85 -1.45 -1.55
CA ILE A 16 -3.55 -0.12 -1.03
C ILE A 16 -4.31 0.96 -1.82
N ARG A 17 -4.46 0.73 -3.12
CA ARG A 17 -5.17 1.65 -3.98
C ARG A 17 -6.64 1.74 -3.58
N GLU A 18 -7.26 0.59 -3.33
CA GLU A 18 -8.65 0.54 -2.92
C GLU A 18 -8.85 1.21 -1.57
N LEU A 19 -7.85 1.14 -0.71
CA LEU A 19 -7.90 1.81 0.58
C LEU A 19 -8.09 3.31 0.40
N GLY A 20 -7.19 3.92 -0.36
CA GLY A 20 -7.25 5.35 -0.58
C GLY A 20 -8.45 5.75 -1.40
N ASP A 21 -9.02 4.80 -2.12
CA ASP A 21 -10.18 5.06 -2.96
C ASP A 21 -11.41 5.35 -2.10
N VAL A 22 -11.53 4.66 -0.97
CA VAL A 22 -12.70 4.82 -0.12
C VAL A 22 -12.39 5.65 1.13
N GLY A 23 -11.12 5.70 1.52
CA GLY A 23 -10.73 6.59 2.60
C GLY A 23 -10.21 5.82 3.79
N LEU A 24 -9.49 4.76 3.51
CA LEU A 24 -8.93 3.91 4.56
C LEU A 24 -7.48 4.30 4.82
N LEU A 25 -6.93 5.06 3.89
CA LEU A 25 -5.57 5.53 4.00
C LEU A 25 -5.53 6.96 4.50
N GLU A 26 -6.68 7.62 4.45
CA GLU A 26 -6.77 9.02 4.82
C GLU A 26 -6.18 9.26 6.21
N TYR A 27 -5.24 10.18 6.27
CA TYR A 27 -4.52 10.50 7.48
C TYR A 27 -4.31 12.00 7.58
N GLU A 28 -3.72 12.43 8.68
CA GLU A 28 -3.35 13.81 8.87
C GLU A 28 -2.10 13.88 9.72
N LEU A 29 -1.15 14.70 9.32
CA LEU A 29 0.12 14.80 10.03
C LEU A 29 0.32 16.21 10.58
N SER A 30 0.77 16.28 11.82
CA SER A 30 1.16 17.55 12.41
C SER A 30 2.59 17.88 12.03
N GLN A 31 3.07 19.06 12.42
CA GLN A 31 4.44 19.45 12.13
C GLN A 31 5.40 18.42 12.74
N GLN A 32 5.09 17.99 13.95
CA GLN A 32 5.89 16.98 14.64
C GLN A 32 5.92 15.68 13.84
N GLU A 33 4.75 15.21 13.44
CA GLU A 33 4.64 13.95 12.71
C GLU A 33 5.32 14.05 11.35
N LYS A 34 5.33 15.24 10.77
CA LYS A 34 5.98 15.45 9.49
C LYS A 34 7.49 15.56 9.67
N ASP A 35 7.89 16.10 10.81
CA ASP A 35 9.30 16.35 11.10
C ASP A 35 10.06 15.04 11.25
N VAL A 36 9.38 14.02 11.73
CA VAL A 36 10.02 12.73 11.96
C VAL A 36 10.08 11.89 10.68
N LEU A 37 9.18 12.19 9.74
CA LEU A 37 9.10 11.43 8.50
C LEU A 37 9.93 12.08 7.41
N PHE A 38 9.68 13.36 7.17
CA PHE A 38 10.37 14.09 6.12
C PHE A 38 11.75 14.51 6.58
N GLY A 39 11.91 14.64 7.89
CA GLY A 39 13.17 15.08 8.46
C GLY A 39 14.17 13.95 8.57
N SER A 40 13.82 12.79 8.05
CA SER A 40 14.70 11.65 8.07
C SER A 40 15.32 11.42 6.69
N MET B 1 -16.15 4.49 12.70
CA MET B 1 -16.19 3.40 11.69
C MET B 1 -15.37 3.79 10.47
N ASN B 2 -14.90 2.79 9.73
CA ASN B 2 -14.18 3.02 8.49
C ASN B 2 -15.04 2.57 7.32
N LYS B 3 -14.47 2.57 6.13
CA LYS B 3 -15.19 2.18 4.92
C LYS B 3 -14.73 0.80 4.45
N THR B 4 -15.44 0.23 3.50
CA THR B 4 -15.08 -1.07 2.97
C THR B 4 -14.36 -0.95 1.63
N LEU B 5 -13.75 -2.04 1.21
CA LEU B 5 -12.98 -2.06 -0.01
C LEU B 5 -13.86 -2.18 -1.24
N LYS B 6 -13.23 -2.17 -2.40
CA LYS B 6 -13.96 -2.21 -3.66
C LYS B 6 -14.16 -3.65 -4.08
N THR B 7 -13.09 -4.42 -4.03
CA THR B 7 -13.13 -5.83 -4.34
C THR B 7 -13.46 -6.62 -3.08
N LYS B 8 -14.47 -7.46 -3.17
CA LYS B 8 -14.90 -8.28 -2.04
C LYS B 8 -13.83 -9.29 -1.65
N ALA B 9 -13.11 -9.80 -2.64
CA ALA B 9 -12.00 -10.71 -2.39
C ALA B 9 -10.90 -10.03 -1.59
N PHE B 10 -10.90 -8.70 -1.61
CA PHE B 10 -9.95 -7.91 -0.85
C PHE B 10 -10.58 -7.45 0.46
N ASP B 11 -11.83 -6.99 0.37
CA ASP B 11 -12.57 -6.49 1.53
C ASP B 11 -12.64 -7.54 2.62
N ASP B 12 -12.74 -8.80 2.21
CA ASP B 12 -12.79 -9.91 3.14
C ASP B 12 -11.66 -9.85 4.15
N ILE B 13 -10.43 -9.69 3.67
CA ILE B 13 -9.27 -9.68 4.53
C ILE B 13 -9.29 -8.47 5.45
N TYR B 14 -9.69 -7.33 4.90
CA TYR B 14 -9.73 -6.09 5.66
C TYR B 14 -10.69 -6.22 6.84
N GLN B 15 -11.77 -6.97 6.65
CA GLN B 15 -12.77 -7.16 7.70
C GLN B 15 -12.39 -8.31 8.62
N ASN B 16 -11.59 -9.23 8.10
CA ASN B 16 -11.26 -10.46 8.82
C ASN B 16 -9.85 -10.41 9.39
N SER B 17 -9.26 -9.23 9.47
CA SER B 17 -7.92 -9.09 10.01
C SER B 17 -7.81 -7.83 10.85
N ALA B 18 -7.89 -8.01 12.16
CA ALA B 18 -7.74 -6.89 13.07
C ALA B 18 -6.27 -6.50 13.20
N GLU B 19 -5.38 -7.44 12.87
CA GLU B 19 -3.96 -7.20 12.95
C GLU B 19 -3.48 -6.41 11.74
N LEU B 20 -4.23 -6.53 10.65
CA LEU B 20 -3.96 -5.73 9.45
C LEU B 20 -4.62 -4.36 9.63
N GLN B 21 -5.77 -4.35 10.27
CA GLN B 21 -6.54 -3.14 10.49
C GLN B 21 -5.80 -2.16 11.40
N GLU B 22 -5.14 -2.68 12.43
CA GLU B 22 -4.53 -1.84 13.44
C GLU B 22 -3.31 -1.10 12.90
N LEU B 23 -2.73 -1.63 11.85
CA LEU B 23 -1.54 -1.05 11.26
C LEU B 23 -1.88 0.24 10.52
N LEU B 24 -3.10 0.31 10.00
CA LEU B 24 -3.57 1.48 9.28
C LEU B 24 -4.05 2.58 10.23
N LYS B 25 -3.91 2.33 11.52
CA LYS B 25 -4.26 3.31 12.53
C LYS B 25 -3.09 4.22 12.82
N TYR B 26 -1.90 3.78 12.43
CA TYR B 26 -0.68 4.57 12.62
C TYR B 26 -0.47 5.47 11.41
N ASN B 27 -0.38 6.77 11.65
CA ASN B 27 -0.21 7.74 10.58
C ASN B 27 1.12 7.55 9.86
N THR B 28 2.09 7.01 10.57
CA THR B 28 3.41 6.78 10.01
C THR B 28 3.36 5.68 8.95
N VAL B 29 2.53 4.71 9.23
CA VAL B 29 2.38 3.55 8.38
C VAL B 29 1.57 3.89 7.14
N LYS B 30 0.37 4.40 7.37
CA LYS B 30 -0.54 4.74 6.30
C LYS B 30 0.01 5.89 5.44
N PHE B 31 0.91 6.68 6.00
CA PHE B 31 1.59 7.74 5.26
C PHE B 31 2.35 7.15 4.08
N HIS B 32 3.17 6.15 4.35
CA HIS B 32 4.03 5.56 3.34
C HIS B 32 3.23 4.76 2.32
N LEU B 33 2.09 4.24 2.76
CA LEU B 33 1.22 3.48 1.88
C LEU B 33 0.47 4.41 0.93
N ALA B 34 -0.09 5.49 1.47
CA ALA B 34 -0.80 6.45 0.64
C ALA B 34 0.12 7.12 -0.36
N LYS B 35 1.42 7.15 -0.06
CA LYS B 35 2.42 7.60 -1.02
C LYS B 35 2.33 6.79 -2.31
N VAL B 36 2.24 5.47 -2.19
CA VAL B 36 2.21 4.61 -3.36
C VAL B 36 0.84 4.67 -4.03
N TYR B 37 -0.20 4.97 -3.24
CA TYR B 37 -1.54 5.15 -3.79
C TYR B 37 -1.56 6.27 -4.82
N ARG B 38 -0.82 7.32 -4.55
CA ARG B 38 -0.70 8.43 -5.49
C ARG B 38 0.00 7.96 -6.75
N ILE B 39 0.92 7.02 -6.58
CA ILE B 39 1.66 6.44 -7.69
C ILE B 39 0.74 5.59 -8.56
N LEU B 40 -0.12 4.79 -7.93
CA LEU B 40 -1.06 3.96 -8.69
C LEU B 40 -2.06 4.83 -9.44
N SER B 41 -2.07 6.11 -9.13
CA SER B 41 -2.93 7.04 -9.83
C SER B 41 -2.19 7.67 -11.01
N SER B 42 -1.00 8.23 -10.74
CA SER B 42 -0.18 8.87 -11.77
C SER B 42 1.17 9.29 -11.20
N THR B 43 2.23 9.10 -11.98
CA THR B 43 3.56 9.57 -11.60
C THR B 43 3.83 10.91 -12.27
N VAL B 44 3.13 11.15 -13.37
CA VAL B 44 3.33 12.36 -14.16
C VAL B 44 2.01 13.02 -14.47
N ASN B 45 2.08 14.10 -15.23
CA ASN B 45 0.89 14.88 -15.56
C ASN B 45 0.80 15.07 -17.07
N ASP B 46 1.36 14.11 -17.80
CA ASP B 46 1.35 14.17 -19.27
C ASP B 46 -0.06 14.01 -19.81
N GLY B 47 -0.80 13.08 -19.22
CA GLY B 47 -2.17 12.85 -19.64
C GLY B 47 -2.28 11.62 -20.52
N SER B 48 -1.14 11.11 -20.96
CA SER B 48 -1.09 9.95 -21.82
C SER B 48 -1.29 8.68 -21.01
N SER B 49 -2.36 7.96 -21.29
CA SER B 49 -2.70 6.75 -20.57
C SER B 49 -3.52 5.81 -21.44
N GLY B 50 -2.84 5.11 -22.35
CA GLY B 50 -3.52 4.14 -23.18
C GLY B 50 -3.68 2.83 -22.46
N LYS B 51 -2.58 2.08 -22.35
CA LYS B 51 -2.62 0.79 -21.67
C LYS B 51 -1.26 0.43 -21.09
N MET B 52 -0.38 1.41 -20.97
CA MET B 52 0.96 1.15 -20.47
C MET B 52 1.29 2.04 -19.27
N ASN B 53 0.70 3.22 -19.23
CA ASN B 53 0.98 4.18 -18.16
C ASN B 53 0.62 3.57 -16.80
N SER B 54 -0.54 2.95 -16.72
CA SER B 54 -1.00 2.36 -15.48
C SER B 54 -0.11 1.17 -15.11
N ASP B 55 0.41 0.49 -16.11
CA ASP B 55 1.30 -0.65 -15.88
C ASP B 55 2.61 -0.17 -15.28
N LEU B 56 3.10 0.96 -15.77
CA LEU B 56 4.35 1.51 -15.29
C LEU B 56 4.16 2.07 -13.89
N GLN B 57 2.95 2.54 -13.59
CA GLN B 57 2.63 3.01 -12.25
C GLN B 57 2.78 1.87 -11.24
N LYS B 58 2.39 0.67 -11.67
CA LYS B 58 2.57 -0.53 -10.85
C LYS B 58 4.03 -0.69 -10.44
N GLU B 59 4.92 -0.49 -11.41
CA GLU B 59 6.36 -0.63 -11.16
C GLU B 59 6.83 0.40 -10.14
N LEU B 60 6.49 1.65 -10.40
CA LEU B 60 6.91 2.74 -9.52
C LEU B 60 6.34 2.56 -8.12
N ALA B 61 5.14 2.00 -8.04
CA ALA B 61 4.51 1.71 -6.76
C ALA B 61 5.34 0.68 -5.99
N VAL B 62 5.68 -0.43 -6.64
CA VAL B 62 6.49 -1.47 -6.02
C VAL B 62 7.87 -0.94 -5.63
N ASN B 63 8.38 -0.02 -6.45
CA ASN B 63 9.67 0.64 -6.18
C ASN B 63 9.69 1.24 -4.78
N TYR B 64 8.56 1.77 -4.35
CA TYR B 64 8.45 2.39 -3.04
C TYR B 64 8.42 1.34 -1.94
N LEU B 65 7.68 0.27 -2.15
CA LEU B 65 7.60 -0.80 -1.15
C LEU B 65 8.98 -1.42 -0.92
N ASN B 66 9.85 -1.31 -1.92
CA ASN B 66 11.23 -1.79 -1.81
C ASN B 66 12.02 -1.00 -0.77
N THR B 67 11.53 0.19 -0.43
CA THR B 67 12.20 1.01 0.58
C THR B 67 11.46 0.90 1.92
N LEU B 68 10.38 0.14 1.90
CA LEU B 68 9.57 -0.09 3.09
C LEU B 68 9.84 -1.47 3.67
N ARG B 69 10.50 -2.29 2.87
CA ARG B 69 10.88 -3.63 3.27
C ARG B 69 12.05 -3.57 4.25
N TYR B 70 12.13 -4.59 5.11
CA TYR B 70 13.21 -4.71 6.08
C TYR B 70 14.57 -4.44 5.44
N GLY B 71 15.28 -3.45 5.95
CA GLY B 71 16.54 -3.05 5.38
C GLY B 71 16.35 -1.94 4.36
N GLY B 72 15.76 -0.84 4.78
CA GLY B 72 15.49 0.26 3.88
C GLY B 72 15.74 1.59 4.53
N ILE B 73 15.33 2.64 3.84
CA ILE B 73 15.58 4.01 4.30
C ILE B 73 14.53 4.48 5.30
N HIS B 74 13.26 4.31 4.95
CA HIS B 74 12.16 4.75 5.82
C HIS B 74 11.20 3.60 6.06
N TYR B 75 11.76 2.41 6.24
CA TYR B 75 10.96 1.22 6.36
C TYR B 75 10.28 1.16 7.72
N ASN B 76 9.01 0.80 7.71
CA ASN B 76 8.22 0.70 8.92
C ASN B 76 7.96 -0.77 9.23
N GLU B 77 8.14 -1.13 10.48
CA GLU B 77 7.91 -2.50 10.93
C GLU B 77 6.45 -2.89 10.75
N ALA B 78 5.56 -1.91 10.81
CA ALA B 78 4.15 -2.16 10.65
C ALA B 78 3.82 -2.39 9.17
N ILE B 79 4.69 -1.90 8.29
CA ILE B 79 4.53 -2.12 6.87
C ILE B 79 4.95 -3.54 6.51
N GLU B 80 6.00 -4.02 7.18
CA GLU B 80 6.42 -5.41 7.02
C GLU B 80 5.30 -6.33 7.47
N GLU B 81 4.75 -6.06 8.65
CA GLU B 81 3.61 -6.81 9.15
C GLU B 81 2.43 -6.68 8.18
N PHE B 82 2.22 -5.45 7.70
CA PHE B 82 1.14 -5.15 6.77
C PHE B 82 1.18 -6.08 5.56
N CYS B 83 2.29 -6.05 4.82
CA CYS B 83 2.41 -6.84 3.61
C CYS B 83 2.26 -8.33 3.92
N GLN B 84 2.86 -8.77 5.03
CA GLN B 84 2.83 -10.19 5.39
C GLN B 84 1.41 -10.69 5.64
N ILE B 85 0.73 -10.07 6.58
CA ILE B 85 -0.65 -10.47 6.93
C ILE B 85 -1.56 -10.36 5.72
N LEU B 86 -1.37 -9.30 4.97
CA LEU B 86 -2.23 -8.96 3.84
C LEU B 86 -2.01 -9.91 2.66
N LEU B 87 -0.79 -9.94 2.14
CA LEU B 87 -0.46 -10.73 0.95
C LEU B 87 -0.80 -12.20 1.17
N ASP B 88 -0.62 -12.65 2.40
CA ASP B 88 -0.79 -14.06 2.74
C ASP B 88 -2.24 -14.48 2.56
N LYS B 89 -3.15 -13.61 2.96
CA LYS B 89 -4.57 -13.87 2.83
C LYS B 89 -5.02 -13.67 1.38
N LEU B 90 -4.36 -12.76 0.68
CA LEU B 90 -4.67 -12.49 -0.72
C LEU B 90 -4.18 -13.61 -1.63
N ASN B 91 -3.21 -14.37 -1.15
CA ASN B 91 -2.76 -15.56 -1.87
C ASN B 91 -3.62 -16.75 -1.50
N ALA B 92 -4.34 -16.61 -0.40
CA ALA B 92 -5.19 -17.70 0.09
C ALA B 92 -6.61 -17.59 -0.48
N VAL B 93 -6.84 -16.58 -1.30
CA VAL B 93 -8.15 -16.41 -1.91
C VAL B 93 -8.09 -16.77 -3.40
N LYS B 94 -6.89 -16.69 -3.95
CA LYS B 94 -6.68 -17.02 -5.35
C LYS B 94 -6.40 -18.51 -5.52
N LYS B 95 -7.42 -19.24 -5.95
CA LYS B 95 -7.26 -20.65 -6.25
C LYS B 95 -6.81 -20.83 -7.70
N GLY A 1 12.83 -21.83 1.34
CA GLY A 1 12.39 -22.47 0.08
C GLY A 1 12.88 -21.72 -1.14
N PRO A 2 12.47 -22.13 -2.35
CA PRO A 2 12.89 -21.48 -3.60
C PRO A 2 12.26 -20.10 -3.76
N HIS A 3 13.06 -19.14 -4.21
CA HIS A 3 12.58 -17.78 -4.44
C HIS A 3 11.72 -17.72 -5.70
N MET A 4 10.50 -18.20 -5.57
CA MET A 4 9.53 -18.15 -6.66
C MET A 4 9.01 -16.73 -6.82
N PHE A 5 8.84 -16.29 -8.05
CA PHE A 5 8.33 -14.96 -8.31
C PHE A 5 6.89 -14.86 -7.83
N ALA A 6 6.62 -13.83 -7.05
CA ALA A 6 5.33 -13.67 -6.43
C ALA A 6 4.57 -12.50 -7.04
N ASN A 7 3.30 -12.43 -6.72
CA ASN A 7 2.43 -11.39 -7.26
C ASN A 7 1.75 -10.66 -6.12
N GLU A 8 2.26 -10.89 -4.91
CA GLU A 8 1.71 -10.27 -3.72
C GLU A 8 1.75 -8.76 -3.82
N ASN A 9 2.88 -8.21 -4.25
CA ASN A 9 3.02 -6.77 -4.45
C ASN A 9 1.97 -6.25 -5.41
N SER A 10 1.62 -7.05 -6.41
CA SER A 10 0.61 -6.67 -7.38
C SER A 10 -0.76 -6.57 -6.72
N GLN A 11 -0.96 -7.39 -5.70
CA GLN A 11 -2.18 -7.34 -4.90
C GLN A 11 -2.12 -6.16 -3.94
N LEU A 12 -0.93 -6.00 -3.32
CA LEU A 12 -0.66 -4.90 -2.40
C LEU A 12 -1.04 -3.55 -2.98
N LEU A 13 -0.51 -3.27 -4.16
CA LEU A 13 -0.65 -1.96 -4.79
C LEU A 13 -2.11 -1.54 -4.92
N ASP A 14 -2.93 -2.42 -5.47
CA ASP A 14 -4.31 -2.09 -5.74
C ASP A 14 -5.12 -2.12 -4.45
N PHE A 15 -4.69 -2.93 -3.49
CA PHE A 15 -5.31 -2.95 -2.16
C PHE A 15 -5.17 -1.60 -1.49
N ILE A 16 -3.93 -1.11 -1.43
CA ILE A 16 -3.62 0.21 -0.90
C ILE A 16 -4.38 1.28 -1.67
N ARG A 17 -4.47 1.09 -2.98
CA ARG A 17 -5.20 1.99 -3.85
C ARG A 17 -6.68 2.02 -3.47
N GLU A 18 -7.24 0.84 -3.22
CA GLU A 18 -8.64 0.73 -2.82
C GLU A 18 -8.89 1.45 -1.51
N LEU A 19 -7.95 1.34 -0.59
CA LEU A 19 -8.05 2.02 0.69
C LEU A 19 -8.21 3.53 0.48
N GLY A 20 -7.36 4.07 -0.37
CA GLY A 20 -7.36 5.50 -0.61
C GLY A 20 -8.60 5.98 -1.35
N ASP A 21 -9.23 5.10 -2.12
CA ASP A 21 -10.40 5.50 -2.89
C ASP A 21 -11.64 5.65 -2.01
N VAL A 22 -11.70 4.86 -0.94
CA VAL A 22 -12.86 4.88 -0.06
C VAL A 22 -12.58 5.67 1.22
N GLY A 23 -11.32 6.00 1.43
CA GLY A 23 -10.96 6.82 2.58
C GLY A 23 -10.56 5.99 3.79
N LEU A 24 -9.87 4.89 3.54
CA LEU A 24 -9.36 4.06 4.62
C LEU A 24 -7.87 4.30 4.81
N LEU A 25 -7.23 4.76 3.75
CA LEU A 25 -5.81 5.05 3.77
C LEU A 25 -5.57 6.52 4.13
N GLU A 26 -6.64 7.31 4.13
CA GLU A 26 -6.54 8.73 4.38
C GLU A 26 -6.00 8.98 5.79
N TYR A 27 -5.19 10.01 5.94
CA TYR A 27 -4.53 10.27 7.21
C TYR A 27 -4.40 11.77 7.47
N GLU A 28 -3.90 12.09 8.65
CA GLU A 28 -3.68 13.47 9.06
C GLU A 28 -2.46 13.53 9.97
N LEU A 29 -1.51 14.39 9.65
CA LEU A 29 -0.25 14.43 10.37
C LEU A 29 -0.13 15.65 11.26
N SER A 30 0.31 15.42 12.49
CA SER A 30 0.63 16.50 13.40
C SER A 30 2.09 16.92 13.21
N GLN A 31 2.52 17.96 13.91
CA GLN A 31 3.89 18.43 13.77
C GLN A 31 4.89 17.32 14.09
N GLN A 32 4.58 16.55 15.13
CA GLN A 32 5.43 15.44 15.54
C GLN A 32 5.47 14.37 14.47
N GLU A 33 4.31 14.08 13.88
CA GLU A 33 4.23 13.08 12.82
C GLU A 33 4.94 13.58 11.57
N LYS A 34 4.91 14.88 11.35
CA LYS A 34 5.55 15.46 10.18
C LYS A 34 7.06 15.44 10.36
N ASP A 35 7.48 15.53 11.61
CA ASP A 35 8.89 15.55 11.96
C ASP A 35 9.51 14.17 11.77
N VAL A 36 8.74 13.12 12.05
CA VAL A 36 9.26 11.76 11.96
C VAL A 36 9.17 11.24 10.52
N LEU A 37 8.25 11.78 9.75
CA LEU A 37 8.03 11.29 8.38
C LEU A 37 8.82 12.10 7.37
N PHE A 38 8.73 13.42 7.45
CA PHE A 38 9.47 14.27 6.53
C PHE A 38 10.89 14.47 7.04
N GLY A 39 11.08 14.15 8.31
CA GLY A 39 12.40 14.22 8.90
C GLY A 39 13.20 12.96 8.66
N SER A 40 12.61 12.00 7.96
CA SER A 40 13.29 10.77 7.62
C SER A 40 13.54 10.70 6.12
N MET B 1 -18.05 0.76 12.32
CA MET B 1 -18.03 0.33 10.90
C MET B 1 -17.42 1.42 10.03
N ASN B 2 -16.32 1.10 9.38
CA ASN B 2 -15.68 2.02 8.45
C ASN B 2 -16.14 1.69 7.04
N LYS B 3 -15.39 2.16 6.06
CA LYS B 3 -15.74 1.93 4.67
C LYS B 3 -15.22 0.56 4.24
N THR B 4 -15.76 0.06 3.16
CA THR B 4 -15.33 -1.22 2.63
C THR B 4 -14.54 -1.03 1.36
N LEU B 5 -13.85 -2.08 0.95
CA LEU B 5 -13.00 -2.00 -0.22
C LEU B 5 -13.80 -2.06 -1.52
N LYS B 6 -13.08 -1.98 -2.61
CA LYS B 6 -13.70 -1.95 -3.93
C LYS B 6 -13.94 -3.38 -4.38
N THR B 7 -12.95 -4.22 -4.14
CA THR B 7 -13.03 -5.63 -4.45
C THR B 7 -13.39 -6.43 -3.21
N LYS B 8 -14.40 -7.28 -3.32
CA LYS B 8 -14.85 -8.09 -2.20
C LYS B 8 -13.81 -9.15 -1.84
N ALA B 9 -13.10 -9.63 -2.85
CA ALA B 9 -12.00 -10.56 -2.64
C ALA B 9 -10.89 -9.92 -1.83
N PHE B 10 -10.89 -8.59 -1.78
CA PHE B 10 -9.95 -7.84 -0.98
C PHE B 10 -10.58 -7.41 0.34
N ASP B 11 -11.82 -6.93 0.23
CA ASP B 11 -12.58 -6.41 1.37
C ASP B 11 -12.68 -7.44 2.48
N ASP B 12 -12.81 -8.71 2.09
CA ASP B 12 -12.92 -9.81 3.04
C ASP B 12 -11.79 -9.77 4.06
N ILE B 13 -10.57 -9.59 3.59
CA ILE B 13 -9.41 -9.58 4.47
C ILE B 13 -9.39 -8.33 5.33
N TYR B 14 -9.74 -7.19 4.74
CA TYR B 14 -9.73 -5.93 5.47
C TYR B 14 -10.66 -5.98 6.67
N GLN B 15 -11.81 -6.63 6.50
CA GLN B 15 -12.78 -6.74 7.57
C GLN B 15 -12.39 -7.85 8.54
N ASN B 16 -11.55 -8.77 8.07
CA ASN B 16 -11.19 -9.95 8.85
C ASN B 16 -9.72 -9.96 9.23
N SER B 17 -9.15 -8.78 9.44
CA SER B 17 -7.77 -8.68 9.88
C SER B 17 -7.59 -7.46 10.77
N ALA B 18 -7.51 -7.70 12.08
CA ALA B 18 -7.30 -6.63 13.03
C ALA B 18 -5.84 -6.19 13.01
N GLU B 19 -4.96 -7.13 12.76
CA GLU B 19 -3.53 -6.86 12.72
C GLU B 19 -3.18 -5.94 11.56
N LEU B 20 -3.88 -6.13 10.46
CA LEU B 20 -3.72 -5.29 9.27
C LEU B 20 -4.33 -3.92 9.53
N GLN B 21 -5.36 -3.88 10.37
CA GLN B 21 -6.06 -2.64 10.67
C GLN B 21 -5.28 -1.78 11.67
N GLU B 22 -4.61 -2.41 12.64
CA GLU B 22 -3.85 -1.67 13.65
C GLU B 22 -2.72 -0.88 12.97
N LEU B 23 -2.23 -1.41 11.87
CA LEU B 23 -1.19 -0.75 11.10
C LEU B 23 -1.76 0.45 10.36
N LEU B 24 -2.98 0.29 9.86
CA LEU B 24 -3.66 1.36 9.13
C LEU B 24 -4.19 2.43 10.08
N LYS B 25 -3.87 2.31 11.37
CA LYS B 25 -4.20 3.34 12.33
C LYS B 25 -2.99 4.24 12.56
N TYR B 26 -1.83 3.77 12.12
CA TYR B 26 -0.60 4.54 12.28
C TYR B 26 -0.45 5.54 11.15
N ASN B 27 -0.12 6.76 11.52
CA ASN B 27 0.07 7.85 10.57
C ASN B 27 1.30 7.61 9.71
N THR B 28 2.25 6.87 10.27
CA THR B 28 3.52 6.60 9.60
C THR B 28 3.31 5.57 8.50
N VAL B 29 2.41 4.64 8.76
CA VAL B 29 2.07 3.59 7.82
C VAL B 29 1.30 4.17 6.65
N LYS B 30 0.15 4.75 6.97
CA LYS B 30 -0.73 5.35 5.97
C LYS B 30 0.00 6.38 5.12
N PHE B 31 0.90 7.14 5.74
CA PHE B 31 1.67 8.16 5.04
C PHE B 31 2.46 7.55 3.88
N HIS B 32 3.19 6.48 4.16
CA HIS B 32 4.05 5.87 3.17
C HIS B 32 3.24 5.13 2.11
N LEU B 33 2.13 4.54 2.54
CA LEU B 33 1.28 3.80 1.62
C LEU B 33 0.52 4.76 0.69
N ALA B 34 0.18 5.93 1.22
CA ALA B 34 -0.50 6.95 0.41
C ALA B 34 0.43 7.45 -0.69
N LYS B 35 1.73 7.46 -0.42
CA LYS B 35 2.71 7.91 -1.39
C LYS B 35 2.74 6.97 -2.60
N VAL B 36 2.42 5.69 -2.38
CA VAL B 36 2.38 4.75 -3.48
C VAL B 36 1.02 4.82 -4.18
N TYR B 37 -0.02 5.15 -3.41
CA TYR B 37 -1.35 5.35 -3.95
C TYR B 37 -1.35 6.46 -4.99
N ARG B 38 -0.57 7.50 -4.70
CA ARG B 38 -0.39 8.62 -5.62
C ARG B 38 0.19 8.12 -6.94
N ILE B 39 1.01 7.09 -6.85
CA ILE B 39 1.62 6.47 -8.02
C ILE B 39 0.57 5.72 -8.82
N LEU B 40 -0.16 4.80 -8.17
CA LEU B 40 -1.14 3.97 -8.86
C LEU B 40 -2.24 4.82 -9.51
N SER B 41 -2.44 6.03 -9.00
CA SER B 41 -3.44 6.90 -9.59
C SER B 41 -2.88 7.52 -10.87
N SER B 42 -1.68 8.11 -10.78
CA SER B 42 -1.02 8.73 -11.93
C SER B 42 0.35 9.27 -11.53
N THR B 43 1.41 8.66 -12.03
CA THR B 43 2.76 9.19 -11.82
C THR B 43 3.07 10.22 -12.91
N VAL B 44 2.54 9.96 -14.09
CA VAL B 44 2.73 10.83 -15.24
C VAL B 44 1.47 10.86 -16.08
N ASN B 45 1.27 11.95 -16.78
CA ASN B 45 0.14 12.08 -17.70
C ASN B 45 0.65 12.54 -19.05
N ASP B 46 1.88 12.14 -19.36
CA ASP B 46 2.56 12.57 -20.58
C ASP B 46 1.91 11.95 -21.82
N GLY B 47 1.51 10.69 -21.69
CA GLY B 47 0.79 10.04 -22.78
C GLY B 47 1.47 8.78 -23.27
N SER B 48 2.74 8.60 -22.94
CA SER B 48 3.47 7.41 -23.38
C SER B 48 2.93 6.16 -22.70
N SER B 49 2.45 5.23 -23.51
CA SER B 49 1.89 3.99 -23.00
C SER B 49 2.15 2.86 -24.00
N GLY B 50 3.31 2.91 -24.65
CA GLY B 50 3.69 1.88 -25.60
C GLY B 50 3.83 0.53 -24.93
N LYS B 51 4.49 0.51 -23.78
CA LYS B 51 4.60 -0.70 -22.98
C LYS B 51 3.55 -0.67 -21.89
N MET B 52 2.50 0.10 -22.14
CA MET B 52 1.42 0.32 -21.21
C MET B 52 1.87 1.04 -19.95
N ASN B 53 1.18 2.12 -19.70
CA ASN B 53 1.49 3.03 -18.61
C ASN B 53 1.24 2.38 -17.25
N SER B 54 0.17 1.63 -17.16
CA SER B 54 -0.23 1.02 -15.90
C SER B 54 0.82 0.02 -15.41
N ASP B 55 1.43 -0.70 -16.34
CA ASP B 55 2.44 -1.70 -15.97
C ASP B 55 3.66 -1.03 -15.37
N LEU B 56 4.00 0.15 -15.88
CA LEU B 56 5.13 0.90 -15.35
C LEU B 56 4.76 1.47 -13.98
N GLN B 57 3.47 1.77 -13.82
CA GLN B 57 2.96 2.28 -12.55
C GLN B 57 3.12 1.25 -11.45
N LYS B 58 2.86 -0.02 -11.80
CA LYS B 58 3.08 -1.12 -10.86
C LYS B 58 4.52 -1.10 -10.35
N GLU B 59 5.47 -0.98 -11.28
CA GLU B 59 6.88 -0.99 -10.95
C GLU B 59 7.21 0.12 -9.96
N LEU B 60 6.85 1.36 -10.32
CA LEU B 60 7.14 2.51 -9.47
C LEU B 60 6.51 2.36 -8.10
N ALA B 61 5.32 1.79 -8.06
CA ALA B 61 4.62 1.55 -6.81
C ALA B 61 5.37 0.55 -5.95
N VAL B 62 5.77 -0.57 -6.54
CA VAL B 62 6.53 -1.60 -5.82
C VAL B 62 7.88 -1.06 -5.37
N ASN B 63 8.45 -0.16 -6.17
CA ASN B 63 9.73 0.47 -5.84
C ASN B 63 9.69 1.11 -4.45
N TYR B 64 8.54 1.65 -4.10
CA TYR B 64 8.37 2.28 -2.80
C TYR B 64 8.30 1.22 -1.70
N LEU B 65 7.49 0.19 -1.93
CA LEU B 65 7.36 -0.89 -0.96
C LEU B 65 8.70 -1.57 -0.70
N ASN B 66 9.53 -1.64 -1.73
CA ASN B 66 10.86 -2.23 -1.61
C ASN B 66 11.73 -1.41 -0.66
N THR B 67 11.57 -0.09 -0.70
CA THR B 67 12.34 0.78 0.18
C THR B 67 11.71 0.85 1.57
N LEU B 68 10.54 0.23 1.72
CA LEU B 68 9.81 0.26 2.98
C LEU B 68 9.95 -1.05 3.75
N ARG B 69 10.51 -2.07 3.10
CA ARG B 69 10.76 -3.35 3.76
C ARG B 69 12.17 -3.38 4.33
N TYR B 70 12.48 -4.39 5.13
CA TYR B 70 13.78 -4.52 5.80
C TYR B 70 14.93 -4.28 4.84
N GLY B 71 15.87 -3.43 5.26
CA GLY B 71 17.00 -3.10 4.43
C GLY B 71 16.67 -2.03 3.41
N GLY B 72 15.98 -0.99 3.85
CA GLY B 72 15.65 0.10 2.96
C GLY B 72 16.12 1.42 3.51
N ILE B 73 15.63 2.49 2.92
CA ILE B 73 16.07 3.84 3.29
C ILE B 73 15.13 4.47 4.31
N HIS B 74 13.84 4.33 4.09
CA HIS B 74 12.85 4.89 5.00
C HIS B 74 11.90 3.79 5.42
N TYR B 75 12.47 2.63 5.67
CA TYR B 75 11.68 1.44 5.90
C TYR B 75 11.12 1.41 7.31
N ASN B 76 9.91 0.91 7.42
CA ASN B 76 9.21 0.85 8.68
C ASN B 76 8.60 -0.52 8.84
N GLU B 77 8.78 -1.11 10.02
CA GLU B 77 8.35 -2.48 10.26
C GLU B 77 6.84 -2.62 10.16
N ALA B 78 6.11 -1.53 10.36
CA ALA B 78 4.66 -1.56 10.23
C ALA B 78 4.26 -1.72 8.77
N ILE B 79 5.11 -1.26 7.86
CA ILE B 79 4.87 -1.43 6.44
C ILE B 79 5.19 -2.87 6.05
N GLU B 80 6.26 -3.39 6.64
CA GLU B 80 6.66 -4.77 6.40
C GLU B 80 5.58 -5.72 6.91
N GLU B 81 5.08 -5.46 8.12
CA GLU B 81 3.97 -6.23 8.67
C GLU B 81 2.74 -6.09 7.77
N PHE B 82 2.48 -4.86 7.34
CA PHE B 82 1.37 -4.57 6.44
C PHE B 82 1.41 -5.50 5.24
N CYS B 83 2.55 -5.49 4.55
CA CYS B 83 2.75 -6.34 3.39
C CYS B 83 2.46 -7.79 3.73
N GLN B 84 3.09 -8.28 4.80
CA GLN B 84 3.06 -9.69 5.13
C GLN B 84 1.65 -10.15 5.54
N ILE B 85 1.04 -9.45 6.48
CA ILE B 85 -0.29 -9.83 6.97
C ILE B 85 -1.32 -9.76 5.86
N LEU B 86 -1.21 -8.73 5.04
CA LEU B 86 -2.15 -8.49 3.95
C LEU B 86 -1.99 -9.53 2.85
N LEU B 87 -0.80 -9.63 2.29
CA LEU B 87 -0.54 -10.57 1.20
C LEU B 87 -0.82 -11.99 1.65
N ASP B 88 -0.60 -12.25 2.94
CA ASP B 88 -0.79 -13.58 3.52
C ASP B 88 -2.20 -14.09 3.24
N LYS B 89 -3.18 -13.25 3.50
CA LYS B 89 -4.58 -13.64 3.37
C LYS B 89 -5.01 -13.57 1.91
N LEU B 90 -4.37 -12.69 1.14
CA LEU B 90 -4.66 -12.59 -0.29
C LEU B 90 -4.14 -13.82 -1.03
N ASN B 91 -3.01 -14.35 -0.57
CA ASN B 91 -2.46 -15.57 -1.15
C ASN B 91 -3.15 -16.79 -0.58
N ALA B 92 -3.96 -16.56 0.46
CA ALA B 92 -4.68 -17.64 1.11
C ALA B 92 -6.10 -17.75 0.56
N VAL B 93 -6.42 -16.93 -0.42
CA VAL B 93 -7.72 -16.99 -1.06
C VAL B 93 -7.57 -17.35 -2.53
N LYS B 94 -6.54 -16.80 -3.18
CA LYS B 94 -6.31 -17.05 -4.59
C LYS B 94 -5.66 -18.42 -4.79
N LYS B 95 -6.38 -19.30 -5.46
CA LYS B 95 -5.84 -20.63 -5.78
C LYS B 95 -5.50 -20.72 -7.25
N GLY A 1 19.62 -18.96 -8.80
CA GLY A 1 20.45 -17.77 -8.49
C GLY A 1 19.75 -16.82 -7.55
N PRO A 2 20.26 -15.58 -7.41
CA PRO A 2 19.63 -14.57 -6.54
C PRO A 2 18.23 -14.21 -7.00
N HIS A 3 17.25 -14.51 -6.18
CA HIS A 3 15.86 -14.25 -6.52
C HIS A 3 15.51 -12.81 -6.18
N MET A 4 15.81 -11.93 -7.10
CA MET A 4 15.62 -10.50 -6.90
C MET A 4 14.25 -10.07 -7.39
N PHE A 5 13.30 -10.99 -7.33
CA PHE A 5 11.95 -10.72 -7.76
C PHE A 5 10.95 -11.24 -6.74
N ALA A 6 9.74 -10.69 -6.78
CA ALA A 6 8.65 -11.11 -5.92
C ALA A 6 7.38 -10.41 -6.37
N ASN A 7 6.25 -11.02 -6.12
CA ASN A 7 5.01 -10.58 -6.74
C ASN A 7 3.81 -10.63 -5.81
N GLU A 8 4.07 -10.67 -4.52
CA GLU A 8 3.00 -10.48 -3.57
C GLU A 8 2.41 -9.09 -3.76
N ASN A 9 3.29 -8.16 -4.14
CA ASN A 9 2.96 -6.75 -4.29
C ASN A 9 1.85 -6.53 -5.31
N SER A 10 1.75 -7.42 -6.28
CA SER A 10 0.71 -7.33 -7.30
C SER A 10 -0.67 -7.21 -6.65
N GLN A 11 -0.86 -7.89 -5.53
CA GLN A 11 -2.12 -7.81 -4.79
C GLN A 11 -2.12 -6.60 -3.87
N LEU A 12 -0.96 -6.32 -3.28
CA LEU A 12 -0.79 -5.20 -2.35
C LEU A 12 -1.14 -3.87 -2.99
N LEU A 13 -0.63 -3.64 -4.19
CA LEU A 13 -0.76 -2.36 -4.89
C LEU A 13 -2.23 -1.98 -5.03
N ASP A 14 -3.04 -2.90 -5.52
CA ASP A 14 -4.47 -2.66 -5.67
C ASP A 14 -5.14 -2.48 -4.32
N PHE A 15 -4.68 -3.25 -3.33
CA PHE A 15 -5.24 -3.18 -1.99
C PHE A 15 -5.05 -1.78 -1.39
N ILE A 16 -3.80 -1.33 -1.39
CA ILE A 16 -3.47 0.01 -0.87
C ILE A 16 -4.21 1.08 -1.65
N ARG A 17 -4.33 0.87 -2.96
CA ARG A 17 -5.02 1.78 -3.83
C ARG A 17 -6.50 1.90 -3.44
N GLU A 18 -7.14 0.75 -3.22
CA GLU A 18 -8.55 0.73 -2.84
C GLU A 18 -8.77 1.40 -1.50
N LEU A 19 -7.77 1.31 -0.62
CA LEU A 19 -7.84 1.96 0.68
C LEU A 19 -8.03 3.46 0.48
N GLY A 20 -7.18 4.06 -0.33
CA GLY A 20 -7.23 5.49 -0.54
C GLY A 20 -8.43 5.94 -1.34
N ASP A 21 -8.97 5.05 -2.17
CA ASP A 21 -10.13 5.40 -3.00
C ASP A 21 -11.38 5.60 -2.14
N VAL A 22 -11.53 4.79 -1.10
CA VAL A 22 -12.71 4.88 -0.26
C VAL A 22 -12.43 5.67 1.01
N GLY A 23 -11.17 5.80 1.37
CA GLY A 23 -10.81 6.59 2.53
C GLY A 23 -10.46 5.74 3.74
N LEU A 24 -9.79 4.63 3.51
CA LEU A 24 -9.33 3.78 4.60
C LEU A 24 -7.82 3.88 4.75
N LEU A 25 -7.20 4.52 3.78
CA LEU A 25 -5.79 4.88 3.86
C LEU A 25 -5.65 6.33 4.31
N GLU A 26 -6.80 6.97 4.49
CA GLU A 26 -6.86 8.37 4.86
C GLU A 26 -6.04 8.66 6.12
N TYR A 27 -5.38 9.81 6.12
CA TYR A 27 -4.56 10.19 7.24
C TYR A 27 -4.51 11.71 7.36
N GLU A 28 -4.01 12.19 8.49
CA GLU A 28 -3.88 13.62 8.73
C GLU A 28 -2.74 13.84 9.72
N LEU A 29 -1.69 14.49 9.26
CA LEU A 29 -0.48 14.63 10.04
C LEU A 29 -0.50 15.92 10.84
N SER A 30 -0.15 15.82 12.11
CA SER A 30 -0.02 16.98 12.96
C SER A 30 1.46 17.36 13.02
N GLN A 31 1.80 18.42 13.76
CA GLN A 31 3.19 18.86 13.85
C GLN A 31 4.07 17.74 14.34
N GLN A 32 3.57 16.95 15.28
CA GLN A 32 4.30 15.83 15.84
C GLN A 32 4.51 14.75 14.79
N GLU A 33 3.48 14.48 14.00
CA GLU A 33 3.54 13.46 12.97
C GLU A 33 4.42 13.94 11.82
N LYS A 34 4.39 15.24 11.56
CA LYS A 34 5.16 15.82 10.47
C LYS A 34 6.61 16.00 10.89
N ASP A 35 6.84 16.07 12.19
CA ASP A 35 8.17 16.28 12.74
C ASP A 35 9.04 15.05 12.58
N VAL A 36 8.41 13.88 12.65
CA VAL A 36 9.15 12.63 12.53
C VAL A 36 9.35 12.25 11.07
N LEU A 37 8.45 12.71 10.21
CA LEU A 37 8.51 12.36 8.79
C LEU A 37 9.26 13.43 8.01
N PHE A 38 8.80 14.67 8.12
CA PHE A 38 9.39 15.77 7.36
C PHE A 38 10.48 16.46 8.17
N GLY A 39 10.37 16.34 9.49
CA GLY A 39 11.33 16.99 10.36
C GLY A 39 11.01 18.46 10.54
N SER A 40 9.80 18.84 10.16
CA SER A 40 9.39 20.23 10.22
C SER A 40 8.81 20.59 11.59
N MET B 1 -18.78 1.74 11.76
CA MET B 1 -19.46 2.51 10.70
C MET B 1 -18.43 3.18 9.78
N ASN B 2 -17.62 2.36 9.13
CA ASN B 2 -16.59 2.86 8.23
C ASN B 2 -16.79 2.28 6.83
N LYS B 3 -16.20 2.92 5.84
CA LYS B 3 -16.26 2.43 4.48
C LYS B 3 -15.58 1.08 4.36
N THR B 4 -15.93 0.38 3.29
CA THR B 4 -15.32 -0.88 2.96
C THR B 4 -14.49 -0.72 1.69
N LEU B 5 -13.84 -1.78 1.28
CA LEU B 5 -13.03 -1.71 0.06
C LEU B 5 -13.90 -1.73 -1.19
N LYS B 6 -13.26 -1.74 -2.33
CA LYS B 6 -13.97 -1.72 -3.59
C LYS B 6 -14.21 -3.13 -4.08
N THR B 7 -13.17 -3.94 -4.02
CA THR B 7 -13.27 -5.35 -4.34
C THR B 7 -13.64 -6.13 -3.08
N LYS B 8 -14.69 -6.92 -3.16
CA LYS B 8 -15.16 -7.68 -2.01
C LYS B 8 -14.15 -8.77 -1.65
N ALA B 9 -13.47 -9.31 -2.65
CA ALA B 9 -12.41 -10.29 -2.43
C ALA B 9 -11.25 -9.67 -1.65
N PHE B 10 -11.16 -8.35 -1.71
CA PHE B 10 -10.15 -7.62 -0.95
C PHE B 10 -10.73 -7.20 0.40
N ASP B 11 -11.94 -6.66 0.36
CA ASP B 11 -12.64 -6.16 1.54
C ASP B 11 -12.73 -7.24 2.61
N ASP B 12 -12.90 -8.49 2.17
CA ASP B 12 -13.02 -9.62 3.08
C ASP B 12 -11.86 -9.68 4.07
N ILE B 13 -10.64 -9.55 3.56
CA ILE B 13 -9.45 -9.60 4.40
C ILE B 13 -9.41 -8.40 5.33
N TYR B 14 -9.74 -7.23 4.80
CA TYR B 14 -9.70 -5.99 5.57
C TYR B 14 -10.61 -6.09 6.81
N GLN B 15 -11.72 -6.79 6.65
CA GLN B 15 -12.68 -6.95 7.73
C GLN B 15 -12.32 -8.14 8.61
N ASN B 16 -11.47 -9.01 8.09
CA ASN B 16 -11.09 -10.23 8.81
C ASN B 16 -9.62 -10.22 9.20
N SER B 17 -9.06 -9.05 9.42
CA SER B 17 -7.67 -8.96 9.84
C SER B 17 -7.46 -7.76 10.76
N ALA B 18 -7.61 -7.99 12.06
CA ALA B 18 -7.42 -6.95 13.06
C ALA B 18 -5.98 -6.46 13.07
N GLU B 19 -5.06 -7.39 12.82
CA GLU B 19 -3.64 -7.07 12.79
C GLU B 19 -3.34 -6.13 11.64
N LEU B 20 -3.90 -6.45 10.49
CA LEU B 20 -3.73 -5.63 9.29
C LEU B 20 -4.38 -4.27 9.50
N GLN B 21 -5.49 -4.27 10.24
CA GLN B 21 -6.25 -3.06 10.49
C GLN B 21 -5.52 -2.12 11.44
N GLU B 22 -4.88 -2.68 12.46
CA GLU B 22 -4.25 -1.85 13.49
C GLU B 22 -3.00 -1.17 12.95
N LEU B 23 -2.46 -1.72 11.88
CA LEU B 23 -1.28 -1.14 11.24
C LEU B 23 -1.66 0.11 10.47
N LEU B 24 -2.86 0.12 9.92
CA LEU B 24 -3.36 1.27 9.18
C LEU B 24 -3.81 2.38 10.13
N LYS B 25 -3.37 2.31 11.37
CA LYS B 25 -3.66 3.35 12.35
C LYS B 25 -2.43 4.22 12.57
N TYR B 26 -1.31 3.85 11.97
CA TYR B 26 -0.08 4.63 12.12
C TYR B 26 0.03 5.61 10.96
N ASN B 27 0.03 6.90 11.29
CA ASN B 27 0.13 7.95 10.28
C ASN B 27 1.43 7.83 9.49
N THR B 28 2.51 7.45 10.17
CA THR B 28 3.80 7.25 9.54
C THR B 28 3.72 6.19 8.43
N VAL B 29 2.97 5.14 8.68
CA VAL B 29 2.89 4.03 7.74
C VAL B 29 1.88 4.34 6.63
N LYS B 30 0.76 4.95 7.00
CA LYS B 30 -0.23 5.38 6.02
C LYS B 30 0.36 6.42 5.09
N PHE B 31 1.20 7.28 5.64
CA PHE B 31 1.91 8.29 4.85
C PHE B 31 2.69 7.64 3.70
N HIS B 32 3.46 6.62 4.03
CA HIS B 32 4.28 5.94 3.05
C HIS B 32 3.43 5.16 2.06
N LEU B 33 2.37 4.54 2.55
CA LEU B 33 1.46 3.78 1.70
C LEU B 33 0.70 4.70 0.76
N ALA B 34 0.33 5.88 1.24
CA ALA B 34 -0.38 6.84 0.42
C ALA B 34 0.53 7.39 -0.68
N LYS B 35 1.83 7.36 -0.43
CA LYS B 35 2.80 7.79 -1.43
C LYS B 35 2.80 6.84 -2.62
N VAL B 36 2.53 5.55 -2.37
CA VAL B 36 2.46 4.59 -3.46
C VAL B 36 1.11 4.70 -4.17
N TYR B 37 0.08 5.06 -3.42
CA TYR B 37 -1.25 5.28 -3.99
C TYR B 37 -1.20 6.39 -5.03
N ARG B 38 -0.38 7.41 -4.76
CA ARG B 38 -0.17 8.49 -5.71
C ARG B 38 0.38 7.95 -7.02
N ILE B 39 1.20 6.90 -6.90
CA ILE B 39 1.83 6.28 -8.05
C ILE B 39 0.83 5.49 -8.89
N LEU B 40 0.00 4.68 -8.23
CA LEU B 40 -1.02 3.92 -8.94
C LEU B 40 -2.09 4.86 -9.51
N SER B 41 -2.04 6.11 -9.08
CA SER B 41 -2.94 7.13 -9.57
C SER B 41 -2.38 7.73 -10.87
N SER B 42 -1.28 7.14 -11.34
CA SER B 42 -0.62 7.54 -12.58
C SER B 42 0.13 8.86 -12.42
N THR B 43 1.30 8.95 -13.05
CA THR B 43 2.13 10.15 -12.99
C THR B 43 1.51 11.27 -13.82
N VAL B 44 0.58 10.91 -14.68
CA VAL B 44 -0.14 11.87 -15.50
C VAL B 44 -1.64 11.57 -15.47
N ASN B 45 -2.42 12.42 -16.08
CA ASN B 45 -3.87 12.30 -16.05
C ASN B 45 -4.40 11.64 -17.30
N ASP B 46 -3.53 10.88 -17.95
CA ASP B 46 -3.90 10.14 -19.16
C ASP B 46 -4.05 8.66 -18.85
N GLY B 47 -3.02 8.10 -18.22
CA GLY B 47 -3.09 6.71 -17.76
C GLY B 47 -2.84 5.71 -18.87
N SER B 48 -2.66 6.22 -20.09
CA SER B 48 -2.45 5.38 -21.28
C SER B 48 -3.74 4.68 -21.69
N SER B 49 -3.91 4.55 -22.99
CA SER B 49 -5.07 3.86 -23.53
C SER B 49 -4.71 2.42 -23.86
N GLY B 50 -3.43 2.12 -23.67
CA GLY B 50 -2.94 0.77 -23.87
C GLY B 50 -2.60 0.12 -22.56
N LYS B 51 -2.88 0.86 -21.48
CA LYS B 51 -2.66 0.39 -20.12
C LYS B 51 -1.19 0.06 -19.86
N MET B 52 -0.29 0.80 -20.52
CA MET B 52 1.12 0.60 -20.31
C MET B 52 1.66 1.56 -19.27
N ASN B 53 1.35 2.84 -19.43
CA ASN B 53 1.71 3.86 -18.45
C ASN B 53 1.17 3.48 -17.07
N SER B 54 -0.09 3.09 -17.04
CA SER B 54 -0.75 2.74 -15.79
C SER B 54 -0.17 1.46 -15.21
N ASP B 55 0.36 0.61 -16.08
CA ASP B 55 0.94 -0.65 -15.63
C ASP B 55 2.35 -0.44 -15.11
N LEU B 56 3.06 0.52 -15.71
CA LEU B 56 4.42 0.82 -15.28
C LEU B 56 4.38 1.48 -13.91
N GLN B 57 3.28 2.14 -13.62
CA GLN B 57 3.05 2.74 -12.32
C GLN B 57 3.12 1.68 -11.23
N LYS B 58 2.67 0.47 -11.54
CA LYS B 58 2.75 -0.63 -10.59
C LYS B 58 4.19 -0.89 -10.19
N GLU B 59 5.09 -0.90 -11.18
CA GLU B 59 6.49 -1.13 -10.92
C GLU B 59 7.05 -0.06 -10.00
N LEU B 60 6.75 1.19 -10.31
CA LEU B 60 7.22 2.31 -9.51
C LEU B 60 6.63 2.24 -8.10
N ALA B 61 5.41 1.73 -8.01
CA ALA B 61 4.77 1.51 -6.71
C ALA B 61 5.53 0.47 -5.93
N VAL B 62 5.90 -0.62 -6.59
CA VAL B 62 6.67 -1.70 -5.98
C VAL B 62 8.01 -1.18 -5.47
N ASN B 63 8.59 -0.25 -6.21
CA ASN B 63 9.85 0.38 -5.83
C ASN B 63 9.75 1.04 -4.46
N TYR B 64 8.56 1.49 -4.11
CA TYR B 64 8.34 2.11 -2.81
C TYR B 64 8.18 1.06 -1.73
N LEU B 65 7.48 -0.03 -2.06
CA LEU B 65 7.29 -1.11 -1.09
C LEU B 65 8.61 -1.84 -0.85
N ASN B 66 9.46 -1.87 -1.85
CA ASN B 66 10.77 -2.54 -1.72
C ASN B 66 11.66 -1.77 -0.77
N THR B 67 11.54 -0.45 -0.77
CA THR B 67 12.34 0.39 0.10
C THR B 67 11.71 0.43 1.50
N LEU B 68 10.46 -0.02 1.59
CA LEU B 68 9.78 -0.15 2.88
C LEU B 68 9.92 -1.57 3.40
N ARG B 69 10.54 -2.41 2.59
CA ARG B 69 10.73 -3.80 2.92
C ARG B 69 12.04 -3.97 3.68
N TYR B 70 12.22 -5.12 4.33
CA TYR B 70 13.43 -5.39 5.11
C TYR B 70 14.70 -5.07 4.33
N GLY B 71 15.61 -4.35 4.96
CA GLY B 71 16.86 -4.00 4.32
C GLY B 71 16.72 -2.81 3.40
N GLY B 72 15.66 -2.06 3.55
CA GLY B 72 15.45 -0.88 2.74
C GLY B 72 16.12 0.35 3.30
N ILE B 73 15.57 1.51 2.99
CA ILE B 73 16.14 2.77 3.43
C ILE B 73 15.19 3.50 4.38
N HIS B 74 13.90 3.33 4.16
CA HIS B 74 12.90 3.95 5.02
C HIS B 74 11.87 2.92 5.42
N TYR B 75 12.34 1.71 5.71
CA TYR B 75 11.44 0.61 5.98
C TYR B 75 10.87 0.73 7.39
N ASN B 76 9.59 0.43 7.50
CA ASN B 76 8.86 0.59 8.75
C ASN B 76 8.34 -0.73 9.25
N GLU B 77 8.34 -0.85 10.56
CA GLU B 77 7.95 -2.08 11.24
C GLU B 77 6.52 -2.48 10.92
N ALA B 78 5.67 -1.49 10.74
CA ALA B 78 4.26 -1.73 10.50
C ALA B 78 4.00 -2.01 9.03
N ILE B 79 4.81 -1.43 8.16
CA ILE B 79 4.70 -1.67 6.72
C ILE B 79 4.99 -3.14 6.40
N GLU B 80 6.05 -3.68 7.01
CA GLU B 80 6.35 -5.09 6.83
C GLU B 80 5.22 -5.96 7.35
N GLU B 81 4.76 -5.68 8.56
CA GLU B 81 3.63 -6.40 9.11
C GLU B 81 2.43 -6.27 8.17
N PHE B 82 2.24 -5.06 7.65
CA PHE B 82 1.16 -4.78 6.72
C PHE B 82 1.23 -5.73 5.53
N CYS B 83 2.32 -5.66 4.78
CA CYS B 83 2.45 -6.47 3.58
C CYS B 83 2.35 -7.96 3.90
N GLN B 84 2.98 -8.38 4.99
CA GLN B 84 3.07 -9.79 5.34
C GLN B 84 1.71 -10.36 5.76
N ILE B 85 1.00 -9.65 6.63
CA ILE B 85 -0.31 -10.09 7.10
C ILE B 85 -1.34 -10.00 5.98
N LEU B 86 -1.19 -8.96 5.15
CA LEU B 86 -2.11 -8.70 4.06
C LEU B 86 -1.97 -9.76 2.97
N LEU B 87 -0.77 -9.86 2.41
CA LEU B 87 -0.51 -10.84 1.34
C LEU B 87 -0.83 -12.24 1.83
N ASP B 88 -0.66 -12.46 3.13
CA ASP B 88 -0.89 -13.75 3.76
C ASP B 88 -2.29 -14.27 3.45
N LYS B 89 -3.29 -13.44 3.69
CA LYS B 89 -4.67 -13.85 3.55
C LYS B 89 -5.10 -13.79 2.08
N LEU B 90 -4.51 -12.86 1.34
CA LEU B 90 -4.81 -12.72 -0.08
C LEU B 90 -4.28 -13.91 -0.87
N ASN B 91 -3.17 -14.45 -0.43
CA ASN B 91 -2.58 -15.62 -1.08
C ASN B 91 -3.09 -16.91 -0.44
N ALA B 92 -3.91 -16.77 0.60
CA ALA B 92 -4.46 -17.93 1.29
C ALA B 92 -5.72 -18.42 0.61
N VAL B 93 -6.12 -17.73 -0.45
CA VAL B 93 -7.29 -18.12 -1.21
C VAL B 93 -6.88 -18.45 -2.64
N LYS B 94 -5.75 -17.88 -3.06
CA LYS B 94 -5.21 -18.09 -4.39
C LYS B 94 -4.59 -19.47 -4.50
N LYS B 95 -5.30 -20.38 -5.15
CA LYS B 95 -4.80 -21.74 -5.36
C LYS B 95 -3.98 -21.79 -6.64
N GLY A 1 18.90 -20.22 -10.82
CA GLY A 1 17.77 -20.45 -9.88
C GLY A 1 16.42 -20.31 -10.56
N PRO A 2 15.34 -20.73 -9.90
CA PRO A 2 13.99 -20.62 -10.45
C PRO A 2 13.54 -19.17 -10.56
N HIS A 3 13.39 -18.68 -11.78
CA HIS A 3 12.92 -17.33 -12.03
C HIS A 3 11.44 -17.19 -11.70
N MET A 4 11.14 -17.17 -10.42
CA MET A 4 9.79 -16.98 -9.95
C MET A 4 9.46 -15.50 -9.95
N PHE A 5 8.21 -15.17 -10.20
CA PHE A 5 7.78 -13.79 -10.22
C PHE A 5 7.19 -13.40 -8.88
N ALA A 6 7.46 -12.19 -8.45
CA ALA A 6 6.96 -11.69 -7.18
C ALA A 6 5.85 -10.68 -7.42
N ASN A 7 4.62 -11.16 -7.36
CA ASN A 7 3.46 -10.32 -7.64
C ASN A 7 2.63 -10.08 -6.39
N GLU A 8 3.13 -10.50 -5.24
CA GLU A 8 2.47 -10.20 -3.98
C GLU A 8 2.37 -8.69 -3.80
N ASN A 9 3.39 -7.99 -4.28
CA ASN A 9 3.43 -6.53 -4.21
C ASN A 9 2.36 -5.92 -5.10
N SER A 10 2.09 -6.54 -6.24
CA SER A 10 1.01 -6.09 -7.11
C SER A 10 -0.32 -6.16 -6.36
N GLN A 11 -0.47 -7.21 -5.55
CA GLN A 11 -1.66 -7.37 -4.74
C GLN A 11 -1.66 -6.37 -3.59
N LEU A 12 -0.47 -6.12 -3.04
CA LEU A 12 -0.30 -5.08 -2.02
C LEU A 12 -0.78 -3.73 -2.56
N LEU A 13 -0.27 -3.36 -3.72
CA LEU A 13 -0.59 -2.08 -4.36
C LEU A 13 -2.08 -1.94 -4.58
N ASP A 14 -2.69 -3.00 -5.10
CA ASP A 14 -4.11 -2.99 -5.44
C ASP A 14 -4.96 -2.81 -4.19
N PHE A 15 -4.49 -3.41 -3.09
CA PHE A 15 -5.17 -3.30 -1.80
C PHE A 15 -5.05 -1.89 -1.24
N ILE A 16 -3.81 -1.41 -1.17
CA ILE A 16 -3.52 -0.05 -0.71
C ILE A 16 -4.32 0.98 -1.52
N ARG A 17 -4.40 0.71 -2.81
CA ARG A 17 -5.10 1.56 -3.74
C ARG A 17 -6.58 1.68 -3.40
N GLU A 18 -7.20 0.54 -3.10
CA GLU A 18 -8.62 0.52 -2.75
C GLU A 18 -8.87 1.27 -1.43
N LEU A 19 -7.87 1.29 -0.55
CA LEU A 19 -7.99 2.02 0.72
C LEU A 19 -8.17 3.50 0.44
N GLY A 20 -7.26 4.04 -0.36
CA GLY A 20 -7.28 5.46 -0.65
C GLY A 20 -8.46 5.87 -1.51
N ASP A 21 -9.05 4.90 -2.20
CA ASP A 21 -10.18 5.19 -3.08
C ASP A 21 -11.42 5.54 -2.27
N VAL A 22 -11.63 4.85 -1.15
CA VAL A 22 -12.81 5.08 -0.32
C VAL A 22 -12.48 6.01 0.84
N GLY A 23 -11.21 6.11 1.17
CA GLY A 23 -10.81 7.00 2.24
C GLY A 23 -10.47 6.26 3.52
N LEU A 24 -9.85 5.10 3.38
CA LEU A 24 -9.39 4.34 4.53
C LEU A 24 -7.91 4.61 4.77
N LEU A 25 -7.21 4.94 3.71
CA LEU A 25 -5.78 5.20 3.78
C LEU A 25 -5.50 6.65 4.15
N GLU A 26 -6.52 7.48 3.98
CA GLU A 26 -6.40 8.91 4.22
C GLU A 26 -6.04 9.20 5.68
N TYR A 27 -5.20 10.20 5.90
CA TYR A 27 -4.63 10.46 7.21
C TYR A 27 -4.48 11.96 7.45
N GLU A 28 -3.99 12.33 8.62
CA GLU A 28 -3.68 13.71 8.93
C GLU A 28 -2.44 13.75 9.82
N LEU A 29 -1.51 14.61 9.49
CA LEU A 29 -0.24 14.69 10.20
C LEU A 29 -0.08 16.05 10.88
N SER A 30 0.45 16.04 12.09
CA SER A 30 0.79 17.26 12.78
C SER A 30 2.24 17.63 12.51
N GLN A 31 2.66 18.82 12.93
CA GLN A 31 4.04 19.26 12.67
C GLN A 31 5.06 18.27 13.22
N GLN A 32 4.76 17.70 14.39
CA GLN A 32 5.62 16.73 15.02
C GLN A 32 5.69 15.44 14.21
N GLU A 33 4.55 15.02 13.69
CA GLU A 33 4.47 13.80 12.90
C GLU A 33 5.11 14.00 11.53
N LYS A 34 5.07 15.24 11.04
CA LYS A 34 5.64 15.54 9.74
C LYS A 34 7.15 15.59 9.81
N ASP A 35 7.66 15.89 11.00
CA ASP A 35 9.09 16.01 11.21
C ASP A 35 9.77 14.65 11.10
N VAL A 36 9.09 13.62 11.55
CA VAL A 36 9.67 12.28 11.58
C VAL A 36 9.50 11.59 10.23
N LEU A 37 8.51 12.02 9.46
CA LEU A 37 8.21 11.38 8.19
C LEU A 37 8.92 12.10 7.05
N PHE A 38 8.73 13.41 6.96
CA PHE A 38 9.34 14.19 5.91
C PHE A 38 10.79 14.51 6.25
N GLY A 39 11.09 14.51 7.54
CA GLY A 39 12.43 14.82 7.99
C GLY A 39 13.38 13.65 7.84
N SER A 40 12.88 12.55 7.28
CA SER A 40 13.69 11.38 7.06
C SER A 40 13.94 11.17 5.56
N MET B 1 -16.64 2.77 13.07
CA MET B 1 -17.16 2.49 11.71
C MET B 1 -16.40 3.31 10.67
N ASN B 2 -15.92 2.63 9.62
CA ASN B 2 -15.29 3.31 8.50
C ASN B 2 -15.84 2.77 7.20
N LYS B 3 -15.14 3.03 6.11
CA LYS B 3 -15.57 2.60 4.79
C LYS B 3 -15.17 1.14 4.56
N THR B 4 -15.66 0.59 3.47
CA THR B 4 -15.27 -0.75 3.05
C THR B 4 -14.50 -0.69 1.75
N LEU B 5 -13.87 -1.80 1.38
CA LEU B 5 -13.07 -1.83 0.17
C LEU B 5 -13.94 -1.89 -1.07
N LYS B 6 -13.30 -1.88 -2.23
CA LYS B 6 -14.01 -1.86 -3.48
C LYS B 6 -14.37 -3.28 -3.86
N THR B 7 -13.35 -4.12 -3.91
CA THR B 7 -13.50 -5.51 -4.25
C THR B 7 -13.86 -6.31 -3.00
N LYS B 8 -14.94 -7.07 -3.07
CA LYS B 8 -15.44 -7.83 -1.94
C LYS B 8 -14.44 -8.88 -1.50
N ALA B 9 -13.72 -9.46 -2.46
CA ALA B 9 -12.69 -10.43 -2.16
C ALA B 9 -11.60 -9.81 -1.29
N PHE B 10 -11.30 -8.54 -1.56
CA PHE B 10 -10.29 -7.81 -0.80
C PHE B 10 -10.85 -7.31 0.52
N ASP B 11 -12.08 -6.78 0.46
CA ASP B 11 -12.75 -6.28 1.67
C ASP B 11 -12.85 -7.38 2.71
N ASP B 12 -13.03 -8.60 2.21
CA ASP B 12 -13.09 -9.79 3.05
C ASP B 12 -11.92 -9.84 4.03
N ILE B 13 -10.70 -9.71 3.50
CA ILE B 13 -9.50 -9.76 4.33
C ILE B 13 -9.43 -8.55 5.26
N TYR B 14 -9.79 -7.39 4.74
CA TYR B 14 -9.75 -6.14 5.51
C TYR B 14 -10.61 -6.25 6.76
N GLN B 15 -11.75 -6.93 6.64
CA GLN B 15 -12.67 -7.08 7.76
C GLN B 15 -12.22 -8.25 8.65
N ASN B 16 -11.40 -9.14 8.09
CA ASN B 16 -10.99 -10.35 8.79
C ASN B 16 -9.51 -10.31 9.15
N SER B 17 -8.97 -9.14 9.41
CA SER B 17 -7.58 -9.02 9.82
C SER B 17 -7.40 -7.87 10.79
N ALA B 18 -7.62 -8.15 12.07
CA ALA B 18 -7.47 -7.15 13.12
C ALA B 18 -6.01 -6.76 13.28
N GLU B 19 -5.10 -7.67 12.94
CA GLU B 19 -3.68 -7.40 13.05
C GLU B 19 -3.22 -6.53 11.88
N LEU B 20 -4.00 -6.52 10.82
CA LEU B 20 -3.76 -5.63 9.71
C LEU B 20 -4.40 -4.27 9.96
N GLN B 21 -5.65 -4.31 10.41
CA GLN B 21 -6.44 -3.12 10.67
C GLN B 21 -5.71 -2.19 11.63
N GLU B 22 -4.91 -2.78 12.51
CA GLU B 22 -4.21 -2.01 13.54
C GLU B 22 -3.06 -1.23 12.92
N LEU B 23 -2.56 -1.70 11.78
CA LEU B 23 -1.41 -1.09 11.15
C LEU B 23 -1.82 0.18 10.41
N LEU B 24 -3.03 0.16 9.87
CA LEU B 24 -3.57 1.33 9.18
C LEU B 24 -4.06 2.37 10.18
N LYS B 25 -3.73 2.19 11.45
CA LYS B 25 -4.05 3.17 12.47
C LYS B 25 -2.82 4.03 12.76
N TYR B 26 -1.68 3.61 12.23
CA TYR B 26 -0.44 4.38 12.35
C TYR B 26 -0.35 5.38 11.21
N ASN B 27 -0.23 6.66 11.54
CA ASN B 27 -0.12 7.71 10.54
C ASN B 27 1.19 7.57 9.75
N THR B 28 2.17 6.91 10.35
CA THR B 28 3.43 6.64 9.69
C THR B 28 3.20 5.65 8.55
N VAL B 29 2.48 4.59 8.87
CA VAL B 29 2.13 3.56 7.91
C VAL B 29 1.31 4.16 6.77
N LYS B 30 0.19 4.76 7.15
CA LYS B 30 -0.72 5.38 6.19
C LYS B 30 0.01 6.37 5.27
N PHE B 31 0.97 7.08 5.83
CA PHE B 31 1.71 8.09 5.08
C PHE B 31 2.50 7.47 3.93
N HIS B 32 3.29 6.46 4.26
CA HIS B 32 4.16 5.82 3.28
C HIS B 32 3.33 5.11 2.21
N LEU B 33 2.21 4.53 2.62
CA LEU B 33 1.36 3.79 1.71
C LEU B 33 0.61 4.75 0.77
N ALA B 34 0.26 5.93 1.27
CA ALA B 34 -0.44 6.91 0.45
C ALA B 34 0.46 7.42 -0.67
N LYS B 35 1.76 7.48 -0.39
CA LYS B 35 2.74 7.92 -1.37
C LYS B 35 2.76 6.98 -2.57
N VAL B 36 2.50 5.69 -2.34
CA VAL B 36 2.50 4.73 -3.43
C VAL B 36 1.15 4.75 -4.15
N TYR B 37 0.09 5.06 -3.42
CA TYR B 37 -1.24 5.16 -3.98
C TYR B 37 -1.29 6.25 -5.05
N ARG B 38 -0.55 7.33 -4.83
CA ARG B 38 -0.44 8.41 -5.80
C ARG B 38 0.09 7.89 -7.13
N ILE B 39 0.97 6.91 -7.03
CA ILE B 39 1.60 6.32 -8.20
C ILE B 39 0.60 5.46 -8.99
N LEU B 40 -0.16 4.62 -8.29
CA LEU B 40 -1.15 3.77 -8.94
C LEU B 40 -2.33 4.60 -9.44
N SER B 41 -2.44 5.81 -8.93
CA SER B 41 -3.48 6.72 -9.35
C SER B 41 -2.98 7.57 -10.53
N SER B 42 -1.91 7.06 -11.16
CA SER B 42 -1.28 7.71 -12.31
C SER B 42 -0.51 8.96 -11.88
N THR B 43 0.77 8.98 -12.26
CA THR B 43 1.64 10.11 -11.96
C THR B 43 1.13 11.38 -12.63
N VAL B 44 0.38 11.19 -13.71
CA VAL B 44 -0.24 12.29 -14.42
C VAL B 44 -1.72 12.01 -14.58
N ASN B 45 -2.51 13.08 -14.61
CA ASN B 45 -3.96 12.96 -14.64
C ASN B 45 -4.48 12.79 -16.06
N ASP B 46 -3.71 12.08 -16.87
CA ASP B 46 -4.08 11.87 -18.27
C ASP B 46 -4.59 10.45 -18.49
N GLY B 47 -3.67 9.50 -18.59
CA GLY B 47 -4.06 8.14 -18.86
C GLY B 47 -4.07 7.85 -20.35
N SER B 48 -2.90 7.53 -20.88
CA SER B 48 -2.74 7.28 -22.31
C SER B 48 -3.07 5.82 -22.65
N SER B 49 -3.56 5.61 -23.86
CA SER B 49 -3.90 4.28 -24.35
C SER B 49 -2.83 3.80 -25.33
N GLY B 50 -2.66 2.49 -25.44
CA GLY B 50 -1.65 1.93 -26.31
C GLY B 50 -0.29 1.94 -25.67
N LYS B 51 0.15 3.14 -25.28
CA LYS B 51 1.34 3.32 -24.49
C LYS B 51 0.98 3.16 -23.02
N MET B 52 0.90 1.90 -22.61
CA MET B 52 0.45 1.50 -21.28
C MET B 52 1.04 2.38 -20.18
N ASN B 53 0.15 3.02 -19.44
CA ASN B 53 0.56 3.96 -18.40
C ASN B 53 0.37 3.34 -17.02
N SER B 54 -0.84 2.88 -16.74
CA SER B 54 -1.19 2.36 -15.44
C SER B 54 -0.30 1.16 -15.06
N ASP B 55 0.04 0.35 -16.05
CA ASP B 55 0.85 -0.85 -15.82
C ASP B 55 2.29 -0.49 -15.50
N LEU B 56 2.75 0.67 -15.96
CA LEU B 56 4.11 1.10 -15.69
C LEU B 56 4.19 1.67 -14.28
N GLN B 57 3.08 2.20 -13.81
CA GLN B 57 3.00 2.80 -12.48
C GLN B 57 3.22 1.74 -11.40
N LYS B 58 2.82 0.51 -11.68
CA LYS B 58 3.01 -0.60 -10.74
C LYS B 58 4.48 -0.76 -10.38
N GLU B 59 5.35 -0.60 -11.37
CA GLU B 59 6.79 -0.72 -11.15
C GLU B 59 7.25 0.31 -10.14
N LEU B 60 6.95 1.58 -10.42
CA LEU B 60 7.35 2.68 -9.56
C LEU B 60 6.78 2.50 -8.16
N ALA B 61 5.55 1.98 -8.11
CA ALA B 61 4.90 1.73 -6.83
C ALA B 61 5.68 0.71 -6.01
N VAL B 62 6.04 -0.41 -6.64
CA VAL B 62 6.81 -1.46 -5.96
C VAL B 62 8.17 -0.92 -5.52
N ASN B 63 8.74 -0.05 -6.34
CA ASN B 63 10.03 0.57 -6.04
C ASN B 63 9.97 1.34 -4.72
N TYR B 64 8.79 1.84 -4.38
CA TYR B 64 8.61 2.55 -3.13
C TYR B 64 8.53 1.57 -1.96
N LEU B 65 7.71 0.52 -2.10
CA LEU B 65 7.57 -0.46 -1.02
C LEU B 65 8.89 -1.17 -0.75
N ASN B 66 9.76 -1.22 -1.74
CA ASN B 66 11.07 -1.82 -1.58
C ASN B 66 11.94 -1.01 -0.61
N THR B 67 11.52 0.22 -0.30
CA THR B 67 12.25 1.04 0.66
C THR B 67 11.59 0.94 2.02
N LEU B 68 10.39 0.35 2.03
CA LEU B 68 9.59 0.20 3.24
C LEU B 68 9.72 -1.21 3.81
N ARG B 69 10.09 -2.14 2.95
CA ARG B 69 10.26 -3.53 3.35
C ARG B 69 11.52 -3.68 4.19
N TYR B 70 11.49 -4.65 5.11
CA TYR B 70 12.59 -4.92 6.02
C TYR B 70 13.93 -4.95 5.29
N GLY B 71 14.76 -3.95 5.55
CA GLY B 71 16.06 -3.86 4.90
C GLY B 71 16.21 -2.59 4.09
N GLY B 72 15.11 -1.87 3.90
CA GLY B 72 15.16 -0.65 3.17
C GLY B 72 15.65 0.50 4.02
N ILE B 73 15.61 1.69 3.46
CA ILE B 73 16.18 2.85 4.09
C ILE B 73 15.24 3.46 5.12
N HIS B 74 13.96 3.52 4.81
CA HIS B 74 12.96 4.05 5.72
C HIS B 74 11.92 2.99 5.99
N TYR B 75 12.38 1.78 6.23
CA TYR B 75 11.48 0.65 6.38
C TYR B 75 10.79 0.70 7.73
N ASN B 76 9.57 0.20 7.76
CA ASN B 76 8.78 0.14 8.98
C ASN B 76 8.30 -1.28 9.21
N GLU B 77 8.35 -1.73 10.45
CA GLU B 77 7.90 -3.07 10.77
C GLU B 77 6.39 -3.18 10.63
N ALA B 78 5.69 -2.05 10.72
CA ALA B 78 4.25 -2.03 10.51
C ALA B 78 3.94 -2.21 9.03
N ILE B 79 4.83 -1.71 8.18
CA ILE B 79 4.68 -1.89 6.74
C ILE B 79 5.05 -3.32 6.37
N GLU B 80 6.09 -3.84 7.01
CA GLU B 80 6.49 -5.22 6.81
C GLU B 80 5.35 -6.16 7.19
N GLU B 81 4.81 -5.98 8.40
CA GLU B 81 3.68 -6.78 8.85
C GLU B 81 2.48 -6.58 7.93
N PHE B 82 2.27 -5.34 7.51
CA PHE B 82 1.18 -5.00 6.59
C PHE B 82 1.24 -5.88 5.35
N CYS B 83 2.38 -5.84 4.68
CA CYS B 83 2.60 -6.62 3.47
C CYS B 83 2.32 -8.10 3.73
N GLN B 84 2.93 -8.62 4.80
CA GLN B 84 2.87 -10.05 5.08
C GLN B 84 1.45 -10.51 5.39
N ILE B 85 0.83 -9.90 6.40
CA ILE B 85 -0.53 -10.27 6.82
C ILE B 85 -1.51 -10.17 5.66
N LEU B 86 -1.36 -9.11 4.88
CA LEU B 86 -2.26 -8.82 3.78
C LEU B 86 -2.07 -9.84 2.65
N LEU B 87 -0.87 -9.87 2.09
CA LEU B 87 -0.58 -10.74 0.95
C LEU B 87 -0.81 -12.20 1.32
N ASP B 88 -0.64 -12.51 2.59
CA ASP B 88 -0.79 -13.87 3.09
C ASP B 88 -2.18 -14.40 2.78
N LYS B 89 -3.17 -13.58 3.07
CA LYS B 89 -4.55 -13.97 2.88
C LYS B 89 -4.94 -13.87 1.41
N LEU B 90 -4.27 -12.97 0.69
CA LEU B 90 -4.49 -12.82 -0.75
C LEU B 90 -3.95 -14.04 -1.50
N ASN B 91 -2.88 -14.62 -0.99
CA ASN B 91 -2.33 -15.83 -1.58
C ASN B 91 -3.03 -17.06 -1.02
N ALA B 92 -3.83 -16.86 0.01
CA ALA B 92 -4.58 -17.95 0.61
C ALA B 92 -5.97 -18.08 -0.03
N VAL B 93 -6.30 -17.12 -0.87
CA VAL B 93 -7.58 -17.12 -1.56
C VAL B 93 -7.41 -17.42 -3.03
N LYS B 94 -6.27 -17.03 -3.59
CA LYS B 94 -6.00 -17.23 -5.01
C LYS B 94 -5.87 -18.71 -5.33
N LYS B 95 -6.62 -19.16 -6.32
CA LYS B 95 -6.55 -20.54 -6.77
C LYS B 95 -6.33 -20.58 -8.28
#